data_6C9K
#
_entry.id   6C9K
#
loop_
_entity.id
_entity.type
_entity.pdbx_description
1 polymer 'DARP14 - Subunit A with DARPin'
2 polymer 'DARP14 - Subunit B'
#
loop_
_entity_poly.entity_id
_entity_poly.type
_entity_poly.pdbx_seq_one_letter_code
_entity_poly.pdbx_strand_id
1 'polypeptide(L)'
;MRITTKVGDKGSTRLFGGEEVWKDSPIIEANGTLDELTSFIGEAKHYVDEEMKGILEEIQNDIYKIMGEIGSKGKIEGIS
EERIAWLLKLILRYMEMVNLKSFVLPGGTLESAKLDVCRTIARRALRKVLTVTREFGIGAEAAAYLLALSDLLFLLARVI
EIELGKKLLEAARAGQDDEVRILMANGADVNAHDDQGSTPLHLAAWIGHPEIVEVLLKHGADVNARDTDGWTPLHLAADN
GHLEIVEVLLKYGADVNAQDAYGLTPLHLAADRGHLEIVEVLLKHGADVNAQDKFGKTAFDISIDNGNEDLAEILQKLN
;
A,B,C,D,I,J,K,L,Q,R,S,T
2 'polypeptide(L)'
;MPHLVIEATANLRLETSPGELLEQANKALFASGQFGEADIKSRFVTLEAYRQGTAAVERAYLHACLSILDGRDIATRTLL
GASLCAVLAEAVAGGGEEGVQVSVEVREMERLSYAKRVVARQRLEHHHHHH
;
E,F,G,H,M,N,O,P,U,V,W,X
#
# COMPACT_ATOMS: atom_id res chain seq x y z
N LYS A 23 -20.87 -15.35 5.38
CA LYS A 23 -19.82 -16.32 5.08
C LYS A 23 -18.45 -15.66 5.00
N ASP A 24 -18.07 -14.93 6.05
CA ASP A 24 -16.71 -14.45 6.21
C ASP A 24 -15.86 -15.55 6.85
N SER A 25 -14.63 -15.71 6.35
CA SER A 25 -13.78 -16.82 6.80
C SER A 25 -13.65 -16.96 8.32
N PRO A 26 -13.35 -15.87 9.06
CA PRO A 26 -13.29 -16.04 10.52
C PRO A 26 -14.53 -16.69 11.10
N ILE A 27 -15.70 -16.38 10.55
CA ILE A 27 -16.96 -16.94 11.04
C ILE A 27 -17.05 -18.43 10.73
N ILE A 28 -16.71 -18.78 9.49
CA ILE A 28 -16.76 -20.17 9.05
C ILE A 28 -15.77 -21.03 9.84
N GLU A 29 -14.54 -20.55 9.97
CA GLU A 29 -13.51 -21.31 10.69
C GLU A 29 -13.87 -21.51 12.16
N ALA A 30 -14.40 -20.48 12.80
CA ALA A 30 -14.81 -20.61 14.22
C ALA A 30 -15.87 -21.68 14.37
N ASN A 31 -16.87 -21.67 13.50
CA ASN A 31 -17.97 -22.63 13.54
C ASN A 31 -17.48 -24.04 13.24
N GLY A 32 -16.65 -24.15 12.20
CA GLY A 32 -16.07 -25.42 11.80
C GLY A 32 -15.24 -26.03 12.92
N THR A 33 -14.43 -25.20 13.57
CA THR A 33 -13.59 -25.68 14.67
C THR A 33 -14.42 -26.10 15.88
N LEU A 34 -15.45 -25.32 16.22
CA LEU A 34 -16.36 -25.71 17.30
C LEU A 34 -17.06 -27.02 16.98
N ASP A 35 -17.41 -27.19 15.71
CA ASP A 35 -18.00 -28.43 15.23
C ASP A 35 -17.02 -29.58 15.44
N GLU A 36 -15.76 -29.36 15.09
CA GLU A 36 -14.71 -30.34 15.35
C GLU A 36 -14.60 -30.62 16.86
N LEU A 37 -14.68 -29.58 17.67
CA LEU A 37 -14.59 -29.72 19.13
C LEU A 37 -15.68 -30.63 19.70
N THR A 38 -16.93 -30.36 19.36
CA THR A 38 -18.03 -31.13 19.93
C THR A 38 -17.96 -32.60 19.49
N SER A 39 -17.43 -32.84 18.29
CA SER A 39 -17.24 -34.22 17.81
C SER A 39 -16.26 -35.01 18.69
N PHE A 40 -15.13 -34.41 19.04
CA PHE A 40 -14.20 -35.06 19.96
C PHE A 40 -14.81 -35.26 21.34
N ILE A 41 -15.57 -34.28 21.81
CA ILE A 41 -16.27 -34.42 23.08
C ILE A 41 -17.26 -35.58 23.00
N GLY A 42 -17.98 -35.67 21.88
CA GLY A 42 -18.91 -36.75 21.65
C GLY A 42 -18.25 -38.11 21.77
N GLU A 43 -16.98 -38.19 21.41
CA GLU A 43 -16.23 -39.44 21.59
C GLU A 43 -15.89 -39.65 23.06
N ALA A 44 -15.33 -38.61 23.67
CA ALA A 44 -14.82 -38.68 25.04
C ALA A 44 -15.89 -39.11 26.05
N LYS A 45 -17.12 -38.65 25.84
CA LYS A 45 -18.18 -38.93 26.80
C LYS A 45 -18.53 -40.41 26.88
N HIS A 46 -17.93 -41.24 26.02
CA HIS A 46 -18.16 -42.68 26.08
C HIS A 46 -17.11 -43.39 26.93
N TYR A 47 -16.19 -42.62 27.50
CA TYR A 47 -15.14 -43.19 28.33
C TYR A 47 -15.20 -42.69 29.77
N VAL A 48 -16.19 -41.86 30.08
CA VAL A 48 -16.29 -41.25 31.41
C VAL A 48 -17.48 -41.77 32.19
N ASP A 49 -17.60 -41.41 33.47
CA ASP A 49 -18.72 -41.90 34.29
C ASP A 49 -19.99 -41.09 33.97
N GLU A 50 -21.10 -41.43 34.64
CA GLU A 50 -22.39 -40.80 34.35
C GLU A 50 -22.40 -39.29 34.61
N GLU A 51 -21.73 -38.86 35.67
CA GLU A 51 -21.68 -37.45 36.03
C GLU A 51 -20.97 -36.60 34.97
N MET A 52 -19.76 -37.01 34.62
CA MET A 52 -19.00 -36.29 33.61
C MET A 52 -19.69 -36.39 32.25
N LYS A 53 -20.32 -37.52 31.97
CA LYS A 53 -21.03 -37.70 30.71
C LYS A 53 -22.12 -36.63 30.57
N GLY A 54 -22.92 -36.47 31.62
CA GLY A 54 -23.98 -35.47 31.64
C GLY A 54 -23.43 -34.07 31.46
N ILE A 55 -22.32 -33.78 32.13
CA ILE A 55 -21.67 -32.47 32.01
C ILE A 55 -21.24 -32.22 30.57
N LEU A 56 -20.59 -33.20 29.97
CA LEU A 56 -20.13 -33.07 28.59
C LEU A 56 -21.30 -32.85 27.63
N GLU A 57 -22.43 -33.54 27.86
CA GLU A 57 -23.61 -33.33 27.01
C GLU A 57 -24.15 -31.90 27.11
N GLU A 58 -24.21 -31.33 28.31
CA GLU A 58 -24.63 -29.94 28.46
C GLU A 58 -23.68 -29.00 27.70
N ILE A 59 -22.39 -29.32 27.76
CA ILE A 59 -21.37 -28.57 27.03
C ILE A 59 -21.60 -28.65 25.52
N GLN A 60 -21.91 -29.83 25.01
CA GLN A 60 -22.25 -29.98 23.60
C GLN A 60 -23.42 -29.07 23.22
N ASN A 61 -24.43 -29.00 24.08
CA ASN A 61 -25.55 -28.10 23.84
C ASN A 61 -25.11 -26.64 23.83
N ASP A 62 -24.24 -26.25 24.76
CA ASP A 62 -23.75 -24.87 24.80
C ASP A 62 -22.94 -24.54 23.56
N ILE A 63 -22.11 -25.48 23.12
CA ILE A 63 -21.32 -25.25 21.91
C ILE A 63 -22.22 -25.00 20.71
N TYR A 64 -23.28 -25.80 20.58
CA TYR A 64 -24.27 -25.60 19.52
C TYR A 64 -24.84 -24.18 19.57
N LYS A 65 -25.21 -23.74 20.76
CA LYS A 65 -25.75 -22.39 20.96
C LYS A 65 -24.72 -21.34 20.54
N ILE A 66 -23.47 -21.58 20.88
CA ILE A 66 -22.41 -20.64 20.51
C ILE A 66 -22.29 -20.52 18.99
N MET A 67 -22.29 -21.65 18.28
CA MET A 67 -22.23 -21.63 16.83
C MET A 67 -23.40 -20.88 16.22
N GLY A 68 -24.56 -21.01 16.86
CA GLY A 68 -25.74 -20.25 16.45
C GLY A 68 -25.51 -18.75 16.50
N GLU A 69 -24.83 -18.29 17.54
CA GLU A 69 -24.49 -16.87 17.67
C GLU A 69 -23.46 -16.45 16.61
N ILE A 70 -22.40 -17.23 16.49
CA ILE A 70 -21.30 -16.85 15.61
C ILE A 70 -21.76 -16.86 14.15
N GLY A 71 -22.39 -17.94 13.73
CA GLY A 71 -22.85 -18.09 12.37
C GLY A 71 -23.87 -17.04 11.94
N SER A 72 -24.56 -16.46 12.92
CA SER A 72 -25.57 -15.45 12.64
C SER A 72 -25.04 -14.04 12.92
N LYS A 73 -23.73 -13.95 13.14
CA LYS A 73 -23.07 -12.68 13.44
C LYS A 73 -23.72 -11.93 14.59
N GLY A 74 -24.10 -12.66 15.64
CA GLY A 74 -24.68 -12.07 16.82
C GLY A 74 -26.18 -11.80 16.76
N LYS A 75 -26.79 -12.09 15.61
CA LYS A 75 -28.23 -11.91 15.47
C LYS A 75 -29.01 -12.87 16.37
N ILE A 76 -28.49 -14.08 16.50
CA ILE A 76 -29.08 -15.09 17.41
C ILE A 76 -28.32 -15.08 18.74
N GLU A 77 -29.06 -14.96 19.84
CA GLU A 77 -28.47 -14.97 21.17
C GLU A 77 -27.75 -16.29 21.44
N GLY A 78 -26.56 -16.21 22.02
CA GLY A 78 -25.78 -17.40 22.35
C GLY A 78 -25.96 -17.83 23.80
N ILE A 79 -24.93 -18.46 24.37
CA ILE A 79 -25.02 -18.95 25.74
C ILE A 79 -25.17 -17.79 26.72
N SER A 80 -25.86 -18.04 27.82
CA SER A 80 -26.09 -17.02 28.84
C SER A 80 -24.99 -17.04 29.89
N GLU A 81 -24.94 -15.98 30.70
CA GLU A 81 -23.95 -15.86 31.75
C GLU A 81 -24.07 -17.02 32.74
N GLU A 82 -25.29 -17.52 32.92
CA GLU A 82 -25.55 -18.67 33.77
C GLU A 82 -24.77 -19.92 33.31
N ARG A 83 -24.52 -20.01 32.02
CA ARG A 83 -23.75 -21.13 31.48
C ARG A 83 -22.27 -20.98 31.85
N ILE A 84 -21.76 -19.75 31.81
CA ILE A 84 -20.41 -19.49 32.27
C ILE A 84 -20.30 -19.78 33.77
N ALA A 85 -21.26 -19.28 34.54
CA ALA A 85 -21.29 -19.53 35.98
C ALA A 85 -21.40 -21.03 36.26
N TRP A 86 -22.17 -21.73 35.43
CA TRP A 86 -22.31 -23.17 35.55
C TRP A 86 -20.95 -23.85 35.45
N LEU A 87 -20.14 -23.47 34.45
CA LEU A 87 -18.78 -23.99 34.34
C LEU A 87 -17.97 -23.68 35.60
N LEU A 88 -18.07 -22.43 36.06
CA LEU A 88 -17.28 -21.97 37.19
C LEU A 88 -17.54 -22.79 38.44
N LYS A 89 -18.81 -23.14 38.68
CA LYS A 89 -19.17 -23.96 39.82
C LYS A 89 -18.52 -25.35 39.74
N LEU A 90 -18.56 -25.95 38.56
CA LEU A 90 -17.91 -27.23 38.35
C LEU A 90 -16.40 -27.11 38.50
N ILE A 91 -15.84 -26.01 37.99
CA ILE A 91 -14.40 -25.78 38.06
C ILE A 91 -13.94 -25.70 39.52
N LEU A 92 -14.64 -24.90 40.31
CA LEU A 92 -14.31 -24.76 41.72
C LEU A 92 -14.50 -26.08 42.47
N ARG A 93 -15.57 -26.80 42.12
CA ARG A 93 -15.82 -28.09 42.75
C ARG A 93 -14.68 -29.07 42.47
N TYR A 94 -14.28 -29.19 41.21
CA TYR A 94 -13.25 -30.16 40.87
C TYR A 94 -11.85 -29.66 41.22
N MET A 95 -11.67 -28.35 41.24
CA MET A 95 -10.39 -27.75 41.62
C MET A 95 -9.90 -28.17 43.02
N GLU A 96 -10.82 -28.31 43.96
CA GLU A 96 -10.46 -28.71 45.32
C GLU A 96 -10.11 -30.20 45.39
N MET A 97 -10.28 -30.90 44.29
CA MET A 97 -9.96 -32.32 44.22
C MET A 97 -8.56 -32.53 43.63
N VAL A 98 -8.00 -31.45 43.09
CA VAL A 98 -6.73 -31.54 42.36
C VAL A 98 -5.65 -30.75 43.08
N ASN A 99 -4.53 -31.41 43.37
CA ASN A 99 -3.48 -30.82 44.17
C ASN A 99 -2.11 -31.07 43.57
N LEU A 100 -1.90 -30.56 42.36
CA LEU A 100 -0.62 -30.69 41.67
C LEU A 100 0.48 -29.90 42.36
N SER A 102 2.90 -31.52 41.31
CA SER A 102 3.95 -31.27 40.32
C SER A 102 3.40 -31.32 38.89
N PHE A 103 4.25 -30.98 37.93
CA PHE A 103 3.89 -31.05 36.52
C PHE A 103 3.74 -32.51 36.07
N VAL A 104 2.68 -32.79 35.33
CA VAL A 104 2.48 -34.12 34.78
C VAL A 104 2.23 -34.08 33.26
N LEU A 105 2.66 -35.11 32.55
CA LEU A 105 2.46 -35.17 31.10
C LEU A 105 1.00 -35.48 30.79
N PRO A 106 0.47 -34.91 29.70
CA PRO A 106 -0.92 -35.19 29.30
C PRO A 106 -1.16 -36.68 29.06
N GLY A 107 -2.38 -37.13 29.34
CA GLY A 107 -2.75 -38.51 29.06
C GLY A 107 -2.22 -39.56 30.02
N GLY A 108 -2.28 -39.27 31.32
CA GLY A 108 -1.85 -40.21 32.34
C GLY A 108 -2.55 -41.55 32.24
N THR A 109 -3.83 -41.49 31.88
CA THR A 109 -4.63 -42.70 31.67
C THR A 109 -5.28 -42.61 30.30
N LEU A 110 -5.84 -43.73 29.85
CA LEU A 110 -6.55 -43.75 28.57
C LEU A 110 -7.68 -42.74 28.58
N GLU A 111 -8.42 -42.73 29.68
CA GLU A 111 -9.59 -41.87 29.82
C GLU A 111 -9.20 -40.40 29.89
N SER A 112 -8.19 -40.09 30.69
CA SER A 112 -7.76 -38.70 30.84
C SER A 112 -7.15 -38.15 29.55
N ALA A 113 -6.56 -39.03 28.75
CA ALA A 113 -6.03 -38.64 27.45
C ALA A 113 -7.14 -38.05 26.59
N LYS A 114 -8.32 -38.66 26.63
CA LYS A 114 -9.45 -38.18 25.85
C LYS A 114 -9.81 -36.75 26.23
N LEU A 115 -9.73 -36.44 27.52
CA LEU A 115 -10.05 -35.09 27.98
C LEU A 115 -8.96 -34.09 27.60
N ASP A 116 -7.70 -34.52 27.65
CA ASP A 116 -6.60 -33.62 27.28
C ASP A 116 -6.69 -33.27 25.80
N VAL A 117 -7.11 -34.23 24.99
CA VAL A 117 -7.34 -33.96 23.58
C VAL A 117 -8.43 -32.92 23.41
N CYS A 118 -9.54 -33.08 24.13
CA CYS A 118 -10.62 -32.09 24.09
C CYS A 118 -10.15 -30.73 24.55
N ARG A 119 -9.31 -30.70 25.59
CA ARG A 119 -8.77 -29.46 26.11
C ARG A 119 -8.00 -28.68 25.04
N THR A 120 -7.10 -29.35 24.33
CA THR A 120 -6.27 -28.65 23.35
C THR A 120 -7.11 -28.20 22.16
N ILE A 121 -8.09 -29.01 21.77
CA ILE A 121 -8.98 -28.60 20.67
C ILE A 121 -9.78 -27.37 21.10
N ALA A 122 -10.27 -27.38 22.35
CA ALA A 122 -11.06 -26.27 22.86
C ALA A 122 -10.28 -24.95 22.78
N ARG A 123 -8.99 -25.02 23.09
CA ARG A 123 -8.10 -23.86 22.99
C ARG A 123 -7.96 -23.38 21.56
N ARG A 124 -7.86 -24.31 20.62
CA ARG A 124 -7.83 -23.94 19.20
C ARG A 124 -9.15 -23.29 18.82
N ALA A 125 -10.26 -23.82 19.35
CA ALA A 125 -11.57 -23.22 19.13
C ALA A 125 -11.65 -21.82 19.70
N LEU A 126 -11.08 -21.63 20.89
CA LEU A 126 -11.05 -20.32 21.55
C LEU A 126 -10.34 -19.28 20.68
N ARG A 127 -9.19 -19.64 20.12
CA ARG A 127 -8.42 -18.71 19.29
C ARG A 127 -9.24 -18.26 18.08
N LYS A 128 -9.97 -19.19 17.47
CA LYS A 128 -10.77 -18.86 16.30
C LYS A 128 -11.94 -17.94 16.68
N VAL A 129 -12.64 -18.29 17.75
CA VAL A 129 -13.76 -17.48 18.21
C VAL A 129 -13.29 -16.11 18.72
N LEU A 130 -12.17 -16.08 19.42
CA LEU A 130 -11.60 -14.82 19.89
C LEU A 130 -11.21 -13.91 18.73
N THR A 131 -10.68 -14.50 17.66
CA THR A 131 -10.38 -13.74 16.44
C THR A 131 -11.64 -13.08 15.91
N VAL A 132 -12.73 -13.85 15.86
CA VAL A 132 -14.01 -13.30 15.42
C VAL A 132 -14.45 -12.15 16.33
N THR A 133 -14.32 -12.33 17.64
CA THR A 133 -14.68 -11.27 18.58
C THR A 133 -13.88 -9.99 18.33
N ARG A 134 -12.58 -10.13 18.16
CA ARG A 134 -11.71 -8.98 17.91
C ARG A 134 -12.06 -8.23 16.63
N GLU A 135 -12.46 -8.98 15.60
CA GLU A 135 -12.73 -8.39 14.30
C GLU A 135 -14.20 -7.98 14.12
N PHE A 136 -15.12 -8.70 14.79
CA PHE A 136 -16.54 -8.46 14.59
C PHE A 136 -17.26 -7.86 15.80
N GLY A 137 -16.62 -7.86 16.96
CA GLY A 137 -17.22 -7.31 18.17
C GLY A 137 -18.30 -8.18 18.80
N ILE A 138 -18.30 -9.47 18.48
CA ILE A 138 -19.34 -10.38 18.97
C ILE A 138 -18.72 -11.58 19.66
N GLY A 139 -19.48 -12.26 20.52
CA GLY A 139 -19.05 -13.54 21.05
C GLY A 139 -18.13 -13.51 22.26
N ALA A 140 -17.94 -12.33 22.84
CA ALA A 140 -17.03 -12.18 23.99
C ALA A 140 -17.41 -13.13 25.12
N GLU A 141 -18.71 -13.28 25.37
CA GLU A 141 -19.20 -14.19 26.40
C GLU A 141 -18.90 -15.65 26.04
N ALA A 142 -19.12 -15.97 24.76
CA ALA A 142 -18.80 -17.30 24.24
C ALA A 142 -17.32 -17.62 24.38
N ALA A 143 -16.48 -16.63 24.11
CA ALA A 143 -15.03 -16.78 24.29
C ALA A 143 -14.65 -17.03 25.75
N ALA A 144 -15.26 -16.27 26.66
CA ALA A 144 -15.07 -16.50 28.08
C ALA A 144 -15.54 -17.90 28.49
N TYR A 145 -16.67 -18.31 27.92
CA TYR A 145 -17.20 -19.64 28.15
C TYR A 145 -16.18 -20.70 27.72
N LEU A 146 -15.69 -20.58 26.49
CA LEU A 146 -14.72 -21.54 25.94
C LEU A 146 -13.43 -21.54 26.74
N LEU A 147 -13.01 -20.36 27.21
CA LEU A 147 -11.84 -20.26 28.09
C LEU A 147 -12.06 -21.07 29.37
N ALA A 148 -13.19 -20.84 30.04
CA ALA A 148 -13.53 -21.59 31.24
C ALA A 148 -13.64 -23.08 30.95
N LEU A 149 -14.16 -23.42 29.76
CA LEU A 149 -14.31 -24.81 29.34
C LEU A 149 -12.96 -25.52 29.35
N SER A 150 -11.96 -24.91 28.74
CA SER A 150 -10.64 -25.51 28.66
C SER A 150 -10.07 -25.74 30.06
N ASP A 151 -10.38 -24.84 30.98
CA ASP A 151 -9.94 -25.00 32.37
C ASP A 151 -10.63 -26.20 33.03
N LEU A 152 -11.94 -26.32 32.83
CA LEU A 152 -12.69 -27.44 33.37
C LEU A 152 -12.20 -28.77 32.79
N LEU A 153 -11.98 -28.80 31.48
CA LEU A 153 -11.48 -30.01 30.83
C LEU A 153 -10.13 -30.44 31.42
N PHE A 154 -9.26 -29.48 31.68
CA PHE A 154 -7.97 -29.76 32.31
C PHE A 154 -8.17 -30.50 33.63
N LEU A 155 -9.00 -29.92 34.50
CA LEU A 155 -9.25 -30.48 35.82
C LEU A 155 -9.85 -31.87 35.71
N LEU A 156 -10.81 -32.05 34.81
CA LEU A 156 -11.50 -33.32 34.68
C LEU A 156 -10.50 -34.45 34.38
N ALA A 157 -9.56 -34.17 33.48
CA ALA A 157 -8.48 -35.09 33.15
C ALA A 157 -7.62 -35.44 34.37
N ARG A 158 -7.28 -34.42 35.15
CA ARG A 158 -6.45 -34.66 36.34
C ARG A 158 -7.22 -35.48 37.38
N VAL A 159 -8.51 -35.18 37.52
CA VAL A 159 -9.35 -35.91 38.48
C VAL A 159 -9.40 -37.38 38.10
N ILE A 160 -9.58 -37.65 36.80
CA ILE A 160 -9.58 -39.01 36.30
C ILE A 160 -8.29 -39.75 36.67
N GLU A 161 -7.15 -39.10 36.45
CA GLU A 161 -5.85 -39.67 36.81
C GLU A 161 -5.70 -39.90 38.31
N ILE A 162 -6.20 -38.96 39.10
CA ILE A 162 -6.19 -39.10 40.55
C ILE A 162 -7.03 -40.30 40.99
N GLU A 163 -8.23 -40.41 40.41
CA GLU A 163 -9.11 -41.54 40.70
C GLU A 163 -8.45 -42.87 40.30
N LEU A 164 -7.67 -42.88 39.00
CA LEU A 164 -7.05 -44.17 38.83
C LEU A 164 -6.01 -44.42 39.90
N GLY A 165 -5.35 -43.35 40.33
CA GLY A 165 -4.39 -43.41 41.46
C GLY A 165 -5.03 -44.03 42.69
N LYS A 166 -6.20 -43.51 43.08
CA LYS A 166 -6.94 -44.03 44.25
C LYS A 166 -7.30 -45.52 44.15
N LYS A 167 -7.75 -45.97 42.97
CA LYS A 167 -8.00 -47.40 42.73
C LYS A 167 -6.73 -48.25 42.86
N LEU A 168 -5.59 -47.75 42.37
CA LEU A 168 -4.33 -48.49 42.59
C LEU A 168 -3.96 -48.57 44.08
N LEU A 169 -4.17 -47.48 44.82
CA LEU A 169 -3.94 -47.51 46.28
C LEU A 169 -4.78 -48.59 46.97
N GLU A 170 -6.06 -48.67 46.60
CA GLU A 170 -7.00 -49.71 47.07
C GLU A 170 -6.57 -51.13 46.75
N ALA A 171 -6.17 -51.33 45.50
CA ALA A 171 -5.67 -52.62 45.04
C ALA A 171 -4.46 -53.06 45.87
N ALA A 172 -3.52 -52.15 46.09
CA ALA A 172 -2.35 -52.47 46.89
C ALA A 172 -2.72 -52.83 48.34
N ARG A 173 -3.65 -52.07 48.91
CA ARG A 173 -4.10 -52.31 50.29
C ARG A 173 -4.82 -53.64 50.41
N ALA A 174 -5.54 -54.03 49.36
CA ALA A 174 -6.28 -55.28 49.35
C ALA A 174 -5.35 -56.47 49.18
N GLY A 175 -4.30 -56.28 48.40
CA GLY A 175 -3.33 -57.33 48.15
C GLY A 175 -3.60 -58.09 46.86
N GLN A 176 -4.32 -57.43 45.94
CA GLN A 176 -4.71 -58.07 44.69
C GLN A 176 -3.66 -57.83 43.60
N ASP A 177 -2.90 -58.88 43.29
CA ASP A 177 -1.77 -58.74 42.35
C ASP A 177 -2.20 -58.40 40.93
N ASP A 178 -3.37 -58.88 40.51
CA ASP A 178 -3.89 -58.54 39.19
C ASP A 178 -4.44 -57.13 39.15
N GLU A 179 -5.05 -56.65 40.23
CA GLU A 179 -5.70 -55.35 40.18
C GLU A 179 -4.64 -54.27 39.91
N VAL A 180 -3.59 -54.33 40.73
CA VAL A 180 -2.46 -53.40 40.68
C VAL A 180 -1.78 -53.43 39.31
N ARG A 181 -1.64 -54.60 38.71
CA ARG A 181 -1.08 -54.65 37.36
C ARG A 181 -1.98 -53.97 36.31
N ILE A 182 -3.27 -54.22 36.43
CA ILE A 182 -4.32 -53.71 35.56
C ILE A 182 -4.35 -52.18 35.71
N LEU A 183 -4.39 -51.69 36.95
CA LEU A 183 -4.49 -50.25 37.21
C LEU A 183 -3.26 -49.54 36.63
N MET A 184 -2.07 -50.09 36.88
CA MET A 184 -0.85 -49.55 36.32
C MET A 184 -0.81 -49.64 34.79
N ALA A 185 -1.24 -50.78 34.24
CA ALA A 185 -1.30 -50.93 32.79
C ALA A 185 -2.23 -49.85 32.16
N ASN A 186 -3.29 -49.49 32.87
CA ASN A 186 -4.25 -48.50 32.36
C ASN A 186 -3.86 -47.05 32.65
N GLY A 187 -2.66 -46.84 33.18
CA GLY A 187 -2.22 -45.48 33.46
C GLY A 187 -2.16 -44.99 34.89
N ALA A 188 -2.60 -45.77 35.87
CA ALA A 188 -2.49 -45.32 37.29
C ALA A 188 -1.05 -45.01 37.67
N ASP A 189 -0.84 -43.92 38.39
CA ASP A 189 0.50 -43.44 38.86
C ASP A 189 1.02 -44.35 40.02
N VAL A 190 2.08 -45.13 39.78
CA VAL A 190 2.61 -46.02 40.78
C VAL A 190 3.08 -45.32 42.02
N ASN A 191 3.33 -44.02 41.89
CA ASN A 191 3.74 -43.19 43.00
C ASN A 191 2.66 -42.24 43.51
N ALA A 192 1.38 -42.53 43.18
CA ALA A 192 0.25 -41.80 43.76
C ALA A 192 0.28 -41.96 45.27
N HIS A 193 -0.34 -41.05 45.99
CA HIS A 193 -0.36 -41.19 47.44
C HIS A 193 -1.71 -40.74 48.02
N ASP A 194 -2.05 -41.23 49.20
CA ASP A 194 -3.25 -40.80 49.89
C ASP A 194 -3.02 -39.51 50.70
N ASP A 195 -4.01 -39.12 51.50
CA ASP A 195 -3.92 -37.88 52.23
C ASP A 195 -2.83 -37.95 53.30
N GLN A 196 -2.47 -39.18 53.67
CA GLN A 196 -1.45 -39.54 54.65
C GLN A 196 -0.02 -39.75 54.02
N GLY A 197 0.11 -39.53 52.72
CA GLY A 197 1.41 -39.67 52.03
C GLY A 197 1.84 -41.08 51.67
N SER A 198 0.99 -42.06 51.95
CA SER A 198 1.31 -43.46 51.69
C SER A 198 1.02 -43.76 50.23
N THR A 199 2.00 -44.33 49.55
CA THR A 199 1.87 -44.74 48.13
C THR A 199 1.40 -46.17 48.06
N PRO A 200 0.97 -46.63 46.85
CA PRO A 200 0.63 -48.09 46.78
C PRO A 200 1.77 -49.00 47.33
N LEU A 201 3.04 -48.57 47.20
CA LEU A 201 4.16 -49.37 47.73
C LEU A 201 4.20 -49.38 49.28
N HIS A 202 4.00 -48.24 49.94
CA HIS A 202 3.89 -48.17 51.41
C HIS A 202 2.71 -49.10 51.82
N LEU A 203 1.58 -49.00 51.11
CA LEU A 203 0.42 -49.81 51.54
C LEU A 203 0.71 -51.33 51.49
N ALA A 204 1.32 -51.78 50.42
CA ALA A 204 1.72 -53.21 50.35
C ALA A 204 2.76 -53.58 51.40
N ALA A 205 3.72 -52.69 51.65
CA ALA A 205 4.74 -52.96 52.70
C ALA A 205 4.16 -53.06 54.11
N TRP A 206 3.20 -52.19 54.42
CA TRP A 206 2.56 -52.19 55.74
C TRP A 206 1.62 -53.41 55.89
N ILE A 207 0.77 -53.61 54.88
CA ILE A 207 -0.24 -54.69 54.98
C ILE A 207 0.39 -56.11 54.92
N GLY A 208 1.43 -56.29 54.10
CA GLY A 208 2.13 -57.58 54.05
C GLY A 208 1.79 -58.42 52.82
N HIS A 209 1.85 -57.79 51.65
CA HIS A 209 1.63 -58.46 50.39
C HIS A 209 2.86 -58.34 49.49
N PRO A 210 3.85 -59.23 49.67
CA PRO A 210 5.08 -59.22 48.88
C PRO A 210 4.89 -59.18 47.38
N GLU A 211 3.88 -59.89 46.87
CA GLU A 211 3.66 -59.94 45.42
C GLU A 211 3.32 -58.57 44.89
N ILE A 212 2.56 -57.81 45.65
CA ILE A 212 2.26 -56.48 45.16
C ILE A 212 3.51 -55.57 45.28
N VAL A 213 4.24 -55.74 46.38
CA VAL A 213 5.43 -54.88 46.59
C VAL A 213 6.33 -54.97 45.33
N GLU A 214 6.54 -56.21 44.86
CA GLU A 214 7.35 -56.57 43.68
C GLU A 214 6.93 -55.94 42.37
N VAL A 215 5.65 -56.03 41.99
CA VAL A 215 5.21 -55.43 40.72
C VAL A 215 5.23 -53.90 40.77
N LEU A 216 4.93 -53.33 41.94
CA LEU A 216 5.00 -51.86 42.06
C LEU A 216 6.42 -51.35 41.89
N LEU A 217 7.40 -52.04 42.48
CA LEU A 217 8.83 -51.59 42.32
C LEU A 217 9.20 -51.68 40.84
N LYS A 218 8.77 -52.78 40.23
CA LYS A 218 8.99 -53.10 38.82
C LYS A 218 8.49 -51.95 37.89
N HIS A 219 7.37 -51.33 38.25
CA HIS A 219 6.82 -50.25 37.42
C HIS A 219 7.18 -48.83 37.86
N GLY A 220 8.27 -48.70 38.64
CA GLY A 220 8.83 -47.39 38.98
C GLY A 220 8.46 -46.82 40.35
N ALA A 221 7.89 -47.62 41.22
CA ALA A 221 7.59 -47.08 42.56
C ALA A 221 8.86 -46.60 43.23
N ASP A 222 8.84 -45.43 43.86
CA ASP A 222 10.01 -44.92 44.57
C ASP A 222 10.18 -45.66 45.93
N VAL A 223 11.15 -46.55 46.00
CA VAL A 223 11.41 -47.41 47.14
C VAL A 223 11.73 -46.59 48.39
N ASN A 224 12.13 -45.33 48.20
CA ASN A 224 12.48 -44.49 49.33
C ASN A 224 11.54 -43.31 49.50
N ALA A 225 10.32 -43.39 48.94
CA ALA A 225 9.33 -42.30 49.15
C ALA A 225 9.00 -42.19 50.67
N ARG A 226 8.82 -40.98 51.17
CA ARG A 226 8.46 -40.79 52.59
C ARG A 226 6.99 -40.48 52.73
N ASP A 227 6.31 -41.12 53.68
CA ASP A 227 4.91 -40.71 53.98
C ASP A 227 4.87 -39.49 54.94
N THR A 228 3.73 -39.08 55.49
CA THR A 228 3.80 -37.86 56.34
C THR A 228 4.54 -38.07 57.69
N ASP A 229 4.85 -39.30 58.04
CA ASP A 229 5.55 -39.58 59.28
C ASP A 229 7.05 -39.73 59.04
N GLY A 230 7.45 -39.55 57.78
CA GLY A 230 8.87 -39.64 57.42
C GLY A 230 9.22 -41.08 57.15
N TRP A 231 8.22 -41.97 57.17
CA TRP A 231 8.51 -43.44 56.90
C TRP A 231 8.62 -43.87 55.40
N THR A 232 9.59 -44.74 55.09
CA THR A 232 9.69 -45.37 53.79
C THR A 232 8.97 -46.69 53.91
N PRO A 233 8.61 -47.31 52.75
CA PRO A 233 8.12 -48.68 52.76
C PRO A 233 8.99 -49.66 53.60
N LEU A 234 10.29 -49.43 53.64
CA LEU A 234 11.21 -50.28 54.47
C LEU A 234 10.98 -50.12 55.99
N HIS A 235 10.77 -48.90 56.46
CA HIS A 235 10.39 -48.70 57.84
C HIS A 235 9.10 -49.50 58.16
N LEU A 236 8.12 -49.41 57.28
CA LEU A 236 6.82 -50.14 57.48
C LEU A 236 7.00 -51.64 57.57
N ALA A 237 7.70 -52.19 56.57
CA ALA A 237 7.95 -53.62 56.53
C ALA A 237 8.78 -54.09 57.71
N ALA A 238 9.83 -53.33 58.07
CA ALA A 238 10.73 -53.73 59.18
C ALA A 238 10.00 -53.80 60.53
N ASP A 239 9.14 -52.81 60.78
CA ASP A 239 8.38 -52.66 62.05
C ASP A 239 7.33 -53.79 62.19
N ASN A 240 6.72 -54.16 61.09
CA ASN A 240 5.63 -55.13 61.14
C ASN A 240 6.03 -56.58 60.87
N GLY A 241 7.34 -56.88 60.86
CA GLY A 241 7.77 -58.28 60.79
C GLY A 241 7.70 -58.87 59.40
N HIS A 242 7.62 -58.01 58.39
CA HIS A 242 7.50 -58.48 57.03
C HIS A 242 8.87 -58.75 56.40
N LEU A 243 9.46 -59.87 56.78
CA LEU A 243 10.84 -60.24 56.39
C LEU A 243 11.00 -60.27 54.86
N GLU A 244 10.12 -60.98 54.18
CA GLU A 244 10.25 -61.13 52.71
C GLU A 244 10.24 -59.78 51.98
N ILE A 245 9.36 -58.86 52.39
CA ILE A 245 9.27 -57.50 51.82
C ILE A 245 10.49 -56.61 52.07
N VAL A 246 11.02 -56.72 53.27
CA VAL A 246 12.27 -56.04 53.64
C VAL A 246 13.40 -56.41 52.65
N GLU A 247 13.53 -57.71 52.38
CA GLU A 247 14.58 -58.24 51.45
C GLU A 247 14.41 -57.64 50.07
N VAL A 248 13.16 -57.65 49.58
CA VAL A 248 12.84 -57.12 48.27
C VAL A 248 13.14 -55.62 48.18
N LEU A 249 12.71 -54.85 49.19
CA LEU A 249 12.90 -53.39 49.17
C LEU A 249 14.38 -53.04 49.11
N LEU A 250 15.19 -53.76 49.89
CA LEU A 250 16.60 -53.51 49.85
C LEU A 250 17.16 -53.83 48.44
N LYS A 251 16.67 -54.89 47.82
CA LYS A 251 17.21 -55.26 46.48
C LYS A 251 17.04 -54.14 45.46
N TYR A 252 15.92 -53.41 45.55
CA TYR A 252 15.61 -52.33 44.64
C TYR A 252 16.07 -50.93 45.14
N GLY A 253 17.00 -50.93 46.07
CA GLY A 253 17.70 -49.71 46.47
C GLY A 253 17.18 -48.95 47.70
N ALA A 254 16.35 -49.56 48.55
CA ALA A 254 15.90 -48.91 49.79
C ALA A 254 17.11 -48.53 50.61
N ASP A 255 16.98 -47.38 51.24
CA ASP A 255 18.00 -46.78 52.07
C ASP A 255 17.81 -47.41 53.43
N VAL A 256 18.71 -48.35 53.72
CA VAL A 256 18.66 -49.14 54.94
C VAL A 256 18.80 -48.33 56.24
N ASN A 257 19.33 -47.13 56.07
CA ASN A 257 19.56 -46.23 57.21
C ASN A 257 18.69 -44.95 57.15
N ALA A 258 17.64 -44.97 56.31
CA ALA A 258 16.68 -43.85 56.27
C ALA A 258 16.06 -43.60 57.64
N GLN A 259 16.05 -42.32 58.07
CA GLN A 259 15.53 -41.95 59.41
C GLN A 259 14.17 -41.35 59.27
N ASP A 260 13.21 -41.70 60.12
CA ASP A 260 11.88 -41.02 60.02
C ASP A 260 11.86 -39.70 60.76
N ALA A 261 10.66 -39.14 60.99
CA ALA A 261 10.51 -37.86 61.64
C ALA A 261 11.15 -37.76 63.02
N TYR A 262 11.28 -38.91 63.67
CA TYR A 262 11.80 -38.96 65.02
C TYR A 262 13.24 -39.46 65.08
N GLY A 263 13.85 -39.62 63.92
CA GLY A 263 15.23 -40.16 63.81
C GLY A 263 15.35 -41.69 63.80
N LEU A 264 14.24 -42.42 63.75
CA LEU A 264 14.40 -43.89 63.78
C LEU A 264 14.71 -44.48 62.39
N THR A 265 15.58 -45.46 62.39
CA THR A 265 15.84 -46.21 61.19
C THR A 265 15.02 -47.49 61.22
N PRO A 266 14.93 -48.19 60.07
CA PRO A 266 14.21 -49.49 60.05
C PRO A 266 14.85 -50.41 61.02
N LEU A 267 16.13 -50.17 61.33
CA LEU A 267 16.83 -51.03 62.33
C LEU A 267 16.36 -50.78 63.75
N HIS A 268 16.24 -49.49 64.12
CA HIS A 268 15.67 -49.13 65.42
C HIS A 268 14.26 -49.79 65.58
N LEU A 269 13.46 -49.73 64.50
CA LEU A 269 12.11 -50.32 64.53
C LEU A 269 12.16 -51.82 64.63
N ALA A 270 12.95 -52.49 63.80
CA ALA A 270 13.06 -53.96 63.88
C ALA A 270 13.62 -54.45 65.23
N ALA A 271 14.60 -53.71 65.77
CA ALA A 271 15.24 -54.01 67.04
C ALA A 271 14.25 -53.92 68.18
N ASP A 272 13.53 -52.81 68.25
CA ASP A 272 12.62 -52.60 69.36
C ASP A 272 11.51 -53.67 69.30
N ARG A 273 11.10 -54.07 68.11
CA ARG A 273 10.01 -55.07 67.98
C ARG A 273 10.54 -56.48 68.18
N GLY A 274 11.86 -56.60 68.31
CA GLY A 274 12.46 -57.94 68.42
C GLY A 274 12.48 -58.75 67.10
N HIS A 275 12.39 -58.11 65.94
CA HIS A 275 12.33 -58.86 64.68
C HIS A 275 13.72 -59.28 64.21
N LEU A 276 14.31 -60.27 64.88
CA LEU A 276 15.72 -60.72 64.62
C LEU A 276 16.12 -61.07 63.18
N GLU A 277 15.26 -61.75 62.44
CA GLU A 277 15.62 -62.11 61.06
C GLU A 277 15.74 -60.83 60.23
N ILE A 278 14.81 -59.88 60.43
CA ILE A 278 14.91 -58.63 59.72
C ILE A 278 16.20 -57.85 60.12
N VAL A 279 16.53 -57.85 61.40
CA VAL A 279 17.72 -57.15 61.93
C VAL A 279 18.95 -57.71 61.14
N GLU A 280 19.00 -59.05 61.03
CA GLU A 280 20.12 -59.71 60.31
C GLU A 280 20.24 -59.25 58.86
N VAL A 281 19.10 -59.10 58.19
CA VAL A 281 19.04 -58.63 56.82
C VAL A 281 19.52 -57.20 56.69
N LEU A 282 19.03 -56.35 57.59
CA LEU A 282 19.38 -54.91 57.63
C LEU A 282 20.89 -54.71 57.84
N LEU A 283 21.46 -55.42 58.79
CA LEU A 283 22.88 -55.35 59.05
C LEU A 283 23.71 -55.82 57.84
N LYS A 284 23.28 -56.89 57.18
CA LYS A 284 23.97 -57.39 55.95
C LYS A 284 23.99 -56.26 54.87
N HIS A 285 22.97 -55.41 54.80
CA HIS A 285 22.93 -54.33 53.79
C HIS A 285 23.49 -52.97 54.26
N GLY A 286 24.22 -52.98 55.38
CA GLY A 286 24.98 -51.81 55.82
C GLY A 286 24.23 -50.97 56.88
N ALA A 287 23.19 -51.53 57.48
CA ALA A 287 22.51 -50.80 58.58
C ALA A 287 23.48 -50.52 59.69
N ASP A 288 23.42 -49.32 60.27
CA ASP A 288 24.38 -48.92 61.31
C ASP A 288 23.79 -49.13 62.70
N VAL A 289 24.31 -50.15 63.37
CA VAL A 289 23.83 -50.50 64.68
C VAL A 289 24.09 -49.40 65.72
N ASN A 290 25.04 -48.49 65.40
CA ASN A 290 25.38 -47.39 66.32
C ASN A 290 24.68 -46.05 66.02
N ALA A 291 23.80 -46.05 65.05
CA ALA A 291 23.03 -44.82 64.74
C ALA A 291 22.16 -44.37 65.92
N GLN A 292 22.05 -43.07 66.15
CA GLN A 292 21.28 -42.59 67.29
C GLN A 292 20.03 -41.98 66.71
N ASP A 293 18.88 -42.23 67.32
CA ASP A 293 17.70 -41.49 66.93
C ASP A 293 17.69 -40.16 67.67
N LYS A 294 16.64 -39.38 67.52
CA LYS A 294 16.61 -38.10 68.21
C LYS A 294 16.56 -38.23 69.75
N PHE A 295 16.23 -39.38 70.28
CA PHE A 295 16.25 -39.58 71.73
C PHE A 295 17.68 -39.86 72.25
N GLY A 296 18.55 -40.41 71.40
CA GLY A 296 19.97 -40.68 71.79
C GLY A 296 20.26 -42.15 71.80
N LYS A 297 19.21 -42.95 71.64
CA LYS A 297 19.36 -44.41 71.66
C LYS A 297 19.75 -44.99 70.34
N THR A 298 20.61 -46.02 70.44
CA THR A 298 21.02 -46.76 69.27
C THR A 298 20.23 -48.07 69.30
N ALA A 299 20.23 -48.76 68.15
CA ALA A 299 19.64 -50.10 68.04
C ALA A 299 20.22 -51.10 69.03
N PHE A 300 21.53 -51.09 69.21
CA PHE A 300 22.04 -51.91 70.26
C PHE A 300 21.53 -51.55 71.67
N ASP A 301 21.58 -50.25 72.04
CA ASP A 301 21.16 -49.87 73.37
C ASP A 301 19.74 -50.31 73.62
N ILE A 302 18.91 -50.26 72.58
CA ILE A 302 17.54 -50.75 72.63
C ILE A 302 17.53 -52.26 72.91
N SER A 303 18.37 -53.05 72.26
CA SER A 303 18.30 -54.47 72.56
C SER A 303 18.63 -54.73 74.08
N ILE A 304 19.51 -53.91 74.61
CA ILE A 304 19.88 -53.97 76.00
C ILE A 304 18.69 -53.52 76.89
N ASP A 305 18.07 -52.38 76.58
CA ASP A 305 16.89 -51.96 77.36
C ASP A 305 15.74 -52.98 77.42
N ASN A 306 15.52 -53.70 76.32
CA ASN A 306 14.46 -54.70 76.29
C ASN A 306 14.86 -56.06 76.89
N GLY A 307 16.13 -56.20 77.30
CA GLY A 307 16.61 -57.46 77.90
C GLY A 307 16.75 -58.57 76.87
N ASN A 308 16.96 -58.20 75.60
CA ASN A 308 17.02 -59.22 74.53
C ASN A 308 18.47 -59.72 74.24
N GLU A 309 18.82 -60.84 74.87
CA GLU A 309 20.22 -61.27 74.86
C GLU A 309 20.68 -61.64 73.45
N ASP A 310 19.80 -62.30 72.68
CA ASP A 310 20.12 -62.68 71.29
C ASP A 310 20.22 -61.49 70.33
N LEU A 311 19.31 -60.53 70.49
CA LEU A 311 19.37 -59.34 69.61
C LEU A 311 20.64 -58.54 69.88
N ALA A 312 21.00 -58.41 71.16
CA ALA A 312 22.19 -57.65 71.55
C ALA A 312 23.45 -58.29 70.97
N GLU A 313 23.37 -59.57 70.64
CA GLU A 313 24.51 -60.31 70.13
C GLU A 313 24.77 -59.98 68.66
N ILE A 314 23.70 -59.97 67.87
CA ILE A 314 23.82 -59.71 66.44
C ILE A 314 24.14 -58.24 66.16
N LEU A 315 23.67 -57.37 67.05
CA LEU A 315 23.97 -55.92 66.95
C LEU A 315 25.35 -55.42 67.45
N GLN A 316 26.23 -56.32 67.89
CA GLN A 316 27.58 -55.94 68.41
C GLN A 316 28.60 -57.07 68.29
N LYS B 23 -23.45 2.74 13.18
CA LYS B 23 -22.57 3.85 13.52
C LYS B 23 -21.44 4.03 12.49
N ASP B 24 -21.47 3.21 11.44
CA ASP B 24 -20.52 3.36 10.35
C ASP B 24 -20.83 4.64 9.59
N SER B 25 -19.80 5.27 9.01
CA SER B 25 -20.00 6.54 8.32
C SER B 25 -21.12 6.52 7.27
N PRO B 26 -21.08 5.60 6.29
CA PRO B 26 -22.16 5.64 5.28
C PRO B 26 -23.54 5.36 5.87
N ILE B 27 -23.59 4.62 6.98
CA ILE B 27 -24.85 4.31 7.64
C ILE B 27 -25.44 5.57 8.26
N ILE B 28 -24.60 6.30 8.96
CA ILE B 28 -25.00 7.56 9.60
C ILE B 28 -25.42 8.59 8.55
N GLU B 29 -24.61 8.74 7.52
CA GLU B 29 -24.89 9.71 6.47
C GLU B 29 -26.21 9.40 5.74
N ALA B 30 -26.46 8.13 5.46
CA ALA B 30 -27.71 7.71 4.82
C ALA B 30 -28.91 8.08 5.69
N ASN B 31 -28.83 7.78 6.98
CA ASN B 31 -29.92 8.08 7.90
C ASN B 31 -30.12 9.58 8.06
N GLY B 32 -29.03 10.32 8.24
CA GLY B 32 -29.08 11.76 8.37
C GLY B 32 -29.66 12.45 7.14
N THR B 33 -29.31 11.95 5.96
CA THR B 33 -29.83 12.52 4.72
C THR B 33 -31.31 12.19 4.57
N LEU B 34 -31.72 10.97 4.93
CA LEU B 34 -33.13 10.60 4.93
C LEU B 34 -33.91 11.48 5.91
N ASP B 35 -33.29 11.78 7.05
CA ASP B 35 -33.86 12.69 8.02
C ASP B 35 -34.06 14.07 7.38
N GLU B 36 -33.03 14.57 6.72
CA GLU B 36 -33.13 15.82 5.98
C GLU B 36 -34.24 15.76 4.94
N LEU B 37 -34.33 14.64 4.24
CA LEU B 37 -35.36 14.44 3.22
C LEU B 37 -36.77 14.57 3.78
N THR B 38 -37.09 13.81 4.83
CA THR B 38 -38.44 13.86 5.36
C THR B 38 -38.78 15.24 5.93
N SER B 39 -37.78 15.96 6.44
CA SER B 39 -38.00 17.32 6.93
C SER B 39 -38.48 18.28 5.82
N PHE B 40 -37.81 18.27 4.67
CA PHE B 40 -38.24 19.08 3.52
C PHE B 40 -39.63 18.65 3.00
N ILE B 41 -39.89 17.34 3.02
CA ILE B 41 -41.22 16.84 2.62
C ILE B 41 -42.26 17.39 3.59
N GLY B 42 -41.94 17.34 4.88
CA GLY B 42 -42.81 17.87 5.92
C GLY B 42 -43.17 19.31 5.66
N GLU B 43 -42.23 20.08 5.10
CA GLU B 43 -42.54 21.46 4.72
C GLU B 43 -43.45 21.50 3.49
N ALA B 44 -43.05 20.77 2.44
CA ALA B 44 -43.74 20.82 1.16
C ALA B 44 -45.23 20.44 1.23
N LYS B 45 -45.56 19.49 2.09
CA LYS B 45 -46.94 18.99 2.17
C LYS B 45 -47.93 20.08 2.60
N HIS B 46 -47.42 21.23 3.03
CA HIS B 46 -48.27 22.34 3.40
C HIS B 46 -48.58 23.26 2.22
N TYR B 47 -48.08 22.92 1.05
CA TYR B 47 -48.30 23.74 -0.14
C TYR B 47 -49.01 22.97 -1.23
N VAL B 48 -49.51 21.78 -0.89
CA VAL B 48 -50.17 20.92 -1.86
C VAL B 48 -51.60 20.62 -1.42
N ASP B 49 -52.38 19.97 -2.27
CA ASP B 49 -53.77 19.65 -1.94
C ASP B 49 -53.85 18.43 -1.00
N GLU B 50 -55.07 18.06 -0.63
CA GLU B 50 -55.29 16.99 0.36
C GLU B 50 -54.78 15.63 -0.11
N GLU B 51 -54.96 15.33 -1.39
CA GLU B 51 -54.51 14.05 -1.94
C GLU B 51 -52.99 13.91 -1.85
N MET B 52 -52.27 14.92 -2.34
CA MET B 52 -50.82 14.89 -2.28
C MET B 52 -50.30 14.92 -0.84
N LYS B 53 -50.97 15.67 0.02
CA LYS B 53 -50.58 15.73 1.42
C LYS B 53 -50.61 14.34 2.03
N GLY B 54 -51.70 13.61 1.81
CA GLY B 54 -51.84 12.25 2.28
C GLY B 54 -50.72 11.35 1.75
N ILE B 55 -50.46 11.46 0.46
CA ILE B 55 -49.39 10.71 -0.19
C ILE B 55 -48.03 11.01 0.44
N LEU B 56 -47.71 12.28 0.61
CA LEU B 56 -46.42 12.66 1.17
C LEU B 56 -46.25 12.15 2.61
N GLU B 57 -47.31 12.17 3.41
CA GLU B 57 -47.21 11.68 4.78
C GLU B 57 -46.97 10.17 4.84
N GLU B 58 -47.58 9.40 3.95
CA GLU B 58 -47.27 7.98 3.85
C GLU B 58 -45.79 7.80 3.50
N ILE B 59 -45.29 8.64 2.61
CA ILE B 59 -43.87 8.60 2.26
C ILE B 59 -43.00 8.92 3.47
N GLN B 60 -43.37 9.93 4.24
CA GLN B 60 -42.62 10.25 5.47
C GLN B 60 -42.51 9.03 6.38
N ASN B 61 -43.60 8.29 6.53
CA ASN B 61 -43.57 7.06 7.31
C ASN B 61 -42.66 5.99 6.69
N ASP B 62 -42.71 5.85 5.37
CA ASP B 62 -41.87 4.90 4.66
C ASP B 62 -40.39 5.21 4.87
N ILE B 63 -40.05 6.50 4.85
CA ILE B 63 -38.69 6.93 5.08
C ILE B 63 -38.23 6.52 6.48
N TYR B 64 -39.09 6.74 7.47
CA TYR B 64 -38.81 6.31 8.83
C TYR B 64 -38.49 4.80 8.87
N LYS B 65 -39.30 4.01 8.19
CA LYS B 65 -39.08 2.56 8.12
C LYS B 65 -37.71 2.26 7.48
N ILE B 66 -37.39 2.99 6.42
CA ILE B 66 -36.10 2.82 5.75
C ILE B 66 -34.94 3.14 6.70
N MET B 67 -35.05 4.23 7.43
CA MET B 67 -34.03 4.61 8.41
C MET B 67 -33.84 3.53 9.47
N GLY B 68 -34.94 2.91 9.90
CA GLY B 68 -34.86 1.82 10.86
C GLY B 68 -34.02 0.66 10.35
N GLU B 69 -34.27 0.27 9.11
CA GLU B 69 -33.51 -0.81 8.47
C GLU B 69 -32.03 -0.47 8.33
N ILE B 70 -31.73 0.73 7.88
CA ILE B 70 -30.34 1.13 7.66
C ILE B 70 -29.59 1.24 8.98
N GLY B 71 -30.15 1.99 9.93
CA GLY B 71 -29.54 2.19 11.23
C GLY B 71 -29.31 0.91 12.01
N SER B 72 -30.07 -0.13 11.71
CA SER B 72 -29.93 -1.41 12.39
C SER B 72 -29.21 -2.43 11.51
N LYS B 73 -28.67 -1.97 10.39
CA LYS B 73 -27.96 -2.82 9.43
C LYS B 73 -28.76 -4.04 9.02
N GLY B 74 -30.06 -3.84 8.78
CA GLY B 74 -30.92 -4.92 8.31
C GLY B 74 -31.53 -5.78 9.40
N LYS B 75 -31.14 -5.56 10.66
CA LYS B 75 -31.69 -6.34 11.77
C LYS B 75 -33.18 -6.07 11.96
N ILE B 76 -33.57 -4.82 11.79
CA ILE B 76 -34.97 -4.41 11.85
C ILE B 76 -35.54 -4.38 10.43
N GLU B 77 -36.68 -5.04 10.22
CA GLU B 77 -37.34 -5.04 8.93
C GLU B 77 -37.79 -3.64 8.51
N GLY B 78 -37.54 -3.29 7.25
CA GLY B 78 -37.91 -1.99 6.74
C GLY B 78 -39.21 -2.00 5.95
N ILE B 79 -39.25 -1.25 4.85
CA ILE B 79 -40.46 -1.18 4.04
C ILE B 79 -40.69 -2.49 3.29
N SER B 80 -41.95 -2.89 3.21
CA SER B 80 -42.32 -4.07 2.45
C SER B 80 -42.27 -3.75 0.96
N GLU B 81 -42.20 -4.78 0.14
CA GLU B 81 -42.12 -4.56 -1.31
C GLU B 81 -43.42 -3.93 -1.82
N GLU B 82 -44.48 -4.01 -1.03
CA GLU B 82 -45.76 -3.41 -1.41
C GLU B 82 -45.60 -1.90 -1.59
N ARG B 83 -44.71 -1.31 -0.80
CA ARG B 83 -44.51 0.13 -0.81
C ARG B 83 -43.93 0.59 -2.14
N ILE B 84 -43.11 -0.25 -2.77
CA ILE B 84 -42.56 0.08 -4.08
C ILE B 84 -43.68 0.11 -5.11
N ALA B 85 -44.53 -0.91 -5.11
CA ALA B 85 -45.69 -0.95 -6.00
C ALA B 85 -46.62 0.24 -5.74
N TRP B 86 -46.75 0.61 -4.47
CA TRP B 86 -47.57 1.76 -4.08
C TRP B 86 -47.10 3.04 -4.77
N LEU B 87 -45.80 3.27 -4.77
CA LEU B 87 -45.24 4.41 -5.51
C LEU B 87 -45.55 4.27 -6.99
N LEU B 88 -45.35 3.08 -7.54
CA LEU B 88 -45.50 2.84 -8.97
C LEU B 88 -46.92 3.15 -9.44
N LYS B 89 -47.91 2.78 -8.62
CA LYS B 89 -49.30 3.07 -8.94
C LYS B 89 -49.55 4.56 -9.06
N LEU B 90 -49.03 5.32 -8.10
CA LEU B 90 -49.15 6.77 -8.14
C LEU B 90 -48.41 7.36 -9.34
N ILE B 91 -47.23 6.80 -9.63
CA ILE B 91 -46.44 7.27 -10.76
C ILE B 91 -47.19 7.07 -12.07
N LEU B 92 -47.74 5.87 -12.28
CA LEU B 92 -48.51 5.59 -13.49
C LEU B 92 -49.74 6.48 -13.57
N ARG B 93 -50.39 6.71 -12.43
CA ARG B 93 -51.54 7.62 -12.35
C ARG B 93 -51.21 9.03 -12.83
N TYR B 94 -50.15 9.63 -12.29
CA TYR B 94 -49.84 11.03 -12.58
C TYR B 94 -49.10 11.21 -13.90
N MET B 95 -48.37 10.19 -14.32
CA MET B 95 -47.63 10.25 -15.58
C MET B 95 -48.55 10.49 -16.77
N GLU B 96 -49.81 10.08 -16.65
CA GLU B 96 -50.78 10.25 -17.73
C GLU B 96 -51.21 11.70 -17.93
N MET B 97 -51.19 12.47 -16.85
CA MET B 97 -51.75 13.82 -16.88
C MET B 97 -50.66 14.85 -17.18
N VAL B 98 -49.45 14.38 -17.49
CA VAL B 98 -48.30 15.25 -17.74
C VAL B 98 -47.72 15.04 -19.13
N ASN B 99 -47.66 16.11 -19.93
CA ASN B 99 -47.08 16.03 -21.28
C ASN B 99 -45.58 16.32 -21.28
N LEU B 100 -44.78 15.30 -21.00
CA LEU B 100 -43.32 15.46 -20.90
C LEU B 100 -42.68 15.58 -22.28
N PHE B 103 -39.20 20.06 -21.87
CA PHE B 103 -38.25 20.53 -20.87
C PHE B 103 -38.66 21.88 -20.30
N VAL B 104 -38.73 21.98 -18.98
CA VAL B 104 -39.03 23.26 -18.33
C VAL B 104 -38.03 23.55 -17.22
N LEU B 105 -37.85 24.82 -16.88
CA LEU B 105 -36.96 25.22 -15.80
C LEU B 105 -37.55 24.87 -14.43
N PRO B 106 -36.69 24.48 -13.49
CA PRO B 106 -37.12 24.17 -12.12
C PRO B 106 -37.87 25.32 -11.47
N GLY B 107 -38.87 25.00 -10.66
CA GLY B 107 -39.62 26.00 -9.93
C GLY B 107 -40.66 26.75 -10.73
N GLY B 108 -41.34 26.06 -11.64
CA GLY B 108 -42.39 26.67 -12.45
C GLY B 108 -43.37 27.45 -11.61
N THR B 109 -43.79 26.88 -10.48
CA THR B 109 -44.61 27.58 -9.51
C THR B 109 -43.94 27.51 -8.14
N LEU B 110 -44.42 28.32 -7.21
CA LEU B 110 -43.90 28.30 -5.85
C LEU B 110 -44.08 26.92 -5.24
N GLU B 111 -45.24 26.34 -5.50
CA GLU B 111 -45.61 25.03 -4.97
C GLU B 111 -44.74 23.92 -5.58
N SER B 112 -44.58 23.95 -6.90
CA SER B 112 -43.78 22.94 -7.58
C SER B 112 -42.30 23.07 -7.21
N ALA B 113 -41.88 24.28 -6.90
CA ALA B 113 -40.50 24.52 -6.46
C ALA B 113 -40.18 23.69 -5.22
N LYS B 114 -41.14 23.61 -4.31
CA LYS B 114 -40.99 22.82 -3.09
C LYS B 114 -40.77 21.35 -3.41
N LEU B 115 -41.50 20.85 -4.41
CA LEU B 115 -41.33 19.47 -4.84
C LEU B 115 -40.01 19.26 -5.59
N ASP B 116 -39.60 20.26 -6.38
CA ASP B 116 -38.33 20.18 -7.11
C ASP B 116 -37.17 20.01 -6.12
N VAL B 117 -37.23 20.76 -5.03
CA VAL B 117 -36.24 20.66 -3.97
C VAL B 117 -36.29 19.26 -3.33
N CYS B 118 -37.49 18.77 -3.01
CA CYS B 118 -37.64 17.44 -2.44
C CYS B 118 -37.05 16.36 -3.36
N ARG B 119 -37.26 16.52 -4.67
CA ARG B 119 -36.74 15.57 -5.65
C ARG B 119 -35.21 15.48 -5.58
N THR B 120 -34.55 16.63 -5.60
CA THR B 120 -33.08 16.65 -5.60
C THR B 120 -32.53 16.10 -4.28
N ILE B 121 -33.19 16.40 -3.15
CA ILE B 121 -32.73 15.85 -1.86
C ILE B 121 -32.89 14.32 -1.86
N ALA B 122 -34.01 13.85 -2.40
CA ALA B 122 -34.25 12.41 -2.48
C ALA B 122 -33.14 11.72 -3.25
N ARG B 123 -32.67 12.38 -4.32
CA ARG B 123 -31.58 11.82 -5.12
C ARG B 123 -30.31 11.74 -4.30
N ARG B 124 -30.04 12.76 -3.50
CA ARG B 124 -28.88 12.73 -2.61
C ARG B 124 -29.06 11.61 -1.59
N ALA B 125 -30.28 11.46 -1.09
CA ALA B 125 -30.59 10.40 -0.15
C ALA B 125 -30.31 9.04 -0.80
N LEU B 126 -30.74 8.88 -2.05
CA LEU B 126 -30.52 7.64 -2.79
C LEU B 126 -29.04 7.28 -2.90
N ARG B 127 -28.20 8.25 -3.24
CA ARG B 127 -26.77 7.98 -3.37
C ARG B 127 -26.17 7.47 -2.05
N LYS B 128 -26.62 8.02 -0.93
CA LYS B 128 -26.10 7.60 0.37
C LYS B 128 -26.59 6.20 0.74
N VAL B 129 -27.88 5.96 0.52
CA VAL B 129 -28.46 4.65 0.82
C VAL B 129 -27.91 3.58 -0.12
N LEU B 130 -27.75 3.93 -1.39
CA LEU B 130 -27.14 3.04 -2.38
C LEU B 130 -25.71 2.67 -1.99
N THR B 131 -24.96 3.64 -1.47
CA THR B 131 -23.61 3.37 -0.96
C THR B 131 -23.65 2.30 0.14
N VAL B 132 -24.59 2.45 1.07
CA VAL B 132 -24.77 1.47 2.14
C VAL B 132 -25.08 0.10 1.55
N THR B 133 -25.99 0.06 0.57
CA THR B 133 -26.35 -1.18 -0.10
C THR B 133 -25.15 -1.85 -0.77
N ARG B 134 -24.36 -1.07 -1.49
CA ARG B 134 -23.18 -1.62 -2.14
C ARG B 134 -22.16 -2.18 -1.14
N GLU B 135 -22.02 -1.54 0.01
CA GLU B 135 -21.01 -1.98 0.98
C GLU B 135 -21.53 -3.01 1.98
N PHE B 136 -22.83 -2.95 2.30
CA PHE B 136 -23.38 -3.82 3.34
C PHE B 136 -24.34 -4.88 2.80
N GLY B 137 -24.77 -4.73 1.56
CA GLY B 137 -25.67 -5.68 0.95
C GLY B 137 -27.11 -5.61 1.46
N ILE B 138 -27.49 -4.45 1.99
CA ILE B 138 -28.82 -4.27 2.56
C ILE B 138 -29.52 -3.05 1.96
N GLY B 139 -30.84 -3.00 2.06
CA GLY B 139 -31.59 -1.81 1.70
C GLY B 139 -31.86 -1.65 0.22
N ALA B 140 -31.66 -2.71 -0.55
CA ALA B 140 -31.86 -2.64 -2.01
C ALA B 140 -33.29 -2.22 -2.34
N GLU B 141 -34.25 -2.73 -1.57
CA GLU B 141 -35.66 -2.36 -1.75
C GLU B 141 -35.88 -0.91 -1.40
N ALA B 142 -35.22 -0.47 -0.33
CA ALA B 142 -35.30 0.92 0.10
C ALA B 142 -34.74 1.83 -0.99
N ALA B 143 -33.63 1.41 -1.59
CA ALA B 143 -33.02 2.15 -2.69
C ALA B 143 -33.95 2.21 -3.91
N ALA B 144 -34.56 1.09 -4.25
CA ALA B 144 -35.52 1.07 -5.35
C ALA B 144 -36.69 2.00 -5.01
N TYR B 145 -37.12 1.96 -3.75
CA TYR B 145 -38.19 2.84 -3.28
C TYR B 145 -37.82 4.30 -3.48
N LEU B 146 -36.65 4.68 -3.00
CA LEU B 146 -36.16 6.05 -3.11
C LEU B 146 -35.98 6.46 -4.57
N LEU B 147 -35.52 5.53 -5.40
CA LEU B 147 -35.41 5.81 -6.82
C LEU B 147 -36.79 6.13 -7.38
N ALA B 148 -37.77 5.27 -7.09
CA ALA B 148 -39.14 5.51 -7.52
C ALA B 148 -39.69 6.81 -6.93
N LEU B 149 -39.32 7.10 -5.68
CA LEU B 149 -39.73 8.34 -5.01
C LEU B 149 -39.32 9.57 -5.82
N SER B 150 -38.06 9.60 -6.24
CA SER B 150 -37.55 10.70 -7.03
C SER B 150 -38.36 10.93 -8.31
N ASP B 151 -38.78 9.84 -8.95
CA ASP B 151 -39.62 9.94 -10.15
C ASP B 151 -41.01 10.48 -9.82
N LEU B 152 -41.60 9.99 -8.73
CA LEU B 152 -42.92 10.47 -8.30
C LEU B 152 -42.87 11.95 -7.95
N LEU B 153 -41.84 12.35 -7.21
CA LEU B 153 -41.67 13.75 -6.85
C LEU B 153 -41.54 14.64 -8.09
N PHE B 154 -40.80 14.15 -9.09
CA PHE B 154 -40.68 14.85 -10.36
C PHE B 154 -42.05 15.12 -10.97
N LEU B 155 -42.84 14.06 -11.11
CA LEU B 155 -44.16 14.17 -11.73
C LEU B 155 -45.09 15.07 -10.92
N LEU B 156 -45.04 14.95 -9.60
CA LEU B 156 -45.93 15.74 -8.74
C LEU B 156 -45.69 17.23 -8.97
N ALA B 157 -44.43 17.62 -9.10
CA ALA B 157 -44.07 18.99 -9.45
C ALA B 157 -44.67 19.40 -10.80
N ARG B 158 -44.57 18.51 -11.79
CA ARG B 158 -45.13 18.80 -13.10
C ARG B 158 -46.66 18.91 -13.04
N VAL B 159 -47.30 18.02 -12.28
CA VAL B 159 -48.76 18.05 -12.17
C VAL B 159 -49.22 19.38 -11.61
N ILE B 160 -48.52 19.88 -10.60
CA ILE B 160 -48.82 21.20 -10.03
C ILE B 160 -48.77 22.29 -11.11
N GLU B 161 -47.70 22.30 -11.89
CA GLU B 161 -47.52 23.28 -12.96
C GLU B 161 -48.58 23.17 -14.04
N ILE B 162 -48.96 21.93 -14.37
CA ILE B 162 -50.02 21.68 -15.32
C ILE B 162 -51.36 22.20 -14.81
N GLU B 163 -51.68 21.91 -13.56
CA GLU B 163 -52.89 22.43 -12.93
C GLU B 163 -52.85 23.95 -12.74
N LEU B 164 -51.54 24.73 -12.44
CA LEU B 164 -51.67 26.17 -12.51
C LEU B 164 -51.94 26.62 -13.93
N GLY B 165 -51.37 25.88 -14.88
CA GLY B 165 -51.65 26.09 -16.32
C GLY B 165 -53.14 26.09 -16.60
N LYS B 166 -53.82 25.04 -16.15
CA LYS B 166 -55.29 24.92 -16.31
C LYS B 166 -56.08 26.11 -15.72
N LYS B 167 -55.72 26.55 -14.52
CA LYS B 167 -56.32 27.75 -13.92
C LYS B 167 -56.04 29.02 -14.74
N LEU B 168 -54.83 29.17 -15.26
CA LEU B 168 -54.57 30.31 -16.15
C LEU B 168 -55.41 30.25 -17.43
N LEU B 169 -55.56 29.05 -18.01
CA LEU B 169 -56.43 28.88 -19.19
C LEU B 169 -57.87 29.32 -18.90
N GLU B 170 -58.39 28.88 -17.76
CA GLU B 170 -59.75 29.24 -17.27
C GLU B 170 -59.97 30.74 -17.11
N ALA B 171 -59.01 31.40 -16.48
CA ALA B 171 -59.05 32.83 -16.26
C ALA B 171 -59.19 33.56 -17.60
N ALA B 172 -58.39 33.17 -18.60
CA ALA B 172 -58.45 33.82 -19.90
C ALA B 172 -59.82 33.59 -20.58
N ARG B 173 -60.31 32.36 -20.52
CA ARG B 173 -61.57 32.00 -21.16
C ARG B 173 -62.75 32.62 -20.40
N ALA B 174 -62.59 32.76 -19.08
CA ALA B 174 -63.66 33.29 -18.24
C ALA B 174 -63.80 34.80 -18.42
N GLY B 175 -62.69 35.47 -18.67
CA GLY B 175 -62.68 36.91 -18.85
C GLY B 175 -62.27 37.65 -17.60
N GLN B 176 -61.54 36.96 -16.72
CA GLN B 176 -61.11 37.55 -15.45
C GLN B 176 -59.74 38.21 -15.59
N ASP B 177 -59.74 39.53 -15.63
CA ASP B 177 -58.50 40.29 -15.90
C ASP B 177 -57.48 40.21 -14.76
N ASP B 178 -57.95 40.29 -13.52
CA ASP B 178 -57.06 40.16 -12.37
C ASP B 178 -56.66 38.72 -12.13
N GLU B 179 -57.57 37.77 -12.35
CA GLU B 179 -57.25 36.39 -12.00
C GLU B 179 -56.06 35.92 -12.84
N VAL B 180 -56.19 36.11 -14.16
CA VAL B 180 -55.19 35.71 -15.13
C VAL B 180 -53.83 36.33 -14.82
N ARG B 181 -53.79 37.57 -14.39
CA ARG B 181 -52.51 38.17 -14.01
C ARG B 181 -51.86 37.45 -12.81
N ILE B 182 -52.67 37.16 -11.81
CA ILE B 182 -52.27 36.55 -10.55
C ILE B 182 -51.70 35.15 -10.87
N LEU B 183 -52.39 34.40 -11.73
CA LEU B 183 -51.95 33.03 -12.07
C LEU B 183 -50.53 33.08 -12.65
N MET B 184 -50.29 34.02 -13.55
CA MET B 184 -48.95 34.22 -14.08
C MET B 184 -47.95 34.67 -13.01
N ALA B 185 -48.36 35.58 -12.12
CA ALA B 185 -47.49 36.03 -11.05
C ALA B 185 -47.06 34.83 -10.15
N ASN B 186 -47.95 33.86 -9.99
CA ASN B 186 -47.66 32.69 -9.15
C ASN B 186 -46.94 31.56 -9.88
N GLY B 187 -46.53 31.82 -11.13
CA GLY B 187 -45.81 30.79 -11.88
C GLY B 187 -46.52 30.04 -12.99
N ALA B 188 -47.81 30.29 -13.23
CA ALA B 188 -48.51 29.61 -14.37
C ALA B 188 -47.82 29.90 -15.69
N ASP B 189 -47.69 28.89 -16.53
CA ASP B 189 -47.03 28.96 -17.87
C ASP B 189 -47.93 29.74 -18.90
N VAL B 190 -47.50 30.94 -19.30
CA VAL B 190 -48.27 31.74 -20.23
C VAL B 190 -48.53 31.08 -21.55
N ASN B 191 -47.71 30.06 -21.84
CA ASN B 191 -47.84 29.30 -23.05
C ASN B 191 -48.45 27.90 -22.85
N ALA B 192 -49.11 27.68 -21.69
CA ALA B 192 -49.86 26.44 -21.46
C ALA B 192 -50.94 26.31 -22.52
N HIS B 193 -51.41 25.11 -22.76
CA HIS B 193 -52.48 24.95 -23.73
C HIS B 193 -53.47 23.88 -23.27
N ASP B 194 -54.71 23.95 -23.76
CA ASP B 194 -55.70 22.94 -23.48
C ASP B 194 -55.61 21.75 -24.45
N ASP B 195 -56.58 20.84 -24.37
CA ASP B 195 -56.53 19.64 -25.18
C ASP B 195 -56.69 19.96 -26.67
N GLN B 196 -57.26 21.15 -26.93
CA GLN B 196 -57.53 21.70 -28.25
C GLN B 196 -56.37 22.63 -28.79
N GLY B 197 -55.27 22.73 -28.04
CA GLY B 197 -54.11 23.53 -28.46
C GLY B 197 -54.22 25.02 -28.22
N SER B 198 -55.32 25.48 -27.63
CA SER B 198 -55.54 26.89 -27.38
C SER B 198 -54.80 27.29 -26.12
N THR B 199 -54.02 28.36 -26.20
CA THR B 199 -53.28 28.92 -25.04
C THR B 199 -54.13 29.96 -24.35
N PRO B 200 -53.72 30.40 -23.13
CA PRO B 200 -54.51 31.52 -22.54
C PRO B 200 -54.69 32.73 -23.52
N LEU B 201 -53.70 32.97 -24.40
CA LEU B 201 -53.81 34.07 -25.38
C LEU B 201 -54.89 33.80 -26.46
N HIS B 202 -54.94 32.58 -27.02
CA HIS B 202 -56.01 32.18 -27.94
C HIS B 202 -57.36 32.35 -27.19
N LEU B 203 -57.43 31.86 -25.95
CA LEU B 203 -58.72 31.96 -25.24
C LEU B 203 -59.15 33.42 -25.00
N ALA B 204 -58.22 34.27 -24.62
CA ALA B 204 -58.54 35.70 -24.47
C ALA B 204 -58.98 36.34 -25.80
N ALA B 205 -58.31 35.97 -26.90
CA ALA B 205 -58.68 36.54 -28.22
C ALA B 205 -60.08 36.13 -28.68
N TRP B 206 -60.45 34.87 -28.44
CA TRP B 206 -61.76 34.36 -28.85
C TRP B 206 -62.88 35.00 -28.00
N ILE B 207 -62.67 35.00 -26.67
CA ILE B 207 -63.76 35.43 -25.78
C ILE B 207 -64.06 36.96 -25.90
N GLY B 208 -63.05 37.78 -26.14
CA GLY B 208 -63.28 39.22 -26.35
C GLY B 208 -62.93 40.08 -25.14
N HIS B 209 -61.80 39.77 -24.51
CA HIS B 209 -61.27 40.58 -23.43
C HIS B 209 -59.84 41.01 -23.73
N PRO B 210 -59.67 42.09 -24.52
CA PRO B 210 -58.35 42.62 -24.88
C PRO B 210 -57.45 42.96 -23.73
N GLU B 211 -58.02 43.35 -22.59
CA GLU B 211 -57.21 43.62 -21.40
C GLU B 211 -56.46 42.37 -20.99
N ILE B 212 -57.07 41.22 -21.21
CA ILE B 212 -56.32 40.01 -20.91
C ILE B 212 -55.32 39.71 -22.05
N VAL B 213 -55.77 39.95 -23.28
CA VAL B 213 -54.86 39.67 -24.43
C VAL B 213 -53.51 40.40 -24.20
N GLU B 214 -53.63 41.68 -23.82
CA GLU B 214 -52.50 42.58 -23.49
C GLU B 214 -51.57 42.12 -22.39
N VAL B 215 -52.09 41.75 -21.22
CA VAL B 215 -51.20 41.27 -20.14
C VAL B 215 -50.54 39.95 -20.46
N LEU B 216 -51.26 39.07 -21.17
CA LEU B 216 -50.63 37.80 -21.59
C LEU B 216 -49.48 38.03 -22.55
N LEU B 217 -49.66 38.95 -23.50
CA LEU B 217 -48.55 39.23 -24.48
C LEU B 217 -47.35 39.79 -23.71
N LYS B 218 -47.66 40.68 -22.78
CA LYS B 218 -46.70 41.33 -21.89
C LYS B 218 -45.83 40.30 -21.12
N HIS B 219 -46.43 39.19 -20.71
CA HIS B 219 -45.68 38.16 -19.98
C HIS B 219 -45.14 37.01 -20.83
N GLY B 220 -45.02 37.25 -22.15
CA GLY B 220 -44.34 36.32 -23.06
C GLY B 220 -45.24 35.37 -23.86
N ALA B 221 -46.54 35.59 -23.87
CA ALA B 221 -47.39 34.71 -24.68
C ALA B 221 -46.93 34.73 -26.13
N ASP B 222 -46.88 33.58 -26.79
CA ASP B 222 -46.49 33.53 -28.20
C ASP B 222 -47.68 33.96 -29.09
N VAL B 223 -47.58 35.18 -29.64
CA VAL B 223 -48.62 35.81 -30.43
C VAL B 223 -48.96 35.00 -31.67
N ASN B 224 -48.05 34.12 -32.09
CA ASN B 224 -48.26 33.34 -33.28
C ASN B 224 -48.38 31.85 -32.99
N ALA B 225 -48.67 31.46 -31.75
CA ALA B 225 -48.87 30.03 -31.43
C ALA B 225 -50.07 29.48 -32.26
N ARG B 226 -49.97 28.23 -32.72
CA ARG B 226 -51.09 27.62 -33.48
C ARG B 226 -51.85 26.67 -32.61
N ASP B 227 -53.18 26.73 -32.67
CA ASP B 227 -54.00 25.68 -31.98
C ASP B 227 -54.14 24.41 -32.85
N THR B 228 -54.97 23.42 -32.51
CA THR B 228 -54.98 22.24 -33.39
C THR B 228 -55.61 22.47 -34.79
N ASP B 229 -56.24 23.62 -34.98
CA ASP B 229 -56.82 23.94 -36.28
C ASP B 229 -55.88 24.80 -37.11
N GLY B 230 -54.70 25.06 -36.54
CA GLY B 230 -53.68 25.84 -37.26
C GLY B 230 -53.94 27.32 -37.02
N TRP B 231 -54.92 27.65 -36.18
CA TRP B 231 -55.23 29.10 -35.91
C TRP B 231 -54.33 29.82 -34.86
N THR B 232 -53.97 31.09 -35.15
CA THR B 232 -53.30 31.94 -34.17
C THR B 232 -54.38 32.72 -33.46
N PRO B 233 -54.06 33.34 -32.30
CA PRO B 233 -54.97 34.28 -31.67
C PRO B 233 -55.54 35.35 -32.64
N LEU B 234 -54.76 35.73 -33.65
CA LEU B 234 -55.25 36.70 -34.68
C LEU B 234 -56.37 36.13 -35.58
N HIS B 235 -56.26 34.87 -35.96
CA HIS B 235 -57.36 34.22 -36.67
C HIS B 235 -58.65 34.28 -35.81
N LEU B 236 -58.51 33.95 -34.54
CA LEU B 236 -59.68 33.98 -33.61
C LEU B 236 -60.32 35.35 -33.49
N ALA B 237 -59.48 36.36 -33.23
CA ALA B 237 -59.94 37.72 -33.13
C ALA B 237 -60.56 38.23 -34.42
N ALA B 238 -59.92 37.94 -35.56
CA ALA B 238 -60.44 38.40 -36.88
C ALA B 238 -61.80 37.81 -37.21
N ASP B 239 -61.97 36.52 -36.91
CA ASP B 239 -63.22 35.76 -37.23
C ASP B 239 -64.39 36.24 -36.35
N ASN B 240 -64.11 36.57 -35.11
CA ASN B 240 -65.16 36.92 -34.17
C ASN B 240 -65.43 38.42 -34.03
N GLY B 241 -64.86 39.25 -34.91
CA GLY B 241 -65.22 40.68 -34.91
C GLY B 241 -64.54 41.47 -33.82
N HIS B 242 -63.49 40.92 -33.24
CA HIS B 242 -62.81 41.58 -32.14
C HIS B 242 -61.76 42.58 -32.64
N LEU B 243 -62.22 43.73 -33.09
CA LEU B 243 -61.39 44.75 -33.73
C LEU B 243 -60.24 45.21 -32.81
N GLU B 244 -60.57 45.56 -31.57
CA GLU B 244 -59.54 46.07 -30.63
C GLU B 244 -58.40 45.05 -30.40
N ILE B 245 -58.76 43.77 -30.25
CA ILE B 245 -57.79 42.68 -30.07
C ILE B 245 -56.88 42.42 -31.27
N VAL B 246 -57.48 42.49 -32.45
CA VAL B 246 -56.73 42.40 -33.70
C VAL B 246 -55.58 43.44 -33.74
N GLU B 247 -55.91 44.68 -33.38
CA GLU B 247 -54.93 45.80 -33.37
C GLU B 247 -53.77 45.48 -32.43
N VAL B 248 -54.12 45.01 -31.22
CA VAL B 248 -53.15 44.67 -30.21
C VAL B 248 -52.23 43.53 -30.67
N LEU B 249 -52.81 42.47 -31.22
CA LEU B 249 -52.02 41.30 -31.64
C LEU B 249 -51.00 41.69 -32.71
N LEU B 250 -51.45 42.51 -33.65
CA LEU B 250 -50.53 42.96 -34.67
C LEU B 250 -49.39 43.79 -34.03
N LYS B 251 -49.71 44.61 -33.06
CA LYS B 251 -48.65 45.46 -32.44
C LYS B 251 -47.51 44.64 -31.84
N TYR B 252 -47.84 43.48 -31.27
CA TYR B 252 -46.89 42.60 -30.64
C TYR B 252 -46.33 41.48 -31.60
N GLY B 253 -46.47 41.72 -32.89
CA GLY B 253 -45.80 40.89 -33.89
C GLY B 253 -46.60 39.73 -34.52
N ALA B 254 -47.93 39.71 -34.40
CA ALA B 254 -48.73 38.67 -35.07
C ALA B 254 -48.47 38.74 -36.56
N ASP B 255 -48.45 37.56 -37.14
CA ASP B 255 -48.20 37.34 -38.54
C ASP B 255 -49.56 37.50 -39.20
N VAL B 256 -49.72 38.66 -39.83
CA VAL B 256 -50.97 39.06 -40.44
C VAL B 256 -51.43 38.16 -41.61
N ASN B 257 -50.47 37.42 -42.13
CA ASN B 257 -50.71 36.51 -43.25
C ASN B 257 -50.52 35.02 -42.88
N ALA B 258 -50.51 34.73 -41.58
CA ALA B 258 -50.44 33.32 -41.12
C ALA B 258 -51.58 32.50 -41.70
N GLN B 259 -51.25 31.33 -42.27
CA GLN B 259 -52.26 30.46 -42.94
C GLN B 259 -52.63 29.32 -42.03
N ASP B 260 -53.90 28.98 -41.91
CA ASP B 260 -54.24 27.79 -41.05
C ASP B 260 -54.11 26.48 -41.82
N ALA B 261 -54.65 25.39 -41.26
CA ALA B 261 -54.56 24.09 -41.87
C ALA B 261 -55.13 24.00 -43.29
N TYR B 262 -56.06 24.88 -43.56
CA TYR B 262 -56.75 24.89 -44.86
C TYR B 262 -56.26 26.01 -45.78
N GLY B 263 -55.20 26.69 -45.36
CA GLY B 263 -54.65 27.84 -46.11
C GLY B 263 -55.32 29.19 -45.85
N LEU B 264 -56.22 29.28 -44.87
CA LEU B 264 -56.86 30.61 -44.67
C LEU B 264 -56.02 31.54 -43.79
N THR B 265 -56.04 32.82 -44.16
CA THR B 265 -55.44 33.83 -43.35
C THR B 265 -56.53 34.48 -42.49
N PRO B 266 -56.12 35.27 -41.47
CA PRO B 266 -57.11 36.01 -40.67
C PRO B 266 -57.88 36.90 -41.57
N LEU B 267 -57.29 37.27 -42.71
CA LEU B 267 -58.04 38.13 -43.68
C LEU B 267 -59.15 37.37 -44.38
N HIS B 268 -58.85 36.14 -44.82
CA HIS B 268 -59.88 35.29 -45.41
C HIS B 268 -61.08 35.15 -44.43
N LEU B 269 -60.78 34.93 -43.13
CA LEU B 269 -61.82 34.81 -42.11
C LEU B 269 -62.55 36.10 -41.91
N ALA B 270 -61.84 37.22 -41.75
CA ALA B 270 -62.52 38.53 -41.59
C ALA B 270 -63.39 38.92 -42.80
N ALA B 271 -62.90 38.61 -44.00
CA ALA B 271 -63.60 38.88 -45.25
C ALA B 271 -64.89 38.10 -45.33
N ASP B 272 -64.81 36.78 -45.10
CA ASP B 272 -65.97 35.95 -45.23
C ASP B 272 -67.02 36.39 -44.20
N ARG B 273 -66.61 36.85 -43.03
CA ARG B 273 -67.56 37.28 -41.99
C ARG B 273 -68.05 38.70 -42.25
N GLY B 274 -67.47 39.34 -43.25
CA GLY B 274 -67.82 40.74 -43.53
C GLY B 274 -67.29 41.77 -42.50
N HIS B 275 -66.26 41.43 -41.73
CA HIS B 275 -65.77 42.36 -40.71
C HIS B 275 -64.82 43.41 -41.29
N LEU B 276 -65.38 44.37 -42.05
CA LEU B 276 -64.59 45.41 -42.77
C LEU B 276 -63.58 46.24 -41.95
N GLU B 277 -63.93 46.65 -40.74
CA GLU B 277 -63.00 47.47 -39.96
C GLU B 277 -61.75 46.63 -39.67
N ILE B 278 -61.93 45.35 -39.34
CA ILE B 278 -60.78 44.50 -39.13
C ILE B 278 -59.96 44.32 -40.45
N VAL B 279 -60.66 44.16 -41.57
CA VAL B 279 -60.01 44.01 -42.89
C VAL B 279 -59.08 45.24 -43.08
N GLU B 280 -59.61 46.44 -42.79
CA GLU B 280 -58.84 47.69 -42.93
C GLU B 280 -57.56 47.68 -42.14
N VAL B 281 -57.62 47.16 -40.90
CA VAL B 281 -56.47 47.02 -40.03
C VAL B 281 -55.47 46.01 -40.59
N LEU B 282 -55.98 44.87 -41.01
CA LEU B 282 -55.16 43.78 -41.59
C LEU B 282 -54.41 44.24 -42.84
N LEU B 283 -55.10 44.91 -43.74
CA LEU B 283 -54.50 45.43 -44.95
C LEU B 283 -53.42 46.49 -44.62
N LYS B 284 -53.69 47.36 -43.65
CA LYS B 284 -52.70 48.37 -43.20
C LYS B 284 -51.38 47.66 -42.75
N HIS B 285 -51.47 46.46 -42.16
CA HIS B 285 -50.25 45.73 -41.70
C HIS B 285 -49.68 44.73 -42.72
N GLY B 286 -50.11 44.83 -43.97
CA GLY B 286 -49.48 44.08 -45.07
C GLY B 286 -50.23 42.80 -45.42
N ALA B 287 -51.48 42.66 -44.95
CA ALA B 287 -52.27 41.47 -45.35
C ALA B 287 -52.45 41.45 -46.84
N ASP B 288 -52.34 40.28 -47.45
CA ASP B 288 -52.41 40.17 -48.91
C ASP B 288 -53.81 39.73 -49.36
N VAL B 289 -54.52 40.68 -49.94
CA VAL B 289 -55.88 40.46 -50.38
C VAL B 289 -55.94 39.40 -51.50
N ASN B 290 -54.81 39.16 -52.17
CA ASN B 290 -54.75 38.20 -53.29
C ASN B 290 -54.26 36.80 -52.91
N ALA B 291 -54.00 36.59 -51.64
CA ALA B 291 -53.57 35.24 -51.18
C ALA B 291 -54.64 34.17 -51.43
N GLN B 292 -54.26 32.98 -51.84
CA GLN B 292 -55.23 31.95 -52.17
C GLN B 292 -55.15 30.94 -51.04
N ASP B 293 -56.29 30.45 -50.57
CA ASP B 293 -56.25 29.35 -49.64
C ASP B 293 -56.05 28.06 -50.41
N LYS B 294 -56.11 26.92 -49.75
CA LYS B 294 -55.97 25.66 -50.47
C LYS B 294 -57.13 25.37 -51.43
N PHE B 295 -58.27 26.01 -51.27
CA PHE B 295 -59.38 25.82 -52.20
C PHE B 295 -59.19 26.69 -53.47
N GLY B 296 -58.51 27.82 -53.37
CA GLY B 296 -58.23 28.70 -54.54
C GLY B 296 -58.84 30.08 -54.35
N LYS B 297 -59.52 30.26 -53.22
CA LYS B 297 -60.18 31.53 -52.93
C LYS B 297 -59.31 32.55 -52.31
N THR B 298 -59.49 33.79 -52.79
CA THR B 298 -58.81 34.93 -52.22
C THR B 298 -59.86 35.68 -51.41
N ALA B 299 -59.38 36.54 -50.50
CA ALA B 299 -60.24 37.45 -49.72
C ALA B 299 -61.09 38.35 -50.60
N PHE B 300 -60.50 38.93 -51.64
CA PHE B 300 -61.36 39.65 -52.54
C PHE B 300 -62.42 38.78 -53.23
N ASP B 301 -62.03 37.63 -53.79
CA ASP B 301 -62.98 36.82 -54.51
C ASP B 301 -64.15 36.46 -53.61
N ILE B 302 -63.87 36.23 -52.33
CA ILE B 302 -64.88 35.99 -51.32
C ILE B 302 -65.81 37.21 -51.20
N SER B 303 -65.29 38.44 -51.18
CA SER B 303 -66.22 39.54 -51.05
C SER B 303 -67.21 39.56 -52.28
N ILE B 304 -66.69 39.18 -53.42
CA ILE B 304 -67.49 39.08 -54.63
C ILE B 304 -68.50 37.92 -54.52
N ASP B 305 -68.05 36.73 -54.13
CA ASP B 305 -68.99 35.61 -53.96
C ASP B 305 -70.15 35.87 -52.97
N ASN B 306 -69.89 36.61 -51.91
CA ASN B 306 -70.92 36.92 -50.92
C ASN B 306 -71.78 38.12 -51.31
N GLY B 307 -71.47 38.78 -52.44
CA GLY B 307 -72.26 39.95 -52.89
C GLY B 307 -72.04 41.18 -52.02
N ASN B 308 -70.88 41.25 -51.35
CA ASN B 308 -70.64 42.36 -50.43
C ASN B 308 -69.88 43.56 -51.09
N GLU B 309 -70.66 44.54 -51.54
CA GLU B 309 -70.08 45.60 -52.37
C GLU B 309 -69.08 46.43 -51.59
N ASP B 310 -69.39 46.74 -50.32
CA ASP B 310 -68.47 47.51 -49.47
C ASP B 310 -67.18 46.76 -49.12
N LEU B 311 -67.30 45.45 -48.87
CA LEU B 311 -66.09 44.67 -48.58
C LEU B 311 -65.18 44.62 -49.81
N ALA B 312 -65.78 44.46 -50.98
CA ALA B 312 -65.03 44.40 -52.23
C ALA B 312 -64.27 45.70 -52.49
N GLU B 313 -64.74 46.77 -51.86
CA GLU B 313 -64.13 48.09 -52.06
C GLU B 313 -62.84 48.23 -51.26
N ILE B 314 -62.89 47.81 -50.01
CA ILE B 314 -61.73 47.93 -49.11
C ILE B 314 -60.64 46.93 -49.49
N LEU B 315 -61.05 45.80 -50.04
CA LEU B 315 -60.09 44.78 -50.53
C LEU B 315 -59.46 44.99 -51.93
N GLN B 316 -59.77 46.11 -52.60
CA GLN B 316 -59.24 46.39 -53.97
C GLN B 316 -59.20 47.89 -54.30
N LYS C 23 -21.92 5.96 -13.44
CA LYS C 23 -20.72 6.72 -13.75
C LYS C 23 -19.85 6.91 -12.49
N ASP C 24 -18.82 7.75 -12.61
CA ASP C 24 -17.96 8.08 -11.47
C ASP C 24 -18.65 9.03 -10.50
N SER C 25 -18.36 8.88 -9.21
CA SER C 25 -19.01 9.69 -8.18
C SER C 25 -18.80 11.21 -8.33
N PRO C 26 -17.56 11.67 -8.55
CA PRO C 26 -17.42 13.14 -8.67
C PRO C 26 -18.34 13.74 -9.73
N ILE C 27 -18.53 13.01 -10.82
CA ILE C 27 -19.35 13.47 -11.93
C ILE C 27 -20.82 13.51 -11.53
N ILE C 28 -21.28 12.42 -10.92
CA ILE C 28 -22.65 12.28 -10.48
C ILE C 28 -23.00 13.31 -9.39
N GLU C 29 -22.15 13.40 -8.38
CA GLU C 29 -22.40 14.31 -7.28
C GLU C 29 -22.41 15.77 -7.75
N ALA C 30 -21.48 16.11 -8.64
CA ALA C 30 -21.44 17.49 -9.16
C ALA C 30 -22.76 17.83 -9.86
N ASN C 31 -23.22 16.93 -10.72
CA ASN C 31 -24.48 17.16 -11.43
C ASN C 31 -25.68 17.20 -10.50
N GLY C 32 -25.72 16.26 -9.55
CA GLY C 32 -26.80 16.21 -8.57
C GLY C 32 -26.84 17.45 -7.70
N THR C 33 -25.67 17.95 -7.33
CA THR C 33 -25.60 19.13 -6.47
C THR C 33 -26.04 20.38 -7.24
N LEU C 34 -25.63 20.47 -8.50
CA LEU C 34 -26.09 21.53 -9.39
C LEU C 34 -27.59 21.46 -9.60
N ASP C 35 -28.11 20.24 -9.69
CA ASP C 35 -29.55 20.03 -9.78
C ASP C 35 -30.24 20.53 -8.51
N GLU C 36 -29.66 20.22 -7.36
CA GLU C 36 -30.16 20.74 -6.09
C GLU C 36 -30.12 22.27 -6.10
N LEU C 37 -29.03 22.84 -6.61
CA LEU C 37 -28.88 24.29 -6.68
C LEU C 37 -29.98 24.96 -7.49
N THR C 38 -30.22 24.49 -8.70
CA THR C 38 -31.19 25.14 -9.56
C THR C 38 -32.59 25.05 -8.96
N SER C 39 -32.88 23.97 -8.23
CA SER C 39 -34.17 23.82 -7.57
C SER C 39 -34.40 24.93 -6.53
N PHE C 40 -33.39 25.19 -5.70
CA PHE C 40 -33.51 26.26 -4.72
C PHE C 40 -33.66 27.63 -5.40
N ILE C 41 -32.94 27.82 -6.49
CA ILE C 41 -33.08 29.05 -7.28
C ILE C 41 -34.51 29.16 -7.80
N GLY C 42 -35.05 28.04 -8.29
CA GLY C 42 -36.42 27.98 -8.76
C GLY C 42 -37.42 28.43 -7.71
N GLU C 43 -37.09 28.20 -6.44
CA GLU C 43 -37.94 28.66 -5.36
C GLU C 43 -37.75 30.16 -5.16
N ALA C 44 -36.49 30.58 -5.10
CA ALA C 44 -36.14 31.96 -4.77
C ALA C 44 -36.74 32.95 -5.74
N LYS C 45 -36.82 32.58 -7.02
CA LYS C 45 -37.28 33.50 -8.04
C LYS C 45 -38.74 33.91 -7.86
N HIS C 46 -39.43 33.27 -6.93
CA HIS C 46 -40.81 33.59 -6.63
C HIS C 46 -40.92 34.63 -5.51
N TYR C 47 -39.78 35.05 -4.98
CA TYR C 47 -39.74 36.03 -3.91
C TYR C 47 -39.00 37.31 -4.29
N VAL C 48 -38.61 37.43 -5.56
CA VAL C 48 -37.82 38.58 -6.01
C VAL C 48 -38.57 39.38 -7.07
N ASP C 49 -38.05 40.54 -7.46
CA ASP C 49 -38.71 41.35 -8.47
C ASP C 49 -38.42 40.84 -9.87
N GLU C 50 -38.97 41.51 -10.88
CA GLU C 50 -38.85 41.04 -12.25
C GLU C 50 -37.43 41.00 -12.80
N GLU C 51 -36.59 41.96 -12.40
CA GLU C 51 -35.22 41.97 -12.87
C GLU C 51 -34.44 40.78 -12.33
N MET C 52 -34.50 40.58 -11.01
CA MET C 52 -33.80 39.45 -10.41
C MET C 52 -34.36 38.13 -10.91
N LYS C 53 -35.67 38.08 -11.12
CA LYS C 53 -36.31 36.86 -11.62
C LYS C 53 -35.73 36.48 -12.97
N GLY C 54 -35.65 37.43 -13.88
CA GLY C 54 -35.08 37.19 -15.20
C GLY C 54 -33.64 36.73 -15.11
N ILE C 55 -32.89 37.36 -14.21
CA ILE C 55 -31.50 36.98 -13.97
C ILE C 55 -31.38 35.55 -13.47
N LEU C 56 -32.18 35.19 -12.47
CA LEU C 56 -32.14 33.84 -11.92
C LEU C 56 -32.47 32.78 -12.97
N GLU C 57 -33.43 33.07 -13.84
CA GLU C 57 -33.78 32.14 -14.91
C GLU C 57 -32.63 31.94 -15.91
N GLU C 58 -31.92 33.02 -16.24
CA GLU C 58 -30.76 32.90 -17.10
C GLU C 58 -29.71 32.01 -16.45
N ILE C 59 -29.56 32.16 -15.14
CA ILE C 59 -28.64 31.35 -14.36
C ILE C 59 -29.03 29.88 -14.41
N GLN C 60 -30.32 29.59 -14.27
CA GLN C 60 -30.80 28.21 -14.39
C GLN C 60 -30.37 27.59 -15.72
N ASN C 61 -30.47 28.36 -16.80
CA ASN C 61 -30.04 27.88 -18.10
C ASN C 61 -28.55 27.57 -18.12
N ASP C 62 -27.76 28.44 -17.50
CA ASP C 62 -26.31 28.24 -17.40
C ASP C 62 -25.99 26.97 -16.61
N ILE C 63 -26.71 26.75 -15.50
CA ILE C 63 -26.47 25.57 -14.69
C ILE C 63 -26.75 24.30 -15.50
N TYR C 64 -27.84 24.30 -16.25
CA TYR C 64 -28.19 23.20 -17.13
C TYR C 64 -27.05 22.90 -18.12
N LYS C 65 -26.51 23.95 -18.75
CA LYS C 65 -25.41 23.79 -19.67
C LYS C 65 -24.20 23.17 -18.96
N ILE C 66 -23.94 23.62 -17.73
CA ILE C 66 -22.82 23.11 -16.96
C ILE C 66 -22.96 21.62 -16.67
N MET C 67 -24.16 21.19 -16.26
CA MET C 67 -24.42 19.78 -16.00
C MET C 67 -24.17 18.94 -17.24
N GLY C 68 -24.54 19.47 -18.40
CA GLY C 68 -24.29 18.80 -19.66
C GLY C 68 -22.81 18.53 -19.87
N GLU C 69 -22.00 19.58 -19.74
CA GLU C 69 -20.55 19.46 -19.89
C GLU C 69 -19.95 18.44 -18.94
N ILE C 70 -20.37 18.50 -17.68
CA ILE C 70 -19.84 17.59 -16.67
C ILE C 70 -20.24 16.14 -16.94
N GLY C 71 -21.55 15.91 -17.13
CA GLY C 71 -22.07 14.57 -17.36
C GLY C 71 -21.47 13.86 -18.57
N SER C 72 -21.16 14.61 -19.61
CA SER C 72 -20.57 14.02 -20.82
C SER C 72 -19.06 14.17 -20.81
N LYS C 73 -18.51 14.57 -19.67
CA LYS C 73 -17.07 14.72 -19.46
C LYS C 73 -16.40 15.60 -20.53
N GLY C 74 -17.04 16.70 -20.89
CA GLY C 74 -16.46 17.64 -21.83
C GLY C 74 -16.83 17.43 -23.27
N LYS C 75 -17.47 16.30 -23.58
CA LYS C 75 -17.89 16.00 -24.94
C LYS C 75 -18.93 17.00 -25.43
N ILE C 76 -19.85 17.36 -24.53
CA ILE C 76 -20.85 18.40 -24.80
C ILE C 76 -20.32 19.76 -24.35
N GLU C 77 -20.35 20.74 -25.24
CA GLU C 77 -19.92 22.09 -24.89
C GLU C 77 -20.83 22.74 -23.83
N GLY C 78 -20.21 23.38 -22.85
CA GLY C 78 -20.95 24.01 -21.76
C GLY C 78 -21.13 25.50 -21.95
N ILE C 79 -21.08 26.26 -20.86
CA ILE C 79 -21.28 27.71 -20.94
C ILE C 79 -20.10 28.39 -21.61
N SER C 80 -20.40 29.45 -22.35
CA SER C 80 -19.37 30.24 -23.01
C SER C 80 -18.78 31.29 -22.06
N GLU C 81 -17.65 31.86 -22.44
CA GLU C 81 -17.00 32.88 -21.63
C GLU C 81 -17.91 34.08 -21.42
N GLU C 82 -18.75 34.34 -22.41
CA GLU C 82 -19.71 35.43 -22.33
C GLU C 82 -20.64 35.28 -21.13
N ARG C 83 -20.88 34.03 -20.73
CA ARG C 83 -21.75 33.76 -19.60
C ARG C 83 -21.08 34.18 -18.30
N ILE C 84 -19.77 33.95 -18.22
CA ILE C 84 -18.98 34.41 -17.08
C ILE C 84 -18.96 35.94 -17.03
N ALA C 85 -18.70 36.56 -18.18
CA ALA C 85 -18.70 38.02 -18.29
C ALA C 85 -20.09 38.56 -17.96
N TRP C 86 -21.12 37.83 -18.36
CA TRP C 86 -22.50 38.23 -18.07
C TRP C 86 -22.71 38.39 -16.57
N LEU C 87 -22.24 37.42 -15.79
CA LEU C 87 -22.30 37.53 -14.33
C LEU C 87 -21.54 38.77 -13.86
N LEU C 88 -20.32 38.95 -14.38
CA LEU C 88 -19.44 40.01 -13.92
C LEU C 88 -20.06 41.39 -14.11
N LYS C 89 -20.77 41.58 -15.22
CA LYS C 89 -21.46 42.83 -15.48
C LYS C 89 -22.54 43.11 -14.44
N LEU C 90 -23.33 42.09 -14.09
CA LEU C 90 -24.34 42.25 -13.06
C LEU C 90 -23.69 42.51 -11.70
N ILE C 91 -22.60 41.80 -11.44
CA ILE C 91 -21.87 41.93 -10.19
C ILE C 91 -21.36 43.37 -10.00
N LEU C 92 -20.71 43.91 -11.03
CA LEU C 92 -20.20 45.28 -10.99
C LEU C 92 -21.33 46.28 -10.82
N ARG C 93 -22.45 46.03 -11.50
CA ARG C 93 -23.60 46.91 -11.38
C ARG C 93 -24.10 47.00 -9.94
N TYR C 94 -24.33 45.84 -9.32
CA TYR C 94 -24.95 45.83 -7.99
C TYR C 94 -23.94 46.11 -6.87
N MET C 95 -22.67 45.77 -7.08
CA MET C 95 -21.64 46.00 -6.08
C MET C 95 -21.58 47.47 -5.68
N GLU C 96 -21.93 48.35 -6.62
CA GLU C 96 -21.87 49.79 -6.40
C GLU C 96 -22.71 50.22 -5.20
N MET C 97 -23.77 49.46 -4.93
CA MET C 97 -24.73 49.83 -3.89
C MET C 97 -24.43 49.19 -2.54
N VAL C 98 -23.50 48.22 -2.54
CA VAL C 98 -23.35 47.33 -1.39
C VAL C 98 -22.04 47.57 -0.63
N ASN C 99 -22.18 47.84 0.67
CA ASN C 99 -21.03 48.09 1.53
C ASN C 99 -20.56 46.81 2.23
N PHE C 103 -20.63 44.18 8.22
CA PHE C 103 -20.91 42.77 8.53
C PHE C 103 -22.33 42.60 9.08
N VAL C 104 -23.15 41.84 8.36
CA VAL C 104 -24.49 41.53 8.83
C VAL C 104 -24.75 40.02 8.81
N LEU C 105 -25.68 39.57 9.66
CA LEU C 105 -26.04 38.16 9.73
C LEU C 105 -26.86 37.77 8.52
N PRO C 106 -26.67 36.55 8.02
CA PRO C 106 -27.46 36.09 6.86
C PRO C 106 -28.96 36.14 7.13
N GLY C 107 -29.73 36.42 6.09
CA GLY C 107 -31.18 36.48 6.19
C GLY C 107 -31.76 37.73 6.83
N GLY C 108 -31.19 38.89 6.52
CA GLY C 108 -31.68 40.14 7.06
C GLY C 108 -33.17 40.32 6.80
N THR C 109 -33.62 39.87 5.63
CA THR C 109 -35.03 39.88 5.25
C THR C 109 -35.42 38.48 4.81
N LEU C 110 -36.72 38.20 4.76
CA LEU C 110 -37.21 36.90 4.31
C LEU C 110 -36.73 36.61 2.88
N GLU C 111 -36.83 37.62 2.03
CA GLU C 111 -36.42 37.52 0.64
C GLU C 111 -34.91 37.33 0.49
N SER C 112 -34.14 38.13 1.23
CA SER C 112 -32.70 38.02 1.19
C SER C 112 -32.24 36.68 1.74
N ALA C 113 -32.98 36.14 2.70
CA ALA C 113 -32.67 34.82 3.25
C ALA C 113 -32.67 33.75 2.15
N LYS C 114 -33.63 33.85 1.22
CA LYS C 114 -33.72 32.91 0.11
C LYS C 114 -32.46 32.94 -0.74
N LEU C 115 -31.94 34.15 -0.97
CA LEU C 115 -30.74 34.28 -1.78
C LEU C 115 -29.51 33.77 -1.02
N ASP C 116 -29.46 34.01 0.29
CA ASP C 116 -28.34 33.54 1.11
C ASP C 116 -28.29 32.01 1.12
N VAL C 117 -29.44 31.37 1.16
CA VAL C 117 -29.50 29.92 1.06
C VAL C 117 -28.93 29.47 -0.28
N CYS C 118 -29.37 30.10 -1.37
CA CYS C 118 -28.85 29.81 -2.70
C CYS C 118 -27.35 30.00 -2.80
N ARG C 119 -26.86 31.06 -2.17
CA ARG C 119 -25.43 31.36 -2.14
C ARG C 119 -24.63 30.19 -1.56
N THR C 120 -25.04 29.71 -0.39
CA THR C 120 -24.30 28.64 0.27
C THR C 120 -24.36 27.34 -0.52
N ILE C 121 -25.50 27.07 -1.15
CA ILE C 121 -25.63 25.86 -1.97
C ILE C 121 -24.71 25.96 -3.18
N ALA C 122 -24.65 27.15 -3.78
CA ALA C 122 -23.80 27.39 -4.93
C ALA C 122 -22.35 27.07 -4.59
N ARG C 123 -21.92 27.47 -3.40
CA ARG C 123 -20.58 27.18 -2.92
C ARG C 123 -20.37 25.68 -2.75
N ARG C 124 -21.38 24.98 -2.24
CA ARG C 124 -21.29 23.52 -2.17
C ARG C 124 -21.19 22.93 -3.58
N ALA C 125 -21.95 23.49 -4.52
CA ALA C 125 -21.87 23.05 -5.91
C ALA C 125 -20.46 23.29 -6.47
N LEU C 126 -19.90 24.45 -6.15
CA LEU C 126 -18.55 24.79 -6.61
C LEU C 126 -17.52 23.76 -6.13
N ARG C 127 -17.59 23.36 -4.86
CA ARG C 127 -16.64 22.38 -4.33
C ARG C 127 -16.72 21.07 -5.11
N LYS C 128 -17.94 20.64 -5.45
CA LYS C 128 -18.13 19.38 -6.16
C LYS C 128 -17.62 19.49 -7.60
N VAL C 129 -17.97 20.58 -8.29
CA VAL C 129 -17.53 20.78 -9.66
C VAL C 129 -16.01 20.99 -9.73
N LEU C 130 -15.47 21.80 -8.80
CA LEU C 130 -14.01 21.98 -8.72
C LEU C 130 -13.27 20.66 -8.50
N THR C 131 -13.85 19.77 -7.68
CA THR C 131 -13.27 18.44 -7.51
C THR C 131 -13.19 17.72 -8.86
N VAL C 132 -14.26 17.77 -9.63
CA VAL C 132 -14.27 17.18 -10.97
C VAL C 132 -13.19 17.81 -11.85
N THR C 133 -13.05 19.13 -11.78
CA THR C 133 -12.05 19.83 -12.57
C THR C 133 -10.64 19.36 -12.22
N ARG C 134 -10.35 19.28 -10.93
CA ARG C 134 -9.05 18.86 -10.45
C ARG C 134 -8.73 17.44 -10.92
N GLU C 135 -9.73 16.55 -10.86
CA GLU C 135 -9.52 15.15 -11.26
C GLU C 135 -9.57 14.92 -12.76
N PHE C 136 -10.49 15.60 -13.44
CA PHE C 136 -10.74 15.31 -14.85
C PHE C 136 -10.19 16.36 -15.81
N GLY C 137 -9.81 17.52 -15.28
CA GLY C 137 -9.26 18.59 -16.11
C GLY C 137 -10.28 19.34 -16.94
N ILE C 138 -11.56 19.25 -16.55
CA ILE C 138 -12.64 19.88 -17.29
C ILE C 138 -13.47 20.78 -16.39
N GLY C 139 -14.21 21.71 -17.01
CA GLY C 139 -15.19 22.50 -16.28
C GLY C 139 -14.62 23.69 -15.53
N ALA C 140 -13.36 24.02 -15.82
CA ALA C 140 -12.68 25.13 -15.14
C ALA C 140 -13.47 26.44 -15.30
N GLU C 141 -14.00 26.65 -16.50
CA GLU C 141 -14.82 27.82 -16.78
C GLU C 141 -16.13 27.79 -15.98
N ALA C 142 -16.73 26.60 -15.91
CA ALA C 142 -17.94 26.40 -15.13
C ALA C 142 -17.69 26.69 -13.65
N ALA C 143 -16.53 26.26 -13.15
CA ALA C 143 -16.17 26.53 -11.76
C ALA C 143 -16.02 28.03 -11.52
N ALA C 144 -15.36 28.72 -12.45
CA ALA C 144 -15.22 30.17 -12.36
C ALA C 144 -16.59 30.83 -12.40
N TYR C 145 -17.47 30.32 -13.26
CA TYR C 145 -18.83 30.82 -13.34
C TYR C 145 -19.55 30.66 -12.00
N LEU C 146 -19.50 29.46 -11.44
CA LEU C 146 -20.15 29.19 -10.17
C LEU C 146 -19.56 30.02 -9.04
N LEU C 147 -18.25 30.24 -9.07
CA LEU C 147 -17.60 31.14 -8.13
C LEU C 147 -18.18 32.56 -8.24
N ALA C 148 -18.22 33.09 -9.46
CA ALA C 148 -18.82 34.41 -9.68
C ALA C 148 -20.29 34.43 -9.28
N LEU C 149 -20.98 33.31 -9.52
CA LEU C 149 -22.39 33.17 -9.15
C LEU C 149 -22.62 33.39 -7.65
N SER C 150 -21.81 32.73 -6.83
CA SER C 150 -21.94 32.85 -5.38
C SER C 150 -21.74 34.31 -4.97
N ASP C 151 -20.85 35.01 -5.66
CA ASP C 151 -20.61 36.42 -5.38
C ASP C 151 -21.83 37.27 -5.76
N LEU C 152 -22.40 37.01 -6.93
CA LEU C 152 -23.60 37.72 -7.37
C LEU C 152 -24.76 37.46 -6.42
N LEU C 153 -24.94 36.20 -6.03
CA LEU C 153 -26.01 35.85 -5.10
C LEU C 153 -25.84 36.58 -3.77
N PHE C 154 -24.60 36.68 -3.28
CA PHE C 154 -24.32 37.46 -2.07
C PHE C 154 -24.82 38.90 -2.21
N LEU C 155 -24.40 39.56 -3.28
CA LEU C 155 -24.79 40.95 -3.53
C LEU C 155 -26.30 41.12 -3.66
N LEU C 156 -26.95 40.20 -4.37
CA LEU C 156 -28.40 40.29 -4.57
C LEU C 156 -29.14 40.25 -3.25
N ALA C 157 -28.68 39.39 -2.34
CA ALA C 157 -29.25 39.34 -0.99
C ALA C 157 -29.09 40.69 -0.29
N ARG C 158 -27.91 41.31 -0.44
CA ARG C 158 -27.66 42.61 0.17
C ARG C 158 -28.49 43.71 -0.48
N VAL C 159 -28.67 43.65 -1.79
CA VAL C 159 -29.49 44.65 -2.47
C VAL C 159 -30.93 44.60 -1.95
N ILE C 160 -31.43 43.39 -1.72
CA ILE C 160 -32.75 43.22 -1.11
C ILE C 160 -32.83 43.92 0.24
N GLU C 161 -31.82 43.72 1.08
CA GLU C 161 -31.75 44.39 2.38
C GLU C 161 -31.69 45.92 2.23
N ILE C 162 -30.95 46.40 1.24
CA ILE C 162 -30.87 47.83 0.96
C ILE C 162 -32.22 48.40 0.57
N GLU C 163 -32.95 47.71 -0.30
CA GLU C 163 -34.30 48.12 -0.69
C GLU C 163 -35.26 48.05 0.50
N LEU C 164 -35.12 46.88 1.43
CA LEU C 164 -36.07 47.04 2.51
C LEU C 164 -35.73 48.25 3.36
N GLY C 165 -34.42 48.51 3.50
CA GLY C 165 -33.92 49.68 4.25
C GLY C 165 -34.56 50.97 3.74
N LYS C 166 -34.45 51.21 2.43
CA LYS C 166 -35.00 52.42 1.81
C LYS C 166 -36.53 52.58 2.00
N LYS C 167 -37.28 51.49 1.85
CA LYS C 167 -38.73 51.52 2.11
C LYS C 167 -39.06 51.88 3.57
N LEU C 168 -38.28 51.38 4.53
CA LEU C 168 -38.49 51.81 5.92
C LEU C 168 -38.18 53.31 6.12
N LEU C 169 -37.13 53.80 5.46
CA LEU C 169 -36.83 55.26 5.50
C LEU C 169 -38.01 56.09 5.01
N GLU C 170 -38.61 55.65 3.91
CA GLU C 170 -39.83 56.27 3.33
C GLU C 170 -41.03 56.29 4.27
N ALA C 171 -41.27 55.15 4.91
CA ALA C 171 -42.34 55.01 5.88
C ALA C 171 -42.15 56.02 7.02
N ALA C 172 -40.94 56.13 7.56
CA ALA C 172 -40.67 57.07 8.63
C ALA C 172 -40.89 58.54 8.17
N ARG C 173 -40.42 58.84 6.96
CA ARG C 173 -40.57 60.18 6.41
C ARG C 173 -42.04 60.52 6.17
N ALA C 174 -42.81 59.51 5.75
CA ALA C 174 -44.23 59.70 5.47
C ALA C 174 -45.03 59.83 6.76
N GLY C 175 -44.60 59.11 7.79
CA GLY C 175 -45.27 59.14 9.08
C GLY C 175 -46.25 58.00 9.25
N GLN C 176 -46.09 56.96 8.46
CA GLN C 176 -46.99 55.82 8.48
C GLN C 176 -46.50 54.73 9.42
N ASP C 177 -47.11 54.65 10.60
CA ASP C 177 -46.67 53.71 11.65
C ASP C 177 -46.85 52.24 11.25
N ASP C 178 -47.91 51.95 10.51
CA ASP C 178 -48.13 50.59 10.03
C ASP C 178 -47.08 50.17 9.02
N GLU C 179 -46.67 51.06 8.14
CA GLU C 179 -45.65 50.69 7.15
C GLU C 179 -44.37 50.31 7.88
N VAL C 180 -44.04 51.13 8.88
CA VAL C 180 -42.88 50.93 9.75
C VAL C 180 -42.93 49.55 10.43
N ARG C 181 -44.06 49.18 11.00
CA ARG C 181 -44.16 47.86 11.61
C ARG C 181 -43.96 46.72 10.59
N ILE C 182 -44.58 46.89 9.43
CA ILE C 182 -44.60 45.92 8.35
C ILE C 182 -43.17 45.77 7.81
N LEU C 183 -42.52 46.88 7.50
CA LEU C 183 -41.16 46.86 6.92
C LEU C 183 -40.18 46.21 7.92
N MET C 184 -40.30 46.60 9.19
CA MET C 184 -39.49 46.00 10.23
C MET C 184 -39.79 44.50 10.42
N ALA C 185 -41.06 44.13 10.42
CA ALA C 185 -41.43 42.73 10.55
C ALA C 185 -40.82 41.88 9.39
N ASN C 186 -40.70 42.48 8.21
CA ASN C 186 -40.12 41.80 7.06
C ASN C 186 -38.60 41.85 7.00
N GLY C 187 -37.97 42.39 8.05
CA GLY C 187 -36.51 42.44 8.07
C GLY C 187 -35.81 43.78 7.85
N ALA C 188 -36.53 44.86 7.56
CA ALA C 188 -35.86 46.18 7.40
C ALA C 188 -35.11 46.58 8.67
N ASP C 189 -33.88 47.05 8.51
CA ASP C 189 -32.97 47.49 9.61
C ASP C 189 -33.41 48.88 10.17
N VAL C 190 -33.89 48.92 11.42
CA VAL C 190 -34.29 50.17 12.04
C VAL C 190 -33.20 51.19 12.10
N ASN C 191 -31.96 50.72 11.95
CA ASN C 191 -30.81 51.58 11.93
C ASN C 191 -30.19 51.77 10.55
N ALA C 192 -30.97 51.45 9.48
CA ALA C 192 -30.54 51.75 8.11
C ALA C 192 -30.36 53.26 7.97
N HIS C 193 -29.58 53.70 7.00
CA HIS C 193 -29.40 55.12 6.83
C HIS C 193 -29.35 55.48 5.34
N ASP C 194 -29.71 56.72 5.00
CA ASP C 194 -29.59 57.20 3.64
C ASP C 194 -28.17 57.75 3.34
N ASP C 195 -28.00 58.36 2.17
CA ASP C 195 -26.68 58.82 1.77
C ASP C 195 -26.20 59.96 2.67
N GLN C 196 -27.17 60.61 3.33
CA GLN C 196 -26.98 61.72 4.25
C GLN C 196 -26.82 61.28 5.76
N GLY C 197 -26.81 59.96 6.00
CA GLY C 197 -26.64 59.44 7.37
C GLY C 197 -27.88 59.42 8.25
N SER C 198 -29.02 59.85 7.70
CA SER C 198 -30.25 59.92 8.45
C SER C 198 -30.90 58.54 8.48
N THR C 199 -31.26 58.08 9.67
CA THR C 199 -31.94 56.78 9.86
C THR C 199 -33.43 56.98 9.85
N PRO C 200 -34.21 55.87 9.74
CA PRO C 200 -35.69 56.08 9.89
C PRO C 200 -36.06 56.89 11.17
N LEU C 201 -35.27 56.76 12.24
CA LEU C 201 -35.54 57.51 13.48
C LEU C 201 -35.28 59.03 13.33
N HIS C 202 -34.16 59.42 12.69
CA HIS C 202 -33.88 60.84 12.39
C HIS C 202 -35.04 61.37 11.53
N LEU C 203 -35.46 60.59 10.52
CA LEU C 203 -36.53 61.11 9.64
C LEU C 203 -37.84 61.40 10.40
N ALA C 204 -38.24 60.49 11.26
CA ALA C 204 -39.43 60.74 12.10
C ALA C 204 -39.24 61.93 13.05
N ALA C 205 -38.04 62.04 13.64
CA ALA C 205 -37.77 63.19 14.55
C ALA C 205 -37.79 64.54 13.84
N TRP C 206 -37.24 64.60 12.63
CA TRP C 206 -37.19 65.83 11.84
C TRP C 206 -38.60 66.19 11.32
N ILE C 207 -39.27 65.20 10.72
CA ILE C 207 -40.58 65.48 10.11
C ILE C 207 -41.69 65.77 11.16
N GLY C 208 -41.68 65.08 12.28
CA GLY C 208 -42.65 65.35 13.35
C GLY C 208 -43.76 64.31 13.46
N HIS C 209 -43.37 63.05 13.48
CA HIS C 209 -44.30 61.95 13.64
C HIS C 209 -43.95 61.12 14.88
N PRO C 210 -44.39 61.56 16.08
CA PRO C 210 -44.12 60.88 17.33
C PRO C 210 -44.42 59.40 17.35
N GLU C 211 -45.49 58.99 16.67
CA GLU C 211 -45.88 57.58 16.68
C GLU C 211 -44.79 56.73 16.05
N ILE C 212 -44.15 57.25 15.04
CA ILE C 212 -43.10 56.44 14.43
C ILE C 212 -41.82 56.48 15.32
N VAL C 213 -41.55 57.66 15.87
CA VAL C 213 -40.33 57.78 16.71
C VAL C 213 -40.34 56.63 17.78
N GLU C 214 -41.51 56.49 18.42
CA GLU C 214 -41.82 55.43 19.42
C GLU C 214 -41.71 54.00 18.93
N VAL C 215 -42.31 53.67 17.77
CA VAL C 215 -42.18 52.29 17.25
C VAL C 215 -40.75 51.92 16.91
N LEU C 216 -40.03 52.83 16.25
CA LEU C 216 -38.63 52.53 15.89
C LEU C 216 -37.74 52.35 17.13
N LEU C 217 -37.93 53.22 18.13
CA LEU C 217 -37.08 53.09 19.37
C LEU C 217 -37.36 51.74 20.02
N LYS C 218 -38.65 51.39 20.06
CA LYS C 218 -39.16 50.14 20.61
C LYS C 218 -38.45 48.90 19.99
N HIS C 219 -38.12 48.97 18.70
CA HIS C 219 -37.47 47.83 18.03
C HIS C 219 -35.94 47.95 17.90
N GLY C 220 -35.33 48.81 18.71
CA GLY C 220 -33.87 48.90 18.81
C GLY C 220 -33.20 50.01 18.00
N ALA C 221 -33.95 50.95 17.48
CA ALA C 221 -33.30 52.06 16.78
C ALA C 221 -32.34 52.79 17.72
N ASP C 222 -31.17 53.15 17.26
CA ASP C 222 -30.18 53.83 18.11
C ASP C 222 -30.59 55.32 18.29
N VAL C 223 -31.08 55.65 19.48
CA VAL C 223 -31.57 56.97 19.85
C VAL C 223 -30.47 58.03 19.71
N ASN C 224 -29.21 57.60 19.70
CA ASN C 224 -28.11 58.53 19.62
C ASN C 224 -27.32 58.38 18.33
N ALA C 225 -27.91 57.77 17.29
CA ALA C 225 -27.21 57.67 15.98
C ALA C 225 -26.90 59.09 15.45
N ARG C 226 -25.74 59.27 14.83
CA ARG C 226 -25.39 60.59 14.25
C ARG C 226 -25.56 60.58 12.76
N ASP C 227 -26.17 61.61 12.19
CA ASP C 227 -26.18 61.74 10.70
C ASP C 227 -24.87 62.38 10.17
N THR C 228 -24.74 62.74 8.90
CA THR C 228 -23.43 63.28 8.50
C THR C 228 -23.11 64.68 9.08
N ASP C 229 -24.08 65.33 9.69
CA ASP C 229 -23.86 66.64 10.28
C ASP C 229 -23.58 66.52 11.77
N GLY C 230 -23.53 65.28 12.25
CA GLY C 230 -23.22 65.04 13.67
C GLY C 230 -24.50 65.12 14.47
N TRP C 231 -25.63 65.31 13.81
CA TRP C 231 -26.95 65.39 14.57
C TRP C 231 -27.60 64.05 15.00
N THR C 232 -28.14 64.01 16.24
CA THR C 232 -28.94 62.89 16.70
C THR C 232 -30.37 63.26 16.43
N PRO C 233 -31.30 62.26 16.46
CA PRO C 233 -32.72 62.55 16.42
C PRO C 233 -33.16 63.64 17.43
N LEU C 234 -32.49 63.73 18.57
CA LEU C 234 -32.80 64.79 19.58
C LEU C 234 -32.44 66.20 19.11
N HIS C 235 -31.29 66.36 18.45
CA HIS C 235 -30.95 67.63 17.85
C HIS C 235 -32.06 68.05 16.85
N LEU C 236 -32.48 67.11 16.02
CA LEU C 236 -33.55 67.40 15.01
C LEU C 236 -34.87 67.83 15.64
N ALA C 237 -35.33 67.04 16.60
CA ALA C 237 -36.55 67.36 17.30
C ALA C 237 -36.49 68.67 18.07
N ALA C 238 -35.36 68.92 18.75
CA ALA C 238 -35.20 70.16 19.55
C ALA C 238 -35.25 71.43 18.69
N ASP C 239 -34.58 71.38 17.54
CA ASP C 239 -34.45 72.52 16.59
C ASP C 239 -35.81 72.83 15.93
N ASN C 240 -36.57 71.81 15.64
CA ASN C 240 -37.83 71.98 14.93
C ASN C 240 -39.07 72.10 15.79
N GLY C 241 -38.91 72.27 17.11
CA GLY C 241 -40.06 72.56 17.96
C GLY C 241 -40.91 71.35 18.29
N HIS C 242 -40.35 70.17 18.09
CA HIS C 242 -41.09 68.94 18.31
C HIS C 242 -41.01 68.50 19.80
N LEU C 243 -41.77 69.17 20.64
CA LEU C 243 -41.72 68.98 22.09
C LEU C 243 -42.01 67.51 22.48
N GLU C 244 -43.08 66.95 21.96
CA GLU C 244 -43.47 65.57 22.33
C GLU C 244 -42.37 64.54 22.01
N ILE C 245 -41.74 64.67 20.83
CA ILE C 245 -40.64 63.80 20.40
C ILE C 245 -39.36 63.90 21.24
N VAL C 246 -39.04 65.12 21.62
CA VAL C 246 -37.92 65.39 22.54
C VAL C 246 -38.08 64.58 23.84
N GLU C 247 -39.29 64.62 24.41
CA GLU C 247 -39.61 63.90 25.67
C GLU C 247 -39.40 62.41 25.50
N VAL C 248 -39.92 61.88 24.38
CA VAL C 248 -39.80 60.46 24.06
C VAL C 248 -38.33 60.04 23.91
N LEU C 249 -37.56 60.80 23.12
CA LEU C 249 -36.16 60.44 22.86
C LEU C 249 -35.36 60.38 24.15
N LEU C 250 -35.61 61.36 25.03
CA LEU C 250 -34.92 61.35 26.30
C LEU C 250 -35.32 60.08 27.10
N LYS C 251 -36.57 59.70 27.06
CA LYS C 251 -37.00 58.52 27.85
C LYS C 251 -36.22 57.26 27.48
N TYR C 252 -35.91 57.10 26.18
CA TYR C 252 -35.21 55.95 25.67
C TYR C 252 -33.66 56.16 25.56
N GLY C 253 -33.15 57.11 26.32
CA GLY C 253 -31.72 57.24 26.53
C GLY C 253 -30.95 58.23 25.64
N ALA C 254 -31.62 59.17 24.95
CA ALA C 254 -30.92 60.20 24.17
C ALA C 254 -30.01 60.97 25.09
N ASP C 255 -28.87 61.31 24.51
CA ASP C 255 -27.80 62.03 25.18
C ASP C 255 -28.18 63.49 25.02
N VAL C 256 -28.67 64.05 26.12
CA VAL C 256 -29.18 65.42 26.15
C VAL C 256 -28.13 66.49 25.85
N ASN C 257 -26.88 66.09 25.99
CA ASN C 257 -25.75 66.99 25.75
C ASN C 257 -24.87 66.56 24.55
N ALA C 258 -25.42 65.70 23.69
CA ALA C 258 -24.71 65.32 22.43
C ALA C 258 -24.40 66.55 21.60
N GLN C 259 -23.15 66.66 21.14
CA GLN C 259 -22.68 67.84 20.36
C GLN C 259 -22.62 67.48 18.90
N ASP C 260 -23.08 68.35 18.00
CA ASP C 260 -22.91 68.02 16.55
C ASP C 260 -21.54 68.42 16.03
N ALA C 261 -21.38 68.45 14.70
CA ALA C 261 -20.11 68.77 14.09
C ALA C 261 -19.52 70.11 14.49
N TYR C 262 -20.39 71.03 14.88
CA TYR C 262 -19.99 72.39 15.22
C TYR C 262 -19.97 72.64 16.72
N GLY C 263 -20.16 71.58 17.49
CA GLY C 263 -20.27 71.69 18.97
C GLY C 263 -21.65 72.04 19.52
N LEU C 264 -22.69 72.06 18.67
CA LEU C 264 -24.01 72.44 19.24
C LEU C 264 -24.72 71.26 19.92
N THR C 265 -25.36 71.57 21.03
CA THR C 265 -26.18 70.62 21.71
C THR C 265 -27.65 70.89 21.34
N PRO C 266 -28.55 69.93 21.64
CA PRO C 266 -29.99 70.17 21.38
C PRO C 266 -30.42 71.36 22.16
N LEU C 267 -29.69 71.68 23.24
CA LEU C 267 -30.05 72.88 24.04
C LEU C 267 -29.72 74.18 23.32
N HIS C 268 -28.51 74.25 22.74
CA HIS C 268 -28.15 75.40 21.92
C HIS C 268 -29.21 75.60 20.79
N LEU C 269 -29.63 74.49 20.15
CA LEU C 269 -30.62 74.55 19.08
C LEU C 269 -31.97 75.00 19.57
N ALA C 270 -32.47 74.40 20.64
CA ALA C 270 -33.77 74.85 21.22
C ALA C 270 -33.75 76.31 21.70
N ALA C 271 -32.63 76.72 22.29
CA ALA C 271 -32.43 78.07 22.79
C ALA C 271 -32.45 79.08 21.67
N ASP C 272 -31.66 78.82 20.63
CA ASP C 272 -31.54 79.77 19.55
C ASP C 272 -32.91 79.91 18.86
N ARG C 273 -33.68 78.83 18.79
CA ARG C 273 -35.00 78.87 18.10
C ARG C 273 -36.07 79.47 19.02
N GLY C 274 -35.69 79.71 20.27
CA GLY C 274 -36.69 80.19 21.26
C GLY C 274 -37.72 79.12 21.71
N HIS C 275 -37.42 77.84 21.57
CA HIS C 275 -38.40 76.81 21.94
C HIS C 275 -38.36 76.50 23.43
N LEU C 276 -38.89 77.43 24.25
CA LEU C 276 -38.82 77.33 25.74
C LEU C 276 -39.31 76.02 26.41
N GLU C 277 -40.39 75.45 25.93
CA GLU C 277 -40.90 74.22 26.56
C GLU C 277 -39.85 73.12 26.37
N ILE C 278 -39.25 73.04 25.18
CA ILE C 278 -38.20 72.06 24.96
C ILE C 278 -36.95 72.36 25.86
N VAL C 279 -36.59 73.63 25.97
CA VAL C 279 -35.43 74.06 26.78
C VAL C 279 -35.67 73.52 28.23
N GLU C 280 -36.91 73.68 28.71
CA GLU C 280 -37.28 73.19 30.07
C GLU C 280 -37.10 71.69 30.21
N VAL C 281 -37.53 70.93 29.19
CA VAL C 281 -37.40 69.49 29.18
C VAL C 281 -35.95 69.05 29.16
N LEU C 282 -35.16 69.66 28.31
CA LEU C 282 -33.71 69.38 28.18
C LEU C 282 -32.98 69.68 29.48
N LEU C 283 -33.27 70.81 30.09
CA LEU C 283 -32.65 71.20 31.35
C LEU C 283 -33.00 70.21 32.48
N LYS C 284 -34.26 69.80 32.55
CA LYS C 284 -34.69 68.80 33.58
C LYS C 284 -33.88 67.47 33.42
N HIS C 285 -33.48 67.12 32.19
CA HIS C 285 -32.70 65.88 31.97
C HIS C 285 -31.17 66.05 32.00
N GLY C 286 -30.72 67.20 32.51
CA GLY C 286 -29.29 67.40 32.79
C GLY C 286 -28.56 68.17 31.68
N ALA C 287 -29.31 68.81 30.78
CA ALA C 287 -28.65 69.64 29.75
C ALA C 287 -27.84 70.73 30.41
N ASP C 288 -26.64 70.99 29.89
CA ASP C 288 -25.73 71.97 30.52
C ASP C 288 -25.83 73.32 29.82
N VAL C 289 -26.46 74.25 30.52
CA VAL C 289 -26.67 75.58 29.97
C VAL C 289 -25.36 76.32 29.72
N ASN C 290 -24.27 75.86 30.37
CA ASN C 290 -22.95 76.51 30.23
C ASN C 290 -22.01 75.85 29.21
N ALA C 291 -22.50 74.83 28.54
CA ALA C 291 -21.68 74.18 27.49
C ALA C 291 -21.33 75.12 26.34
N GLN C 292 -20.13 75.05 25.80
CA GLN C 292 -19.73 75.98 24.76
C GLN C 292 -19.70 75.15 23.48
N ASP C 293 -20.17 75.73 22.38
CA ASP C 293 -19.97 75.07 21.11
C ASP C 293 -18.58 75.39 20.61
N LYS C 294 -18.23 74.98 19.41
CA LYS C 294 -16.91 75.31 18.89
C LYS C 294 -16.69 76.81 18.63
N PHE C 295 -17.74 77.59 18.53
CA PHE C 295 -17.58 79.04 18.37
C PHE C 295 -17.34 79.73 19.72
N GLY C 296 -17.84 79.16 20.82
CA GLY C 296 -17.60 79.72 22.17
C GLY C 296 -18.91 80.10 22.84
N LYS C 297 -20.01 79.89 22.12
CA LYS C 297 -21.33 80.25 22.63
C LYS C 297 -21.95 79.20 23.49
N THR C 298 -22.58 79.68 24.57
CA THR C 298 -23.34 78.83 25.44
C THR C 298 -24.81 79.11 25.15
N ALA C 299 -25.68 78.17 25.56
CA ALA C 299 -27.13 78.34 25.46
C ALA C 299 -27.64 79.59 26.18
N PHE C 300 -27.15 79.84 27.38
CA PHE C 300 -27.51 81.10 27.97
C PHE C 300 -27.04 82.34 27.19
N ASP C 301 -25.76 82.36 26.78
CA ASP C 301 -25.26 83.53 26.09
C ASP C 301 -26.09 83.82 24.85
N ILE C 302 -26.54 82.75 24.19
CA ILE C 302 -27.43 82.84 23.05
C ILE C 302 -28.76 83.52 23.48
N SER C 303 -29.35 83.14 24.61
CA SER C 303 -30.60 83.81 24.94
C SER C 303 -30.37 85.35 25.11
N ILE C 304 -29.21 85.70 25.62
CA ILE C 304 -28.81 87.09 25.78
C ILE C 304 -28.58 87.74 24.40
N ASP C 305 -27.79 87.11 23.53
CA ASP C 305 -27.58 87.67 22.19
C ASP C 305 -28.86 87.90 21.36
N ASN C 306 -29.85 87.03 21.51
CA ASN C 306 -31.10 87.18 20.79
C ASN C 306 -32.09 88.13 21.47
N GLY C 307 -31.73 88.65 22.65
CA GLY C 307 -32.63 89.59 23.39
C GLY C 307 -33.83 88.89 24.00
N ASN C 308 -33.71 87.59 24.25
CA ASN C 308 -34.86 86.82 24.77
C ASN C 308 -34.90 86.73 26.33
N GLU C 309 -35.59 87.69 26.94
CA GLU C 309 -35.52 87.83 28.39
C GLU C 309 -36.11 86.60 29.09
N ASP C 310 -37.22 86.07 28.57
CA ASP C 310 -37.86 84.88 29.15
C ASP C 310 -37.00 83.61 29.05
N LEU C 311 -36.32 83.43 27.92
CA LEU C 311 -35.42 82.27 27.80
C LEU C 311 -34.27 82.37 28.78
N ALA C 312 -33.71 83.58 28.91
CA ALA C 312 -32.58 83.80 29.80
C ALA C 312 -32.96 83.50 31.26
N GLU C 313 -34.25 83.57 31.56
CA GLU C 313 -34.75 83.22 32.88
C GLU C 313 -34.77 81.70 33.07
N ILE C 314 -35.12 80.99 32.01
CA ILE C 314 -35.18 79.53 32.06
C ILE C 314 -33.78 78.91 32.11
N LEU C 315 -32.85 79.51 31.38
CA LEU C 315 -31.46 79.02 31.34
C LEU C 315 -30.49 79.45 32.48
N GLN C 316 -30.99 80.18 33.48
CA GLN C 316 -30.15 80.67 34.61
C GLN C 316 -30.95 80.93 35.88
N LYS D 23 -7.55 25.25 2.56
CA LYS D 23 -6.88 24.23 1.76
C LYS D 23 -7.41 22.82 2.03
N ASP D 24 -7.35 22.40 3.28
CA ASP D 24 -7.84 21.07 3.68
C ASP D 24 -9.37 20.98 3.61
N SER D 25 -9.87 19.99 2.89
CA SER D 25 -11.30 19.83 2.66
C SER D 25 -12.13 19.78 3.96
N PRO D 26 -11.73 18.96 4.96
CA PRO D 26 -12.59 18.90 6.15
C PRO D 26 -12.87 20.27 6.75
N ILE D 27 -11.89 21.16 6.73
CA ILE D 27 -12.05 22.50 7.28
C ILE D 27 -12.98 23.33 6.39
N ILE D 28 -12.74 23.27 5.08
CA ILE D 28 -13.53 24.01 4.11
C ILE D 28 -14.99 23.57 4.13
N GLU D 29 -15.21 22.26 4.11
CA GLU D 29 -16.57 21.72 4.11
C GLU D 29 -17.32 22.05 5.40
N ALA D 30 -16.63 21.95 6.54
CA ALA D 30 -17.24 22.28 7.82
C ALA D 30 -17.71 23.74 7.84
N ASN D 31 -16.86 24.65 7.39
CA ASN D 31 -17.24 26.06 7.37
C ASN D 31 -18.38 26.33 6.39
N GLY D 32 -18.29 25.75 5.20
CA GLY D 32 -19.32 25.90 4.19
C GLY D 32 -20.66 25.36 4.67
N THR D 33 -20.63 24.22 5.36
CA THR D 33 -21.87 23.63 5.88
C THR D 33 -22.46 24.49 7.01
N LEU D 34 -21.61 25.01 7.89
CA LEU D 34 -22.05 25.94 8.93
C LEU D 34 -22.65 27.21 8.32
N ASP D 35 -22.05 27.66 7.22
CA ASP D 35 -22.57 28.78 6.45
C ASP D 35 -23.98 28.46 5.95
N GLU D 36 -24.12 27.27 5.37
CA GLU D 36 -25.43 26.77 4.95
C GLU D 36 -26.42 26.71 6.13
N LEU D 37 -25.92 26.26 7.28
CA LEU D 37 -26.75 26.17 8.48
C LEU D 37 -27.30 27.54 8.89
N THR D 38 -26.42 28.52 9.03
CA THR D 38 -26.87 29.82 9.52
C THR D 38 -27.80 30.48 8.49
N SER D 39 -27.60 30.17 7.21
CA SER D 39 -28.50 30.69 6.19
C SER D 39 -29.94 30.19 6.37
N PHE D 40 -30.11 28.89 6.60
CA PHE D 40 -31.44 28.34 6.87
C PHE D 40 -32.02 28.91 8.15
N ILE D 41 -31.19 29.09 9.18
CA ILE D 41 -31.63 29.70 10.42
C ILE D 41 -32.11 31.13 10.14
N GLY D 42 -31.32 31.85 9.34
CA GLY D 42 -31.70 33.18 8.93
C GLY D 42 -33.07 33.23 8.30
N GLU D 43 -33.45 32.19 7.57
CA GLU D 43 -34.80 32.11 7.04
C GLU D 43 -35.82 31.81 8.13
N ALA D 44 -35.54 30.79 8.94
CA ALA D 44 -36.48 30.31 9.95
C ALA D 44 -36.89 31.40 10.94
N LYS D 45 -35.93 32.27 11.30
CA LYS D 45 -36.20 33.29 12.32
C LYS D 45 -37.27 34.30 11.90
N HIS D 46 -37.72 34.23 10.65
CA HIS D 46 -38.78 35.11 10.19
C HIS D 46 -40.17 34.49 10.37
N TYR D 47 -40.20 33.28 10.93
CA TYR D 47 -41.47 32.60 11.13
C TYR D 47 -41.73 32.33 12.62
N VAL D 48 -40.83 32.77 13.48
CA VAL D 48 -40.94 32.50 14.91
C VAL D 48 -41.25 33.76 15.72
N ASP D 49 -41.49 33.61 17.02
CA ASP D 49 -41.83 34.77 17.85
C ASP D 49 -40.58 35.56 18.22
N GLU D 50 -40.76 36.62 18.99
CA GLU D 50 -39.68 37.56 19.29
C GLU D 50 -38.52 36.95 20.09
N GLU D 51 -38.84 36.15 21.10
CA GLU D 51 -37.79 35.54 21.90
C GLU D 51 -36.95 34.57 21.08
N MET D 52 -37.62 33.71 20.31
CA MET D 52 -36.91 32.75 19.49
C MET D 52 -36.07 33.44 18.42
N LYS D 53 -36.59 34.52 17.85
CA LYS D 53 -35.83 35.26 16.85
C LYS D 53 -34.50 35.74 17.44
N GLY D 54 -34.56 36.34 18.62
CA GLY D 54 -33.37 36.79 19.33
C GLY D 54 -32.40 35.64 19.61
N ILE D 55 -32.94 34.51 20.07
CA ILE D 55 -32.14 33.33 20.34
C ILE D 55 -31.44 32.83 19.08
N LEU D 56 -32.19 32.73 17.98
CA LEU D 56 -31.62 32.23 16.74
C LEU D 56 -30.50 33.13 16.23
N GLU D 57 -30.65 34.44 16.38
CA GLU D 57 -29.61 35.37 15.96
C GLU D 57 -28.36 35.26 16.84
N GLU D 58 -28.55 35.06 18.15
CA GLU D 58 -27.40 34.83 19.02
C GLU D 58 -26.67 33.56 18.58
N ILE D 59 -27.44 32.55 18.19
CA ILE D 59 -26.90 31.32 17.63
C ILE D 59 -26.13 31.57 16.33
N GLN D 60 -26.68 32.40 15.45
CA GLN D 60 -25.96 32.79 14.24
C GLN D 60 -24.58 33.36 14.56
N ASN D 61 -24.51 34.20 15.60
CA ASN D 61 -23.23 34.74 16.04
C ASN D 61 -22.30 33.65 16.56
N ASP D 62 -22.83 32.71 17.33
CA ASP D 62 -22.06 31.57 17.82
C ASP D 62 -21.50 30.74 16.68
N ILE D 63 -22.32 30.51 15.66
CA ILE D 63 -21.89 29.76 14.49
C ILE D 63 -20.72 30.47 13.80
N TYR D 64 -20.84 31.79 13.64
CA TYR D 64 -19.78 32.60 13.08
C TYR D 64 -18.48 32.40 13.87
N LYS D 65 -18.59 32.47 15.19
CA LYS D 65 -17.45 32.24 16.07
C LYS D 65 -16.84 30.85 15.86
N ILE D 66 -17.70 29.85 15.73
CA ILE D 66 -17.26 28.48 15.47
C ILE D 66 -16.49 28.41 14.15
N MET D 67 -17.06 29.02 13.10
CA MET D 67 -16.42 29.07 11.79
C MET D 67 -15.03 29.71 11.85
N GLY D 68 -14.92 30.80 12.62
CA GLY D 68 -13.64 31.47 12.80
C GLY D 68 -12.58 30.57 13.41
N GLU D 69 -12.96 29.80 14.42
CA GLU D 69 -12.03 28.87 15.06
C GLU D 69 -11.62 27.75 14.11
N ILE D 70 -12.59 27.17 13.42
CA ILE D 70 -12.30 26.06 12.52
C ILE D 70 -11.44 26.53 11.35
N GLY D 71 -11.86 27.61 10.71
CA GLY D 71 -11.17 28.14 9.55
C GLY D 71 -9.74 28.56 9.84
N SER D 72 -9.44 28.86 11.09
CA SER D 72 -8.11 29.30 11.48
C SER D 72 -7.32 28.18 12.19
N LYS D 73 -7.83 26.96 12.12
CA LYS D 73 -7.19 25.81 12.75
C LYS D 73 -6.91 26.02 14.23
N GLY D 74 -7.85 26.65 14.93
CA GLY D 74 -7.73 26.86 16.36
C GLY D 74 -6.87 28.04 16.79
N LYS D 75 -6.42 28.83 15.82
CA LYS D 75 -5.61 30.00 16.11
C LYS D 75 -6.46 31.15 16.62
N ILE D 76 -7.66 31.30 16.08
CA ILE D 76 -8.61 32.31 16.54
C ILE D 76 -9.55 31.67 17.57
N GLU D 77 -9.68 32.27 18.75
CA GLU D 77 -10.57 31.78 19.78
C GLU D 77 -12.04 31.75 19.33
N GLY D 78 -12.72 30.63 19.60
CA GLY D 78 -14.11 30.46 19.21
C GLY D 78 -15.09 30.72 20.34
N ILE D 79 -16.16 29.94 20.40
CA ILE D 79 -17.17 30.14 21.44
C ILE D 79 -16.68 29.69 22.81
N SER D 80 -17.00 30.48 23.83
CA SER D 80 -16.68 30.12 25.20
C SER D 80 -17.65 29.05 25.71
N GLU D 81 -17.27 28.39 26.79
CA GLU D 81 -18.07 27.33 27.37
C GLU D 81 -19.44 27.87 27.82
N GLU D 82 -19.53 29.18 28.02
CA GLU D 82 -20.77 29.82 28.43
C GLU D 82 -21.88 29.66 27.37
N ARG D 83 -21.47 29.52 26.12
CA ARG D 83 -22.44 29.39 25.03
C ARG D 83 -23.10 28.03 25.05
N ILE D 84 -22.33 27.02 25.47
CA ILE D 84 -22.87 25.68 25.63
C ILE D 84 -23.83 25.64 26.83
N ALA D 85 -23.40 26.19 27.96
CA ALA D 85 -24.28 26.29 29.14
C ALA D 85 -25.53 27.09 28.80
N TRP D 86 -25.36 28.12 27.98
CA TRP D 86 -26.48 28.94 27.53
C TRP D 86 -27.53 28.12 26.77
N LEU D 87 -27.09 27.26 25.85
CA LEU D 87 -28.00 26.34 25.17
C LEU D 87 -28.71 25.43 26.16
N LEU D 88 -27.94 24.90 27.12
CA LEU D 88 -28.47 23.94 28.07
C LEU D 88 -29.61 24.53 28.89
N LYS D 89 -29.47 25.81 29.26
CA LYS D 89 -30.52 26.51 30.00
C LYS D 89 -31.80 26.57 29.17
N LEU D 90 -31.66 26.93 27.90
CA LEU D 90 -32.80 26.97 26.99
C LEU D 90 -33.40 25.57 26.81
N ILE D 91 -32.54 24.58 26.68
CA ILE D 91 -33.00 23.21 26.48
C ILE D 91 -33.84 22.75 27.68
N LEU D 92 -33.35 22.98 28.89
CA LEU D 92 -34.10 22.64 30.09
C LEU D 92 -35.42 23.43 30.17
N ARG D 93 -35.36 24.71 29.80
CA ARG D 93 -36.55 25.55 29.82
C ARG D 93 -37.67 24.96 28.95
N TYR D 94 -37.36 24.61 27.71
CA TYR D 94 -38.38 24.12 26.80
C TYR D 94 -38.67 22.63 26.99
N MET D 95 -37.69 21.87 27.48
CA MET D 95 -37.91 20.45 27.72
C MET D 95 -39.05 20.23 28.71
N GLU D 96 -39.16 21.11 29.69
CA GLU D 96 -40.22 21.04 30.70
C GLU D 96 -41.60 21.08 30.07
N MET D 97 -41.70 21.70 28.90
CA MET D 97 -42.99 21.92 28.25
C MET D 97 -43.30 20.85 27.21
N VAL D 98 -42.34 19.95 26.98
CA VAL D 98 -42.45 18.99 25.89
C VAL D 98 -42.46 17.56 26.42
N ASN D 99 -43.54 16.84 26.16
CA ASN D 99 -43.73 15.48 26.68
C ASN D 99 -44.08 14.50 25.57
N LEU D 100 -43.11 14.21 24.71
CA LEU D 100 -43.32 13.30 23.58
C LEU D 100 -43.47 11.85 24.00
N LYS D 101 -44.57 11.22 23.56
CA LYS D 101 -44.89 9.86 23.95
C LYS D 101 -44.53 8.88 22.85
N SER D 102 -44.58 9.34 21.60
CA SER D 102 -44.42 8.46 20.44
C SER D 102 -43.72 9.16 19.28
N PHE D 103 -43.53 8.41 18.19
CA PHE D 103 -42.94 8.98 16.98
C PHE D 103 -43.97 9.91 16.33
N VAL D 104 -43.51 11.10 15.93
CA VAL D 104 -44.37 12.04 15.22
C VAL D 104 -43.71 12.45 13.90
N LEU D 105 -44.51 12.84 12.90
CA LEU D 105 -43.96 13.20 11.59
C LEU D 105 -43.40 14.62 11.65
N PRO D 106 -42.21 14.83 11.08
CA PRO D 106 -41.61 16.16 11.05
C PRO D 106 -42.51 17.20 10.36
N GLY D 107 -42.45 18.44 10.82
CA GLY D 107 -43.18 19.52 10.17
C GLY D 107 -44.68 19.55 10.39
N GLY D 108 -45.11 19.40 11.63
CA GLY D 108 -46.53 19.43 11.95
C GLY D 108 -47.20 20.70 11.44
N THR D 109 -46.48 21.81 11.50
CA THR D 109 -46.95 23.07 10.96
C THR D 109 -45.82 23.72 10.17
N LEU D 110 -46.11 24.83 9.51
CA LEU D 110 -45.11 25.52 8.70
C LEU D 110 -43.91 25.93 9.56
N GLU D 111 -44.19 26.50 10.73
CA GLU D 111 -43.14 27.03 11.61
C GLU D 111 -42.25 25.93 12.15
N SER D 112 -42.86 24.85 12.63
CA SER D 112 -42.09 23.76 13.20
C SER D 112 -41.26 23.07 12.11
N ALA D 113 -41.79 23.05 10.88
CA ALA D 113 -41.05 22.47 9.75
C ALA D 113 -39.72 23.19 9.54
N LYS D 114 -39.73 24.52 9.65
CA LYS D 114 -38.51 25.30 9.46
C LYS D 114 -37.46 24.91 10.52
N LEU D 115 -37.92 24.64 11.73
CA LEU D 115 -37.00 24.27 12.81
C LEU D 115 -36.45 22.86 12.56
N ASP D 116 -37.28 21.97 12.04
CA ASP D 116 -36.87 20.61 11.74
C ASP D 116 -35.82 20.61 10.63
N VAL D 117 -36.01 21.50 9.66
CA VAL D 117 -35.02 21.65 8.60
C VAL D 117 -33.69 22.10 9.21
N CYS D 118 -33.73 23.12 10.07
CA CYS D 118 -32.52 23.59 10.75
C CYS D 118 -31.87 22.47 11.57
N ARG D 119 -32.70 21.67 12.23
CA ARG D 119 -32.19 20.55 13.03
C ARG D 119 -31.37 19.57 12.18
N THR D 120 -31.92 19.15 11.05
CA THR D 120 -31.26 18.16 10.23
C THR D 120 -29.98 18.73 9.61
N ILE D 121 -30.00 20.01 9.23
CA ILE D 121 -28.80 20.66 8.69
C ILE D 121 -27.73 20.76 9.77
N ALA D 122 -28.15 21.11 10.99
CA ALA D 122 -27.22 21.26 12.10
C ALA D 122 -26.46 19.95 12.32
N ARG D 123 -27.18 18.84 12.22
CA ARG D 123 -26.57 17.52 12.35
C ARG D 123 -25.56 17.25 11.24
N ARG D 124 -25.88 17.66 10.01
CA ARG D 124 -24.92 17.53 8.92
C ARG D 124 -23.69 18.40 9.22
N ALA D 125 -23.91 19.60 9.75
CA ALA D 125 -22.82 20.48 10.16
C ALA D 125 -21.95 19.83 11.23
N LEU D 126 -22.60 19.19 12.18
CA LEU D 126 -21.88 18.50 13.26
C LEU D 126 -20.96 17.41 12.70
N ARG D 127 -21.44 16.60 11.76
CA ARG D 127 -20.63 15.54 11.18
C ARG D 127 -19.36 16.08 10.53
N LYS D 128 -19.48 17.24 9.87
CA LYS D 128 -18.32 17.85 9.22
C LYS D 128 -17.31 18.36 10.25
N VAL D 129 -17.81 19.00 11.30
CA VAL D 129 -16.94 19.49 12.37
C VAL D 129 -16.26 18.34 13.11
N LEU D 130 -17.00 17.25 13.33
CA LEU D 130 -16.42 16.07 13.97
C LEU D 130 -15.27 15.50 13.16
N THR D 131 -15.41 15.49 11.84
CA THR D 131 -14.33 15.06 10.96
C THR D 131 -13.09 15.93 11.19
N VAL D 132 -13.30 17.25 11.25
CA VAL D 132 -12.20 18.19 11.50
C VAL D 132 -11.53 17.89 12.85
N THR D 133 -12.34 17.69 13.88
CA THR D 133 -11.81 17.41 15.22
C THR D 133 -10.93 16.17 15.23
N ARG D 134 -11.39 15.11 14.60
CA ARG D 134 -10.64 13.86 14.58
C ARG D 134 -9.29 14.01 13.87
N GLU D 135 -9.22 14.91 12.89
CA GLU D 135 -7.99 15.09 12.12
C GLU D 135 -7.07 16.18 12.70
N PHE D 136 -7.66 17.22 13.27
CA PHE D 136 -6.87 18.38 13.70
C PHE D 136 -6.86 18.59 15.21
N GLY D 137 -7.73 17.89 15.92
CA GLY D 137 -7.76 17.99 17.36
C GLY D 137 -8.41 19.26 17.89
N ILE D 138 -9.21 19.91 17.04
CA ILE D 138 -9.82 21.17 17.43
C ILE D 138 -11.34 21.11 17.30
N GLY D 139 -12.03 22.02 17.98
CA GLY D 139 -13.47 22.19 17.79
C GLY D 139 -14.35 21.23 18.57
N ALA D 140 -13.78 20.53 19.56
CA ALA D 140 -14.56 19.60 20.37
C ALA D 140 -15.71 20.31 21.08
N GLU D 141 -15.46 21.51 21.59
CA GLU D 141 -16.50 22.32 22.23
C GLU D 141 -17.54 22.76 21.20
N ALA D 142 -17.08 23.14 20.01
CA ALA D 142 -18.00 23.53 18.95
C ALA D 142 -18.92 22.35 18.57
N ALA D 143 -18.34 21.15 18.54
CA ALA D 143 -19.10 19.95 18.24
C ALA D 143 -20.17 19.73 19.30
N ALA D 144 -19.78 19.88 20.57
CA ALA D 144 -20.71 19.75 21.69
C ALA D 144 -21.80 20.81 21.58
N TYR D 145 -21.40 22.03 21.22
CA TYR D 145 -22.35 23.12 21.02
C TYR D 145 -23.37 22.77 19.93
N LEU D 146 -22.88 22.33 18.77
CA LEU D 146 -23.75 21.97 17.66
C LEU D 146 -24.66 20.79 18.02
N LEU D 147 -24.12 19.84 18.78
CA LEU D 147 -24.92 18.73 19.27
C LEU D 147 -26.08 19.26 20.11
N ALA D 148 -25.76 20.09 21.09
CA ALA D 148 -26.78 20.69 21.95
C ALA D 148 -27.76 21.54 21.12
N LEU D 149 -27.24 22.21 20.10
CA LEU D 149 -28.07 23.03 19.22
C LEU D 149 -29.16 22.18 18.55
N SER D 150 -28.76 21.06 17.98
CA SER D 150 -29.71 20.20 17.29
C SER D 150 -30.78 19.72 18.27
N ASP D 151 -30.39 19.46 19.50
CA ASP D 151 -31.34 19.06 20.54
C ASP D 151 -32.34 20.20 20.84
N LEU D 152 -31.82 21.42 21.01
CA LEU D 152 -32.70 22.56 21.24
C LEU D 152 -33.67 22.82 20.07
N LEU D 153 -33.14 22.71 18.85
CA LEU D 153 -33.96 22.90 17.66
C LEU D 153 -35.08 21.86 17.60
N PHE D 154 -34.78 20.62 17.95
CA PHE D 154 -35.81 19.57 18.01
C PHE D 154 -36.94 20.00 18.94
N LEU D 155 -36.57 20.38 20.16
CA LEU D 155 -37.56 20.78 21.16
C LEU D 155 -38.40 21.97 20.70
N LEU D 156 -37.75 22.98 20.13
CA LEU D 156 -38.45 24.19 19.71
C LEU D 156 -39.52 23.88 18.68
N ALA D 157 -39.18 22.99 17.74
CA ALA D 157 -40.13 22.52 16.73
C ALA D 157 -41.34 21.87 17.38
N ARG D 158 -41.10 21.01 18.36
CA ARG D 158 -42.20 20.36 19.08
C ARG D 158 -43.02 21.37 19.88
N VAL D 159 -42.36 22.34 20.51
CA VAL D 159 -43.06 23.36 21.28
C VAL D 159 -44.02 24.14 20.39
N ILE D 160 -43.56 24.49 19.19
CA ILE D 160 -44.40 25.18 18.20
C ILE D 160 -45.67 24.38 17.93
N GLU D 161 -45.51 23.08 17.70
CA GLU D 161 -46.65 22.21 17.45
C GLU D 161 -47.57 22.10 18.67
N ILE D 162 -46.97 22.08 19.86
CA ILE D 162 -47.74 22.06 21.11
C ILE D 162 -48.58 23.33 21.24
N GLU D 163 -47.94 24.45 20.95
CA GLU D 163 -48.58 25.75 20.98
C GLU D 163 -49.74 25.86 19.99
N LEU D 164 -49.45 25.19 18.62
CA LEU D 164 -50.64 25.23 17.79
C LEU D 164 -51.74 24.37 18.40
N GLY D 165 -51.34 23.28 19.06
CA GLY D 165 -52.26 22.43 19.83
C GLY D 165 -53.08 23.25 20.82
N LYS D 166 -52.39 24.04 21.64
CA LYS D 166 -53.05 24.92 22.63
C LYS D 166 -54.02 25.94 22.00
N LYS D 167 -53.61 26.59 20.90
CA LYS D 167 -54.50 27.49 20.17
C LYS D 167 -55.74 26.77 19.60
N LEU D 168 -55.58 25.56 19.10
CA LEU D 168 -56.77 24.80 18.67
C LEU D 168 -57.69 24.45 19.85
N LEU D 169 -57.09 24.09 20.99
CA LEU D 169 -57.90 23.85 22.21
C LEU D 169 -58.69 25.11 22.61
N GLU D 170 -58.02 26.26 22.58
CA GLU D 170 -58.64 27.57 22.84
C GLU D 170 -59.78 27.94 21.90
N ALA D 171 -59.54 27.70 20.61
CA ALA D 171 -60.54 27.94 19.58
C ALA D 171 -61.80 27.13 19.87
N ALA D 172 -61.64 25.84 20.20
CA ALA D 172 -62.78 25.00 20.51
C ALA D 172 -63.52 25.49 21.77
N ARG D 173 -62.76 25.87 22.80
CA ARG D 173 -63.33 26.38 24.04
C ARG D 173 -64.02 27.72 23.83
N ALA D 174 -63.43 28.54 22.95
CA ALA D 174 -63.96 29.87 22.68
C ALA D 174 -65.23 29.81 21.84
N GLY D 175 -65.29 28.83 20.95
CA GLY D 175 -66.44 28.66 20.08
C GLY D 175 -66.24 29.28 18.72
N GLN D 176 -64.98 29.44 18.32
CA GLN D 176 -64.65 30.05 17.04
C GLN D 176 -64.57 29.01 15.94
N ASP D 177 -65.61 28.96 15.10
CA ASP D 177 -65.72 27.91 14.07
C ASP D 177 -64.65 28.02 12.98
N ASP D 178 -64.35 29.25 12.55
CA ASP D 178 -63.32 29.45 11.53
C ASP D 178 -61.93 29.27 12.10
N GLU D 179 -61.69 29.69 13.33
CA GLU D 179 -60.34 29.59 13.89
C GLU D 179 -59.92 28.12 13.90
N VAL D 180 -60.86 27.28 14.35
CA VAL D 180 -60.68 25.83 14.43
C VAL D 180 -60.34 25.24 13.06
N ARG D 181 -61.09 25.58 12.02
CA ARG D 181 -60.79 25.02 10.71
C ARG D 181 -59.42 25.47 10.18
N ILE D 182 -59.11 26.75 10.37
CA ILE D 182 -57.92 27.39 9.87
C ILE D 182 -56.70 26.75 10.55
N LEU D 183 -56.74 26.61 11.87
CA LEU D 183 -55.58 26.11 12.62
C LEU D 183 -55.21 24.69 12.14
N MET D 184 -56.23 23.86 11.95
CA MET D 184 -56.00 22.53 11.41
C MET D 184 -55.42 22.56 9.99
N ALA D 185 -55.97 23.42 9.13
CA ALA D 185 -55.42 23.58 7.78
C ALA D 185 -53.92 23.99 7.83
N ASN D 186 -53.56 24.78 8.84
CA ASN D 186 -52.18 25.21 9.01
C ASN D 186 -51.31 24.23 9.80
N GLY D 187 -51.85 23.05 10.09
CA GLY D 187 -51.05 22.04 10.80
C GLY D 187 -51.35 21.75 12.26
N ALA D 188 -52.29 22.46 12.89
CA ALA D 188 -52.63 22.14 14.32
C ALA D 188 -53.08 20.69 14.47
N ASP D 189 -52.62 20.03 15.52
CA ASP D 189 -52.94 18.60 15.84
C ASP D 189 -54.40 18.47 16.38
N VAL D 190 -55.30 17.87 15.58
CA VAL D 190 -56.69 17.75 15.98
C VAL D 190 -56.90 16.97 17.23
N ASN D 191 -55.89 16.17 17.60
CA ASN D 191 -55.94 15.36 18.77
C ASN D 191 -55.04 15.87 19.92
N ALA D 192 -54.65 17.16 19.86
CA ALA D 192 -53.93 17.79 20.97
C ALA D 192 -54.81 17.72 22.22
N HIS D 193 -54.21 17.79 23.39
CA HIS D 193 -55.02 17.75 24.59
C HIS D 193 -54.42 18.67 25.67
N ASP D 194 -55.25 19.12 26.61
CA ASP D 194 -54.79 19.92 27.71
C ASP D 194 -54.26 19.06 28.88
N ASP D 195 -53.95 19.71 30.01
CA ASP D 195 -53.38 18.98 31.13
C ASP D 195 -54.39 18.01 31.73
N GLN D 196 -55.67 18.27 31.45
CA GLN D 196 -56.83 17.50 31.89
C GLN D 196 -57.28 16.38 30.86
N GLY D 197 -56.51 16.22 29.78
CA GLY D 197 -56.80 15.18 28.78
C GLY D 197 -57.89 15.50 27.76
N SER D 198 -58.46 16.70 27.85
CA SER D 198 -59.54 17.10 26.97
C SER D 198 -58.95 17.56 25.64
N THR D 199 -59.47 17.02 24.55
CA THR D 199 -59.06 17.43 23.18
C THR D 199 -59.96 18.53 22.68
N PRO D 200 -59.57 19.20 21.56
CA PRO D 200 -60.55 20.19 21.01
C PRO D 200 -61.98 19.57 20.80
N LEU D 201 -62.05 18.27 20.51
CA LEU D 201 -63.37 17.62 20.33
C LEU D 201 -64.16 17.51 21.65
N HIS D 202 -63.50 17.11 22.76
CA HIS D 202 -64.13 17.12 24.09
C HIS D 202 -64.61 18.57 24.36
N LEU D 203 -63.75 19.56 24.10
CA LEU D 203 -64.17 20.94 24.41
C LEU D 203 -65.40 21.38 23.61
N ALA D 204 -65.43 21.07 22.33
CA ALA D 204 -66.62 21.39 21.52
C ALA D 204 -67.87 20.63 21.99
N ALA D 205 -67.70 19.36 22.37
CA ALA D 205 -68.87 18.56 22.84
C ALA D 205 -69.49 19.09 24.13
N TRP D 206 -68.65 19.53 25.07
CA TRP D 206 -69.11 20.03 26.35
C TRP D 206 -69.78 21.41 26.19
N ILE D 207 -69.12 22.31 25.46
CA ILE D 207 -69.62 23.69 25.36
C ILE D 207 -70.94 23.79 24.53
N GLY D 208 -71.06 23.00 23.46
CA GLY D 208 -72.29 23.00 22.67
C GLY D 208 -72.18 23.73 21.35
N HIS D 209 -71.12 23.44 20.60
CA HIS D 209 -70.93 23.99 19.27
C HIS D 209 -70.81 22.87 18.24
N PRO D 210 -71.94 22.36 17.73
CA PRO D 210 -71.96 21.29 16.74
C PRO D 210 -71.05 21.48 15.54
N GLU D 211 -70.96 22.71 15.05
CA GLU D 211 -70.15 22.97 13.85
C GLU D 211 -68.69 22.70 14.13
N ILE D 212 -68.24 23.03 15.32
CA ILE D 212 -66.86 22.71 15.62
C ILE D 212 -66.69 21.19 15.81
N VAL D 213 -67.69 20.58 16.46
CA VAL D 213 -67.59 19.11 16.71
C VAL D 213 -67.36 18.40 15.34
N GLU D 214 -68.19 18.80 14.35
CA GLU D 214 -68.18 18.28 12.97
C GLU D 214 -66.87 18.42 12.20
N VAL D 215 -66.27 19.60 12.17
CA VAL D 215 -65.00 19.77 11.44
C VAL D 215 -63.85 19.04 12.11
N LEU D 216 -63.86 19.00 13.45
CA LEU D 216 -62.81 18.23 14.16
C LEU D 216 -62.88 16.74 13.84
N LEU D 217 -64.11 16.18 13.81
CA LEU D 217 -64.25 14.73 13.49
C LEU D 217 -63.74 14.50 12.06
N LYS D 218 -64.12 15.40 11.18
CA LYS D 218 -63.76 15.40 9.77
C LYS D 218 -62.21 15.36 9.55
N HIS D 219 -61.47 16.05 10.42
CA HIS D 219 -60.01 16.08 10.27
C HIS D 219 -59.24 15.07 11.16
N GLY D 220 -59.95 14.03 11.61
CA GLY D 220 -59.32 12.90 12.32
C GLY D 220 -59.39 12.92 13.84
N ALA D 221 -60.21 13.77 14.42
CA ALA D 221 -60.32 13.74 15.88
C ALA D 221 -60.76 12.35 16.34
N ASP D 222 -60.16 11.82 17.39
CA ASP D 222 -60.55 10.51 17.91
C ASP D 222 -61.85 10.66 18.75
N VAL D 223 -62.97 10.21 18.17
CA VAL D 223 -64.30 10.32 18.73
C VAL D 223 -64.40 9.60 20.08
N ASN D 224 -63.48 8.67 20.34
CA ASN D 224 -63.53 7.91 21.56
C ASN D 224 -62.32 8.17 22.47
N ALA D 225 -61.63 9.31 22.27
CA ALA D 225 -60.52 9.66 23.19
C ALA D 225 -61.05 9.83 24.63
N ARG D 226 -60.28 9.39 25.62
CA ARG D 226 -60.69 9.57 27.03
C ARG D 226 -59.95 10.72 27.65
N ASP D 227 -60.63 11.59 28.40
CA ASP D 227 -59.91 12.61 29.20
C ASP D 227 -59.44 12.05 30.56
N THR D 228 -58.95 12.83 31.51
CA THR D 228 -58.48 12.17 32.73
C THR D 228 -59.60 11.56 33.63
N ASP D 229 -60.84 11.87 33.32
CA ASP D 229 -61.96 11.33 34.08
C ASP D 229 -62.53 10.10 33.40
N GLY D 230 -61.92 9.71 32.30
CA GLY D 230 -62.36 8.51 31.57
C GLY D 230 -63.47 8.89 30.61
N TRP D 231 -63.79 10.19 30.53
CA TRP D 231 -64.91 10.62 29.60
C TRP D 231 -64.53 10.79 28.10
N THR D 232 -65.44 10.35 27.20
CA THR D 232 -65.32 10.61 25.78
C THR D 232 -66.13 11.86 25.51
N PRO D 233 -65.92 12.51 24.33
CA PRO D 233 -66.80 13.58 23.90
C PRO D 233 -68.31 13.23 23.98
N LEU D 234 -68.65 11.95 23.78
CA LEU D 234 -70.07 11.52 23.90
C LEU D 234 -70.61 11.58 25.33
N HIS D 235 -69.81 11.20 26.32
CA HIS D 235 -70.21 11.37 27.71
C HIS D 235 -70.51 12.87 27.98
N LEU D 236 -69.63 13.74 27.52
CA LEU D 236 -69.81 15.21 27.73
C LEU D 236 -71.09 15.74 27.11
N ALA D 237 -71.29 15.42 25.83
CA ALA D 237 -72.48 15.83 25.12
C ALA D 237 -73.75 15.27 25.72
N ALA D 238 -73.73 13.98 26.09
CA ALA D 238 -74.93 13.32 26.68
C ALA D 238 -75.35 13.95 28.01
N ASP D 239 -74.37 14.26 28.84
CA ASP D 239 -74.59 14.83 30.21
C ASP D 239 -75.13 16.26 30.13
N ASN D 240 -74.67 17.02 29.16
CA ASN D 240 -75.05 18.43 29.05
C ASN D 240 -76.22 18.72 28.12
N GLY D 241 -76.94 17.69 27.66
CA GLY D 241 -78.17 17.92 26.90
C GLY D 241 -77.95 18.32 25.46
N HIS D 242 -76.74 18.06 24.96
CA HIS D 242 -76.40 18.46 23.62
C HIS D 242 -76.84 17.39 22.58
N LEU D 243 -78.12 17.37 22.30
CA LEU D 243 -78.74 16.34 21.46
C LEU D 243 -78.09 16.27 20.06
N GLU D 244 -77.97 17.40 19.39
CA GLU D 244 -77.41 17.41 18.03
C GLU D 244 -75.98 16.84 17.96
N ILE D 245 -75.15 17.19 18.95
CA ILE D 245 -73.77 16.69 19.05
C ILE D 245 -73.64 15.19 19.31
N VAL D 246 -74.52 14.71 20.18
CA VAL D 246 -74.62 13.27 20.46
C VAL D 246 -74.86 12.47 19.14
N GLU D 247 -75.78 12.96 18.32
CA GLU D 247 -76.14 12.31 17.02
C GLU D 247 -74.92 12.25 16.13
N VAL D 248 -74.23 13.39 16.02
CA VAL D 248 -73.04 13.50 15.18
C VAL D 248 -71.93 12.55 15.66
N LEU D 249 -71.67 12.55 16.97
CA LEU D 249 -70.59 11.70 17.52
C LEU D 249 -70.86 10.22 17.23
N LEU D 250 -72.12 9.81 17.38
CA LEU D 250 -72.45 8.44 17.07
C LEU D 250 -72.21 8.16 15.56
N LYS D 251 -72.53 9.11 14.71
CA LYS D 251 -72.36 8.88 13.25
C LYS D 251 -70.92 8.55 12.88
N TYR D 252 -69.96 9.19 13.56
CA TYR D 252 -68.55 9.01 13.31
C TYR D 252 -67.89 7.92 14.22
N GLY D 253 -68.71 7.06 14.78
CA GLY D 253 -68.22 5.86 15.45
C GLY D 253 -68.04 5.91 16.98
N ALA D 254 -68.62 6.90 17.68
CA ALA D 254 -68.54 6.93 19.15
C ALA D 254 -69.11 5.65 19.70
N ASP D 255 -68.47 5.21 20.76
CA ASP D 255 -68.78 3.99 21.47
C ASP D 255 -69.88 4.39 22.44
N VAL D 256 -71.11 4.00 22.07
CA VAL D 256 -72.29 4.36 22.82
C VAL D 256 -72.35 3.82 24.26
N ASN D 257 -71.53 2.81 24.48
CA ASN D 257 -71.46 2.16 25.79
C ASN D 257 -70.09 2.34 26.48
N ALA D 258 -69.31 3.32 26.03
CA ALA D 258 -68.03 3.66 26.71
C ALA D 258 -68.27 4.03 28.16
N GLN D 259 -67.46 3.42 29.06
CA GLN D 259 -67.63 3.63 30.53
C GLN D 259 -66.56 4.56 31.02
N ASP D 260 -66.90 5.53 31.87
CA ASP D 260 -65.81 6.40 32.43
C ASP D 260 -65.13 5.75 33.63
N ALA D 261 -64.34 6.54 34.38
CA ALA D 261 -63.61 6.03 35.51
C ALA D 261 -64.46 5.34 36.58
N TYR D 262 -65.71 5.73 36.63
CA TYR D 262 -66.63 5.23 37.65
C TYR D 262 -67.60 4.19 37.10
N GLY D 263 -67.38 3.78 35.86
CA GLY D 263 -68.31 2.86 35.15
C GLY D 263 -69.52 3.50 34.47
N LEU D 264 -69.60 4.83 34.41
CA LEU D 264 -70.81 5.40 33.80
C LEU D 264 -70.72 5.45 32.26
N THR D 265 -71.85 5.15 31.64
CA THR D 265 -71.96 5.29 30.22
C THR D 265 -72.68 6.62 29.91
N PRO D 266 -72.63 7.07 28.64
CA PRO D 266 -73.36 8.29 28.26
C PRO D 266 -74.81 8.08 28.53
N LEU D 267 -75.25 6.82 28.57
CA LEU D 267 -76.69 6.55 28.87
C LEU D 267 -77.02 6.80 30.32
N HIS D 268 -76.18 6.30 31.23
CA HIS D 268 -76.37 6.58 32.66
C HIS D 268 -76.40 8.12 32.89
N LEU D 269 -75.49 8.86 32.22
CA LEU D 269 -75.44 10.32 32.34
C LEU D 269 -76.68 10.97 31.78
N ALA D 270 -77.10 10.60 30.57
CA ALA D 270 -78.35 11.17 30.01
C ALA D 270 -79.59 10.83 30.84
N ALA D 271 -79.65 9.62 31.37
CA ALA D 271 -80.75 9.13 32.20
C ALA D 271 -80.85 9.93 33.47
N ASP D 272 -79.72 10.04 34.19
CA ASP D 272 -79.75 10.70 35.48
C ASP D 272 -80.13 12.18 35.27
N ARG D 273 -79.70 12.79 34.17
CA ARG D 273 -80.00 14.21 33.92
C ARG D 273 -81.41 14.40 33.37
N GLY D 274 -82.08 13.28 33.09
CA GLY D 274 -83.40 13.36 32.45
C GLY D 274 -83.39 13.79 30.97
N HIS D 275 -82.29 13.61 30.25
CA HIS D 275 -82.24 14.04 28.85
C HIS D 275 -82.87 13.02 27.91
N LEU D 276 -84.20 12.93 27.94
CA LEU D 276 -84.97 11.88 27.18
C LEU D 276 -84.71 11.75 25.66
N GLU D 277 -84.55 12.85 24.96
CA GLU D 277 -84.31 12.76 23.52
C GLU D 277 -82.95 12.08 23.29
N ILE D 278 -81.95 12.46 24.10
CA ILE D 278 -80.66 11.81 23.97
C ILE D 278 -80.73 10.30 24.34
N VAL D 279 -81.49 9.98 25.38
CA VAL D 279 -81.67 8.59 25.85
C VAL D 279 -82.19 7.78 24.63
N GLU D 280 -83.16 8.35 23.92
CA GLU D 280 -83.74 7.70 22.73
C GLU D 280 -82.71 7.44 21.64
N VAL D 281 -81.85 8.44 21.39
CA VAL D 281 -80.80 8.34 20.40
C VAL D 281 -79.77 7.28 20.76
N LEU D 282 -79.34 7.31 22.01
CA LEU D 282 -78.36 6.34 22.56
C LEU D 282 -78.88 4.90 22.48
N LEU D 283 -80.14 4.71 22.86
CA LEU D 283 -80.76 3.41 22.83
C LEU D 283 -80.85 2.87 21.37
N LYS D 284 -81.24 3.73 20.44
CA LYS D 284 -81.32 3.34 19.00
C LYS D 284 -79.91 2.85 18.50
N HIS D 285 -78.82 3.41 19.03
CA HIS D 285 -77.46 2.98 18.61
C HIS D 285 -76.85 1.84 19.45
N GLY D 286 -77.67 1.17 20.25
CA GLY D 286 -77.26 -0.05 20.94
C GLY D 286 -76.84 0.19 22.39
N ALA D 287 -77.16 1.36 22.94
CA ALA D 287 -76.85 1.60 24.38
C ALA D 287 -77.53 0.56 25.23
N ASP D 288 -76.84 0.05 26.24
CA ASP D 288 -77.39 -1.03 27.07
C ASP D 288 -78.00 -0.47 28.36
N VAL D 289 -79.32 -0.48 28.40
CA VAL D 289 -80.05 0.06 29.52
C VAL D 289 -79.78 -0.72 30.81
N ASN D 290 -79.28 -1.96 30.67
CA ASN D 290 -79.00 -2.81 31.85
C ASN D 290 -77.53 -2.81 32.31
N ALA D 291 -76.71 -2.00 31.67
CA ALA D 291 -75.30 -1.89 32.10
C ALA D 291 -75.17 -1.34 33.53
N GLN D 292 -74.23 -1.85 34.31
CA GLN D 292 -74.12 -1.42 35.70
C GLN D 292 -72.84 -0.59 35.75
N ASP D 293 -72.89 0.51 36.49
CA ASP D 293 -71.65 1.23 36.74
C ASP D 293 -70.93 0.56 37.89
N LYS D 294 -69.83 1.11 38.35
CA LYS D 294 -69.13 0.51 39.48
C LYS D 294 -69.91 0.56 40.79
N PHE D 295 -70.91 1.42 40.91
CA PHE D 295 -71.74 1.45 42.11
C PHE D 295 -72.83 0.35 42.08
N GLY D 296 -73.26 -0.06 40.88
CA GLY D 296 -74.26 -1.16 40.74
C GLY D 296 -75.51 -0.68 40.06
N LYS D 297 -75.53 0.63 39.73
CA LYS D 297 -76.71 1.22 39.11
C LYS D 297 -76.75 1.08 37.62
N THR D 298 -77.96 0.78 37.14
CA THR D 298 -78.22 0.73 35.72
C THR D 298 -78.98 2.01 35.38
N ALA D 299 -78.98 2.34 34.08
CA ALA D 299 -79.78 3.47 33.56
C ALA D 299 -81.27 3.34 33.86
N PHE D 300 -81.83 2.17 33.68
CA PHE D 300 -83.19 2.03 34.12
C PHE D 300 -83.40 2.21 35.63
N ASP D 301 -82.56 1.57 36.46
CA ASP D 301 -82.77 1.67 37.90
C ASP D 301 -82.71 3.13 38.32
N ILE D 302 -81.85 3.91 37.67
CA ILE D 302 -81.76 5.35 37.89
C ILE D 302 -83.09 6.02 37.53
N SER D 303 -83.72 5.67 36.40
CA SER D 303 -84.98 6.36 36.13
C SER D 303 -86.02 6.09 37.27
N ILE D 304 -85.96 4.88 37.80
CA ILE D 304 -86.82 4.48 38.90
C ILE D 304 -86.42 5.24 40.19
N ASP D 305 -85.14 5.26 40.56
CA ASP D 305 -84.73 6.02 41.75
C ASP D 305 -85.08 7.51 41.72
N ASN D 306 -85.02 8.14 40.55
CA ASN D 306 -85.37 9.55 40.42
C ASN D 306 -86.87 9.81 40.29
N GLY D 307 -87.69 8.75 40.24
CA GLY D 307 -89.16 8.90 40.13
C GLY D 307 -89.59 9.38 38.76
N ASN D 308 -88.77 9.12 37.74
CA ASN D 308 -89.07 9.61 36.39
C ASN D 308 -89.85 8.56 35.52
N GLU D 309 -91.17 8.66 35.54
CA GLU D 309 -91.99 7.62 34.94
C GLU D 309 -91.79 7.56 33.42
N ASP D 310 -91.71 8.71 32.77
CA ASP D 310 -91.50 8.78 31.32
C ASP D 310 -90.13 8.22 30.88
N LEU D 311 -89.09 8.54 31.65
CA LEU D 311 -87.77 7.97 31.30
C LEU D 311 -87.79 6.45 31.46
N ALA D 312 -88.42 5.97 32.53
CA ALA D 312 -88.48 4.53 32.80
C ALA D 312 -89.15 3.78 31.66
N GLU D 313 -90.04 4.47 30.95
CA GLU D 313 -90.73 3.89 29.81
C GLU D 313 -89.79 3.77 28.60
N ILE D 314 -89.02 4.81 28.37
CA ILE D 314 -88.10 4.85 27.23
C ILE D 314 -86.97 3.84 27.42
N LEU D 315 -86.52 3.67 28.65
CA LEU D 315 -85.48 2.66 28.98
C LEU D 315 -85.94 1.19 29.15
N GLN D 316 -87.24 0.89 28.94
CA GLN D 316 -87.77 -0.49 29.11
C GLN D 316 -88.98 -0.77 28.22
N PRO E 2 -0.26 41.54 -5.74
CA PRO E 2 -0.08 40.90 -7.05
C PRO E 2 0.59 41.81 -8.08
N HIS E 3 1.17 41.21 -9.11
CA HIS E 3 1.82 41.95 -10.18
C HIS E 3 1.19 41.58 -11.53
N LEU E 4 0.69 42.59 -12.24
CA LEU E 4 0.09 42.38 -13.55
C LEU E 4 0.83 43.16 -14.63
N VAL E 5 1.21 42.48 -15.71
CA VAL E 5 1.86 43.15 -16.85
C VAL E 5 0.99 43.05 -18.10
N ILE E 6 0.77 44.16 -18.77
CA ILE E 6 0.02 44.17 -20.02
C ILE E 6 0.89 44.63 -21.18
N GLU E 7 1.06 43.77 -22.18
CA GLU E 7 1.89 44.09 -23.34
C GLU E 7 1.04 44.18 -24.61
N ALA E 8 1.19 45.29 -25.33
CA ALA E 8 0.45 45.50 -26.57
C ALA E 8 1.40 45.86 -27.70
N THR E 9 1.13 45.34 -28.89
CA THR E 9 1.92 45.72 -30.06
C THR E 9 1.69 47.20 -30.35
N ALA E 10 2.72 47.86 -30.89
CA ALA E 10 2.63 49.29 -31.24
C ALA E 10 1.52 49.60 -32.24
N ASN E 11 1.15 48.63 -33.06
CA ASN E 11 0.10 48.83 -34.06
C ASN E 11 -1.30 48.50 -33.53
N LEU E 12 -1.38 48.23 -32.23
CA LEU E 12 -2.67 47.94 -31.61
C LEU E 12 -3.33 49.20 -31.07
N ARG E 13 -4.56 49.46 -31.50
CA ARG E 13 -5.30 50.65 -31.07
C ARG E 13 -6.24 50.32 -29.90
N LEU E 14 -6.19 51.16 -28.88
CA LEU E 14 -7.07 51.04 -27.72
C LEU E 14 -8.14 52.13 -27.73
N GLU E 15 -9.28 51.85 -27.13
CA GLU E 15 -10.33 52.85 -26.95
C GLU E 15 -10.00 53.79 -25.80
N THR E 16 -9.07 53.37 -24.95
CA THR E 16 -8.67 54.14 -23.79
C THR E 16 -7.15 54.23 -23.69
N SER E 17 -6.67 55.08 -22.79
CA SER E 17 -5.24 55.21 -22.55
C SER E 17 -4.71 54.02 -21.76
N PRO E 18 -3.41 53.73 -21.89
CA PRO E 18 -2.76 52.72 -21.05
C PRO E 18 -3.09 52.89 -19.57
N GLY E 19 -3.11 54.14 -19.10
CA GLY E 19 -3.44 54.44 -17.71
C GLY E 19 -4.85 53.98 -17.33
N GLU E 20 -5.83 54.34 -18.15
CA GLU E 20 -7.21 53.97 -17.90
C GLU E 20 -7.37 52.45 -17.87
N LEU E 21 -6.66 51.77 -18.77
CA LEU E 21 -6.70 50.31 -18.82
C LEU E 21 -6.13 49.70 -17.54
N LEU E 22 -5.00 50.22 -17.08
CA LEU E 22 -4.38 49.73 -15.85
C LEU E 22 -5.31 49.96 -14.65
N GLU E 23 -5.96 51.11 -14.62
CA GLU E 23 -6.91 51.42 -13.56
C GLU E 23 -8.10 50.47 -13.56
N GLN E 24 -8.66 50.22 -14.73
CA GLN E 24 -9.77 49.27 -14.85
C GLN E 24 -9.31 47.87 -14.48
N ALA E 25 -8.09 47.51 -14.92
CA ALA E 25 -7.54 46.21 -14.60
C ALA E 25 -7.38 46.03 -13.10
N ASN E 26 -6.88 47.07 -12.42
CA ASN E 26 -6.73 47.01 -10.98
C ASN E 26 -8.10 46.89 -10.28
N LYS E 27 -9.10 47.59 -10.79
CA LYS E 27 -10.46 47.44 -10.26
C LYS E 27 -10.99 46.02 -10.46
N ALA E 28 -10.73 45.45 -11.64
CA ALA E 28 -11.16 44.08 -11.92
C ALA E 28 -10.54 43.09 -10.95
N LEU E 29 -9.26 43.30 -10.62
CA LEU E 29 -8.57 42.47 -9.66
C LEU E 29 -9.13 42.67 -8.25
N PHE E 30 -9.33 43.92 -7.87
CA PHE E 30 -9.84 44.21 -6.53
C PHE E 30 -11.23 43.61 -6.33
N ALA E 31 -12.08 43.74 -7.36
CA ALA E 31 -13.46 43.26 -7.28
C ALA E 31 -13.54 41.76 -7.04
N SER E 32 -12.42 41.07 -7.20
CA SER E 32 -12.40 39.61 -6.99
C SER E 32 -12.49 39.29 -5.50
N GLY E 33 -12.17 40.28 -4.66
CA GLY E 33 -12.12 40.08 -3.22
C GLY E 33 -10.85 39.38 -2.76
N GLN E 34 -9.93 39.13 -3.69
CA GLN E 34 -8.70 38.41 -3.39
C GLN E 34 -7.58 39.32 -2.90
N PHE E 35 -7.69 40.61 -3.14
CA PHE E 35 -6.56 41.52 -2.99
C PHE E 35 -6.87 42.77 -2.18
N GLY E 36 -5.86 43.25 -1.46
CA GLY E 36 -5.91 44.56 -0.86
C GLY E 36 -5.68 45.59 -1.94
N GLU E 37 -6.45 46.67 -1.91
CA GLU E 37 -6.39 47.73 -2.90
C GLU E 37 -4.97 48.25 -3.11
N ALA E 38 -4.28 48.56 -2.02
CA ALA E 38 -2.95 49.19 -2.07
C ALA E 38 -1.84 48.29 -2.62
N ASP E 39 -2.09 46.99 -2.72
CA ASP E 39 -1.06 46.02 -3.12
C ASP E 39 -1.04 45.71 -4.62
N ILE E 40 -2.09 46.13 -5.32
CA ILE E 40 -2.26 45.74 -6.72
C ILE E 40 -1.37 46.58 -7.63
N LYS E 41 -0.32 45.98 -8.16
CA LYS E 41 0.69 46.70 -8.92
C LYS E 41 0.68 46.21 -10.36
N SER E 42 0.34 47.10 -11.29
CA SER E 42 0.30 46.74 -12.71
C SER E 42 1.07 47.74 -13.56
N ARG E 43 1.55 47.28 -14.71
CA ARG E 43 2.24 48.16 -15.66
C ARG E 43 1.91 47.75 -17.08
N PHE E 44 2.02 48.71 -18.00
CA PHE E 44 1.67 48.52 -19.40
C PHE E 44 2.89 48.81 -20.27
N VAL E 45 3.16 47.95 -21.23
CA VAL E 45 4.31 48.09 -22.12
C VAL E 45 3.90 48.05 -23.58
N THR E 46 4.42 48.98 -24.37
CA THR E 46 4.19 48.96 -25.82
C THR E 46 5.35 48.26 -26.52
N LEU E 47 5.03 47.28 -27.36
CA LEU E 47 6.04 46.51 -28.06
C LEU E 47 6.32 47.12 -29.42
N GLU E 48 7.56 47.57 -29.62
CA GLU E 48 7.96 48.16 -30.89
C GLU E 48 8.56 47.14 -31.85
N ALA E 49 9.20 46.10 -31.32
CA ALA E 49 9.82 45.07 -32.16
C ALA E 49 9.11 43.75 -31.94
N TYR E 50 8.28 43.36 -32.89
CA TYR E 50 7.39 42.21 -32.72
C TYR E 50 7.12 41.58 -34.09
N ARG E 51 6.76 40.30 -34.07
CA ARG E 51 6.29 39.57 -35.23
C ARG E 51 5.29 38.53 -34.78
N GLN E 52 4.13 38.48 -35.45
CA GLN E 52 3.13 37.48 -35.14
C GLN E 52 2.99 36.53 -36.31
N GLY E 53 3.34 35.27 -36.10
CA GLY E 53 3.35 34.29 -37.15
C GLY E 53 4.49 34.45 -38.13
N THR E 54 4.31 33.88 -39.32
CA THR E 54 5.34 33.89 -40.34
C THR E 54 4.79 34.43 -41.66
N ALA E 55 3.47 34.41 -41.79
CA ALA E 55 2.81 34.89 -43.00
C ALA E 55 2.89 36.41 -43.11
N ALA E 56 2.88 36.90 -44.34
CA ALA E 56 2.92 38.34 -44.61
C ALA E 56 1.57 38.96 -44.33
N VAL E 57 1.15 38.92 -43.07
CA VAL E 57 -0.15 39.45 -42.65
C VAL E 57 0.08 40.48 -41.55
N GLU E 58 -0.61 41.61 -41.65
CA GLU E 58 -0.48 42.67 -40.64
C GLU E 58 -1.34 42.35 -39.42
N ARG E 59 -0.69 42.09 -38.29
CA ARG E 59 -1.37 41.61 -37.09
C ARG E 59 -0.96 42.39 -35.84
N ALA E 60 -1.89 42.45 -34.89
CA ALA E 60 -1.69 43.10 -33.60
C ALA E 60 -2.08 42.14 -32.49
N TYR E 61 -1.46 42.23 -31.32
CA TYR E 61 -1.86 41.36 -30.23
C TYR E 61 -1.75 42.05 -28.87
N LEU E 62 -2.47 41.47 -27.91
CA LEU E 62 -2.55 42.00 -26.55
C LEU E 62 -2.48 40.81 -25.59
N HIS E 63 -1.47 40.81 -24.72
CA HIS E 63 -1.31 39.72 -23.76
C HIS E 63 -0.96 40.26 -22.39
N ALA E 64 -1.51 39.62 -21.36
CA ALA E 64 -1.20 39.98 -19.99
C ALA E 64 -0.85 38.75 -19.18
N CYS E 65 0.03 38.94 -18.19
CA CYS E 65 0.37 37.89 -17.26
C CYS E 65 0.12 38.34 -15.83
N LEU E 66 -0.75 37.64 -15.12
CA LEU E 66 -1.03 37.97 -13.72
C LEU E 66 -0.23 37.07 -12.79
N SER E 67 0.58 37.70 -11.94
CA SER E 67 1.43 37.00 -10.99
C SER E 67 0.91 37.18 -9.57
N ILE E 68 0.55 36.07 -8.94
CA ILE E 68 0.00 36.10 -7.58
C ILE E 68 0.79 35.14 -6.70
N LEU E 69 0.72 35.34 -5.38
CA LEU E 69 1.24 34.35 -4.44
C LEU E 69 0.36 33.10 -4.47
N ASP E 70 0.97 31.93 -4.35
CA ASP E 70 0.21 30.68 -4.41
C ASP E 70 -0.84 30.58 -3.28
N GLY E 71 -1.83 29.71 -3.46
CA GLY E 71 -2.82 29.51 -2.43
C GLY E 71 -4.26 29.58 -2.93
N ARG E 72 -4.44 30.21 -4.08
CA ARG E 72 -5.77 30.28 -4.68
C ARG E 72 -6.09 29.02 -5.48
N ASP E 73 -7.36 28.70 -5.62
CA ASP E 73 -7.74 27.50 -6.36
C ASP E 73 -7.84 27.78 -7.86
N ILE E 74 -8.24 26.76 -8.60
CA ILE E 74 -8.38 26.87 -10.05
C ILE E 74 -9.51 27.81 -10.46
N ALA E 75 -10.66 27.73 -9.78
CA ALA E 75 -11.80 28.57 -10.14
C ALA E 75 -11.44 30.05 -10.03
N THR E 76 -10.70 30.39 -8.98
CA THR E 76 -10.27 31.77 -8.75
C THR E 76 -9.33 32.26 -9.84
N ARG E 77 -8.29 31.48 -10.11
CA ARG E 77 -7.33 31.87 -11.15
C ARG E 77 -8.03 31.95 -12.50
N THR E 78 -8.93 31.01 -12.77
CA THR E 78 -9.67 30.99 -14.02
C THR E 78 -10.58 32.22 -14.15
N LEU E 79 -11.28 32.56 -13.07
CA LEU E 79 -12.15 33.72 -13.09
C LEU E 79 -11.34 35.01 -13.28
N LEU E 80 -10.19 35.10 -12.61
CA LEU E 80 -9.30 36.25 -12.73
C LEU E 80 -8.81 36.44 -14.16
N GLY E 81 -8.41 35.35 -14.80
CA GLY E 81 -7.99 35.38 -16.18
C GLY E 81 -9.11 35.84 -17.09
N ALA E 82 -10.30 35.25 -16.93
CA ALA E 82 -11.46 35.63 -17.71
C ALA E 82 -11.83 37.09 -17.48
N SER E 83 -11.74 37.53 -16.23
CA SER E 83 -12.07 38.90 -15.87
C SER E 83 -11.18 39.91 -16.59
N LEU E 84 -9.87 39.67 -16.49
CA LEU E 84 -8.89 40.54 -17.14
C LEU E 84 -9.04 40.52 -18.66
N CYS E 85 -9.22 39.35 -19.23
CA CYS E 85 -9.36 39.22 -20.68
C CYS E 85 -10.57 39.99 -21.19
N ALA E 86 -11.68 39.94 -20.44
CA ALA E 86 -12.87 40.70 -20.79
C ALA E 86 -12.57 42.21 -20.78
N VAL E 87 -11.90 42.66 -19.73
CA VAL E 87 -11.52 44.07 -19.61
C VAL E 87 -10.57 44.48 -20.74
N LEU E 88 -9.53 43.69 -20.95
CA LEU E 88 -8.57 43.99 -22.02
C LEU E 88 -9.22 43.95 -23.40
N ALA E 89 -10.05 42.95 -23.65
CA ALA E 89 -10.68 42.80 -24.96
C ALA E 89 -11.56 44.00 -25.29
N GLU E 90 -12.32 44.47 -24.31
CA GLU E 90 -13.17 45.64 -24.51
C GLU E 90 -12.34 46.88 -24.84
N ALA E 91 -11.12 46.96 -24.30
CA ALA E 91 -10.27 48.13 -24.50
C ALA E 91 -9.69 48.20 -25.91
N VAL E 92 -9.82 47.12 -26.67
CA VAL E 92 -9.22 47.03 -28.00
C VAL E 92 -10.10 47.65 -29.09
N ALA E 93 -9.54 48.61 -29.84
CA ALA E 93 -10.28 49.23 -30.94
C ALA E 93 -10.02 48.47 -32.24
N GLY E 94 -8.80 47.98 -32.41
CA GLY E 94 -8.41 47.26 -33.61
C GLY E 94 -6.91 47.29 -33.85
N GLY E 95 -6.48 46.71 -34.96
CA GLY E 95 -5.07 46.70 -35.31
C GLY E 95 -4.76 45.67 -36.37
N GLY E 96 -3.82 46.00 -37.26
CA GLY E 96 -3.51 45.14 -38.37
C GLY E 96 -4.64 45.05 -39.38
N GLU E 97 -4.69 43.96 -40.13
CA GLU E 97 -5.71 43.77 -41.16
C GLU E 97 -6.71 42.69 -40.76
N GLU E 98 -6.62 42.22 -39.52
CA GLU E 98 -7.50 41.16 -39.05
C GLU E 98 -7.74 41.26 -37.55
N GLY E 99 -8.53 40.32 -37.02
CA GLY E 99 -8.89 40.34 -35.61
C GLY E 99 -7.69 40.29 -34.68
N VAL E 100 -7.84 40.93 -33.53
CA VAL E 100 -6.75 41.07 -32.56
C VAL E 100 -6.85 39.99 -31.48
N GLN E 101 -5.78 39.24 -31.28
CA GLN E 101 -5.77 38.20 -30.25
C GLN E 101 -5.51 38.82 -28.88
N VAL E 102 -6.42 38.55 -27.96
CA VAL E 102 -6.31 39.02 -26.60
C VAL E 102 -6.24 37.81 -25.68
N SER E 103 -5.21 37.73 -24.85
CA SER E 103 -5.03 36.58 -23.98
C SER E 103 -4.47 36.98 -22.61
N VAL E 104 -4.77 36.17 -21.60
CA VAL E 104 -4.27 36.36 -20.25
C VAL E 104 -3.84 35.04 -19.64
N GLU E 105 -2.65 35.03 -19.04
CA GLU E 105 -2.19 33.88 -18.27
C GLU E 105 -2.11 34.23 -16.79
N VAL E 106 -2.28 33.24 -15.92
CA VAL E 106 -2.11 33.47 -14.50
C VAL E 106 -1.07 32.50 -13.96
N ARG E 107 -0.09 33.03 -13.24
CA ARG E 107 0.94 32.17 -12.65
C ARG E 107 1.06 32.44 -11.15
N GLU E 108 1.63 31.47 -10.44
CA GLU E 108 1.80 31.58 -8.99
C GLU E 108 3.26 31.74 -8.59
N MET E 109 3.49 32.59 -7.62
CA MET E 109 4.81 32.79 -7.06
C MET E 109 4.95 31.87 -5.86
N GLU E 110 6.16 31.37 -5.63
CA GLU E 110 6.43 30.63 -4.41
C GLU E 110 6.33 31.54 -3.19
N ARG E 111 5.37 31.29 -2.32
CA ARG E 111 5.15 32.13 -1.14
C ARG E 111 6.34 32.08 -0.18
N LEU E 112 6.85 30.87 0.07
CA LEU E 112 7.88 30.68 1.10
C LEU E 112 9.17 31.46 0.85
N SER E 113 9.56 31.59 -0.41
CA SER E 113 10.81 32.29 -0.73
C SER E 113 10.60 33.77 -1.03
N TYR E 114 9.34 34.20 -0.99
CA TYR E 114 8.96 35.56 -1.36
C TYR E 114 9.41 36.59 -0.32
N ALA E 115 10.03 37.67 -0.78
CA ALA E 115 10.52 38.70 0.12
C ALA E 115 9.76 40.00 -0.10
N LYS E 116 9.45 40.69 0.99
CA LYS E 116 8.72 41.95 0.92
C LYS E 116 9.15 42.89 2.05
N ARG E 117 9.35 44.16 1.69
CA ARG E 117 9.57 45.23 2.65
C ARG E 117 8.93 46.52 2.17
N VAL E 118 8.71 47.46 3.08
CA VAL E 118 8.24 48.78 2.72
C VAL E 118 9.26 49.82 3.18
N VAL E 119 9.69 50.68 2.25
CA VAL E 119 10.69 51.69 2.54
C VAL E 119 10.03 53.02 2.88
N PRO F 2 -3.54 17.92 37.56
CA PRO F 2 -3.56 16.47 37.77
C PRO F 2 -4.24 16.04 39.07
N HIS F 3 -4.67 14.78 39.13
CA HIS F 3 -5.32 14.24 40.31
C HIS F 3 -4.54 13.04 40.83
N LEU F 4 -4.20 13.07 42.11
CA LEU F 4 -3.51 11.96 42.73
C LEU F 4 -4.28 11.43 43.94
N VAL F 5 -4.52 10.12 43.96
CA VAL F 5 -5.17 9.47 45.08
C VAL F 5 -4.20 8.48 45.73
N ILE F 6 -4.05 8.57 47.04
CA ILE F 6 -3.22 7.62 47.77
C ILE F 6 -4.10 6.80 48.71
N GLU F 7 -4.07 5.48 48.54
CA GLU F 7 -4.88 4.57 49.36
C GLU F 7 -3.99 3.69 50.21
N ALA F 8 -4.24 3.67 51.52
CA ALA F 8 -3.48 2.85 52.44
C ALA F 8 -4.41 2.01 53.32
N THR F 9 -4.01 0.78 53.60
CA THR F 9 -4.74 -0.05 54.56
C THR F 9 -4.63 0.55 55.96
N ALA F 10 -5.69 0.39 56.75
CA ALA F 10 -5.69 0.87 58.14
C ALA F 10 -4.57 0.30 59.00
N ASN F 11 -4.08 -0.90 58.67
CA ASN F 11 -3.03 -1.53 59.45
C ASN F 11 -1.62 -1.15 58.96
N LEU F 12 -1.55 -0.20 58.03
CA LEU F 12 -0.26 0.25 57.52
C LEU F 12 0.30 1.41 58.33
N ARG F 13 1.52 1.25 58.81
CA ARG F 13 2.17 2.28 59.62
C ARG F 13 3.04 3.20 58.75
N LEU F 14 2.83 4.50 58.89
CA LEU F 14 3.63 5.49 58.17
C LEU F 14 4.65 6.16 59.09
N GLU F 15 5.76 6.60 58.50
CA GLU F 15 6.73 7.42 59.21
C GLU F 15 6.23 8.85 59.40
N THR F 16 5.37 9.30 58.50
CA THR F 16 4.81 10.65 58.58
C THR F 16 3.29 10.64 58.44
N SER F 17 2.68 11.80 58.66
CA SER F 17 1.23 11.92 58.64
C SER F 17 0.76 11.85 57.18
N PRO F 18 -0.48 11.37 56.97
CA PRO F 18 -1.04 11.36 55.62
C PRO F 18 -0.92 12.74 54.96
N GLY F 19 -1.06 13.80 55.75
CA GLY F 19 -0.90 15.15 55.25
C GLY F 19 0.47 15.41 54.65
N GLU F 20 1.50 14.96 55.36
CA GLU F 20 2.88 15.11 54.90
C GLU F 20 3.14 14.33 53.61
N LEU F 21 2.52 13.16 53.50
CA LEU F 21 2.57 12.38 52.27
C LEU F 21 2.01 13.17 51.08
N LEU F 22 0.84 13.78 51.28
CA LEU F 22 0.19 14.53 50.20
C LEU F 22 1.00 15.76 49.82
N GLU F 23 1.57 16.43 50.82
CA GLU F 23 2.39 17.62 50.58
C GLU F 23 3.67 17.24 49.86
N GLN F 24 4.33 16.19 50.33
CA GLN F 24 5.57 15.73 49.69
C GLN F 24 5.28 15.24 48.27
N ALA F 25 4.16 14.56 48.10
CA ALA F 25 3.75 14.06 46.78
C ALA F 25 3.53 15.22 45.80
N ASN F 26 2.85 16.27 46.26
CA ASN F 26 2.65 17.47 45.43
C ASN F 26 3.96 18.17 45.07
N LYS F 27 4.89 18.23 46.01
CA LYS F 27 6.22 18.77 45.74
C LYS F 27 6.98 17.90 44.72
N ALA F 28 6.87 16.60 44.88
CA ALA F 28 7.50 15.66 43.97
C ALA F 28 6.94 15.82 42.56
N LEU F 29 5.64 16.02 42.45
CA LEU F 29 5.00 16.25 41.16
C LEU F 29 5.37 17.62 40.57
N PHE F 30 5.35 18.66 41.41
CA PHE F 30 5.67 19.99 40.94
C PHE F 30 7.12 20.08 40.47
N ALA F 31 8.02 19.43 41.20
CA ALA F 31 9.44 19.46 40.86
C ALA F 31 9.70 18.88 39.47
N SER F 32 8.74 18.14 38.93
CA SER F 32 8.90 17.53 37.61
C SER F 32 8.91 18.58 36.51
N GLY F 33 8.39 19.77 36.80
CA GLY F 33 8.26 20.82 35.81
C GLY F 33 7.07 20.60 34.87
N GLN F 34 6.31 19.55 35.14
CA GLN F 34 5.17 19.18 34.29
C GLN F 34 3.86 19.87 34.67
N PHE F 35 3.80 20.45 35.87
CA PHE F 35 2.53 20.90 36.43
C PHE F 35 2.58 22.31 37.00
N GLY F 36 1.47 23.03 36.84
CA GLY F 36 1.27 24.27 37.57
C GLY F 36 1.02 23.92 39.03
N GLU F 37 1.65 24.66 39.92
CA GLU F 37 1.54 24.44 41.36
C GLU F 37 0.09 24.39 41.86
N ALA F 38 -0.73 25.36 41.45
CA ALA F 38 -2.10 25.48 41.93
C ALA F 38 -3.03 24.38 41.39
N ASP F 39 -2.60 23.65 40.38
CA ASP F 39 -3.48 22.67 39.75
C ASP F 39 -3.39 21.27 40.36
N ILE F 40 -2.38 21.04 41.19
CA ILE F 40 -2.11 19.69 41.70
C ILE F 40 -3.02 19.36 42.87
N LYS F 41 -3.96 18.45 42.65
CA LYS F 41 -4.98 18.12 43.64
C LYS F 41 -4.88 16.67 44.07
N SER F 42 -4.52 16.46 45.34
CA SER F 42 -4.35 15.11 45.85
C SER F 42 -5.19 14.85 47.08
N ARG F 43 -5.51 13.58 47.31
CA ARG F 43 -6.26 13.16 48.49
C ARG F 43 -5.77 11.81 48.98
N PHE F 44 -5.96 11.55 50.26
CA PHE F 44 -5.49 10.33 50.91
C PHE F 44 -6.67 9.63 51.56
N VAL F 45 -6.74 8.31 51.37
CA VAL F 45 -7.83 7.50 51.91
C VAL F 45 -7.30 6.34 52.75
N THR F 46 -7.88 6.16 53.93
CA THR F 46 -7.56 5.00 54.76
C THR F 46 -8.60 3.90 54.53
N LEU F 47 -8.14 2.69 54.24
CA LEU F 47 -9.03 1.57 53.96
C LEU F 47 -9.28 0.77 55.23
N GLU F 48 -10.55 0.64 55.62
CA GLU F 48 -10.92 -0.14 56.81
C GLU F 48 -11.37 -1.55 56.46
N ALA F 49 -12.04 -1.69 55.32
CA ALA F 49 -12.50 -3.02 54.88
C ALA F 49 -11.69 -3.48 53.67
N TYR F 50 -10.73 -4.37 53.91
CA TYR F 50 -9.77 -4.75 52.89
C TYR F 50 -9.29 -6.18 53.10
N ARG F 51 -8.86 -6.82 52.01
CA ARG F 51 -8.20 -8.11 52.06
C ARG F 51 -7.11 -8.17 51.00
N GLN F 52 -5.96 -8.71 51.38
CA GLN F 52 -4.89 -8.95 50.42
C GLN F 52 -4.63 -10.45 50.33
N GLY F 53 -4.87 -11.00 49.14
CA GLY F 53 -4.77 -12.43 48.94
C GLY F 53 -5.89 -13.20 49.61
N THR F 54 -5.64 -14.49 49.84
CA THR F 54 -6.64 -15.38 50.41
C THR F 54 -6.12 -16.05 51.68
N ALA F 55 -4.81 -15.99 51.87
CA ALA F 55 -4.16 -16.60 53.03
C ALA F 55 -4.48 -15.86 54.32
N ALA F 56 -4.50 -16.59 55.43
CA ALA F 56 -4.79 -16.01 56.73
C ALA F 56 -3.55 -15.34 57.33
N VAL F 57 -3.02 -14.36 56.61
CA VAL F 57 -1.85 -13.61 57.06
C VAL F 57 -2.16 -12.11 57.04
N GLU F 58 -1.78 -11.42 58.11
CA GLU F 58 -1.99 -9.98 58.19
C GLU F 58 -1.08 -9.24 57.21
N ARG F 59 -1.69 -8.45 56.34
CA ARG F 59 -0.95 -7.73 55.30
C ARG F 59 -1.36 -6.28 55.19
N ALA F 60 -0.40 -5.44 54.85
CA ALA F 60 -0.65 -4.02 54.64
C ALA F 60 -0.20 -3.65 53.22
N TYR F 61 -0.86 -2.66 52.62
CA TYR F 61 -0.44 -2.23 51.30
C TYR F 61 -0.70 -0.74 51.09
N LEU F 62 -0.01 -0.19 50.09
CA LEU F 62 -0.09 1.23 49.78
C LEU F 62 -0.11 1.39 48.26
N HIS F 63 -1.16 2.02 47.74
CA HIS F 63 -1.28 2.22 46.29
C HIS F 63 -1.71 3.64 45.94
N ALA F 64 -1.13 4.18 44.88
CA ALA F 64 -1.53 5.50 44.39
C ALA F 64 -1.83 5.47 42.90
N CYS F 65 -2.76 6.33 42.48
CA CYS F 65 -3.09 6.47 41.07
C CYS F 65 -2.98 7.94 40.68
N LEU F 66 -2.12 8.22 39.71
CA LEU F 66 -1.96 9.59 39.21
C LEU F 66 -2.71 9.73 37.89
N SER F 67 -3.63 10.70 37.85
CA SER F 67 -4.42 10.98 36.66
C SER F 67 -3.94 12.27 36.05
N ILE F 68 -3.51 12.23 34.79
CA ILE F 68 -3.05 13.42 34.10
C ILE F 68 -3.81 13.56 32.78
N LEU F 69 -3.86 14.78 32.25
CA LEU F 69 -4.39 14.97 30.91
C LEU F 69 -3.42 14.37 29.88
N ASP F 70 -3.96 13.77 28.83
CA ASP F 70 -3.12 13.12 27.83
C ASP F 70 -2.22 14.11 27.12
N GLY F 71 -1.15 13.59 26.50
CA GLY F 71 -0.24 14.42 25.73
C GLY F 71 1.22 14.29 26.12
N ARG F 72 1.48 13.71 27.29
CA ARG F 72 2.85 13.49 27.75
C ARG F 72 3.35 12.10 27.33
N ASP F 73 4.66 11.98 27.14
CA ASP F 73 5.23 10.73 26.63
C ASP F 73 5.40 9.65 27.70
N ILE F 74 5.90 8.48 27.29
CA ILE F 74 6.05 7.35 28.21
C ILE F 74 7.14 7.61 29.26
N ALA F 75 8.23 8.25 28.88
CA ALA F 75 9.33 8.50 29.82
C ALA F 75 8.86 9.37 30.98
N THR F 76 8.06 10.39 30.67
CA THR F 76 7.53 11.29 31.67
C THR F 76 6.59 10.56 32.63
N ARG F 77 5.64 9.81 32.08
CA ARG F 77 4.68 9.07 32.91
C ARG F 77 5.40 8.06 33.79
N THR F 78 6.37 7.36 33.20
CA THR F 78 7.17 6.37 33.93
C THR F 78 7.96 7.02 35.06
N LEU F 79 8.59 8.16 34.78
CA LEU F 79 9.36 8.87 35.80
C LEU F 79 8.46 9.36 36.92
N LEU F 80 7.28 9.89 36.56
CA LEU F 80 6.33 10.37 37.54
C LEU F 80 5.89 9.22 38.45
N GLY F 81 5.61 8.07 37.87
CA GLY F 81 5.28 6.89 38.65
C GLY F 81 6.39 6.46 39.59
N ALA F 82 7.59 6.34 39.05
CA ALA F 82 8.76 5.96 39.85
C ALA F 82 9.00 6.97 40.97
N SER F 83 8.83 8.25 40.65
CA SER F 83 9.04 9.33 41.61
C SER F 83 8.11 9.19 42.81
N LEU F 84 6.81 9.03 42.54
CA LEU F 84 5.80 8.88 43.59
C LEU F 84 6.01 7.60 44.40
N CYS F 85 6.33 6.51 43.70
CA CYS F 85 6.54 5.23 44.38
C CYS F 85 7.73 5.31 45.34
N ALA F 86 8.81 5.95 44.91
CA ALA F 86 9.98 6.15 45.76
C ALA F 86 9.63 6.93 47.04
N VAL F 87 8.88 8.01 46.88
CA VAL F 87 8.43 8.81 48.02
C VAL F 87 7.50 8.00 48.93
N LEU F 88 6.53 7.33 48.33
CA LEU F 88 5.57 6.55 49.11
C LEU F 88 6.26 5.42 49.86
N ALA F 89 7.19 4.74 49.19
CA ALA F 89 7.88 3.61 49.78
C ALA F 89 8.67 4.04 51.02
N GLU F 90 9.37 5.17 50.91
CA GLU F 90 10.13 5.70 52.05
C GLU F 90 9.21 6.09 53.21
N ALA F 91 7.97 6.45 52.92
CA ALA F 91 7.04 6.86 53.97
C ALA F 91 6.50 5.67 54.78
N VAL F 92 6.76 4.44 54.30
CA VAL F 92 6.22 3.27 54.97
C VAL F 92 7.11 2.80 56.10
N ALA F 93 6.53 2.62 57.28
CA ALA F 93 7.25 2.08 58.43
C ALA F 93 7.09 0.57 58.49
N GLY F 94 5.91 0.09 58.09
CA GLY F 94 5.61 -1.33 58.09
C GLY F 94 4.13 -1.59 58.28
N GLY F 95 3.78 -2.86 58.45
CA GLY F 95 2.39 -3.25 58.66
C GLY F 95 2.18 -4.70 58.27
N GLY F 96 1.32 -5.38 59.02
CA GLY F 96 1.14 -6.81 58.84
C GLY F 96 2.33 -7.58 59.35
N GLU F 97 2.47 -8.82 58.92
CA GLU F 97 3.56 -9.67 59.38
C GLU F 97 4.67 -9.78 58.34
N GLU F 98 4.55 -9.03 57.25
CA GLU F 98 5.50 -9.17 56.15
C GLU F 98 5.72 -7.84 55.43
N GLY F 99 6.44 -7.90 54.32
CA GLY F 99 6.74 -6.72 53.54
C GLY F 99 5.50 -6.04 52.97
N VAL F 100 5.60 -4.72 52.80
CA VAL F 100 4.48 -3.93 52.32
C VAL F 100 4.65 -3.57 50.84
N GLN F 101 3.68 -3.94 50.02
CA GLN F 101 3.71 -3.60 48.60
C GLN F 101 3.29 -2.16 48.36
N VAL F 102 4.17 -1.40 47.73
CA VAL F 102 3.92 -0.01 47.40
C VAL F 102 3.91 0.13 45.88
N SER F 103 2.79 0.59 45.32
CA SER F 103 2.65 0.62 43.87
C SER F 103 2.03 1.95 43.42
N VAL F 104 2.36 2.36 42.20
CA VAL F 104 1.80 3.56 41.59
C VAL F 104 1.43 3.31 40.14
N GLU F 105 0.22 3.70 39.76
CA GLU F 105 -0.19 3.68 38.36
C GLU F 105 -0.34 5.10 37.84
N VAL F 106 -0.11 5.30 36.55
CA VAL F 106 -0.35 6.60 35.92
C VAL F 106 -1.32 6.41 34.77
N ARG F 107 -2.41 7.18 34.77
CA ARG F 107 -3.40 7.09 33.70
C ARG F 107 -3.61 8.45 33.04
N GLU F 108 -4.16 8.44 31.83
CA GLU F 108 -4.39 9.67 31.09
C GLU F 108 -5.87 9.98 30.97
N MET F 109 -6.21 11.25 31.15
CA MET F 109 -7.58 11.71 30.99
C MET F 109 -7.74 12.25 29.58
N GLU F 110 -8.92 12.06 28.99
CA GLU F 110 -9.18 12.63 27.68
C GLU F 110 -9.23 14.15 27.76
N ARG F 111 -8.29 14.81 27.09
CA ARG F 111 -8.20 16.27 27.13
C ARG F 111 -9.40 16.93 26.45
N LEU F 112 -9.82 16.39 25.31
CA LEU F 112 -10.88 17.03 24.51
C LEU F 112 -12.21 17.14 25.23
N SER F 113 -12.57 16.12 26.01
CA SER F 113 -13.85 16.12 26.71
C SER F 113 -13.76 16.73 28.12
N TYR F 114 -12.54 16.96 28.59
CA TYR F 114 -12.29 17.49 29.93
C TYR F 114 -12.90 18.86 30.13
N ALA F 115 -13.61 19.05 31.24
CA ALA F 115 -14.21 20.35 31.53
C ALA F 115 -13.63 20.95 32.80
N LYS F 116 -13.42 22.27 32.79
CA LYS F 116 -12.91 22.98 33.95
C LYS F 116 -13.62 24.32 34.13
N ARG F 117 -13.91 24.65 35.39
CA ARG F 117 -14.46 25.95 35.77
C ARG F 117 -13.82 26.43 37.05
N VAL F 118 -13.74 27.75 37.24
CA VAL F 118 -13.29 28.31 38.51
C VAL F 118 -14.40 29.17 39.08
N VAL F 119 -14.82 28.86 40.31
CA VAL F 119 -15.91 29.59 40.95
C VAL F 119 -15.37 30.67 41.87
N PRO G 2 -24.73 4.30 33.64
CA PRO G 2 -23.46 5.00 33.88
C PRO G 2 -23.18 5.22 35.36
N HIS G 3 -21.92 5.47 35.69
CA HIS G 3 -21.52 5.70 37.06
C HIS G 3 -20.80 7.04 37.19
N LEU G 4 -21.29 7.88 38.09
CA LEU G 4 -20.71 9.19 38.32
C LEU G 4 -20.24 9.34 39.77
N VAL G 5 -19.01 9.79 39.94
CA VAL G 5 -18.49 10.06 41.28
C VAL G 5 -18.17 11.54 41.40
N ILE G 6 -18.64 12.15 42.49
CA ILE G 6 -18.31 13.56 42.75
C ILE G 6 -17.54 13.63 44.06
N GLU G 7 -16.36 14.24 44.01
CA GLU G 7 -15.53 14.41 45.19
C GLU G 7 -15.38 15.89 45.51
N ALA G 8 -15.52 16.25 46.77
CA ALA G 8 -15.33 17.63 47.20
C ALA G 8 -14.42 17.68 48.43
N THR G 9 -13.56 18.68 48.49
CA THR G 9 -12.77 18.89 49.70
C THR G 9 -13.68 19.24 50.87
N ALA G 10 -13.31 18.83 52.07
CA ALA G 10 -14.13 19.09 53.25
C ALA G 10 -14.36 20.59 53.48
N ASN G 11 -13.39 21.42 53.09
CA ASN G 11 -13.52 22.86 53.29
C ASN G 11 -14.33 23.55 52.19
N LEU G 12 -14.86 22.78 51.25
CA LEU G 12 -15.64 23.34 50.15
C LEU G 12 -17.10 23.53 50.55
N ARG G 13 -17.61 24.75 50.40
CA ARG G 13 -19.00 25.03 50.78
C ARG G 13 -19.92 24.97 49.55
N LEU G 14 -20.99 24.20 49.65
CA LEU G 14 -21.99 24.10 48.58
C LEU G 14 -23.23 24.93 48.88
N GLU G 15 -23.94 25.33 47.82
CA GLU G 15 -25.23 26.00 47.95
C GLU G 15 -26.35 25.02 48.25
N THR G 16 -26.10 23.75 47.98
CA THR G 16 -27.10 22.70 48.16
C THR G 16 -26.50 21.51 48.88
N SER G 17 -27.34 20.54 49.24
CA SER G 17 -26.87 19.32 49.88
C SER G 17 -26.22 18.41 48.85
N PRO G 18 -25.29 17.55 49.29
CA PRO G 18 -24.71 16.54 48.39
C PRO G 18 -25.78 15.76 47.62
N GLY G 19 -26.88 15.44 48.30
CA GLY G 19 -27.98 14.73 47.68
C GLY G 19 -28.65 15.49 46.54
N GLU G 20 -28.89 16.78 46.74
CA GLU G 20 -29.49 17.61 45.70
C GLU G 20 -28.57 17.73 44.48
N LEU G 21 -27.27 17.82 44.72
CA LEU G 21 -26.31 17.86 43.64
C LEU G 21 -26.36 16.56 42.83
N LEU G 22 -26.40 15.44 43.54
CA LEU G 22 -26.45 14.13 42.88
C LEU G 22 -27.73 13.99 42.05
N GLU G 23 -28.86 14.45 42.59
CA GLU G 23 -30.13 14.41 41.86
C GLU G 23 -30.06 15.29 40.62
N GLN G 24 -29.55 16.51 40.78
CA GLN G 24 -29.40 17.41 39.64
C GLN G 24 -28.43 16.85 38.59
N ALA G 25 -27.35 16.23 39.06
CA ALA G 25 -26.39 15.61 38.15
C ALA G 25 -27.04 14.50 37.34
N ASN G 26 -27.82 13.66 38.01
CA ASN G 26 -28.53 12.58 37.33
C ASN G 26 -29.52 13.11 36.29
N LYS G 27 -30.19 14.22 36.62
CA LYS G 27 -31.07 14.88 35.67
C LYS G 27 -30.29 15.40 34.46
N ALA G 28 -29.14 15.99 34.71
CA ALA G 28 -28.29 16.48 33.63
C ALA G 28 -27.88 15.34 32.71
N LEU G 29 -27.58 14.19 33.30
CA LEU G 29 -27.21 13.01 32.52
C LEU G 29 -28.40 12.47 31.74
N PHE G 30 -29.55 12.36 32.39
CA PHE G 30 -30.74 11.83 31.71
C PHE G 30 -31.16 12.73 30.55
N ALA G 31 -31.09 14.04 30.77
CA ALA G 31 -31.50 15.01 29.75
C ALA G 31 -30.68 14.89 28.47
N SER G 32 -29.56 14.17 28.54
CA SER G 32 -28.72 13.99 27.35
C SER G 32 -29.38 13.05 26.35
N GLY G 33 -30.35 12.26 26.82
CA GLY G 33 -30.97 11.25 25.99
C GLY G 33 -30.13 10.00 25.81
N GLN G 34 -29.00 9.93 26.51
CA GLN G 34 -28.07 8.81 26.37
C GLN G 34 -28.36 7.66 27.34
N PHE G 35 -29.17 7.92 28.36
CA PHE G 35 -29.28 7.00 29.49
C PHE G 35 -30.71 6.72 29.91
N GLY G 36 -30.95 5.51 30.39
CA GLY G 36 -32.20 5.19 31.05
C GLY G 36 -32.15 5.80 32.44
N GLU G 37 -33.29 6.32 32.90
CA GLU G 37 -33.38 6.99 34.18
C GLU G 37 -32.86 6.14 35.35
N ALA G 38 -33.35 4.91 35.46
CA ALA G 38 -32.98 4.05 36.57
C ALA G 38 -31.54 3.52 36.51
N ASP G 39 -30.87 3.70 35.37
CA ASP G 39 -29.54 3.13 35.18
C ASP G 39 -28.42 4.04 35.68
N ILE G 40 -28.76 5.26 36.05
CA ILE G 40 -27.76 6.25 36.43
C ILE G 40 -27.43 6.15 37.92
N LYS G 41 -26.19 5.78 38.23
CA LYS G 41 -25.76 5.62 39.62
C LYS G 41 -24.69 6.65 39.95
N SER G 42 -24.98 7.51 40.93
CA SER G 42 -24.04 8.53 41.35
C SER G 42 -23.79 8.48 42.85
N ARG G 43 -22.59 8.88 43.25
CA ARG G 43 -22.24 8.97 44.66
C ARG G 43 -21.36 10.19 44.89
N PHE G 44 -21.39 10.70 46.11
CA PHE G 44 -20.65 11.91 46.47
C PHE G 44 -19.74 11.60 47.67
N VAL G 45 -18.49 12.05 47.59
CA VAL G 45 -17.52 11.80 48.65
C VAL G 45 -16.92 13.11 49.13
N THR G 46 -16.86 13.28 50.45
CA THR G 46 -16.19 14.43 51.05
C THR G 46 -14.76 14.05 51.41
N LEU G 47 -13.79 14.84 50.97
CA LEU G 47 -12.39 14.53 51.20
C LEU G 47 -11.88 15.22 52.48
N GLU G 48 -11.46 14.42 53.46
CA GLU G 48 -10.95 14.97 54.71
C GLU G 48 -9.42 15.10 54.72
N ALA G 49 -8.75 14.26 53.96
CA ALA G 49 -7.29 14.30 53.87
C ALA G 49 -6.86 14.69 52.45
N TYR G 50 -6.47 15.94 52.27
CA TYR G 50 -6.22 16.48 50.93
C TYR G 50 -5.21 17.62 50.97
N ARG G 51 -4.54 17.83 49.83
CA ARG G 51 -3.65 18.97 49.62
C ARG G 51 -3.72 19.43 48.17
N GLN G 52 -3.79 20.73 47.97
CA GLN G 52 -3.75 21.27 46.62
C GLN G 52 -2.53 22.16 46.45
N GLY G 53 -1.63 21.73 45.58
CA GLY G 53 -0.37 22.41 45.38
C GLY G 53 0.60 22.23 46.53
N THR G 54 1.54 23.16 46.63
CA THR G 54 2.59 23.10 47.64
C THR G 54 2.61 24.34 48.54
N ALA G 55 1.86 25.36 48.15
CA ALA G 55 1.81 26.61 48.92
C ALA G 55 0.95 26.47 50.17
N ALA G 56 1.14 27.38 51.12
CA ALA G 56 0.42 27.35 52.39
C ALA G 56 -1.01 27.87 52.27
N VAL G 57 -1.35 28.45 51.12
CA VAL G 57 -2.70 28.97 50.88
C VAL G 57 -3.73 27.86 50.94
N GLU G 58 -4.85 28.11 51.62
CA GLU G 58 -5.92 27.13 51.72
C GLU G 58 -6.76 27.11 50.45
N ARG G 59 -6.97 25.92 49.89
CA ARG G 59 -7.72 25.80 48.65
C ARG G 59 -8.81 24.72 48.71
N ALA G 60 -9.86 24.92 47.93
CA ALA G 60 -10.94 23.96 47.84
C ALA G 60 -11.09 23.51 46.39
N TYR G 61 -11.53 22.27 46.19
CA TYR G 61 -11.78 21.82 44.82
C TYR G 61 -12.92 20.82 44.75
N LEU G 62 -13.49 20.70 43.56
CA LEU G 62 -14.61 19.81 43.29
C LEU G 62 -14.34 19.07 41.98
N HIS G 63 -14.37 17.75 42.03
CA HIS G 63 -14.03 16.96 40.85
C HIS G 63 -15.02 15.84 40.64
N ALA G 64 -15.36 15.57 39.39
CA ALA G 64 -16.19 14.43 39.06
C ALA G 64 -15.62 13.63 37.91
N CYS G 65 -15.90 12.33 37.93
CA CYS G 65 -15.54 11.46 36.84
C CYS G 65 -16.77 10.64 36.43
N LEU G 66 -17.15 10.76 35.17
CA LEU G 66 -18.28 10.00 34.65
C LEU G 66 -17.77 8.77 33.92
N SER G 67 -18.19 7.59 34.37
CA SER G 67 -17.80 6.34 33.73
C SER G 67 -18.93 5.77 32.89
N ILE G 68 -18.70 5.61 31.59
CA ILE G 68 -19.71 5.06 30.71
C ILE G 68 -19.14 3.91 29.88
N LEU G 69 -20.02 3.06 29.36
CA LEU G 69 -19.62 2.06 28.39
C LEU G 69 -19.27 2.75 27.08
N ASP G 70 -18.23 2.27 26.40
CA ASP G 70 -17.79 2.89 25.17
C ASP G 70 -18.90 2.83 24.11
N GLY G 71 -18.83 3.74 23.14
CA GLY G 71 -19.77 3.75 22.03
C GLY G 71 -20.30 5.13 21.68
N ARG G 72 -20.12 6.09 22.59
CA ARG G 72 -20.53 7.46 22.33
C ARG G 72 -19.41 8.25 21.66
N ASP G 73 -19.77 9.27 20.87
CA ASP G 73 -18.78 10.08 20.19
C ASP G 73 -18.18 11.17 21.08
N ILE G 74 -17.26 11.95 20.52
CA ILE G 74 -16.56 12.99 21.29
C ILE G 74 -17.51 14.15 21.66
N ALA G 75 -18.44 14.50 20.77
CA ALA G 75 -19.38 15.57 21.06
C ALA G 75 -20.24 15.24 22.27
N THR G 76 -20.68 13.98 22.35
CA THR G 76 -21.48 13.54 23.48
C THR G 76 -20.68 13.57 24.77
N ARG G 77 -19.47 13.00 24.75
CA ARG G 77 -18.64 12.97 25.94
C ARG G 77 -18.27 14.41 26.38
N THR G 78 -17.93 15.24 25.41
CA THR G 78 -17.60 16.63 25.69
C THR G 78 -18.81 17.39 26.26
N LEU G 79 -19.99 17.21 25.65
CA LEU G 79 -21.20 17.86 26.16
C LEU G 79 -21.57 17.37 27.55
N LEU G 80 -21.44 16.07 27.80
CA LEU G 80 -21.71 15.52 29.12
C LEU G 80 -20.79 16.14 30.17
N GLY G 81 -19.51 16.25 29.82
CA GLY G 81 -18.56 16.90 30.70
C GLY G 81 -18.94 18.35 30.99
N ALA G 82 -19.20 19.11 29.93
CA ALA G 82 -19.58 20.52 30.06
C ALA G 82 -20.86 20.67 30.87
N SER G 83 -21.81 19.78 30.63
CA SER G 83 -23.09 19.79 31.33
C SER G 83 -22.92 19.58 32.83
N LEU G 84 -22.19 18.53 33.20
CA LEU G 84 -21.95 18.24 34.60
C LEU G 84 -21.17 19.36 35.26
N CYS G 85 -20.19 19.90 34.55
CA CYS G 85 -19.36 20.96 35.10
C CYS G 85 -20.19 22.18 35.45
N ALA G 86 -21.14 22.53 34.60
CA ALA G 86 -22.06 23.64 34.88
C ALA G 86 -22.86 23.34 36.14
N VAL G 87 -23.35 22.12 36.24
CA VAL G 87 -24.12 21.68 37.40
C VAL G 87 -23.29 21.74 38.68
N LEU G 88 -22.06 21.27 38.61
CA LEU G 88 -21.15 21.33 39.76
C LEU G 88 -20.82 22.77 40.14
N ALA G 89 -20.43 23.57 39.14
CA ALA G 89 -19.97 24.93 39.40
C ALA G 89 -21.05 25.76 40.08
N GLU G 90 -22.28 25.62 39.61
CA GLU G 90 -23.39 26.36 40.19
C GLU G 90 -23.64 25.97 41.66
N ALA G 91 -23.19 24.78 42.05
CA ALA G 91 -23.44 24.28 43.40
C ALA G 91 -22.41 24.81 44.41
N VAL G 92 -21.35 25.45 43.90
CA VAL G 92 -20.25 25.88 44.75
C VAL G 92 -20.48 27.27 45.34
N ALA G 93 -20.41 27.38 46.67
CA ALA G 93 -20.56 28.67 47.32
C ALA G 93 -19.21 29.32 47.59
N GLY G 94 -18.22 28.49 47.88
CA GLY G 94 -16.89 28.97 48.21
C GLY G 94 -16.06 27.95 48.96
N GLY G 95 -15.03 28.41 49.64
CA GLY G 95 -14.15 27.54 50.40
C GLY G 95 -12.69 27.84 50.07
N GLY G 96 -11.85 27.88 51.10
CA GLY G 96 -10.46 28.23 50.91
C GLY G 96 -10.28 29.74 50.77
N GLU G 97 -9.11 30.17 50.33
CA GLU G 97 -8.79 31.60 50.26
C GLU G 97 -8.93 32.14 48.84
N GLU G 98 -9.34 31.29 47.90
CA GLU G 98 -9.40 31.70 46.50
C GLU G 98 -10.49 30.94 45.74
N GLY G 99 -10.53 31.12 44.43
CA GLY G 99 -11.52 30.48 43.60
C GLY G 99 -11.46 28.96 43.68
N VAL G 100 -12.61 28.32 43.51
CA VAL G 100 -12.70 26.88 43.63
C VAL G 100 -12.58 26.23 42.25
N GLN G 101 -11.67 25.27 42.13
CA GLN G 101 -11.47 24.56 40.87
C GLN G 101 -12.52 23.46 40.72
N VAL G 102 -13.25 23.50 39.60
CA VAL G 102 -14.25 22.49 39.29
C VAL G 102 -13.85 21.78 38.01
N SER G 103 -13.81 20.45 38.05
CA SER G 103 -13.40 19.66 36.89
C SER G 103 -14.25 18.42 36.72
N VAL G 104 -14.41 17.99 35.47
CA VAL G 104 -15.16 16.78 35.14
C VAL G 104 -14.41 15.97 34.09
N GLU G 105 -14.30 14.67 34.34
CA GLU G 105 -13.78 13.74 33.36
C GLU G 105 -14.94 12.88 32.84
N VAL G 106 -14.89 12.54 31.55
CA VAL G 106 -15.74 11.52 30.98
C VAL G 106 -14.86 10.45 30.35
N ARG G 107 -15.01 9.20 30.79
CA ARG G 107 -14.18 8.12 30.28
C ARG G 107 -15.04 6.97 29.82
N GLU G 108 -14.47 6.12 28.98
CA GLU G 108 -15.16 4.94 28.49
C GLU G 108 -14.57 3.64 29.02
N MET G 109 -15.43 2.78 29.53
CA MET G 109 -15.02 1.45 29.96
C MET G 109 -15.26 0.49 28.80
N GLU G 110 -14.48 -0.59 28.75
CA GLU G 110 -14.72 -1.62 27.76
C GLU G 110 -16.09 -2.25 27.97
N ARG G 111 -16.97 -2.10 26.98
CA ARG G 111 -18.31 -2.66 27.09
C ARG G 111 -18.30 -4.19 27.05
N LEU G 112 -17.42 -4.76 26.22
CA LEU G 112 -17.43 -6.20 25.95
C LEU G 112 -17.21 -7.07 27.19
N SER G 113 -16.33 -6.63 28.08
CA SER G 113 -16.03 -7.39 29.29
C SER G 113 -16.93 -6.99 30.46
N TYR G 114 -17.81 -6.01 30.25
CA TYR G 114 -18.67 -5.51 31.32
C TYR G 114 -19.72 -6.53 31.73
N ALA G 115 -19.83 -6.75 33.05
CA ALA G 115 -20.76 -7.74 33.56
C ALA G 115 -21.86 -7.05 34.34
N LYS G 116 -23.10 -7.52 34.17
CA LYS G 116 -24.22 -6.98 34.93
C LYS G 116 -25.29 -8.05 35.18
N ARG G 117 -25.81 -8.05 36.40
CA ARG G 117 -26.96 -8.87 36.77
C ARG G 117 -27.89 -8.08 37.69
N VAL G 118 -29.16 -8.49 37.73
CA VAL G 118 -30.11 -7.90 38.67
C VAL G 118 -30.51 -8.96 39.68
N VAL G 119 -30.37 -8.62 40.96
CA VAL G 119 -30.68 -9.55 42.04
C VAL G 119 -32.03 -9.22 42.68
N PRO H 2 -34.55 -22.34 -6.96
CA PRO H 2 -33.71 -22.53 -8.14
C PRO H 2 -34.52 -22.82 -9.41
N HIS H 3 -33.96 -22.45 -10.56
CA HIS H 3 -34.61 -22.66 -11.84
C HIS H 3 -33.73 -23.51 -12.76
N LEU H 4 -34.23 -24.68 -13.12
CA LEU H 4 -33.50 -25.62 -13.95
C LEU H 4 -34.18 -25.81 -15.30
N VAL H 5 -33.41 -25.64 -16.37
CA VAL H 5 -33.92 -25.87 -17.73
C VAL H 5 -33.14 -27.01 -18.38
N ILE H 6 -33.85 -27.99 -18.91
CA ILE H 6 -33.22 -29.10 -19.62
C ILE H 6 -33.69 -29.13 -21.07
N GLU H 7 -32.74 -29.05 -22.00
CA GLU H 7 -33.05 -29.05 -23.42
C GLU H 7 -32.41 -30.25 -24.11
N ALA H 8 -33.20 -30.97 -24.90
CA ALA H 8 -32.71 -32.13 -25.62
C ALA H 8 -33.08 -32.05 -27.10
N THR H 9 -32.20 -32.55 -27.96
CA THR H 9 -32.51 -32.65 -29.39
C THR H 9 -33.68 -33.62 -29.57
N ALA H 10 -34.50 -33.38 -30.59
CA ALA H 10 -35.62 -34.25 -30.90
C ALA H 10 -35.20 -35.70 -31.19
N ASN H 11 -34.01 -35.88 -31.75
CA ASN H 11 -33.52 -37.22 -32.08
C ASN H 11 -32.88 -37.93 -30.88
N LEU H 12 -32.91 -37.28 -29.72
CA LEU H 12 -32.32 -37.87 -28.52
C LEU H 12 -33.32 -38.78 -27.81
N ARG H 13 -32.91 -40.02 -27.54
CA ARG H 13 -33.78 -41.01 -26.91
C ARG H 13 -33.49 -41.09 -25.41
N LEU H 14 -34.53 -40.97 -24.59
CA LEU H 14 -34.39 -41.06 -23.14
C LEU H 14 -34.82 -42.45 -22.65
N GLU H 15 -34.24 -42.88 -21.53
CA GLU H 15 -34.69 -44.09 -20.83
C GLU H 15 -36.04 -43.86 -20.16
N THR H 16 -36.27 -42.62 -19.73
CA THR H 16 -37.48 -42.24 -19.02
C THR H 16 -38.14 -41.06 -19.72
N SER H 17 -39.34 -40.69 -19.28
CA SER H 17 -40.05 -39.56 -19.85
C SER H 17 -39.42 -38.26 -19.35
N PRO H 18 -39.58 -37.15 -20.10
CA PRO H 18 -39.15 -35.84 -19.63
C PRO H 18 -39.63 -35.52 -18.21
N GLY H 19 -40.87 -35.90 -17.90
CA GLY H 19 -41.43 -35.70 -16.59
C GLY H 19 -40.65 -36.40 -15.49
N GLU H 20 -40.38 -37.69 -15.70
CA GLU H 20 -39.60 -38.47 -14.75
C GLU H 20 -38.20 -37.88 -14.58
N LEU H 21 -37.60 -37.41 -15.66
CA LEU H 21 -36.28 -36.80 -15.61
C LEU H 21 -36.30 -35.54 -14.74
N LEU H 22 -37.31 -34.70 -14.94
CA LEU H 22 -37.46 -33.49 -14.14
C LEU H 22 -37.64 -33.79 -12.65
N GLU H 23 -38.40 -34.83 -12.35
CA GLU H 23 -38.59 -35.26 -10.96
C GLU H 23 -37.26 -35.72 -10.36
N GLN H 24 -36.51 -36.52 -11.12
CA GLN H 24 -35.20 -36.99 -10.66
C GLN H 24 -34.25 -35.81 -10.46
N ALA H 25 -34.30 -34.85 -11.38
CA ALA H 25 -33.44 -33.68 -11.28
C ALA H 25 -33.78 -32.90 -10.00
N ASN H 26 -35.06 -32.71 -9.73
CA ASN H 26 -35.49 -32.01 -8.52
C ASN H 26 -35.06 -32.74 -7.24
N LYS H 27 -35.14 -34.07 -7.27
CA LYS H 27 -34.65 -34.88 -6.15
C LYS H 27 -33.15 -34.72 -5.95
N ALA H 28 -32.40 -34.73 -7.04
CA ALA H 28 -30.95 -34.51 -7.00
C ALA H 28 -30.62 -33.16 -6.40
N LEU H 29 -31.42 -32.15 -6.75
CA LEU H 29 -31.22 -30.81 -6.21
C LEU H 29 -31.56 -30.75 -4.74
N PHE H 30 -32.71 -31.32 -4.38
CA PHE H 30 -33.14 -31.28 -2.99
C PHE H 30 -32.19 -32.07 -2.11
N ALA H 31 -31.69 -33.18 -2.62
CA ALA H 31 -30.79 -34.04 -1.83
C ALA H 31 -29.48 -33.33 -1.50
N SER H 32 -29.24 -32.19 -2.15
CA SER H 32 -28.01 -31.45 -1.91
C SER H 32 -28.06 -30.76 -0.54
N GLY H 33 -29.28 -30.59 -0.04
CA GLY H 33 -29.52 -29.85 1.19
C GLY H 33 -29.39 -28.35 1.02
N GLN H 34 -29.30 -27.91 -0.23
CA GLN H 34 -29.11 -26.50 -0.54
C GLN H 34 -30.43 -25.77 -0.80
N PHE H 35 -31.50 -26.52 -0.98
CA PHE H 35 -32.75 -25.95 -1.47
C PHE H 35 -33.96 -26.37 -0.66
N GLY H 36 -34.94 -25.47 -0.58
CA GLY H 36 -36.26 -25.83 -0.08
C GLY H 36 -37.00 -26.61 -1.14
N GLU H 37 -37.67 -27.68 -0.73
CA GLU H 37 -38.37 -28.57 -1.65
C GLU H 37 -39.35 -27.85 -2.56
N ALA H 38 -40.17 -26.99 -1.98
CA ALA H 38 -41.23 -26.31 -2.73
C ALA H 38 -40.69 -25.28 -3.73
N ASP H 39 -39.43 -24.89 -3.60
CA ASP H 39 -38.87 -23.82 -4.41
C ASP H 39 -38.23 -24.31 -5.71
N ILE H 40 -38.01 -25.62 -5.79
CA ILE H 40 -37.26 -26.19 -6.91
C ILE H 40 -38.13 -26.29 -8.16
N LYS H 41 -37.82 -25.47 -9.16
CA LYS H 41 -38.64 -25.39 -10.36
C LYS H 41 -37.86 -25.74 -11.62
N SER H 42 -38.30 -26.80 -12.31
CA SER H 42 -37.61 -27.24 -13.51
C SER H 42 -38.56 -27.41 -14.69
N ARG H 43 -38.03 -27.26 -15.90
CA ARG H 43 -38.82 -27.53 -17.11
C ARG H 43 -37.93 -28.20 -18.16
N PHE H 44 -38.56 -28.93 -19.06
CA PHE H 44 -37.86 -29.68 -20.09
C PHE H 44 -38.36 -29.26 -21.47
N VAL H 45 -37.44 -29.09 -22.41
CA VAL H 45 -37.85 -28.72 -23.76
C VAL H 45 -37.18 -29.60 -24.80
N THR H 46 -37.97 -29.99 -25.79
CA THR H 46 -37.47 -30.77 -26.90
C THR H 46 -37.12 -29.83 -28.06
N LEU H 47 -35.89 -29.95 -28.55
CA LEU H 47 -35.42 -29.08 -29.64
C LEU H 47 -35.72 -29.71 -31.00
N GLU H 48 -36.55 -29.03 -31.79
CA GLU H 48 -36.94 -29.54 -33.11
C GLU H 48 -36.05 -28.98 -34.23
N ALA H 49 -35.53 -27.76 -34.03
CA ALA H 49 -34.66 -27.12 -35.01
C ALA H 49 -33.27 -26.92 -34.44
N TYR H 50 -32.33 -27.76 -34.85
CA TYR H 50 -31.01 -27.80 -34.23
C TYR H 50 -29.93 -28.32 -35.19
N ARG H 51 -28.70 -27.93 -34.94
CA ARG H 51 -27.56 -28.48 -35.66
C ARG H 51 -26.40 -28.61 -34.69
N GLN H 52 -25.69 -29.72 -34.78
CA GLN H 52 -24.47 -29.89 -34.01
C GLN H 52 -23.30 -30.03 -34.99
N GLY H 53 -22.37 -29.10 -34.90
CA GLY H 53 -21.26 -29.07 -35.84
C GLY H 53 -21.71 -28.65 -37.23
N THR H 54 -20.90 -28.98 -38.23
CA THR H 54 -21.18 -28.58 -39.60
C THR H 54 -21.10 -29.74 -40.59
N ALA H 55 -20.40 -30.81 -40.21
CA ALA H 55 -20.20 -31.94 -41.11
C ALA H 55 -21.47 -32.78 -41.29
N VAL H 57 -24.12 -35.15 -40.30
CA VAL H 57 -23.94 -36.23 -39.33
C VAL H 57 -25.09 -36.24 -38.33
N GLU H 58 -25.62 -37.44 -38.06
CA GLU H 58 -26.71 -37.61 -37.11
C GLU H 58 -26.21 -37.51 -35.66
N ARG H 59 -26.58 -36.43 -34.99
CA ARG H 59 -26.05 -36.14 -33.66
C ARG H 59 -27.14 -35.71 -32.69
N ALA H 60 -27.07 -36.21 -31.46
CA ALA H 60 -27.99 -35.81 -30.40
C ALA H 60 -27.23 -35.15 -29.25
N TYR H 61 -27.88 -34.25 -28.53
CA TYR H 61 -27.25 -33.66 -27.35
C TYR H 61 -28.25 -33.30 -26.26
N LEU H 62 -27.73 -33.16 -25.04
CA LEU H 62 -28.53 -32.87 -23.86
C LEU H 62 -27.76 -31.86 -23.02
N HIS H 63 -28.38 -30.72 -22.77
CA HIS H 63 -27.75 -29.67 -21.97
C HIS H 63 -28.74 -29.09 -20.96
N ALA H 64 -28.26 -28.83 -19.75
CA ALA H 64 -29.07 -28.20 -18.73
C ALA H 64 -28.35 -27.00 -18.15
N CYS H 65 -29.13 -26.01 -17.73
CA CYS H 65 -28.57 -24.87 -17.04
C CYS H 65 -29.31 -24.71 -15.70
N LEU H 66 -28.54 -24.75 -14.62
CA LEU H 66 -29.10 -24.55 -13.30
C LEU H 66 -28.85 -23.12 -12.85
N SER H 67 -29.92 -22.39 -12.57
CA SER H 67 -29.84 -21.00 -12.11
C SER H 67 -30.19 -20.92 -10.64
N ILE H 68 -29.23 -20.45 -9.83
CA ILE H 68 -29.41 -20.32 -8.40
C ILE H 68 -29.10 -18.91 -7.94
N LEU H 69 -29.67 -18.49 -6.81
CA LEU H 69 -29.28 -17.22 -6.18
C LEU H 69 -27.84 -17.32 -5.69
N ASP H 70 -27.07 -16.25 -5.83
CA ASP H 70 -25.66 -16.27 -5.47
C ASP H 70 -25.45 -16.56 -3.98
N GLY H 71 -24.25 -17.01 -3.63
CA GLY H 71 -23.93 -17.27 -2.24
C GLY H 71 -23.33 -18.65 -2.02
N ARG H 72 -23.43 -19.51 -3.01
CA ARG H 72 -22.82 -20.84 -2.94
C ARG H 72 -21.37 -20.82 -3.43
N ASP H 73 -20.54 -21.69 -2.87
CA ASP H 73 -19.13 -21.77 -3.26
C ASP H 73 -18.91 -22.62 -4.51
N ILE H 74 -17.64 -22.79 -4.89
CA ILE H 74 -17.31 -23.52 -6.11
C ILE H 74 -17.60 -25.02 -5.96
N ALA H 75 -17.32 -25.58 -4.79
CA ALA H 75 -17.55 -27.00 -4.56
C ALA H 75 -19.03 -27.34 -4.70
N THR H 76 -19.87 -26.46 -4.16
CA THR H 76 -21.31 -26.69 -4.21
C THR H 76 -21.82 -26.65 -5.64
N ARG H 77 -21.46 -25.60 -6.37
CA ARG H 77 -21.87 -25.46 -7.77
C ARG H 77 -21.31 -26.59 -8.63
N THR H 78 -20.06 -26.95 -8.39
CA THR H 78 -19.43 -28.04 -9.13
C THR H 78 -20.15 -29.37 -8.84
N LEU H 79 -20.45 -29.62 -7.56
CA LEU H 79 -21.14 -30.86 -7.19
C LEU H 79 -22.55 -30.89 -7.77
N LEU H 80 -23.26 -29.76 -7.73
CA LEU H 80 -24.60 -29.67 -8.29
C LEU H 80 -24.60 -29.99 -9.79
N GLY H 81 -23.63 -29.43 -10.50
CA GLY H 81 -23.46 -29.70 -11.91
C GLY H 81 -23.17 -31.17 -12.18
N ALA H 82 -22.21 -31.73 -11.46
CA ALA H 82 -21.86 -33.14 -11.63
C ALA H 82 -23.04 -34.04 -11.28
N SER H 83 -23.77 -33.65 -10.24
CA SER H 83 -24.91 -34.44 -9.78
C SER H 83 -25.97 -34.51 -10.87
N LEU H 84 -26.35 -33.36 -11.41
CA LEU H 84 -27.34 -33.29 -12.47
C LEU H 84 -26.86 -33.99 -13.74
N CYS H 85 -25.59 -33.79 -14.08
CA CYS H 85 -25.06 -34.37 -15.30
C CYS H 85 -25.10 -35.89 -15.25
N ALA H 86 -24.80 -36.43 -14.07
CA ALA H 86 -24.88 -37.87 -13.86
C ALA H 86 -26.30 -38.38 -14.05
N VAL H 87 -27.25 -37.68 -13.44
CA VAL H 87 -28.66 -38.06 -13.54
C VAL H 87 -29.14 -37.99 -14.99
N LEU H 88 -28.83 -36.88 -15.64
CA LEU H 88 -29.21 -36.67 -17.03
C LEU H 88 -28.52 -37.65 -17.98
N ALA H 89 -27.23 -37.87 -17.75
CA ALA H 89 -26.47 -38.76 -18.62
C ALA H 89 -27.04 -40.18 -18.57
N GLU H 90 -27.33 -40.63 -17.36
CA GLU H 90 -27.91 -41.96 -17.17
C GLU H 90 -29.31 -42.05 -17.77
N ALA H 91 -29.96 -40.91 -17.96
CA ALA H 91 -31.31 -40.90 -18.54
C ALA H 91 -31.29 -41.00 -20.07
N VAL H 92 -30.11 -40.95 -20.67
CA VAL H 92 -29.99 -41.01 -22.12
C VAL H 92 -29.87 -42.45 -22.64
N ALA H 93 -30.79 -42.84 -23.52
CA ALA H 93 -30.80 -44.19 -24.05
C ALA H 93 -30.07 -44.26 -25.39
N GLY H 94 -29.92 -43.11 -26.04
CA GLY H 94 -29.26 -43.04 -27.33
C GLY H 94 -29.69 -41.82 -28.14
N GLY H 95 -29.49 -41.88 -29.44
CA GLY H 95 -29.81 -40.76 -30.31
C GLY H 95 -28.63 -40.41 -31.21
N GLY H 96 -28.90 -40.26 -32.50
CA GLY H 96 -27.84 -40.00 -33.47
C GLY H 96 -27.09 -41.26 -33.84
N GLU H 97 -25.96 -41.10 -34.54
CA GLU H 97 -25.15 -42.23 -34.97
C GLU H 97 -23.85 -42.32 -34.19
N GLU H 98 -23.77 -41.56 -33.10
CA GLU H 98 -22.57 -41.53 -32.28
C GLU H 98 -22.89 -41.15 -30.84
N GLY H 99 -21.85 -41.08 -30.01
CA GLY H 99 -22.03 -40.78 -28.60
C GLY H 99 -22.74 -39.47 -28.38
N VAL H 100 -23.49 -39.38 -27.28
CA VAL H 100 -24.29 -38.21 -26.97
C VAL H 100 -23.61 -37.35 -25.90
N GLN H 101 -23.41 -36.08 -26.21
CA GLN H 101 -22.81 -35.16 -25.25
C GLN H 101 -23.86 -34.67 -24.26
N VAL H 102 -23.58 -34.87 -22.98
CA VAL H 102 -24.45 -34.43 -21.90
C VAL H 102 -23.69 -33.46 -21.01
N SER H 103 -24.22 -32.25 -20.83
CA SER H 103 -23.51 -31.24 -20.07
C SER H 103 -24.46 -30.42 -19.21
N VAL H 104 -23.91 -29.88 -18.12
CA VAL H 104 -24.66 -29.03 -17.21
C VAL H 104 -23.82 -27.84 -16.81
N GLU H 105 -24.42 -26.64 -16.88
CA GLU H 105 -23.78 -25.44 -16.36
C GLU H 105 -24.53 -24.95 -15.14
N VAL H 106 -23.81 -24.34 -14.21
CA VAL H 106 -24.44 -23.74 -13.03
C VAL H 106 -24.06 -22.26 -13.01
N ARG H 107 -25.04 -21.39 -12.89
CA ARG H 107 -24.77 -19.95 -12.83
C ARG H 107 -25.49 -19.33 -11.63
N GLU H 108 -25.06 -18.14 -11.26
CA GLU H 108 -25.66 -17.43 -10.13
C GLU H 108 -26.49 -16.25 -10.57
N MET H 109 -27.62 -16.06 -9.90
CA MET H 109 -28.47 -14.90 -10.11
C MET H 109 -28.11 -13.85 -9.08
N GLU H 110 -28.15 -12.59 -9.47
CA GLU H 110 -27.97 -11.50 -8.52
C GLU H 110 -29.10 -11.49 -7.48
N ARG H 111 -28.74 -11.69 -6.23
CA ARG H 111 -29.72 -11.71 -5.15
C ARG H 111 -30.40 -10.36 -4.91
N LEU H 112 -29.62 -9.29 -4.92
CA LEU H 112 -30.14 -7.98 -4.52
C LEU H 112 -31.28 -7.49 -5.41
N SER H 113 -31.19 -7.78 -6.70
CA SER H 113 -32.22 -7.31 -7.63
C SER H 113 -33.34 -8.32 -7.83
N TYR H 114 -33.21 -9.48 -7.18
CA TYR H 114 -34.16 -10.58 -7.35
C TYR H 114 -35.53 -10.26 -6.73
N ALA H 115 -36.59 -10.52 -7.48
CA ALA H 115 -37.94 -10.23 -6.99
C ALA H 115 -38.74 -11.51 -6.82
N LYS H 116 -39.54 -11.60 -5.77
CA LYS H 116 -40.38 -12.77 -5.61
C LYS H 116 -41.65 -12.45 -4.83
N ARG H 117 -42.75 -13.04 -5.29
CA ARG H 117 -44.02 -12.97 -4.59
C ARG H 117 -44.78 -14.28 -4.82
N VAL H 118 -45.72 -14.57 -3.92
CA VAL H 118 -46.62 -15.71 -4.12
C VAL H 118 -48.06 -15.23 -4.22
N VAL H 119 -48.73 -15.60 -5.30
CA VAL H 119 -50.11 -15.15 -5.50
C VAL H 119 -51.11 -16.16 -4.95
N LYS I 23 3.47 -12.33 23.12
CA LYS I 23 2.17 -12.93 22.82
C LYS I 23 1.75 -12.68 21.38
N ASP I 24 2.65 -12.98 20.43
CA ASP I 24 2.32 -12.91 19.02
C ASP I 24 1.69 -14.22 18.57
N SER I 25 0.69 -14.14 17.69
CA SER I 25 -0.04 -15.33 17.26
C SER I 25 0.85 -16.50 16.80
N PRO I 26 1.86 -16.26 15.94
CA PRO I 26 2.70 -17.40 15.55
C PRO I 26 3.24 -18.19 16.75
N ILE I 27 3.56 -17.48 17.83
CA ILE I 27 4.08 -18.13 19.04
C ILE I 27 2.98 -18.92 19.75
N ILE I 28 1.83 -18.28 19.92
CA ILE I 28 0.70 -18.91 20.60
C ILE I 28 0.21 -20.13 19.82
N GLU I 29 0.05 -19.98 18.51
CA GLU I 29 -0.40 -21.09 17.68
C GLU I 29 0.59 -22.26 17.67
N ALA I 30 1.89 -21.95 17.60
CA ALA I 30 2.90 -23.01 17.63
C ALA I 30 2.82 -23.81 18.92
N ASN I 31 2.69 -23.12 20.05
CA ASN I 31 2.61 -23.75 21.36
C ASN I 31 1.34 -24.57 21.50
N GLY I 32 0.22 -23.95 21.10
CA GLY I 32 -1.08 -24.60 21.15
C GLY I 32 -1.11 -25.87 20.32
N THR I 33 -0.54 -25.82 19.12
CA THR I 33 -0.48 -26.98 18.25
C THR I 33 0.43 -28.08 18.81
N LEU I 34 1.57 -27.70 19.36
CA LEU I 34 2.45 -28.67 20.00
C LEU I 34 1.76 -29.31 21.20
N ASP I 35 0.99 -28.50 21.91
CA ASP I 35 0.18 -28.99 23.03
C ASP I 35 -0.83 -30.02 22.52
N GLU I 36 -1.53 -29.67 21.45
CA GLU I 36 -2.44 -30.61 20.81
C GLU I 36 -1.72 -31.90 20.41
N LEU I 37 -0.54 -31.77 19.81
CA LEU I 37 0.31 -32.93 19.50
C LEU I 37 0.59 -33.80 20.71
N THR I 38 0.93 -33.18 21.83
CA THR I 38 1.28 -33.97 23.01
C THR I 38 0.08 -34.79 23.48
N SER I 39 -1.13 -34.24 23.38
CA SER I 39 -2.33 -34.95 23.81
C SER I 39 -2.56 -36.24 23.00
N PHE I 40 -2.41 -36.16 21.68
CA PHE I 40 -2.55 -37.35 20.85
C PHE I 40 -1.47 -38.39 21.15
N ILE I 41 -0.25 -37.93 21.40
CA ILE I 41 0.82 -38.82 21.81
C ILE I 41 0.45 -39.49 23.13
N GLY I 42 -0.06 -38.69 24.07
CA GLY I 42 -0.50 -39.19 25.35
C GLY I 42 -1.54 -40.29 25.22
N GLU I 43 -2.38 -40.20 24.20
CA GLU I 43 -3.35 -41.26 23.92
C GLU I 43 -2.65 -42.49 23.33
N ALA I 44 -1.84 -42.25 22.31
CA ALA I 44 -1.21 -43.32 21.54
C ALA I 44 -0.37 -44.26 22.41
N LYS I 45 0.31 -43.70 23.40
CA LYS I 45 1.20 -44.49 24.22
C LYS I 45 0.46 -45.53 25.07
N HIS I 46 -0.86 -45.52 25.03
CA HIS I 46 -1.64 -46.54 25.73
C HIS I 46 -2.00 -47.72 24.81
N TYR I 47 -1.54 -47.66 23.57
CA TYR I 47 -1.81 -48.73 22.62
C TYR I 47 -0.54 -49.43 22.15
N VAL I 48 0.62 -49.01 22.68
CA VAL I 48 1.90 -49.56 22.22
C VAL I 48 2.58 -50.37 23.32
N ASP I 49 3.68 -51.06 22.99
CA ASP I 49 4.40 -51.86 24.00
C ASP I 49 5.25 -50.96 24.89
N GLU I 50 5.94 -51.54 25.86
CA GLU I 50 6.70 -50.77 26.85
C GLU I 50 7.82 -49.92 26.23
N GLU I 51 8.47 -50.45 25.20
CA GLU I 51 9.56 -49.75 24.53
C GLU I 51 9.09 -48.48 23.84
N MET I 52 8.07 -48.60 23.00
CA MET I 52 7.54 -47.46 22.30
C MET I 52 6.89 -46.49 23.28
N LYS I 53 6.30 -47.00 24.35
CA LYS I 53 5.71 -46.14 25.37
C LYS I 53 6.78 -45.22 25.96
N GLY I 54 7.91 -45.81 26.36
CA GLY I 54 9.02 -45.05 26.91
C GLY I 54 9.54 -44.02 25.93
N ILE I 55 9.62 -44.40 24.65
CA ILE I 55 10.05 -43.49 23.60
C ILE I 55 9.09 -42.30 23.48
N LEU I 56 7.80 -42.60 23.44
CA LEU I 56 6.79 -41.55 23.33
C LEU I 56 6.83 -40.60 24.53
N GLU I 57 7.04 -41.14 25.74
CA GLU I 57 7.17 -40.28 26.92
C GLU I 57 8.37 -39.33 26.84
N GLU I 58 9.51 -39.82 26.35
CA GLU I 58 10.67 -38.95 26.16
C GLU I 58 10.34 -37.84 25.17
N ILE I 59 9.60 -38.19 24.11
CA ILE I 59 9.17 -37.24 23.11
C ILE I 59 8.24 -36.17 23.71
N GLN I 60 7.31 -36.59 24.56
CA GLN I 60 6.45 -35.64 25.27
C GLN I 60 7.27 -34.63 26.06
N ASN I 61 8.33 -35.11 26.72
CA ASN I 61 9.22 -34.21 27.43
C ASN I 61 9.94 -33.25 26.49
N ASP I 62 10.34 -33.73 25.31
CA ASP I 62 11.02 -32.88 24.33
C ASP I 62 10.07 -31.81 23.79
N ILE I 63 8.83 -32.20 23.51
CA ILE I 63 7.85 -31.25 22.99
C ILE I 63 7.62 -30.13 24.02
N TYR I 64 7.44 -30.50 25.28
CA TYR I 64 7.36 -29.52 26.36
C TYR I 64 8.59 -28.60 26.37
N LYS I 65 9.77 -29.19 26.22
CA LYS I 65 11.01 -28.45 26.16
C LYS I 65 10.99 -27.46 24.99
N ILE I 66 10.49 -27.92 23.85
CA ILE I 66 10.39 -27.06 22.68
C ILE I 66 9.45 -25.88 22.95
N MET I 67 8.30 -26.15 23.53
CA MET I 67 7.35 -25.08 23.86
C MET I 67 7.97 -24.02 24.76
N GLY I 68 8.85 -24.47 25.66
CA GLY I 68 9.59 -23.55 26.51
C GLY I 68 10.40 -22.55 25.71
N GLU I 69 11.05 -23.02 24.65
CA GLU I 69 11.81 -22.14 23.77
C GLU I 69 10.90 -21.19 23.00
N ILE I 70 9.86 -21.74 22.39
CA ILE I 70 8.98 -20.95 21.53
C ILE I 70 8.25 -19.89 22.34
N GLY I 71 7.61 -20.31 23.42
CA GLY I 71 6.83 -19.41 24.26
C GLY I 71 7.64 -18.28 24.88
N SER I 72 8.95 -18.48 24.99
CA SER I 72 9.82 -17.48 25.59
C SER I 72 10.62 -16.74 24.53
N LYS I 73 10.27 -16.96 23.26
CA LYS I 73 10.94 -16.33 22.12
C LYS I 73 12.46 -16.56 22.15
N GLY I 74 12.86 -17.78 22.50
CA GLY I 74 14.26 -18.15 22.51
C GLY I 74 15.02 -17.78 23.78
N LYS I 75 14.35 -17.12 24.73
CA LYS I 75 14.99 -16.77 26.00
C LYS I 75 15.32 -18.02 26.81
N ILE I 76 14.43 -19.01 26.75
CA ILE I 76 14.67 -20.31 27.38
C ILE I 76 15.21 -21.30 26.34
N GLU I 77 16.30 -21.98 26.67
CA GLU I 77 16.89 -22.98 25.78
C GLU I 77 15.90 -24.09 25.46
N GLY I 78 15.91 -24.58 24.23
CA GLY I 78 15.08 -25.69 23.82
C GLY I 78 15.82 -27.01 23.84
N ILE I 79 15.39 -27.96 23.02
CA ILE I 79 16.02 -29.28 22.98
C ILE I 79 17.45 -29.19 22.46
N SER I 80 18.31 -30.09 22.93
CA SER I 80 19.70 -30.10 22.52
C SER I 80 19.92 -30.98 21.30
N GLU I 81 21.10 -30.86 20.70
CA GLU I 81 21.46 -31.65 19.52
C GLU I 81 21.40 -33.14 19.82
N GLU I 82 21.66 -33.49 21.09
CA GLU I 82 21.55 -34.87 21.55
C GLU I 82 20.13 -35.42 21.40
N ARG I 83 19.14 -34.55 21.49
CA ARG I 83 17.75 -34.97 21.34
C ARG I 83 17.43 -35.28 19.89
N ILE I 84 18.00 -34.51 18.97
CA ILE I 84 17.86 -34.80 17.54
C ILE I 84 18.55 -36.13 17.22
N ALA I 85 19.78 -36.30 17.70
CA ALA I 85 20.52 -37.54 17.50
C ALA I 85 19.77 -38.72 18.14
N TRP I 86 19.13 -38.46 19.28
CA TRP I 86 18.36 -39.47 19.97
C TRP I 86 17.26 -40.02 19.05
N LEU I 87 16.54 -39.12 18.37
CA LEU I 87 15.55 -39.56 17.38
C LEU I 87 16.22 -40.35 16.26
N LEU I 88 17.35 -39.83 15.76
CA LEU I 88 18.01 -40.43 14.61
C LEU I 88 18.42 -41.87 14.86
N LYS I 89 18.92 -42.14 16.07
CA LYS I 89 19.31 -43.49 16.44
C LYS I 89 18.11 -44.45 16.41
N LEU I 90 16.98 -44.00 16.95
CA LEU I 90 15.76 -44.78 16.89
C LEU I 90 15.29 -44.97 15.45
N ILE I 91 15.42 -43.92 14.65
CA ILE I 91 15.03 -43.97 13.24
C ILE I 91 15.86 -45.03 12.50
N LEU I 92 17.17 -44.99 12.69
CA LEU I 92 18.06 -45.95 12.04
C LEU I 92 17.74 -47.38 12.47
N ARG I 93 17.45 -47.56 13.75
CA ARG I 93 17.06 -48.88 14.25
C ARG I 93 15.81 -49.39 13.55
N TYR I 94 14.75 -48.59 13.55
CA TYR I 94 13.46 -49.06 13.03
C TYR I 94 13.40 -49.01 11.51
N MET I 95 14.20 -48.13 10.90
CA MET I 95 14.27 -48.02 9.45
C MET I 95 14.61 -49.34 8.75
N GLU I 96 15.49 -50.14 9.35
CA GLU I 96 15.89 -51.41 8.74
C GLU I 96 14.80 -52.48 8.91
N MET I 97 13.73 -52.13 9.63
CA MET I 97 12.63 -53.04 9.85
C MET I 97 11.50 -52.77 8.87
N VAL I 98 11.63 -51.67 8.13
CA VAL I 98 10.57 -51.22 7.23
C VAL I 98 11.05 -51.25 5.78
N ASN I 99 10.34 -51.99 4.94
CA ASN I 99 10.78 -52.23 3.58
C ASN I 99 9.64 -52.06 2.58
N LEU I 100 9.12 -50.85 2.49
CA LEU I 100 8.03 -50.54 1.57
C LEU I 100 8.47 -50.62 0.11
N SER I 102 5.72 -51.95 -0.66
CA SER I 102 4.85 -51.17 -1.51
C SER I 102 4.06 -50.12 -0.73
N PHE I 103 3.37 -49.24 -1.45
CA PHE I 103 2.55 -48.21 -0.83
C PHE I 103 1.43 -48.82 -0.01
N VAL I 104 1.21 -48.29 1.19
CA VAL I 104 0.12 -48.75 2.03
C VAL I 104 -0.76 -47.58 2.50
N LEU I 105 -2.04 -47.85 2.77
CA LEU I 105 -2.93 -46.81 3.28
C LEU I 105 -2.67 -46.58 4.76
N PRO I 106 -2.83 -45.33 5.22
CA PRO I 106 -2.66 -45.03 6.64
C PRO I 106 -3.58 -45.86 7.54
N GLY I 107 -3.10 -46.21 8.72
CA GLY I 107 -3.91 -46.94 9.68
C GLY I 107 -4.19 -48.40 9.36
N GLY I 108 -3.16 -49.12 8.94
CA GLY I 108 -3.29 -50.53 8.63
C GLY I 108 -3.87 -51.32 9.79
N THR I 109 -3.51 -50.94 11.00
CA THR I 109 -4.06 -51.53 12.21
C THR I 109 -4.57 -50.40 13.10
N LEU I 110 -5.35 -50.76 14.12
CA LEU I 110 -5.85 -49.79 15.07
C LEU I 110 -4.69 -49.07 15.74
N GLU I 111 -3.68 -49.84 16.10
CA GLU I 111 -2.51 -49.31 16.80
C GLU I 111 -1.71 -48.37 15.92
N SER I 112 -1.44 -48.77 14.68
CA SER I 112 -0.68 -47.93 13.77
C SER I 112 -1.46 -46.67 13.36
N ALA I 113 -2.78 -46.78 13.33
CA ALA I 113 -3.63 -45.62 13.04
C ALA I 113 -3.38 -44.53 14.07
N LYS I 114 -3.25 -44.92 15.33
CA LYS I 114 -3.02 -43.95 16.41
C LYS I 114 -1.75 -43.16 16.18
N LEU I 115 -0.72 -43.82 15.68
CA LEU I 115 0.54 -43.13 15.41
C LEU I 115 0.44 -42.26 14.14
N ASP I 116 -0.27 -42.74 13.12
CA ASP I 116 -0.44 -41.96 11.90
C ASP I 116 -1.14 -40.65 12.23
N VAL I 117 -2.07 -40.71 13.17
CA VAL I 117 -2.72 -39.49 13.63
C VAL I 117 -1.69 -38.55 14.27
N CYS I 118 -0.86 -39.09 15.15
CA CYS I 118 0.21 -38.30 15.76
C CYS I 118 1.17 -37.74 14.72
N ARG I 119 1.47 -38.55 13.70
CA ARG I 119 2.35 -38.11 12.62
C ARG I 119 1.80 -36.89 11.89
N THR I 120 0.52 -36.93 11.51
CA THR I 120 -0.06 -35.82 10.75
C THR I 120 -0.17 -34.57 11.63
N ILE I 121 -0.46 -34.76 12.92
CA ILE I 121 -0.51 -33.61 13.82
C ILE I 121 0.90 -33.00 13.94
N ALA I 122 1.91 -33.87 14.09
CA ALA I 122 3.29 -33.41 14.23
C ALA I 122 3.70 -32.53 13.05
N ARG I 123 3.28 -32.92 11.85
CA ARG I 123 3.53 -32.15 10.63
C ARG I 123 2.85 -30.79 10.69
N ARG I 124 1.63 -30.74 11.21
CA ARG I 124 0.94 -29.46 11.41
C ARG I 124 1.71 -28.62 12.42
N ALA I 125 2.22 -29.26 13.46
CA ALA I 125 3.05 -28.57 14.45
C ALA I 125 4.32 -28.01 13.82
N LEU I 126 4.94 -28.80 12.95
CA LEU I 126 6.15 -28.37 12.25
C LEU I 126 5.91 -27.10 11.43
N ARG I 127 4.81 -27.06 10.68
CA ARG I 127 4.48 -25.91 9.85
C ARG I 127 4.36 -24.64 10.70
N LYS I 128 3.76 -24.77 11.88
CA LYS I 128 3.60 -23.62 12.77
C LYS I 128 4.94 -23.13 13.29
N VAL I 129 5.79 -24.07 13.72
CA VAL I 129 7.10 -23.74 14.23
C VAL I 129 7.99 -23.11 13.15
N LEU I 130 7.90 -23.64 11.92
CA LEU I 130 8.65 -23.09 10.80
C LEU I 130 8.26 -21.63 10.52
N THR I 131 6.96 -21.33 10.64
CA THR I 131 6.50 -19.96 10.50
C THR I 131 7.15 -19.07 11.56
N VAL I 132 7.15 -19.54 12.80
CA VAL I 132 7.79 -18.79 13.89
C VAL I 132 9.28 -18.57 13.61
N THR I 133 9.96 -19.62 13.16
CA THR I 133 11.39 -19.51 12.88
C THR I 133 11.68 -18.43 11.83
N ARG I 134 10.90 -18.43 10.75
CA ARG I 134 11.08 -17.44 9.70
C ARG I 134 10.85 -16.02 10.19
N GLU I 135 9.92 -15.84 11.11
CA GLU I 135 9.54 -14.51 11.59
C GLU I 135 10.35 -14.08 12.81
N PHE I 136 10.76 -15.03 13.65
CA PHE I 136 11.44 -14.69 14.89
C PHE I 136 12.91 -15.12 14.97
N GLY I 137 13.35 -15.96 14.02
CA GLY I 137 14.74 -16.39 13.99
C GLY I 137 15.11 -17.43 15.04
N ILE I 138 14.11 -18.09 15.62
CA ILE I 138 14.37 -19.06 16.68
C ILE I 138 13.72 -20.41 16.35
N GLY I 139 14.16 -21.47 17.02
CA GLY I 139 13.47 -22.75 16.91
C GLY I 139 13.89 -23.65 15.77
N ALA I 140 14.95 -23.27 15.06
CA ALA I 140 15.42 -24.07 13.92
C ALA I 140 15.75 -25.51 14.33
N GLU I 141 16.38 -25.66 15.50
CA GLU I 141 16.72 -26.99 16.01
C GLU I 141 15.45 -27.78 16.36
N ALA I 142 14.51 -27.09 16.99
CA ALA I 142 13.21 -27.68 17.33
C ALA I 142 12.47 -28.14 16.09
N ALA I 143 12.52 -27.33 15.03
CA ALA I 143 11.91 -27.69 13.75
C ALA I 143 12.55 -28.95 13.14
N ALA I 144 13.88 -29.02 13.19
CA ALA I 144 14.59 -30.21 12.74
C ALA I 144 14.17 -31.43 13.56
N TYR I 145 14.04 -31.24 14.87
CA TYR I 145 13.59 -32.30 15.76
C TYR I 145 12.20 -32.78 15.33
N LEU I 146 11.27 -31.85 15.17
CA LEU I 146 9.89 -32.19 14.80
C LEU I 146 9.84 -32.86 13.44
N LEU I 147 10.68 -32.41 12.52
CA LEU I 147 10.78 -33.05 11.21
C LEU I 147 11.19 -34.53 11.36
N ALA I 148 12.27 -34.77 12.10
CA ALA I 148 12.73 -36.13 12.37
C ALA I 148 11.65 -36.93 13.11
N LEU I 149 10.91 -36.26 14.00
CA LEU I 149 9.84 -36.89 14.75
C LEU I 149 8.80 -37.50 13.82
N SER I 150 8.35 -36.71 12.84
CA SER I 150 7.32 -37.17 11.91
C SER I 150 7.83 -38.39 11.13
N ASP I 151 9.12 -38.40 10.82
CA ASP I 151 9.72 -39.54 10.13
C ASP I 151 9.72 -40.78 11.02
N LEU I 152 10.14 -40.61 12.28
CA LEU I 152 10.14 -41.71 13.23
C LEU I 152 8.73 -42.26 13.47
N LEU I 153 7.77 -41.36 13.62
CA LEU I 153 6.38 -41.78 13.83
C LEU I 153 5.87 -42.62 12.65
N PHE I 154 6.22 -42.20 11.43
CA PHE I 154 5.86 -42.96 10.24
C PHE I 154 6.36 -44.40 10.34
N LEU I 155 7.65 -44.54 10.59
CA LEU I 155 8.28 -45.85 10.67
C LEU I 155 7.68 -46.70 11.78
N LEU I 156 7.48 -46.10 12.95
CA LEU I 156 6.97 -46.84 14.10
C LEU I 156 5.60 -47.45 13.78
N ALA I 157 4.76 -46.67 13.10
CA ALA I 157 3.46 -47.15 12.63
C ALA I 157 3.59 -48.32 11.66
N ARG I 158 4.53 -48.23 10.73
CA ARG I 158 4.75 -49.31 9.78
C ARG I 158 5.25 -50.56 10.47
N VAL I 159 6.13 -50.38 11.46
CA VAL I 159 6.69 -51.51 12.19
C VAL I 159 5.58 -52.27 12.89
N ILE I 160 4.65 -51.54 13.50
CA ILE I 160 3.50 -52.15 14.15
C ILE I 160 2.71 -53.02 13.16
N GLU I 161 2.45 -52.49 11.97
CA GLU I 161 1.75 -53.25 10.93
C GLU I 161 2.53 -54.49 10.49
N ILE I 162 3.84 -54.37 10.40
CA ILE I 162 4.69 -55.51 10.07
C ILE I 162 4.60 -56.57 11.16
N GLU I 163 4.66 -56.14 12.41
CA GLU I 163 4.52 -57.05 13.55
C GLU I 163 3.15 -57.71 13.57
N LEU I 164 1.97 -56.84 13.20
CA LEU I 164 0.76 -57.63 13.18
C LEU I 164 0.82 -58.68 12.08
N GLY I 165 1.46 -58.32 10.97
CA GLY I 165 1.71 -59.25 9.85
C GLY I 165 2.39 -60.53 10.34
N LYS I 166 3.49 -60.38 11.06
CA LYS I 166 4.23 -61.53 11.61
C LYS I 166 3.40 -62.43 12.55
N LYS I 167 2.58 -61.82 13.41
CA LYS I 167 1.65 -62.59 14.25
C LYS I 167 0.61 -63.35 13.42
N LEU I 168 0.11 -62.76 12.34
CA LEU I 168 -0.79 -63.52 11.46
C LEU I 168 -0.07 -64.71 10.80
N LEU I 169 1.18 -64.51 10.38
CA LEU I 169 1.98 -65.62 9.83
C LEU I 169 2.08 -66.78 10.83
N GLU I 170 2.38 -66.46 12.07
CA GLU I 170 2.42 -67.43 13.20
C GLU I 170 1.11 -68.17 13.45
N ALA I 171 0.03 -67.40 13.46
CA ALA I 171 -1.31 -67.94 13.62
C ALA I 171 -1.61 -68.97 12.52
N ALA I 172 -1.30 -68.62 11.28
CA ALA I 172 -1.55 -69.54 10.18
C ALA I 172 -0.68 -70.81 10.30
N ARG I 173 0.59 -70.63 10.69
CA ARG I 173 1.49 -71.76 10.87
C ARG I 173 1.04 -72.67 12.00
N ALA I 174 0.45 -72.06 13.04
CA ALA I 174 -0.04 -72.82 14.19
C ALA I 174 -1.31 -73.58 13.84
N GLY I 175 -2.14 -72.98 13.00
CA GLY I 175 -3.37 -73.61 12.57
C GLY I 175 -4.58 -73.18 13.40
N GLN I 176 -4.45 -72.03 14.05
CA GLN I 176 -5.49 -71.54 14.95
C GLN I 176 -6.45 -70.62 14.21
N ASP I 177 -7.66 -71.11 13.93
CA ASP I 177 -8.64 -70.38 13.12
C ASP I 177 -9.12 -69.09 13.78
N ASP I 178 -9.12 -69.05 15.12
CA ASP I 178 -9.50 -67.84 15.83
C ASP I 178 -8.41 -66.79 15.77
N GLU I 179 -7.15 -67.19 15.83
CA GLU I 179 -6.08 -66.20 15.90
C GLU I 179 -6.06 -65.39 14.60
N VAL I 180 -6.07 -66.12 13.49
CA VAL I 180 -6.01 -65.56 12.15
C VAL I 180 -7.17 -64.62 11.88
N ARG I 181 -8.37 -64.94 12.35
CA ARG I 181 -9.47 -64.00 12.21
C ARG I 181 -9.27 -62.71 13.01
N ILE I 182 -8.77 -62.87 14.23
CA ILE I 182 -8.51 -61.79 15.18
C ILE I 182 -7.42 -60.88 14.59
N LEU I 183 -6.33 -61.48 14.12
CA LEU I 183 -5.19 -60.71 13.60
C LEU I 183 -5.64 -59.89 12.37
N MET I 184 -6.37 -60.54 11.46
CA MET I 184 -6.89 -59.84 10.31
C MET I 184 -7.95 -58.79 10.69
N ALA I 185 -8.83 -59.12 11.63
CA ALA I 185 -9.83 -58.15 12.09
C ALA I 185 -9.15 -56.88 12.66
N ASN I 186 -7.99 -57.05 13.30
CA ASN I 186 -7.27 -55.93 13.88
C ASN I 186 -6.35 -55.20 12.90
N GLY I 187 -6.42 -55.56 11.61
CA GLY I 187 -5.60 -54.90 10.61
C GLY I 187 -4.40 -55.63 10.03
N ALA I 188 -4.08 -56.83 10.49
CA ALA I 188 -2.96 -57.59 9.86
C ALA I 188 -3.18 -57.79 8.37
N ASP I 189 -2.12 -57.60 7.58
CA ASP I 189 -2.14 -57.74 6.09
C ASP I 189 -2.19 -59.26 5.68
N VAL I 190 -3.31 -59.71 5.11
CA VAL I 190 -3.46 -61.10 4.72
C VAL I 190 -2.45 -61.56 3.73
N ASN I 191 -1.81 -60.60 3.05
CA ASN I 191 -0.78 -60.89 2.10
C ASN I 191 0.62 -60.53 2.60
N ALA I 192 0.80 -60.37 3.92
CA ALA I 192 2.13 -60.19 4.50
C ALA I 192 2.99 -61.42 4.17
N HIS I 193 4.29 -61.26 4.19
CA HIS I 193 5.14 -62.39 3.88
C HIS I 193 6.39 -62.40 4.77
N ASP I 194 6.98 -63.58 4.95
CA ASP I 194 8.24 -63.69 5.69
C ASP I 194 9.46 -63.41 4.79
N ASP I 195 10.66 -63.65 5.34
CA ASP I 195 11.87 -63.34 4.61
C ASP I 195 12.01 -64.23 3.38
N GLN I 196 11.31 -65.37 3.41
CA GLN I 196 11.27 -66.40 2.37
C GLN I 196 10.09 -66.20 1.34
N GLY I 197 9.33 -65.11 1.49
CA GLY I 197 8.23 -64.81 0.56
C GLY I 197 6.92 -65.55 0.82
N SER I 198 6.87 -66.36 1.85
CA SER I 198 5.70 -67.15 2.17
C SER I 198 4.70 -66.29 2.90
N THR I 199 3.45 -66.28 2.43
CA THR I 199 2.35 -65.51 3.05
C THR I 199 1.63 -66.38 4.05
N PRO I 200 0.76 -65.77 4.90
CA PRO I 200 -0.06 -66.68 5.76
C PRO I 200 -0.77 -67.82 4.96
N LEU I 201 -1.15 -67.54 3.71
CA LEU I 201 -1.81 -68.58 2.87
C LEU I 201 -0.85 -69.73 2.48
N HIS I 202 0.39 -69.40 2.08
CA HIS I 202 1.42 -70.42 1.79
C HIS I 202 1.61 -71.25 3.09
N LEU I 203 1.71 -70.57 4.25
CA LEU I 203 1.94 -71.34 5.49
C LEU I 203 0.80 -72.33 5.78
N ALA I 204 -0.43 -71.90 5.62
CA ALA I 204 -1.56 -72.84 5.79
C ALA I 204 -1.53 -74.00 4.81
N ALA I 205 -1.18 -73.72 3.55
CA ALA I 205 -1.08 -74.81 2.54
C ALA I 205 0.06 -75.78 2.81
N TRP I 206 1.22 -75.25 3.22
CA TRP I 206 2.40 -76.07 3.49
C TRP I 206 2.20 -76.92 4.75
N ILE I 207 1.70 -76.29 5.80
CA ILE I 207 1.53 -77.01 7.08
C ILE I 207 0.36 -78.05 7.04
N GLY I 208 -0.75 -77.70 6.40
CA GLY I 208 -1.87 -78.64 6.25
C GLY I 208 -3.04 -78.33 7.17
N HIS I 209 -3.50 -77.08 7.13
CA HIS I 209 -4.67 -76.65 7.89
C HIS I 209 -5.75 -76.13 6.96
N PRO I 210 -6.60 -77.04 6.41
CA PRO I 210 -7.70 -76.67 5.55
C PRO I 210 -8.61 -75.57 6.05
N GLU I 211 -8.81 -75.50 7.36
CA GLU I 211 -9.63 -74.42 7.94
C GLU I 211 -8.95 -73.09 7.72
N ILE I 212 -7.64 -73.08 7.76
CA ILE I 212 -6.98 -71.78 7.67
C ILE I 212 -6.91 -71.32 6.19
N VAL I 213 -6.52 -72.25 5.32
CA VAL I 213 -6.30 -71.87 3.90
C VAL I 213 -7.60 -71.18 3.38
N GLU I 214 -8.75 -71.77 3.77
CA GLU I 214 -10.10 -71.26 3.51
C GLU I 214 -10.43 -69.88 4.07
N VAL I 215 -10.18 -69.63 5.35
CA VAL I 215 -10.49 -68.30 5.92
C VAL I 215 -9.59 -67.21 5.35
N LEU I 216 -8.32 -67.54 5.14
CA LEU I 216 -7.41 -66.55 4.52
C LEU I 216 -7.84 -66.19 3.10
N LEU I 217 -8.25 -67.19 2.31
CA LEU I 217 -8.72 -66.89 0.93
C LEU I 217 -9.95 -65.98 1.00
N LYS I 218 -10.84 -66.32 1.93
CA LYS I 218 -12.08 -65.60 2.22
C LYS I 218 -11.81 -64.10 2.54
N HIS I 219 -10.70 -63.82 3.23
CA HIS I 219 -10.37 -62.42 3.55
C HIS I 219 -9.39 -61.74 2.57
N GLY I 220 -9.30 -62.29 1.36
CA GLY I 220 -8.55 -61.64 0.26
C GLY I 220 -7.14 -62.13 0.01
N ALA I 221 -6.73 -63.22 0.61
CA ALA I 221 -5.37 -63.72 0.33
C ALA I 221 -5.22 -63.99 -1.16
N ASP I 222 -4.10 -63.61 -1.75
CA ASP I 222 -3.87 -63.86 -3.18
C ASP I 222 -3.49 -65.35 -3.39
N VAL I 223 -4.42 -66.12 -3.96
CA VAL I 223 -4.30 -67.55 -4.18
C VAL I 223 -3.11 -67.89 -5.05
N ASN I 224 -2.62 -66.92 -5.82
CA ASN I 224 -1.51 -67.17 -6.71
C ASN I 224 -0.26 -66.38 -6.32
N ALA I 225 -0.16 -65.92 -5.06
CA ALA I 225 1.06 -65.22 -4.61
C ALA I 225 2.28 -66.16 -4.76
N ARG I 226 3.43 -65.62 -5.17
CA ARG I 226 4.64 -66.45 -5.35
C ARG I 226 5.61 -66.22 -4.22
N ASP I 227 6.19 -67.28 -3.67
CA ASP I 227 7.28 -67.10 -2.66
C ASP I 227 8.65 -66.92 -3.35
N THR I 228 9.78 -66.96 -2.66
CA THR I 228 11.02 -66.72 -3.41
C THR I 228 11.44 -67.85 -4.39
N ASP I 229 10.77 -68.99 -4.31
CA ASP I 229 11.06 -70.09 -5.22
C ASP I 229 10.11 -70.09 -6.40
N GLY I 230 9.25 -69.08 -6.45
CA GLY I 230 8.28 -68.98 -7.56
C GLY I 230 7.07 -69.81 -7.23
N TRP I 231 7.03 -70.41 -6.04
CA TRP I 231 5.85 -71.29 -5.67
C TRP I 231 4.57 -70.57 -5.17
N THR I 232 3.39 -71.04 -5.62
CA THR I 232 2.12 -70.59 -5.07
C THR I 232 1.76 -71.56 -3.97
N PRO I 233 0.78 -71.20 -3.11
CA PRO I 233 0.22 -72.15 -2.17
C PRO I 233 -0.16 -73.51 -2.79
N LEU I 234 -0.58 -73.50 -4.07
CA LEU I 234 -0.90 -74.77 -4.79
C LEU I 234 0.32 -75.64 -5.07
N HIS I 235 1.45 -75.03 -5.44
CA HIS I 235 2.69 -75.78 -5.57
C HIS I 235 3.01 -76.48 -4.23
N LEU I 236 2.91 -75.74 -3.14
CA LEU I 236 3.19 -76.32 -1.78
C LEU I 236 2.29 -77.49 -1.45
N ALA I 237 0.98 -77.29 -1.65
CA ALA I 237 0.01 -78.31 -1.38
C ALA I 237 0.22 -79.55 -2.24
N ALA I 238 0.46 -79.36 -3.54
CA ALA I 238 0.65 -80.51 -4.47
C ALA I 238 1.87 -81.37 -4.11
N ASP I 239 2.95 -80.70 -3.73
CA ASP I 239 4.26 -81.36 -3.40
C ASP I 239 4.16 -82.11 -2.05
N ASN I 240 3.44 -81.54 -1.12
CA ASN I 240 3.38 -82.12 0.23
C ASN I 240 2.17 -83.00 0.51
N GLY I 241 1.41 -83.37 -0.52
CA GLY I 241 0.36 -84.38 -0.34
C GLY I 241 -0.90 -83.85 0.32
N HIS I 242 -1.06 -82.53 0.30
CA HIS I 242 -2.20 -81.92 0.94
C HIS I 242 -3.42 -81.87 0.00
N LEU I 243 -4.10 -82.99 -0.12
CA LEU I 243 -5.23 -83.15 -1.05
C LEU I 243 -6.36 -82.13 -0.74
N GLU I 244 -6.77 -82.05 0.52
CA GLU I 244 -7.85 -81.11 0.88
C GLU I 244 -7.50 -79.65 0.53
N ILE I 245 -6.24 -79.25 0.72
CA ILE I 245 -5.76 -77.91 0.38
C ILE I 245 -5.78 -77.56 -1.12
N VAL I 246 -5.36 -78.53 -1.91
CA VAL I 246 -5.37 -78.40 -3.37
C VAL I 246 -6.81 -78.06 -3.88
N GLU I 247 -7.78 -78.80 -3.37
CA GLU I 247 -9.21 -78.65 -3.79
C GLU I 247 -9.68 -77.23 -3.52
N VAL I 248 -9.41 -76.74 -2.31
CA VAL I 248 -9.83 -75.41 -1.90
C VAL I 248 -9.16 -74.32 -2.74
N LEU I 249 -7.85 -74.41 -2.94
CA LEU I 249 -7.10 -73.38 -3.66
C LEU I 249 -7.61 -73.25 -5.10
N LEU I 250 -7.85 -74.40 -5.73
CA LEU I 250 -8.35 -74.35 -7.09
C LEU I 250 -9.75 -73.69 -7.10
N LYS I 251 -10.57 -73.97 -6.12
CA LYS I 251 -11.94 -73.38 -6.11
C LYS I 251 -11.91 -71.85 -6.11
N TYR I 252 -10.91 -71.26 -5.42
CA TYR I 252 -10.75 -69.84 -5.34
C TYR I 252 -9.80 -69.24 -6.42
N GLY I 253 -9.59 -69.98 -7.49
CA GLY I 253 -8.93 -69.46 -8.67
C GLY I 253 -7.42 -69.72 -8.83
N ALA I 254 -6.82 -70.66 -8.06
CA ALA I 254 -5.41 -71.01 -8.26
C ALA I 254 -5.22 -71.48 -9.68
N ASP I 255 -4.08 -71.09 -10.21
CA ASP I 255 -3.67 -71.35 -11.57
C ASP I 255 -3.07 -72.73 -11.52
N VAL I 256 -3.86 -73.69 -12.00
CA VAL I 256 -3.50 -75.09 -11.97
C VAL I 256 -2.25 -75.46 -12.79
N ASN I 257 -1.91 -74.56 -13.70
CA ASN I 257 -0.75 -74.75 -14.57
C ASN I 257 0.36 -73.70 -14.35
N ALA I 258 0.31 -73.01 -13.21
CA ALA I 258 1.39 -72.06 -12.83
C ALA I 258 2.73 -72.77 -12.77
N GLN I 259 3.76 -72.15 -13.37
CA GLN I 259 5.12 -72.74 -13.41
C GLN I 259 6.01 -72.06 -12.41
N ASP I 260 6.84 -72.80 -11.67
CA ASP I 260 7.79 -72.08 -10.76
C ASP I 260 9.06 -71.65 -11.48
N ALA I 261 10.08 -71.25 -10.71
CA ALA I 261 11.32 -70.79 -11.28
C ALA I 261 12.01 -71.76 -12.23
N TYR I 262 11.73 -73.04 -12.03
CA TYR I 262 12.36 -74.10 -12.80
C TYR I 262 11.43 -74.68 -13.86
N GLY I 263 10.28 -74.06 -14.04
CA GLY I 263 9.25 -74.54 -15.00
C GLY I 263 8.31 -75.62 -14.49
N LEU I 264 8.35 -75.96 -13.20
CA LEU I 264 7.44 -77.05 -12.76
C LEU I 264 6.03 -76.53 -12.43
N THR I 265 5.05 -77.33 -12.79
CA THR I 265 3.70 -77.06 -12.41
C THR I 265 3.37 -77.89 -11.17
N PRO I 266 2.24 -77.56 -10.50
CA PRO I 266 1.82 -78.36 -9.33
C PRO I 266 1.61 -79.77 -9.77
N LEU I 267 1.32 -79.96 -11.06
CA LEU I 267 1.16 -81.36 -11.58
C LEU I 267 2.48 -82.10 -11.65
N HIS I 268 3.53 -81.43 -12.13
CA HIS I 268 4.87 -82.01 -12.12
C HIS I 268 5.25 -82.43 -10.67
N LEU I 269 4.96 -81.55 -9.70
CA LEU I 269 5.29 -81.83 -8.29
C LEU I 269 4.48 -82.97 -7.75
N ALA I 270 3.15 -82.97 -7.95
CA ALA I 270 2.32 -84.09 -7.46
C ALA I 270 2.68 -85.44 -8.10
N ALA I 271 2.98 -85.42 -9.39
CA ALA I 271 3.36 -86.60 -10.15
C ALA I 271 4.67 -87.17 -9.64
N ASP I 272 5.68 -86.31 -9.50
CA ASP I 272 6.99 -86.77 -9.12
C ASP I 272 6.89 -87.39 -7.70
N ARG I 273 6.06 -86.84 -6.83
CA ARG I 273 5.94 -87.35 -5.45
C ARG I 273 5.03 -88.57 -5.40
N GLY I 274 4.42 -88.90 -6.54
CA GLY I 274 3.45 -90.01 -6.55
C GLY I 274 2.10 -89.69 -5.88
N HIS I 275 1.73 -88.43 -5.72
CA HIS I 275 0.47 -88.10 -5.04
C HIS I 275 -0.72 -88.18 -5.98
N LEU I 276 -1.13 -89.41 -6.33
CA LEU I 276 -2.19 -89.67 -7.35
C LEU I 276 -3.56 -88.96 -7.17
N GLU I 277 -4.06 -88.88 -5.95
CA GLU I 277 -5.37 -88.26 -5.74
C GLU I 277 -5.27 -86.79 -6.15
N ILE I 278 -4.17 -86.13 -5.76
CA ILE I 278 -3.99 -84.75 -6.18
C ILE I 278 -3.86 -84.61 -7.72
N VAL I 279 -3.11 -85.53 -8.33
CA VAL I 279 -2.91 -85.55 -9.80
C VAL I 279 -4.31 -85.58 -10.45
N GLU I 280 -5.20 -86.43 -9.92
CA GLU I 280 -6.57 -86.56 -10.44
C GLU I 280 -7.35 -85.25 -10.35
N VAL I 281 -7.21 -84.55 -9.21
CA VAL I 281 -7.85 -83.28 -8.98
C VAL I 281 -7.34 -82.20 -9.93
N LEU I 282 -6.04 -82.13 -10.05
CA LEU I 282 -5.35 -81.16 -10.95
C LEU I 282 -5.76 -81.38 -12.41
N LEU I 283 -5.78 -82.63 -12.84
CA LEU I 283 -6.16 -82.97 -14.20
C LEU I 283 -7.62 -82.58 -14.48
N LYS I 284 -8.52 -82.86 -13.55
CA LYS I 284 -9.95 -82.47 -13.70
C LYS I 284 -10.07 -80.92 -13.91
N HIS I 285 -9.18 -80.12 -13.30
CA HIS I 285 -9.24 -78.65 -13.46
C HIS I 285 -8.39 -78.07 -14.60
N GLY I 286 -7.95 -78.95 -15.52
CA GLY I 286 -7.33 -78.50 -16.77
C GLY I 286 -5.79 -78.54 -16.72
N ALA I 287 -5.22 -79.22 -15.73
CA ALA I 287 -3.74 -79.36 -15.69
C ALA I 287 -3.27 -80.03 -16.96
N ASP I 288 -2.16 -79.55 -17.52
CA ASP I 288 -1.66 -80.08 -18.80
C ASP I 288 -0.57 -81.13 -18.56
N VAL I 289 -0.95 -82.37 -18.79
CA VAL I 289 -0.05 -83.49 -18.55
C VAL I 289 1.15 -83.46 -19.49
N ASN I 290 1.04 -82.73 -20.60
CA ASN I 290 2.14 -82.65 -21.60
C ASN I 290 3.04 -81.41 -21.45
N ALA I 291 2.80 -80.60 -20.44
CA ALA I 291 3.66 -79.43 -20.21
C ALA I 291 5.11 -79.83 -19.88
N GLN I 292 6.09 -79.08 -20.37
CA GLN I 292 7.47 -79.45 -20.16
C GLN I 292 8.01 -78.42 -19.16
N ASP I 293 8.80 -78.87 -18.20
CA ASP I 293 9.51 -77.91 -17.38
C ASP I 293 10.74 -77.44 -18.11
N LYS I 294 11.58 -76.64 -17.49
CA LYS I 294 12.80 -76.21 -18.16
C LYS I 294 13.80 -77.35 -18.42
N PHE I 295 13.69 -78.47 -17.73
CA PHE I 295 14.55 -79.61 -18.02
C PHE I 295 14.05 -80.42 -19.23
N GLY I 296 12.75 -80.41 -19.50
CA GLY I 296 12.17 -81.11 -20.68
C GLY I 296 11.19 -82.18 -20.24
N LYS I 297 11.03 -82.33 -18.93
CA LYS I 297 10.15 -83.36 -18.39
C LYS I 297 8.71 -82.95 -18.31
N THR I 298 7.86 -83.90 -18.69
CA THR I 298 6.43 -83.74 -18.56
C THR I 298 6.01 -84.61 -17.39
N ALA I 299 4.82 -84.31 -16.84
CA ALA I 299 4.20 -85.13 -15.78
C ALA I 299 4.00 -86.58 -16.20
N PHE I 300 3.54 -86.81 -17.41
CA PHE I 300 3.51 -88.18 -17.84
C PHE I 300 4.89 -88.87 -17.92
N ASP I 301 5.89 -88.21 -18.53
CA ASP I 301 7.17 -88.84 -18.68
C ASP I 301 7.74 -89.20 -17.33
N ILE I 302 7.48 -88.34 -16.33
CA ILE I 302 7.86 -88.60 -14.95
C ILE I 302 7.15 -89.85 -14.42
N SER I 303 5.85 -90.01 -14.66
CA SER I 303 5.24 -91.23 -14.13
C SER I 303 5.90 -92.50 -14.76
N ILE I 304 6.30 -92.37 -16.01
CA ILE I 304 7.00 -93.44 -16.71
C ILE I 304 8.41 -93.64 -16.10
N ASP I 305 9.18 -92.55 -15.94
CA ASP I 305 10.51 -92.70 -15.31
C ASP I 305 10.53 -93.36 -13.93
N ASN I 306 9.50 -93.11 -13.12
CA ASN I 306 9.42 -93.72 -11.79
C ASN I 306 8.84 -95.14 -11.80
N GLY I 307 8.41 -95.63 -12.97
CA GLY I 307 7.81 -96.98 -13.07
C GLY I 307 6.43 -97.05 -12.44
N ASN I 308 5.72 -95.91 -12.39
CA ASN I 308 4.42 -95.87 -11.72
C ASN I 308 3.22 -96.14 -12.69
N GLU I 309 2.80 -97.39 -12.76
CA GLU I 309 1.85 -97.79 -13.80
C GLU I 309 0.50 -97.10 -13.60
N ASP I 310 0.04 -96.99 -12.35
CA ASP I 310 -1.22 -96.33 -12.04
C ASP I 310 -1.21 -94.82 -12.31
N LEU I 311 -0.10 -94.16 -11.96
CA LEU I 311 -0.02 -92.72 -12.25
C LEU I 311 0.01 -92.46 -13.75
N ALA I 312 0.76 -93.28 -14.48
CA ALA I 312 0.90 -93.12 -15.91
C ALA I 312 -0.44 -93.27 -16.62
N GLU I 313 -1.37 -93.96 -15.98
CA GLU I 313 -2.69 -94.19 -16.56
C GLU I 313 -3.57 -92.95 -16.46
N ILE I 314 -3.60 -92.35 -15.27
CA ILE I 314 -4.43 -91.17 -15.04
C ILE I 314 -3.90 -89.97 -15.82
N LEU I 315 -2.59 -89.93 -16.03
CA LEU I 315 -1.97 -88.90 -16.90
C LEU I 315 -2.03 -89.12 -18.44
N GLN I 316 -2.65 -90.20 -18.91
CA GLN I 316 -2.74 -90.51 -20.37
C GLN I 316 -3.96 -91.34 -20.73
N LYS J 23 19.74 -6.00 15.85
CA LYS J 23 20.32 -5.48 14.61
C LYS J 23 19.40 -4.46 13.94
N ASP J 24 18.25 -4.19 14.55
CA ASP J 24 17.34 -3.18 14.04
C ASP J 24 17.95 -1.81 14.24
N SER J 25 17.63 -0.86 13.37
CA SER J 25 18.24 0.47 13.45
C SER J 25 17.96 1.21 14.77
N PRO J 26 16.70 1.25 15.24
CA PRO J 26 16.48 1.99 16.49
C PRO J 26 17.36 1.50 17.65
N ILE J 27 17.66 0.21 17.68
CA ILE J 27 18.47 -0.37 18.73
C ILE J 27 19.92 0.09 18.58
N ILE J 28 20.42 -0.03 17.35
CA ILE J 28 21.79 0.36 17.03
C ILE J 28 22.01 1.85 17.28
N GLU J 29 21.09 2.67 16.78
CA GLU J 29 21.21 4.11 16.95
C GLU J 29 21.14 4.55 18.42
N ALA J 30 20.24 3.94 19.17
CA ALA J 30 20.12 4.25 20.60
C ALA J 30 21.41 3.93 21.34
N ASN J 31 21.99 2.78 21.06
CA ASN J 31 23.24 2.37 21.69
C ASN J 31 24.40 3.30 21.29
N GLY J 32 24.50 3.58 20.00
CA GLY J 32 25.52 4.49 19.50
C GLY J 32 25.39 5.90 20.06
N THR J 33 24.16 6.37 20.20
CA THR J 33 23.93 7.70 20.74
C THR J 33 24.28 7.75 22.23
N LEU J 34 23.92 6.71 22.98
CA LEU J 34 24.30 6.61 24.38
C LEU J 34 25.82 6.56 24.52
N ASP J 35 26.48 5.87 23.59
CA ASP J 35 27.93 5.83 23.54
C ASP J 35 28.48 7.25 23.35
N GLU J 36 27.91 7.98 22.40
CA GLU J 36 28.28 9.38 22.20
C GLU J 36 28.05 10.21 23.47
N LEU J 37 26.91 9.98 24.12
CA LEU J 37 26.58 10.69 25.35
C LEU J 37 27.65 10.50 26.44
N THR J 38 27.98 9.26 26.75
CA THR J 38 28.95 9.03 27.82
C THR J 38 30.33 9.59 27.48
N SER J 39 30.67 9.61 26.19
CA SER J 39 31.95 10.18 25.75
C SER J 39 32.08 11.67 26.10
N PHE J 40 31.06 12.47 25.78
CA PHE J 40 31.07 13.90 26.14
C PHE J 40 31.04 14.11 27.67
N ILE J 41 30.33 13.24 28.39
CA ILE J 41 30.33 13.28 29.85
C ILE J 41 31.75 13.02 30.36
N GLY J 42 32.38 12.01 29.78
CA GLY J 42 33.76 11.68 30.10
C GLY J 42 34.68 12.87 29.92
N GLU J 43 34.39 13.71 28.92
CA GLU J 43 35.17 14.94 28.74
C GLU J 43 34.82 15.96 29.82
N ALA J 44 33.52 16.21 29.99
CA ALA J 44 33.04 17.26 30.90
C ALA J 44 33.50 17.08 32.35
N LYS J 45 33.58 15.83 32.80
CA LYS J 45 33.93 15.57 34.20
C LYS J 45 35.33 16.08 34.58
N HIS J 46 36.10 16.48 33.57
CA HIS J 46 37.43 17.02 33.81
C HIS J 46 37.41 18.52 34.08
N TYR J 47 36.22 19.12 34.07
CA TYR J 47 36.09 20.54 34.30
C TYR J 47 35.23 20.84 35.53
N VAL J 48 34.94 19.81 36.30
CA VAL J 48 34.06 19.94 37.45
C VAL J 48 34.78 19.54 38.74
N ASP J 49 34.15 19.77 39.89
CA ASP J 49 34.78 19.41 41.17
C ASP J 49 34.64 17.92 41.47
N GLU J 50 35.19 17.49 42.61
CA GLU J 50 35.24 16.07 42.96
C GLU J 50 33.85 15.45 43.13
N GLU J 51 32.93 16.19 43.72
CA GLU J 51 31.57 15.69 43.94
C GLU J 51 30.87 15.41 42.60
N MET J 52 30.90 16.38 41.70
CA MET J 52 30.28 16.20 40.39
C MET J 52 30.98 15.12 39.58
N LYS J 53 32.30 15.04 39.67
CA LYS J 53 33.05 14.03 38.94
C LYS J 53 32.57 12.64 39.34
N GLY J 54 32.45 12.41 40.65
CA GLY J 54 31.95 11.15 41.17
C GLY J 54 30.57 10.83 40.62
N ILE J 55 29.67 11.81 40.68
CA ILE J 55 28.32 11.65 40.17
C ILE J 55 28.31 11.33 38.68
N LEU J 56 29.09 12.08 37.90
CA LEU J 56 29.12 11.86 36.46
C LEU J 56 29.64 10.46 36.11
N GLU J 57 30.63 9.97 36.85
CA GLU J 57 31.14 8.62 36.59
C GLU J 57 30.12 7.53 36.95
N GLU J 58 29.36 7.73 38.02
CA GLU J 58 28.26 6.82 38.32
C GLU J 58 27.25 6.82 37.17
N ILE J 59 27.00 8.00 36.61
CA ILE J 59 26.12 8.12 35.45
C ILE J 59 26.70 7.36 34.25
N GLN J 60 28.00 7.52 34.01
CA GLN J 60 28.64 6.78 32.91
C GLN J 60 28.42 5.27 33.07
N ASN J 61 28.54 4.78 34.30
CA ASN J 61 28.25 3.37 34.56
C ASN J 61 26.80 3.00 34.27
N ASP J 62 25.87 3.86 34.68
CA ASP J 62 24.45 3.63 34.43
C ASP J 62 24.15 3.57 32.93
N ILE J 63 24.79 4.47 32.19
CA ILE J 63 24.61 4.52 30.74
C ILE J 63 25.09 3.21 30.12
N TYR J 64 26.24 2.72 30.58
CA TYR J 64 26.75 1.44 30.13
C TYR J 64 25.72 0.32 30.36
N LYS J 65 25.14 0.30 31.56
CA LYS J 65 24.12 -0.70 31.89
C LYS J 65 22.92 -0.57 30.94
N ILE J 66 22.53 0.66 30.64
CA ILE J 66 21.40 0.90 29.75
C ILE J 66 21.67 0.32 28.35
N MET J 67 22.86 0.58 27.82
CA MET J 67 23.24 0.04 26.51
C MET J 67 23.20 -1.49 26.49
N GLY J 68 23.60 -2.12 27.59
CA GLY J 68 23.54 -3.56 27.69
C GLY J 68 22.12 -4.08 27.53
N GLU J 69 21.18 -3.45 28.24
CA GLU J 69 19.78 -3.81 28.16
C GLU J 69 19.20 -3.62 26.75
N ILE J 70 19.51 -2.48 26.15
CA ILE J 70 18.97 -2.16 24.82
C ILE J 70 19.56 -3.10 23.76
N GLY J 71 20.87 -3.21 23.73
CA GLY J 71 21.56 -4.04 22.76
C GLY J 71 21.19 -5.52 22.84
N SER J 72 20.71 -5.95 24.00
CA SER J 72 20.35 -7.35 24.20
C SER J 72 18.84 -7.54 24.18
N LYS J 73 18.11 -6.50 23.77
CA LYS J 73 16.66 -6.52 23.70
C LYS J 73 16.01 -6.94 25.02
N GLY J 74 16.55 -6.46 26.12
CA GLY J 74 16.00 -6.76 27.43
C GLY J 74 16.47 -8.06 28.06
N LYS J 75 17.25 -8.84 27.33
CA LYS J 75 17.75 -10.12 27.85
C LYS J 75 18.69 -9.91 29.04
N ILE J 76 19.51 -8.87 28.95
CA ILE J 76 20.42 -8.48 30.02
C ILE J 76 19.75 -7.39 30.87
N GLU J 77 19.71 -7.60 32.18
CA GLU J 77 19.15 -6.60 33.09
C GLU J 77 19.95 -5.29 33.07
N GLY J 78 19.24 -4.17 33.04
CA GLY J 78 19.88 -2.87 33.01
C GLY J 78 19.92 -2.19 34.37
N ILE J 79 19.68 -0.88 34.40
CA ILE J 79 19.74 -0.13 35.64
C ILE J 79 18.56 -0.48 36.53
N SER J 80 18.82 -0.57 37.83
CA SER J 80 17.75 -0.79 38.79
C SER J 80 16.99 0.50 39.00
N GLU J 81 15.77 0.41 39.52
CA GLU J 81 14.95 1.59 39.71
C GLU J 81 15.56 2.52 40.76
N GLU J 82 16.50 1.99 41.56
CA GLU J 82 17.15 2.78 42.58
C GLU J 82 17.92 3.94 41.94
N ARG J 83 18.36 3.73 40.70
CA ARG J 83 19.17 4.71 40.01
C ARG J 83 18.33 5.93 39.60
N ILE J 84 17.07 5.69 39.27
CA ILE J 84 16.17 6.80 38.95
C ILE J 84 15.93 7.66 40.19
N ALA J 85 15.62 7.02 41.31
CA ALA J 85 15.45 7.71 42.58
C ALA J 85 16.73 8.45 42.99
N TRP J 86 17.88 7.85 42.69
CA TRP J 86 19.18 8.46 42.97
C TRP J 86 19.32 9.80 42.23
N LEU J 87 18.97 9.82 40.94
CA LEU J 87 18.99 11.06 40.18
C LEU J 87 18.04 12.08 40.81
N LEU J 88 16.84 11.62 41.16
CA LEU J 88 15.80 12.52 41.68
C LEU J 88 16.26 13.21 42.96
N LYS J 89 16.91 12.46 43.85
CA LYS J 89 17.42 13.02 45.09
C LYS J 89 18.46 14.10 44.81
N LEU J 90 19.34 13.84 43.85
CA LEU J 90 20.35 14.82 43.46
C LEU J 90 19.69 16.07 42.87
N ILE J 91 18.63 15.87 42.08
CA ILE J 91 17.91 16.99 41.50
C ILE J 91 17.27 17.85 42.60
N LEU J 92 16.58 17.21 43.54
CA LEU J 92 15.97 17.92 44.66
C LEU J 92 17.03 18.64 45.50
N ARG J 93 18.17 17.99 45.68
CA ARG J 93 19.30 18.59 46.39
C ARG J 93 19.78 19.91 45.77
N TYR J 94 20.03 19.90 44.46
CA TYR J 94 20.61 21.07 43.80
C TYR J 94 19.56 22.11 43.43
N MET J 95 18.32 21.68 43.23
CA MET J 95 17.23 22.61 42.90
C MET J 95 17.04 23.69 43.97
N GLU J 96 17.50 23.40 45.19
CA GLU J 96 17.31 24.32 46.31
C GLU J 96 18.20 25.55 46.22
N MET J 97 19.37 25.39 45.59
CA MET J 97 20.36 26.46 45.56
C MET J 97 20.29 27.23 44.23
N VAL J 98 19.28 26.91 43.41
CA VAL J 98 19.16 27.49 42.07
C VAL J 98 17.85 28.25 41.88
N ASN J 99 17.95 29.53 41.52
CA ASN J 99 16.76 30.35 41.29
C ASN J 99 16.28 30.29 39.84
N LEU J 100 15.50 29.26 39.52
CA LEU J 100 15.01 29.05 38.16
C LEU J 100 13.89 30.02 37.79
N PHE J 103 15.40 33.30 32.99
CA PHE J 103 15.94 32.68 31.78
C PHE J 103 17.33 33.19 31.47
N VAL J 104 18.26 32.26 31.25
CA VAL J 104 19.60 32.64 30.78
C VAL J 104 20.02 31.81 29.58
N LEU J 105 20.91 32.35 28.76
CA LEU J 105 21.42 31.64 27.59
C LEU J 105 22.38 30.52 27.97
N PRO J 106 22.34 29.40 27.24
CA PRO J 106 23.25 28.28 27.46
C PRO J 106 24.71 28.70 27.42
N GLY J 107 25.52 28.08 28.26
CA GLY J 107 26.94 28.38 28.32
C GLY J 107 27.32 29.62 29.09
N GLY J 108 26.63 29.87 30.20
CA GLY J 108 26.93 31.01 31.06
C GLY J 108 28.41 31.05 31.45
N THR J 109 28.97 29.89 31.77
CA THR J 109 30.39 29.76 32.03
C THR J 109 30.98 28.69 31.11
N LEU J 110 32.31 28.62 31.05
CA LEU J 110 32.98 27.61 30.25
C LEU J 110 32.57 26.22 30.73
N GLU J 111 32.56 26.07 32.05
CA GLU J 111 32.24 24.81 32.70
C GLU J 111 30.78 24.42 32.48
N SER J 112 29.88 25.39 32.67
CA SER J 112 28.45 25.12 32.49
C SER J 112 28.12 24.80 31.04
N ALA J 113 28.88 25.36 30.11
CA ALA J 113 28.72 25.06 28.69
C ALA J 113 28.89 23.57 28.44
N LYS J 114 29.86 22.97 29.10
CA LYS J 114 30.12 21.54 28.98
C LYS J 114 28.91 20.72 29.43
N LEU J 115 28.25 21.18 30.48
CA LEU J 115 27.05 20.50 30.97
C LEU J 115 25.86 20.71 30.04
N ASP J 116 25.75 21.91 29.47
CA ASP J 116 24.65 22.20 28.54
C ASP J 116 24.74 21.30 27.31
N VAL J 117 25.97 21.09 26.83
CA VAL J 117 26.22 20.20 25.71
C VAL J 117 25.80 18.76 26.07
N CYS J 118 26.22 18.29 27.24
CA CYS J 118 25.79 16.96 27.71
C CYS J 118 24.28 16.87 27.85
N ARG J 119 23.65 17.94 28.33
CA ARG J 119 22.20 17.98 28.48
C ARG J 119 21.49 17.76 27.15
N THR J 120 21.89 18.52 26.13
CA THR J 120 21.23 18.44 24.83
C THR J 120 21.48 17.06 24.18
N ILE J 121 22.67 16.50 24.35
CA ILE J 121 22.95 15.16 23.80
C ILE J 121 22.09 14.11 24.52
N ALA J 122 21.98 14.24 25.83
CA ALA J 122 21.18 13.30 26.62
C ALA J 122 19.75 13.25 26.08
N ARG J 123 19.21 14.41 25.71
CA ARG J 123 17.87 14.47 25.15
C ARG J 123 17.83 13.76 23.80
N ARG J 124 18.89 13.91 23.00
CA ARG J 124 18.98 13.19 21.74
C ARG J 124 19.03 11.69 22.02
N ALA J 125 19.78 11.31 23.05
CA ALA J 125 19.86 9.92 23.45
C ALA J 125 18.47 9.40 23.86
N LEU J 126 17.75 10.22 24.62
CA LEU J 126 16.40 9.88 25.06
C LEU J 126 15.46 9.60 23.89
N ARG J 127 15.48 10.45 22.87
CA ARG J 127 14.62 10.23 21.71
C ARG J 127 14.90 8.88 21.03
N LYS J 128 16.16 8.50 20.96
CA LYS J 128 16.52 7.25 20.30
C LYS J 128 16.11 6.04 21.16
N VAL J 129 16.36 6.13 22.45
CA VAL J 129 16.00 5.05 23.38
C VAL J 129 14.47 4.95 23.50
N LEU J 130 13.81 6.09 23.57
CA LEU J 130 12.35 6.13 23.60
C LEU J 130 11.74 5.47 22.36
N THR J 131 12.35 5.71 21.20
CA THR J 131 11.92 5.05 19.97
C THR J 131 11.98 3.53 20.12
N VAL J 132 13.10 3.05 20.67
CA VAL J 132 13.26 1.62 20.93
C VAL J 132 12.17 1.11 21.86
N THR J 133 11.91 1.86 22.94
CA THR J 133 10.85 1.52 23.88
C THR J 133 9.47 1.45 23.22
N ARG J 134 9.16 2.43 22.39
CA ARG J 134 7.85 2.45 21.72
C ARG J 134 7.69 1.27 20.76
N GLU J 135 8.77 0.83 20.12
CA GLU J 135 8.66 -0.24 19.14
C GLU J 135 8.86 -1.64 19.73
N PHE J 136 9.68 -1.75 20.77
CA PHE J 136 10.03 -3.07 21.33
C PHE J 136 9.45 -3.31 22.72
N GLY J 137 8.96 -2.26 23.36
CA GLY J 137 8.37 -2.38 24.68
C GLY J 137 9.38 -2.59 25.80
N ILE J 138 10.62 -2.14 25.58
CA ILE J 138 11.67 -2.33 26.57
C ILE J 138 12.36 -1.00 26.89
N GLY J 139 13.02 -0.94 28.04
CA GLY J 139 13.85 0.21 28.36
C GLY J 139 13.11 1.42 28.91
N ALA J 140 11.85 1.23 29.31
CA ALA J 140 11.03 2.34 29.81
C ALA J 140 11.70 3.00 31.03
N GLU J 141 12.30 2.18 31.89
CA GLU J 141 13.02 2.69 33.06
C GLU J 141 14.25 3.47 32.63
N ALA J 142 14.94 2.95 31.62
CA ALA J 142 16.12 3.60 31.08
C ALA J 142 15.75 4.97 30.52
N ALA J 143 14.61 5.04 29.83
CA ALA J 143 14.11 6.28 29.29
C ALA J 143 13.77 7.28 30.39
N ALA J 144 13.09 6.81 31.44
CA ALA J 144 12.79 7.66 32.59
C ALA J 144 14.10 8.14 33.22
N TYR J 145 15.07 7.25 33.31
CA TYR J 145 16.38 7.59 33.85
C TYR J 145 17.03 8.70 33.04
N LEU J 146 17.08 8.51 31.72
CA LEU J 146 17.68 9.50 30.82
C LEU J 146 16.92 10.82 30.87
N LEU J 147 15.60 10.76 30.99
CA LEU J 147 14.81 11.98 31.15
C LEU J 147 15.27 12.71 32.41
N ALA J 148 15.32 11.99 33.52
CA ALA J 148 15.80 12.57 34.78
C ALA J 148 17.24 13.08 34.65
N LEU J 149 18.05 12.35 33.89
CA LEU J 149 19.44 12.74 33.68
C LEU J 149 19.55 14.13 33.05
N SER J 150 18.79 14.35 31.99
CA SER J 150 18.79 15.65 31.31
C SER J 150 18.35 16.77 32.24
N ASP J 151 17.43 16.47 33.16
CA ASP J 151 17.00 17.45 34.15
C ASP J 151 18.11 17.75 35.17
N LEU J 152 18.78 16.71 35.65
CA LEU J 152 19.90 16.88 36.58
C LEU J 152 21.03 17.68 35.93
N LEU J 153 21.34 17.36 34.68
CA LEU J 153 22.37 18.07 33.94
C LEU J 153 22.02 19.56 33.81
N PHE J 154 20.76 19.84 33.54
CA PHE J 154 20.28 21.22 33.49
C PHE J 154 20.57 21.95 34.79
N LEU J 155 20.17 21.34 35.91
CA LEU J 155 20.42 21.90 37.22
C LEU J 155 21.91 22.06 37.51
N LEU J 156 22.71 21.05 37.17
CA LEU J 156 24.14 21.08 37.46
C LEU J 156 24.80 22.26 36.75
N ALA J 157 24.37 22.51 35.50
CA ALA J 157 24.84 23.67 34.76
C ALA J 157 24.49 24.97 35.49
N ARG J 158 23.29 25.05 36.03
CA ARG J 158 22.90 26.22 36.82
C ARG J 158 23.73 26.32 38.10
N VAL J 159 23.99 25.19 38.74
CA VAL J 159 24.76 25.19 39.98
C VAL J 159 26.14 25.80 39.75
N ILE J 160 26.76 25.46 38.62
CA ILE J 160 28.03 26.05 38.24
C ILE J 160 27.93 27.57 38.13
N GLU J 161 26.91 28.05 37.46
CA GLU J 161 26.67 29.49 37.31
C GLU J 161 26.42 30.17 38.64
N ILE J 162 25.71 29.48 39.52
CA ILE J 162 25.48 29.99 40.87
C ILE J 162 26.79 30.10 41.66
N GLU J 163 27.62 29.06 41.59
CA GLU J 163 28.93 29.09 42.22
C GLU J 163 29.86 30.11 41.56
N LEU J 164 29.86 30.41 40.03
CA LEU J 164 30.73 31.48 39.62
C LEU J 164 30.19 32.83 40.10
N GLY J 165 28.86 32.92 40.14
CA GLY J 165 28.16 34.12 40.69
C GLY J 165 28.65 34.43 42.10
N LYS J 166 28.59 33.45 42.98
CA LYS J 166 29.04 33.62 44.38
C LYS J 166 30.52 34.01 44.51
N LYS J 167 31.39 33.38 43.73
CA LYS J 167 32.82 33.74 43.70
C LYS J 167 33.05 35.19 43.23
N LEU J 168 32.28 35.66 42.26
CA LEU J 168 32.37 37.08 41.90
C LEU J 168 31.90 37.99 43.05
N LEU J 169 30.83 37.60 43.73
CA LEU J 169 30.39 38.35 44.93
C LEU J 169 31.49 38.43 45.99
N GLU J 170 32.16 37.30 46.23
CA GLU J 170 33.31 37.21 47.16
C GLU J 170 34.48 38.12 46.79
N ALA J 171 34.82 38.12 45.51
CA ALA J 171 35.85 38.99 44.98
C ALA J 171 35.52 40.47 45.28
N ALA J 172 34.28 40.87 45.01
CA ALA J 172 33.86 42.24 45.29
C ALA J 172 33.90 42.54 46.81
N ARG J 173 33.46 41.58 47.61
CA ARG J 173 33.46 41.72 49.06
C ARG J 173 34.89 41.77 49.61
N ALA J 174 35.79 41.02 48.97
CA ALA J 174 37.18 40.98 49.39
C ALA J 174 37.92 42.25 48.98
N GLY J 175 37.52 42.82 47.85
CA GLY J 175 38.14 44.03 47.35
C GLY J 175 39.25 43.75 46.34
N GLN J 176 39.25 42.55 45.79
CA GLN J 176 40.28 42.14 44.84
C GLN J 176 39.83 42.36 43.41
N ASP J 177 40.36 43.42 42.79
CA ASP J 177 39.93 43.83 41.44
C ASP J 177 40.30 42.81 40.37
N ASP J 178 41.46 42.16 40.52
CA ASP J 178 41.85 41.13 39.57
C ASP J 178 40.92 39.92 39.61
N GLU J 179 40.47 39.51 40.79
CA GLU J 179 39.58 38.36 40.87
C GLU J 179 38.30 38.68 40.11
N VAL J 180 37.79 39.89 40.37
CA VAL J 180 36.59 40.43 39.74
C VAL J 180 36.69 40.37 38.22
N ARG J 181 37.81 40.82 37.66
CA ARG J 181 37.96 40.73 36.21
C ARG J 181 37.91 39.29 35.68
N ILE J 182 38.59 38.40 36.41
CA ILE J 182 38.79 37.01 36.05
C ILE J 182 37.42 36.32 36.09
N LEU J 183 36.67 36.50 37.17
CA LEU J 183 35.43 35.73 37.41
C LEU J 183 34.43 36.00 36.27
N MET J 184 34.25 37.28 35.95
CA MET J 184 33.37 37.64 34.84
C MET J 184 33.91 37.17 33.49
N ALA J 185 35.22 37.25 33.27
CA ALA J 185 35.81 36.75 32.05
C ALA J 185 35.48 35.24 31.84
N ASN J 186 35.39 34.50 32.95
CA ASN J 186 35.03 33.08 32.89
C ASN J 186 33.52 32.83 32.88
N GLY J 187 32.73 33.90 32.78
CA GLY J 187 31.28 33.72 32.76
C GLY J 187 30.46 34.12 33.98
N ALA J 188 31.09 34.53 35.08
CA ALA J 188 30.29 35.00 36.25
C ALA J 188 29.41 36.18 35.88
N ASP J 189 28.16 36.16 36.34
CA ASP J 189 27.14 37.21 36.08
C ASP J 189 27.42 38.49 36.95
N VAL J 190 27.79 39.60 36.32
CA VAL J 190 28.05 40.83 37.05
C VAL J 190 26.86 41.33 37.82
N ASN J 191 25.68 40.82 37.47
CA ASN J 191 24.46 41.15 38.14
C ASN J 191 23.93 40.05 39.07
N ALA J 192 24.80 39.08 39.42
CA ALA J 192 24.45 38.07 40.43
C ALA J 192 24.17 38.78 41.75
N HIS J 193 23.43 38.15 42.63
CA HIS J 193 23.16 38.79 43.91
C HIS J 193 23.17 37.76 45.05
N ASP J 194 23.43 38.21 46.27
CA ASP J 194 23.36 37.34 47.43
C ASP J 194 21.92 37.24 47.99
N ASP J 195 21.79 36.61 49.15
CA ASP J 195 20.46 36.39 49.71
C ASP J 195 19.82 37.71 50.14
N GLN J 196 20.68 38.72 50.34
CA GLN J 196 20.34 40.07 50.74
C GLN J 196 20.11 41.06 49.52
N GLY J 197 20.18 40.53 48.30
CA GLY J 197 19.95 41.34 47.10
C GLY J 197 21.12 42.18 46.61
N SER J 198 22.26 42.09 47.31
CA SER J 198 23.44 42.88 46.96
C SER J 198 24.18 42.19 45.84
N THR J 199 24.49 42.94 44.79
CA THR J 199 25.26 42.44 43.63
C THR J 199 26.72 42.71 43.83
N PRO J 200 27.60 42.07 43.00
CA PRO J 200 29.04 42.47 43.14
C PRO J 200 29.25 44.02 43.09
N LEU J 201 28.39 44.73 42.34
CA LEU J 201 28.50 46.21 42.27
C LEU J 201 28.13 46.89 43.61
N HIS J 202 27.03 46.45 44.27
CA HIS J 202 26.67 46.95 45.61
C HIS J 202 27.85 46.63 46.55
N LEU J 203 28.40 45.41 46.47
CA LEU J 203 29.50 45.08 47.42
C LEU J 203 30.72 46.01 47.25
N ALA J 204 31.09 46.30 46.03
CA ALA J 204 32.16 47.28 45.79
C ALA J 204 31.78 48.69 46.27
N ALA J 205 30.53 49.09 46.05
CA ALA J 205 30.07 50.42 46.52
C ALA J 205 30.05 50.55 48.05
N TRP J 206 29.64 49.49 48.74
CA TRP J 206 29.56 49.48 50.20
C TRP J 206 30.99 49.47 50.80
N ILE J 207 31.83 48.56 50.30
CA ILE J 207 33.18 48.42 50.89
C ILE J 207 34.11 49.63 50.56
N GLY J 208 34.01 50.17 49.35
CA GLY J 208 34.80 51.36 49.00
C GLY J 208 35.98 51.06 48.09
N HIS J 209 35.71 50.32 47.01
CA HIS J 209 36.71 50.02 46.00
C HIS J 209 36.29 50.53 44.64
N PRO J 210 36.54 51.82 44.34
CA PRO J 210 36.21 52.43 43.06
C PRO J 210 36.65 51.67 41.84
N GLU J 211 37.81 51.04 41.90
CA GLU J 211 38.31 50.29 40.74
C GLU J 211 37.38 49.16 40.39
N ILE J 212 36.79 48.54 41.40
CA ILE J 212 35.86 47.48 41.07
C ILE J 212 34.52 48.07 40.58
N VAL J 213 34.10 49.15 41.23
CA VAL J 213 32.81 49.78 40.84
C VAL J 213 32.84 50.04 39.30
N GLU J 214 33.95 50.64 38.86
CA GLU J 214 34.26 50.92 37.43
C GLU J 214 34.34 49.73 36.50
N VAL J 215 35.07 48.68 36.86
CA VAL J 215 35.14 47.50 35.99
C VAL J 215 33.79 46.81 35.82
N LEU J 216 33.05 46.66 36.92
CA LEU J 216 31.72 46.02 36.82
C LEU J 216 30.76 46.84 35.97
N LEU J 217 30.77 48.17 36.16
CA LEU J 217 29.82 49.02 35.37
C LEU J 217 30.15 48.88 33.89
N LYS J 218 31.45 48.90 33.60
CA LYS J 218 32.02 48.77 32.27
C LYS J 218 31.52 47.48 31.55
N HIS J 219 31.36 46.39 32.30
CA HIS J 219 30.92 45.13 31.71
C HIS J 219 29.41 44.82 31.85
N GLY J 220 28.61 45.87 32.11
CA GLY J 220 27.15 45.76 32.09
C GLY J 220 26.46 45.60 33.44
N ALA J 221 27.16 45.81 34.53
CA ALA J 221 26.47 45.77 35.83
C ALA J 221 25.38 46.82 35.87
N ASP J 222 24.21 46.49 36.41
CA ASP J 222 23.11 47.45 36.48
C ASP J 222 23.36 48.47 37.61
N VAL J 223 23.70 49.71 37.21
CA VAL J 223 24.03 50.81 38.10
C VAL J 223 22.87 51.13 39.04
N ASN J 224 21.66 50.72 38.67
CA ASN J 224 20.50 51.02 39.49
C ASN J 224 19.87 49.77 40.09
N ALA J 225 20.61 48.66 40.18
CA ALA J 225 20.06 47.44 40.81
C ALA J 225 19.66 47.74 42.28
N ARG J 226 18.55 47.18 42.73
CA ARG J 226 18.10 47.43 44.12
C ARG J 226 18.36 46.22 44.99
N ASP J 227 18.89 46.41 46.18
CA ASP J 227 19.01 45.26 47.14
C ASP J 227 17.70 45.05 47.93
N THR J 228 17.65 44.23 48.98
CA THR J 228 16.32 44.06 49.62
C THR J 228 15.81 45.30 50.40
N ASP J 229 16.67 46.28 50.59
CA ASP J 229 16.28 47.50 51.30
C ASP J 229 15.86 48.59 50.32
N GLY J 230 15.87 48.24 49.03
CA GLY J 230 15.49 49.21 47.99
C GLY J 230 16.69 50.05 47.63
N TRP J 231 17.84 49.76 48.22
CA TRP J 231 19.07 50.59 47.92
C TRP J 231 19.84 50.25 46.61
N THR J 232 20.26 51.30 45.86
CA THR J 232 21.13 51.13 44.71
C THR J 232 22.54 51.33 45.19
N PRO J 233 23.55 50.90 44.40
CA PRO J 233 24.93 51.23 44.70
C PRO J 233 25.17 52.72 45.04
N LEU J 234 24.38 53.62 44.43
CA LEU J 234 24.47 55.07 44.75
C LEU J 234 23.97 55.42 46.16
N HIS J 235 22.87 54.79 46.60
CA HIS J 235 22.48 54.87 48.00
C HIS J 235 23.65 54.41 48.89
N LEU J 236 24.26 53.29 48.54
CA LEU J 236 25.39 52.74 49.35
C LEU J 236 26.56 53.72 49.48
N ALA J 237 26.98 54.26 48.35
CA ALA J 237 28.07 55.22 48.34
C ALA J 237 27.76 56.47 49.13
N ALA J 238 26.55 57.02 48.96
CA ALA J 238 26.14 58.24 49.70
C ALA J 238 26.13 58.04 51.22
N ASP J 239 25.63 56.88 51.65
CA ASP J 239 25.51 56.51 53.09
C ASP J 239 26.90 56.33 53.73
N ASN J 240 27.82 55.77 52.98
CA ASN J 240 29.14 55.47 53.53
C ASN J 240 30.24 56.48 53.20
N GLY J 241 29.88 57.63 52.63
CA GLY J 241 30.86 58.71 52.44
C GLY J 241 31.81 58.46 51.28
N HIS J 242 31.42 57.58 50.37
CA HIS J 242 32.29 57.23 49.27
C HIS J 242 32.15 58.23 48.09
N LEU J 243 32.79 59.36 48.23
CA LEU J 243 32.68 60.48 47.28
C LEU J 243 33.08 60.03 45.85
N GLU J 244 34.24 59.40 45.71
CA GLU J 244 34.73 59.01 44.37
C GLU J 244 33.75 58.07 43.63
N ILE J 245 33.18 57.10 44.37
CA ILE J 245 32.21 56.15 43.81
C ILE J 245 30.88 56.76 43.36
N VAL J 246 30.42 57.71 44.15
CA VAL J 246 29.23 58.50 43.80
C VAL J 246 29.39 59.13 42.38
N GLU J 247 30.54 59.74 42.15
CA GLU J 247 30.84 60.41 40.85
C GLU J 247 30.79 59.41 39.72
N VAL J 248 31.43 58.24 39.95
CA VAL J 248 31.48 57.18 38.96
C VAL J 248 30.07 56.66 38.62
N LEU J 249 29.29 56.34 39.65
CA LEU J 249 27.95 55.76 39.43
C LEU J 249 27.07 56.69 38.62
N LEU J 250 27.15 57.99 38.95
CA LEU J 250 26.38 58.94 38.19
C LEU J 250 26.85 58.94 36.72
N LYS J 251 28.13 58.84 36.48
CA LYS J 251 28.64 58.87 35.07
C LYS J 251 28.04 57.75 34.22
N TYR J 252 27.83 56.58 34.83
CA TYR J 252 27.29 55.42 34.15
C TYR J 252 25.74 55.27 34.31
N GLY J 253 25.08 56.38 34.62
CA GLY J 253 23.63 56.44 34.54
C GLY J 253 22.82 56.20 35.83
N ALA J 254 23.44 56.25 37.02
CA ALA J 254 22.70 56.11 38.28
C ALA J 254 21.66 57.20 38.35
N ASP J 255 20.53 56.82 38.91
CA ASP J 255 19.37 57.66 39.08
C ASP J 255 19.61 58.38 40.38
N VAL J 256 19.99 59.65 40.25
CA VAL J 256 20.35 60.49 41.37
C VAL J 256 19.23 60.74 42.39
N ASN J 257 18.02 60.51 41.91
CA ASN J 257 16.82 60.70 42.74
C ASN J 257 16.06 59.39 43.03
N ALA J 258 16.74 58.25 42.82
CA ALA J 258 16.14 56.93 43.18
C ALA J 258 15.79 56.88 44.65
N GLN J 259 14.56 56.43 44.96
CA GLN J 259 14.04 56.38 46.34
C GLN J 259 14.11 54.98 46.86
N ASP J 260 14.53 54.77 48.12
CA ASP J 260 14.49 53.36 48.64
C ASP J 260 13.13 52.99 49.18
N ALA J 261 13.06 51.88 49.94
CA ALA J 261 11.80 51.41 50.48
C ALA J 261 11.06 52.41 51.36
N TYR J 262 11.81 53.32 51.94
CA TYR J 262 11.26 54.30 52.86
C TYR J 262 11.11 55.68 52.23
N GLY J 263 11.36 55.76 50.93
CA GLY J 263 11.33 57.05 50.18
C GLY J 263 12.62 57.86 50.22
N LEU J 264 13.71 57.32 50.75
CA LEU J 264 14.92 58.17 50.80
C LEU J 264 15.73 58.13 49.49
N THR J 265 16.26 59.28 49.12
CA THR J 265 17.16 59.36 48.01
C THR J 265 18.60 59.30 48.54
N PRO J 266 19.58 59.10 47.63
CA PRO J 266 20.99 59.13 48.06
C PRO J 266 21.28 60.47 48.65
N LEU J 267 20.51 61.48 48.27
CA LEU J 267 20.72 62.84 48.86
C LEU J 267 20.24 62.91 50.31
N HIS J 268 19.07 62.33 50.58
CA HIS J 268 18.59 62.23 51.96
C HIS J 268 19.67 61.53 52.84
N LEU J 269 20.26 60.44 52.31
CA LEU J 269 21.32 59.72 53.04
C LEU J 269 22.55 60.56 53.19
N ALA J 270 23.05 61.17 52.10
CA ALA J 270 24.25 62.03 52.22
C ALA J 270 24.06 63.23 53.15
N ALA J 271 22.87 63.83 53.12
CA ALA J 271 22.51 64.97 53.96
C ALA J 271 22.52 64.58 55.41
N ASP J 272 21.83 63.49 55.75
CA ASP J 272 21.70 63.10 57.13
C ASP J 272 23.10 62.78 57.69
N ARG J 273 23.99 62.22 56.87
CA ARG J 273 25.34 61.87 57.35
C ARG J 273 26.27 63.08 57.35
N GLY J 274 25.76 64.20 56.83
CA GLY J 274 26.61 65.39 56.71
C GLY J 274 27.70 65.30 55.62
N HIS J 275 27.55 64.45 54.61
CA HIS J 275 28.61 64.28 53.60
C HIS J 275 28.52 65.35 52.51
N LEU J 276 28.90 66.59 52.85
CA LEU J 276 28.77 67.76 51.94
C LEU J 276 29.37 67.64 50.51
N GLU J 277 30.52 67.03 50.37
CA GLU J 277 31.13 66.90 49.04
C GLU J 277 30.21 66.03 48.17
N ILE J 278 29.68 64.95 48.75
CA ILE J 278 28.75 64.13 48.00
C ILE J 278 27.44 64.91 47.65
N VAL J 279 26.95 65.70 48.60
CA VAL J 279 25.74 66.52 48.42
C VAL J 279 25.98 67.40 47.16
N GLU J 280 27.15 68.04 47.10
CA GLU J 280 27.51 68.92 45.98
C GLU J 280 27.46 68.21 44.64
N VAL J 281 27.98 66.97 44.59
CA VAL J 281 27.97 66.14 43.41
C VAL J 281 26.56 65.77 42.99
N LEU J 282 25.77 65.35 43.95
CA LEU J 282 24.36 64.94 43.74
C LEU J 282 23.52 66.09 43.19
N LEU J 283 23.65 67.26 43.79
CA LEU J 283 22.92 68.43 43.36
C LEU J 283 23.32 68.84 41.92
N LYS J 284 24.61 68.79 41.61
CA LYS J 284 25.10 69.10 40.24
C LYS J 284 24.42 68.15 39.20
N HIS J 285 24.12 66.90 39.59
CA HIS J 285 23.46 65.95 38.65
C HIS J 285 21.93 65.92 38.72
N GLY J 286 21.34 66.93 39.35
CA GLY J 286 19.89 67.13 39.32
C GLY J 286 19.17 66.57 40.55
N ALA J 287 19.92 66.25 41.61
CA ALA J 287 19.27 65.78 42.85
C ALA J 287 18.34 66.86 43.36
N ASP J 288 17.15 66.46 43.83
CA ASP J 288 16.15 67.44 44.29
C ASP J 288 16.17 67.58 45.82
N VAL J 289 16.69 68.71 46.25
CA VAL J 289 16.82 68.99 47.66
C VAL J 289 15.46 69.05 48.37
N ASN J 290 14.38 69.25 47.59
CA ASN J 290 13.03 69.36 48.17
C ASN J 290 12.19 68.07 48.12
N ALA J 291 12.80 66.99 47.67
CA ALA J 291 12.09 65.69 47.65
C ALA J 291 11.72 65.22 49.06
N GLN J 292 10.54 64.63 49.23
CA GLN J 292 10.10 64.24 50.56
C GLN J 292 10.20 62.73 50.58
N ASP J 293 10.66 62.17 51.70
CA ASP J 293 10.61 60.73 51.84
C ASP J 293 9.21 60.35 52.29
N LYS J 294 8.97 59.09 52.60
CA LYS J 294 7.65 58.70 53.06
C LYS J 294 7.29 59.28 54.44
N PHE J 295 8.25 59.73 55.21
CA PHE J 295 7.95 60.37 56.50
C PHE J 295 7.57 61.85 56.32
N GLY J 296 8.06 62.50 55.27
CA GLY J 296 7.71 63.92 54.98
C GLY J 296 8.94 64.80 55.00
N LYS J 297 10.09 64.19 55.29
CA LYS J 297 11.34 64.95 55.37
C LYS J 297 12.02 65.14 54.06
N THR J 298 12.54 66.36 53.90
CA THR J 298 13.35 66.69 52.75
C THR J 298 14.79 66.74 53.24
N ALA J 299 15.73 66.65 52.29
CA ALA J 299 17.17 66.82 52.57
C ALA J 299 17.49 68.16 53.23
N PHE J 300 16.92 69.24 52.73
CA PHE J 300 17.11 70.46 53.46
C PHE J 300 16.53 70.45 54.89
N ASP J 301 15.29 69.98 55.07
CA ASP J 301 14.69 70.01 56.39
C ASP J 301 15.55 69.23 57.36
N ILE J 302 16.17 68.14 56.88
CA ILE J 302 17.11 67.36 57.66
C ILE J 302 18.32 68.23 58.04
N SER J 303 18.87 69.02 57.14
CA SER J 303 20.02 69.81 57.58
C SER J 303 19.62 70.77 58.75
N ILE J 304 18.39 71.24 58.69
CA ILE J 304 17.84 72.09 59.74
C ILE J 304 17.61 71.27 61.03
N ASP J 305 16.94 70.12 60.94
CA ASP J 305 16.75 69.30 62.14
C ASP J 305 18.05 68.88 62.85
N ASN J 306 19.10 68.61 62.11
CA ASN J 306 20.39 68.23 62.70
C ASN J 306 21.22 69.43 63.17
N GLY J 307 20.75 70.66 62.92
CA GLY J 307 21.50 71.87 63.32
C GLY J 307 22.74 72.10 62.49
N ASN J 308 22.75 71.58 61.26
CA ASN J 308 23.95 71.69 60.41
C ASN J 308 23.92 72.94 59.46
N GLU J 309 24.50 74.03 59.93
CA GLU J 309 24.37 75.30 59.22
C GLU J 309 25.03 75.24 57.84
N ASP J 310 26.20 74.62 57.75
CA ASP J 310 26.91 74.49 56.48
C ASP J 310 26.17 73.61 55.45
N LEU J 311 25.58 72.51 55.92
CA LEU J 311 24.80 71.68 55.00
C LEU J 311 23.59 72.44 54.48
N ALA J 312 22.92 73.18 55.37
CA ALA J 312 21.75 73.95 54.98
C ALA J 312 22.09 75.00 53.93
N GLU J 313 23.35 75.40 53.89
CA GLU J 313 23.81 76.37 52.90
C GLU J 313 23.98 75.72 51.53
N ILE J 314 24.46 74.48 51.53
CA ILE J 314 24.68 73.76 50.29
C ILE J 314 23.36 73.30 49.68
N LEU J 315 22.42 72.90 50.52
CA LEU J 315 21.09 72.45 50.06
C LEU J 315 20.03 73.53 49.72
N GLN J 316 20.39 74.81 49.79
CA GLN J 316 19.44 75.93 49.51
C GLN J 316 20.14 77.20 49.05
N LYS K 23 4.58 15.77 20.62
CA LYS K 23 4.37 16.43 19.35
C LYS K 23 4.91 15.60 18.18
N ASP K 24 4.94 16.19 17.00
CA ASP K 24 5.49 15.53 15.81
C ASP K 24 7.03 15.52 15.85
N SER K 25 7.63 14.46 15.32
CA SER K 25 9.08 14.31 15.35
C SER K 25 9.87 15.44 14.66
N PRO K 26 9.48 15.82 13.42
CA PRO K 26 10.27 16.90 12.80
C PRO K 26 10.37 18.14 13.68
N ILE K 27 9.29 18.45 14.41
CA ILE K 27 9.23 19.62 15.25
C ILE K 27 10.15 19.47 16.44
N ILE K 28 10.06 18.32 17.08
CA ILE K 28 10.87 17.99 18.27
C ILE K 28 12.35 17.94 17.93
N GLU K 29 12.69 17.22 16.86
CA GLU K 29 14.08 17.07 16.48
C GLU K 29 14.70 18.40 16.08
N ALA K 30 13.94 19.21 15.34
CA ALA K 30 14.45 20.52 14.95
C ALA K 30 14.80 21.37 16.18
N ASN K 31 13.88 21.40 17.14
CA ASN K 31 14.12 22.18 18.35
C ASN K 31 15.28 21.63 19.18
N GLY K 32 15.34 20.31 19.32
CA GLY K 32 16.41 19.67 20.06
C GLY K 32 17.77 19.91 19.41
N THR K 33 17.81 19.89 18.10
CA THR K 33 19.06 20.08 17.37
C THR K 33 19.52 21.53 17.50
N LEU K 34 18.57 22.46 17.41
CA LEU K 34 18.85 23.88 17.60
C LEU K 34 19.36 24.15 19.01
N ASP K 35 18.77 23.44 19.97
CA ASP K 35 19.23 23.51 21.35
C ASP K 35 20.67 23.02 21.46
N GLU K 36 20.94 21.87 20.85
CA GLU K 36 22.31 21.33 20.82
C GLU K 36 23.26 22.37 20.18
N LEU K 37 22.82 22.99 19.10
CA LEU K 37 23.59 24.06 18.46
C LEU K 37 23.91 25.20 19.41
N THR K 38 22.91 25.68 20.15
CA THR K 38 23.15 26.80 21.04
C THR K 38 24.18 26.46 22.11
N SER K 39 24.16 25.22 22.58
CA SER K 39 25.12 24.79 23.60
C SER K 39 26.56 24.87 23.08
N PHE K 40 26.80 24.38 21.87
CA PHE K 40 28.13 24.45 21.28
C PHE K 40 28.57 25.89 21.06
N ILE K 41 27.64 26.73 20.63
CA ILE K 41 27.92 28.17 20.49
C ILE K 41 28.30 28.76 21.86
N GLY K 42 27.53 28.39 22.88
CA GLY K 42 27.79 28.84 24.24
C GLY K 42 29.19 28.47 24.70
N GLU K 43 29.69 27.34 24.23
CA GLU K 43 31.06 26.93 24.56
C GLU K 43 32.05 27.78 23.79
N ALA K 44 31.82 27.88 22.49
CA ALA K 44 32.75 28.54 21.57
C ALA K 44 33.01 29.99 21.96
N LYS K 45 31.98 30.67 22.46
CA LYS K 45 32.10 32.10 22.74
C LYS K 45 33.06 32.40 23.89
N HIS K 46 33.58 31.35 24.52
CA HIS K 46 34.56 31.51 25.57
C HIS K 46 36.00 31.43 25.02
N TYR K 47 36.10 31.23 23.71
CA TYR K 47 37.41 31.13 23.06
C TYR K 47 37.64 32.23 22.02
N VAL K 48 36.72 33.20 21.95
CA VAL K 48 36.81 34.24 20.94
C VAL K 48 36.95 35.62 21.59
N ASP K 49 37.20 36.65 20.78
CA ASP K 49 37.35 38.00 21.33
C ASP K 49 36.00 38.63 21.63
N GLU K 50 36.02 39.87 22.14
CA GLU K 50 34.80 40.53 22.60
C GLU K 50 33.76 40.77 21.50
N GLU K 51 34.22 41.13 20.30
CA GLU K 51 33.28 41.35 19.21
C GLU K 51 32.60 40.05 18.79
N MET K 52 33.39 39.01 18.59
CA MET K 52 32.82 37.74 18.19
C MET K 52 31.90 37.18 19.27
N LYS K 53 32.27 37.39 20.53
CA LYS K 53 31.44 36.94 21.63
C LYS K 53 30.06 37.60 21.58
N GLY K 54 30.04 38.92 21.41
CA GLY K 54 28.80 39.65 21.30
C GLY K 54 27.97 39.16 20.14
N ILE K 55 28.62 38.89 19.03
CA ILE K 55 27.97 38.35 17.84
C ILE K 55 27.33 36.98 18.13
N LEU K 56 28.11 36.08 18.74
CA LEU K 56 27.60 34.75 19.04
C LEU K 56 26.41 34.80 20.01
N GLU K 57 26.45 35.71 20.98
CA GLU K 57 25.34 35.87 21.91
C GLU K 57 24.06 36.34 21.22
N GLU K 58 24.18 37.26 20.28
CA GLU K 58 23.02 37.69 19.51
C GLU K 58 22.43 36.52 18.74
N ILE K 59 23.31 35.68 18.20
CA ILE K 59 22.91 34.48 17.47
C ILE K 59 22.16 33.51 18.39
N GLN K 60 22.66 33.32 19.61
CA GLN K 60 21.98 32.47 20.57
C GLN K 60 20.54 32.94 20.80
N ASN K 61 20.35 34.25 20.90
CA ASN K 61 19.01 34.80 21.07
C ASN K 61 18.14 34.51 19.84
N ASP K 62 18.71 34.66 18.66
CA ASP K 62 18.00 34.39 17.42
C ASP K 62 17.56 32.93 17.33
N ILE K 63 18.44 32.02 17.72
CA ILE K 63 18.10 30.60 17.68
C ILE K 63 16.92 30.31 18.61
N TYR K 64 16.95 30.90 19.80
CA TYR K 64 15.85 30.80 20.74
C TYR K 64 14.52 31.23 20.11
N LYS K 65 14.53 32.37 19.41
CA LYS K 65 13.35 32.84 18.71
C LYS K 65 12.87 31.81 17.68
N ILE K 66 13.82 31.21 16.97
CA ILE K 66 13.50 30.20 15.97
C ILE K 66 12.83 28.98 16.59
N MET K 67 13.37 28.50 17.71
CA MET K 67 12.78 27.35 18.40
C MET K 67 11.36 27.66 18.83
N GLY K 68 11.11 28.90 19.24
CA GLY K 68 9.76 29.33 19.59
C GLY K 68 8.80 29.15 18.44
N GLU K 69 9.17 29.69 17.28
CA GLU K 69 8.34 29.58 16.07
C GLU K 69 8.07 28.12 15.70
N ILE K 70 9.11 27.31 15.73
CA ILE K 70 8.95 25.89 15.37
C ILE K 70 8.06 25.15 16.36
N GLY K 71 8.38 25.26 17.65
CA GLY K 71 7.64 24.57 18.69
C GLY K 71 6.15 24.90 18.74
N SER K 72 5.80 26.13 18.40
CA SER K 72 4.41 26.54 18.41
C SER K 72 3.80 26.48 17.02
N LYS K 73 4.53 25.84 16.09
CA LYS K 73 4.08 25.64 14.71
C LYS K 73 3.69 26.94 14.01
N GLY K 74 4.46 28.00 14.23
CA GLY K 74 4.22 29.27 13.55
C GLY K 74 3.35 30.24 14.31
N LYS K 75 2.71 29.78 15.39
CA LYS K 75 1.86 30.64 16.21
C LYS K 75 2.68 31.78 16.83
N ILE K 76 3.89 31.44 17.29
CA ILE K 76 4.81 32.43 17.83
C ILE K 76 5.73 32.93 16.72
N GLU K 77 5.82 34.26 16.57
CA GLU K 77 6.71 34.85 15.58
C GLU K 77 8.19 34.58 15.90
N GLY K 78 8.97 34.25 14.87
CA GLY K 78 10.38 33.97 15.03
C GLY K 78 11.27 35.15 14.68
N ILE K 79 12.43 34.88 14.10
CA ILE K 79 13.37 35.95 13.75
C ILE K 79 12.84 36.77 12.57
N SER K 80 13.11 38.07 12.61
CA SER K 80 12.70 38.96 11.54
C SER K 80 13.72 38.97 10.41
N GLU K 81 13.34 39.51 9.26
CA GLU K 81 14.22 39.59 8.11
C GLU K 81 15.47 40.40 8.45
N GLU K 82 15.30 41.37 9.34
CA GLU K 82 16.43 42.18 9.80
C GLU K 82 17.50 41.33 10.44
N ARG K 83 17.10 40.20 11.02
CA ARG K 83 18.05 39.29 11.65
C ARG K 83 18.87 38.57 10.57
N ILE K 84 18.22 38.23 9.46
CA ILE K 84 18.91 37.65 8.32
C ILE K 84 19.90 38.66 7.72
N ALA K 85 19.43 39.88 7.52
CA ALA K 85 20.28 40.96 7.03
C ALA K 85 21.44 41.22 7.98
N TRP K 86 21.15 41.12 9.29
CA TRP K 86 22.17 41.29 10.30
C TRP K 86 23.32 40.30 10.10
N LEU K 87 22.98 39.04 9.83
CA LEU K 87 24.00 38.04 9.49
C LEU K 87 24.75 38.46 8.23
N LEU K 88 24.01 38.86 7.20
CA LEU K 88 24.58 39.18 5.90
C LEU K 88 25.61 40.30 5.98
N LYS K 89 25.33 41.29 6.81
CA LYS K 89 26.24 42.41 7.02
C LYS K 89 27.57 41.92 7.61
N LEU K 90 27.51 41.05 8.62
CA LEU K 90 28.72 40.49 9.20
C LEU K 90 29.47 39.65 8.17
N ILE K 91 28.71 38.89 7.38
CA ILE K 91 29.28 38.04 6.35
C ILE K 91 30.06 38.86 5.31
N LEU K 92 29.46 39.93 4.83
CA LEU K 92 30.10 40.80 3.84
C LEU K 92 31.36 41.43 4.41
N ARG K 93 31.31 41.84 5.68
CA ARG K 93 32.48 42.40 6.33
C ARG K 93 33.64 41.41 6.36
N TYR K 94 33.39 40.20 6.85
CA TYR K 94 34.46 39.24 7.07
C TYR K 94 34.90 38.53 5.77
N MET K 95 33.98 38.39 4.82
CA MET K 95 34.31 37.74 3.55
C MET K 95 35.46 38.46 2.85
N GLU K 96 35.57 39.76 3.07
CA GLU K 96 36.59 40.58 2.42
C GLU K 96 38.00 40.07 2.71
N MET K 97 38.17 39.44 3.86
CA MET K 97 39.49 39.03 4.33
C MET K 97 39.82 37.58 3.95
N VAL K 98 38.82 36.84 3.49
CA VAL K 98 38.93 35.39 3.38
C VAL K 98 39.01 34.90 1.93
N ASN K 99 40.07 34.18 1.61
CA ASN K 99 40.27 33.63 0.27
C ASN K 99 39.74 32.20 0.16
N PHE K 103 41.60 26.19 0.09
CA PHE K 103 41.08 25.01 0.79
C PHE K 103 41.98 24.61 1.95
N VAL K 104 41.44 24.64 3.16
CA VAL K 104 42.17 24.17 4.34
C VAL K 104 41.37 23.13 5.12
N LEU K 105 42.06 22.29 5.87
CA LEU K 105 41.42 21.27 6.69
C LEU K 105 40.77 21.93 7.90
N PRO K 106 39.61 21.39 8.34
CA PRO K 106 38.93 21.95 9.50
C PRO K 106 39.83 21.98 10.73
N GLY K 107 39.67 23.02 11.55
CA GLY K 107 40.43 23.14 12.79
C GLY K 107 41.87 23.58 12.66
N GLY K 108 42.14 24.53 11.77
CA GLY K 108 43.49 25.04 11.60
C GLY K 108 44.09 25.49 12.92
N THR K 109 43.26 26.08 13.78
CA THR K 109 43.65 26.48 15.12
C THR K 109 42.65 25.89 16.11
N LEU K 110 43.02 25.86 17.40
CA LEU K 110 42.12 25.36 18.43
C LEU K 110 40.83 26.17 18.44
N GLU K 111 40.96 27.48 18.35
CA GLU K 111 39.83 28.40 18.33
C GLU K 111 38.95 28.24 17.09
N SER K 112 39.61 28.15 15.93
CA SER K 112 38.88 27.96 14.69
C SER K 112 38.17 26.62 14.66
N ALA K 113 38.76 25.61 15.31
CA ALA K 113 38.13 24.31 15.41
C ALA K 113 36.74 24.41 16.07
N LYS K 114 36.64 25.24 17.11
CA LYS K 114 35.38 25.43 17.81
C LYS K 114 34.31 25.99 16.88
N LEU K 115 34.71 26.92 16.02
CA LEU K 115 33.77 27.50 15.08
C LEU K 115 33.39 26.49 13.99
N ASP K 116 34.36 25.68 13.57
CA ASP K 116 34.10 24.66 12.55
C ASP K 116 33.11 23.62 13.07
N VAL K 117 33.23 23.27 14.35
CA VAL K 117 32.27 22.37 14.98
C VAL K 117 30.86 23.00 14.94
N CYS K 118 30.77 24.27 15.33
CA CYS K 118 29.50 25.00 15.29
C CYS K 118 28.91 25.05 13.90
N ARG K 119 29.78 25.26 12.90
CA ARG K 119 29.36 25.29 11.51
C ARG K 119 28.66 23.98 11.10
N THR K 120 29.30 22.86 11.38
CA THR K 120 28.76 21.57 10.96
C THR K 120 27.47 21.24 11.72
N ILE K 121 27.39 21.62 12.99
CA ILE K 121 26.18 21.40 13.77
C ILE K 121 25.04 22.24 13.20
N ALA K 122 25.37 23.49 12.86
CA ALA K 122 24.39 24.41 12.30
C ALA K 122 23.77 23.82 11.03
N ARG K 123 24.59 23.19 10.20
CA ARG K 123 24.12 22.53 8.99
C ARG K 123 23.20 21.35 9.34
N ARG K 124 23.55 20.59 10.37
CA ARG K 124 22.67 19.53 10.83
C ARG K 124 21.33 20.13 11.30
N ALA K 125 21.40 21.25 12.01
CA ALA K 125 20.20 21.94 12.46
C ALA K 125 19.36 22.40 11.26
N LEU K 126 20.03 22.92 10.24
CA LEU K 126 19.35 23.39 9.04
C LEU K 126 18.56 22.24 8.38
N ARG K 127 19.15 21.06 8.26
CA ARG K 127 18.45 19.95 7.64
C ARG K 127 17.17 19.61 8.41
N LYS K 128 17.24 19.67 9.73
CA LYS K 128 16.08 19.34 10.56
C LYS K 128 14.99 20.41 10.42
N VAL K 129 15.39 21.68 10.49
CA VAL K 129 14.44 22.79 10.37
C VAL K 129 13.85 22.85 8.95
N LEU K 130 14.70 22.68 7.93
CA LEU K 130 14.23 22.62 6.55
C LEU K 130 13.20 21.50 6.34
N THR K 131 13.41 20.35 6.97
CA THR K 131 12.42 19.27 6.92
C THR K 131 11.08 19.76 7.46
N VAL K 132 11.12 20.46 8.59
CA VAL K 132 9.89 21.02 9.16
C VAL K 132 9.23 22.01 8.18
N THR K 133 10.04 22.84 7.54
CA THR K 133 9.51 23.81 6.57
C THR K 133 8.82 23.10 5.41
N ARG K 134 9.49 22.08 4.87
CA ARG K 134 8.95 21.34 3.73
C ARG K 134 7.63 20.68 4.11
N GLU K 135 7.54 20.12 5.30
CA GLU K 135 6.34 19.42 5.75
C GLU K 135 5.24 20.34 6.26
N PHE K 136 5.64 21.39 7.00
CA PHE K 136 4.67 22.22 7.69
C PHE K 136 4.45 23.60 7.03
N GLY K 137 5.34 23.98 6.12
CA GLY K 137 5.22 25.25 5.43
C GLY K 137 5.60 26.46 6.26
N ILE K 138 6.38 26.22 7.32
CA ILE K 138 6.76 27.29 8.24
C ILE K 138 8.28 27.36 8.41
N GLY K 139 8.78 28.51 8.87
CA GLY K 139 10.17 28.62 9.27
C GLY K 139 11.14 28.84 8.12
N ALA K 140 10.60 29.16 6.94
CA ALA K 140 11.44 29.36 5.76
C ALA K 140 12.50 30.44 6.00
N GLU K 141 12.08 31.51 6.68
CA GLU K 141 13.00 32.59 7.04
C GLU K 141 14.06 32.11 8.03
N ALA K 142 13.63 31.30 8.99
CA ALA K 142 14.54 30.70 9.97
C ALA K 142 15.56 29.80 9.27
N ALA K 143 15.11 29.04 8.29
CA ALA K 143 15.99 28.18 7.51
C ALA K 143 17.03 29.01 6.76
N ALA K 144 16.57 30.09 6.14
CA ALA K 144 17.46 31.01 5.46
C ALA K 144 18.47 31.61 6.43
N TYR K 145 17.98 31.96 7.63
CA TYR K 145 18.83 32.48 8.69
C TYR K 145 19.91 31.47 9.04
N LEU K 146 19.51 30.22 9.31
CA LEU K 146 20.44 29.18 9.69
C LEU K 146 21.44 28.88 8.56
N LEU K 147 20.96 28.94 7.31
CA LEU K 147 21.84 28.79 6.16
C LEU K 147 22.92 29.88 6.18
N ALA K 148 22.51 31.14 6.30
CA ALA K 148 23.46 32.25 6.38
C ALA K 148 24.39 32.10 7.60
N LEU K 149 23.85 31.58 8.69
CA LEU K 149 24.63 31.34 9.90
C LEU K 149 25.82 30.41 9.64
N SER K 150 25.57 29.28 8.97
CA SER K 150 26.61 28.33 8.68
C SER K 150 27.71 28.98 7.84
N ASP K 151 27.30 29.88 6.95
CA ASP K 151 28.26 30.60 6.13
C ASP K 151 29.11 31.56 6.97
N LEU K 152 28.45 32.30 7.87
CA LEU K 152 29.17 33.20 8.77
C LEU K 152 30.13 32.44 9.67
N LEU K 153 29.67 31.33 10.21
CA LEU K 153 30.52 30.49 11.07
C LEU K 153 31.75 30.01 10.31
N PHE K 154 31.58 29.62 9.05
CA PHE K 154 32.71 29.23 8.20
C PHE K 154 33.76 30.35 8.14
N LEU K 155 33.31 31.55 7.77
CA LEU K 155 34.20 32.70 7.65
C LEU K 155 34.89 33.04 8.97
N LEU K 156 34.15 33.00 10.08
CA LEU K 156 34.71 33.34 11.37
C LEU K 156 35.87 32.42 11.73
N ALA K 157 35.70 31.13 11.44
CA ALA K 157 36.77 30.16 11.64
C ALA K 157 38.00 30.53 10.81
N ARG K 158 37.77 30.96 9.57
CA ARG K 158 38.87 31.36 8.70
C ARG K 158 39.53 32.66 9.17
N VAL K 159 38.73 33.59 9.68
CA VAL K 159 39.29 34.84 10.18
C VAL K 159 40.25 34.56 11.33
N ILE K 160 39.89 33.61 12.19
CA ILE K 160 40.77 33.18 13.27
C ILE K 160 42.11 32.69 12.72
N GLU K 161 42.07 31.84 11.69
CA GLU K 161 43.27 31.35 11.04
C GLU K 161 44.11 32.47 10.43
N ILE K 162 43.43 33.45 9.83
CA ILE K 162 44.11 34.60 9.24
C ILE K 162 44.85 35.42 10.30
N GLU K 163 44.20 35.69 11.42
CA GLU K 163 44.84 36.39 12.53
C GLU K 163 45.95 35.57 13.16
N LEU K 164 45.71 34.10 13.32
CA LEU K 164 46.89 33.50 13.90
C LEU K 164 48.06 33.57 12.93
N GLY K 165 47.74 33.46 11.64
CA GLY K 165 48.75 33.58 10.56
C GLY K 165 49.55 34.86 10.71
N LYS K 166 48.86 35.99 10.77
CA LYS K 166 49.52 37.30 10.92
C LYS K 166 50.37 37.44 12.20
N LYS K 167 49.86 36.93 13.33
CA LYS K 167 50.63 36.95 14.58
C LYS K 167 51.95 36.14 14.48
N LEU K 168 51.93 35.01 13.78
CA LEU K 168 53.19 34.29 13.55
C LEU K 168 54.18 35.11 12.71
N LEU K 169 53.67 35.78 11.66
CA LEU K 169 54.53 36.67 10.85
C LEU K 169 55.14 37.78 11.69
N GLU K 170 54.31 38.40 12.53
CA GLU K 170 54.73 39.45 13.49
C GLU K 170 55.83 39.01 14.46
N ALA K 171 55.66 37.81 15.00
CA ALA K 171 56.66 37.20 15.86
C ALA K 171 57.99 37.07 15.12
N ALA K 172 57.96 36.58 13.87
CA ALA K 172 59.17 36.48 13.08
C ALA K 172 59.77 37.87 12.78
N ARG K 173 58.90 38.84 12.47
CA ARG K 173 59.34 40.20 12.21
C ARG K 173 59.91 40.86 13.46
N ALA K 174 59.33 40.53 14.60
CA ALA K 174 59.77 41.09 15.87
C ALA K 174 61.09 40.47 16.32
N GLY K 175 61.28 39.20 16.00
CA GLY K 175 62.49 38.49 16.37
C GLY K 175 62.31 37.67 17.63
N GLN K 176 61.08 37.41 18.00
CA GLN K 176 60.76 36.65 19.20
C GLN K 176 60.58 35.17 18.89
N ASP K 177 61.60 34.37 19.22
CA ASP K 177 61.61 32.94 18.86
C ASP K 177 60.53 32.13 19.59
N ASP K 178 60.31 32.42 20.87
CA ASP K 178 59.28 31.73 21.63
C ASP K 178 57.90 32.00 21.07
N GLU K 179 57.62 33.23 20.64
CA GLU K 179 56.30 33.53 20.10
C GLU K 179 56.06 32.66 18.87
N VAL K 180 57.08 32.63 18.01
CA VAL K 180 57.10 31.84 16.79
C VAL K 180 56.76 30.38 17.06
N ARG K 181 57.40 29.77 18.06
CA ARG K 181 57.05 28.39 18.39
C ARG K 181 55.60 28.23 18.85
N ILE K 182 55.16 29.15 19.69
CA ILE K 182 53.86 29.14 20.35
C ILE K 182 52.78 29.28 19.27
N LEU K 183 52.93 30.27 18.39
CA LEU K 183 51.89 30.58 17.39
C LEU K 183 51.62 29.35 16.51
N MET K 184 52.70 28.70 16.06
CA MET K 184 52.55 27.47 15.31
C MET K 184 51.96 26.33 16.15
N ALA K 185 52.40 26.20 17.40
CA ALA K 185 51.83 25.18 18.28
C ALA K 185 50.30 25.35 18.43
N ASN K 186 49.83 26.60 18.40
CA ASN K 186 48.40 26.89 18.50
C ASN K 186 47.67 26.86 17.17
N GLY K 187 48.37 26.44 16.11
CA GLY K 187 47.71 26.36 14.80
C GLY K 187 48.02 27.41 13.75
N ALA K 188 48.83 28.42 14.04
CA ALA K 188 49.19 29.44 13.01
C ALA K 188 49.80 28.78 11.78
N ASP K 189 49.39 29.22 10.60
CA ASP K 189 49.87 28.71 9.28
C ASP K 189 51.35 29.18 9.00
N VAL K 190 52.30 28.24 9.02
CA VAL K 190 53.70 28.59 8.79
C VAL K 190 53.96 29.25 7.48
N ASN K 191 53.02 29.09 6.55
CA ASN K 191 53.10 29.68 5.24
C ASN K 191 52.13 30.85 5.02
N ALA K 192 51.62 31.44 6.13
CA ALA K 192 50.81 32.66 6.04
C ALA K 192 51.66 33.76 5.39
N HIS K 193 51.01 34.73 4.79
CA HIS K 193 51.77 35.79 4.16
C HIS K 193 51.07 37.14 4.34
N ASP K 194 51.83 38.23 4.26
CA ASP K 194 51.26 39.57 4.31
C ASP K 194 50.79 40.04 2.91
N ASP K 195 50.41 41.31 2.81
CA ASP K 195 49.88 41.82 1.57
C ASP K 195 50.95 41.86 0.48
N GLN K 196 52.21 41.86 0.94
CA GLN K 196 53.42 41.89 0.13
C GLN K 196 53.98 40.45 -0.22
N GLY K 197 53.27 39.40 0.19
CA GLY K 197 53.67 38.02 -0.13
C GLY K 197 54.75 37.41 0.75
N SER K 198 55.22 38.18 1.74
CA SER K 198 56.29 37.73 2.63
C SER K 198 55.69 36.84 3.70
N THR K 199 56.26 35.66 3.89
CA THR K 199 55.82 34.70 4.93
C THR K 199 56.62 34.91 6.19
N PRO K 200 56.17 34.31 7.32
CA PRO K 200 57.06 34.43 8.53
C PRO K 200 58.54 34.04 8.23
N LEU K 201 58.76 33.11 7.30
CA LEU K 201 60.14 32.71 6.94
C LEU K 201 60.92 33.83 6.22
N HIS K 202 60.29 34.52 5.26
CA HIS K 202 60.90 35.69 4.58
C HIS K 202 61.20 36.73 5.68
N LEU K 203 60.26 36.96 6.61
CA LEU K 203 60.51 37.98 7.64
C LEU K 203 61.74 37.67 8.51
N ALA K 204 61.85 36.43 8.95
CA ALA K 204 63.03 36.03 9.73
C ALA K 204 64.33 36.13 8.93
N ALA K 205 64.28 35.72 7.65
CA ALA K 205 65.50 35.83 6.79
C ALA K 205 65.92 37.27 6.51
N TRP K 206 64.95 38.15 6.30
CA TRP K 206 65.24 39.56 6.00
C TRP K 206 65.76 40.28 7.26
N ILE K 207 65.08 40.09 8.39
CA ILE K 207 65.46 40.80 9.62
C ILE K 207 66.84 40.32 10.18
N GLY K 208 67.11 39.02 10.14
CA GLY K 208 68.40 38.51 10.61
C GLY K 208 68.30 37.73 11.92
N HIS K 209 67.35 36.81 11.99
CA HIS K 209 67.19 35.94 13.14
C HIS K 209 67.29 34.48 12.73
N PRO K 210 68.53 33.94 12.63
CA PRO K 210 68.76 32.56 12.23
C PRO K 210 67.96 31.52 12.99
N GLU K 211 67.78 31.71 14.29
CA GLU K 211 67.06 30.72 15.09
C GLU K 211 65.62 30.63 14.64
N ILE K 212 65.03 31.76 14.31
CA ILE K 212 63.66 31.67 13.85
C ILE K 212 63.61 31.08 12.41
N VAL K 213 64.58 31.48 11.60
CA VAL K 213 64.61 30.95 10.20
C VAL K 213 64.55 29.40 10.27
N GLU K 214 65.42 28.83 11.12
CA GLU K 214 65.51 27.39 11.43
C GLU K 214 64.27 26.73 12.01
N VAL K 215 63.64 27.34 13.03
CA VAL K 215 62.42 26.75 13.60
C VAL K 215 61.26 26.76 12.63
N LEU K 216 61.12 27.85 11.87
CA LEU K 216 60.06 27.89 10.84
C LEU K 216 60.27 26.83 9.76
N LEU K 217 61.53 26.68 9.31
CA LEU K 217 61.80 25.64 8.25
C LEU K 217 61.48 24.26 8.83
N LYS K 218 61.91 24.06 10.07
CA LYS K 218 61.71 22.85 10.84
C LYS K 218 60.20 22.47 10.94
N HIS K 219 59.33 23.48 11.05
CA HIS K 219 57.89 23.21 11.13
C HIS K 219 57.12 23.31 9.80
N GLY K 220 57.84 23.18 8.68
CA GLY K 220 57.23 23.07 7.35
C GLY K 220 57.17 24.34 6.51
N ALA K 221 57.87 25.39 6.91
CA ALA K 221 57.84 26.59 6.07
C ALA K 221 58.35 26.26 4.67
N ASP K 222 57.72 26.80 3.64
CA ASP K 222 58.16 26.56 2.26
C ASP K 222 59.48 27.34 1.99
N VAL K 223 60.59 26.61 1.92
CA VAL K 223 61.93 27.14 1.79
C VAL K 223 62.08 27.95 0.51
N ASN K 224 61.20 27.70 -0.48
CA ASN K 224 61.31 28.38 -1.75
C ASN K 224 60.08 29.23 -2.06
N ALA K 225 59.32 29.65 -1.03
CA ALA K 225 58.14 30.52 -1.27
C ALA K 225 58.60 31.84 -1.94
N ARG K 226 57.81 32.36 -2.88
CA ARG K 226 58.14 33.65 -3.51
C ARG K 226 57.30 34.75 -2.94
N ASP K 227 57.89 35.90 -2.65
CA ASP K 227 57.07 37.09 -2.29
C ASP K 227 56.58 37.85 -3.55
N THR K 228 55.99 39.04 -3.47
CA THR K 228 55.52 39.63 -4.74
C THR K 228 56.65 40.10 -5.70
N ASP K 229 57.88 40.11 -5.23
CA ASP K 229 59.01 40.51 -6.06
C ASP K 229 59.69 39.30 -6.67
N GLY K 230 59.13 38.12 -6.38
CA GLY K 230 59.70 36.87 -6.94
C GLY K 230 60.81 36.39 -6.04
N TRP K 231 61.04 37.09 -4.92
CA TRP K 231 62.15 36.65 -3.99
C TRP K 231 61.83 35.49 -3.00
N THR K 232 62.80 34.57 -2.81
CA THR K 232 62.71 33.55 -1.78
C THR K 232 63.41 34.11 -0.57
N PRO K 233 63.19 33.50 0.63
CA PRO K 233 63.97 33.83 1.80
C PRO K 233 65.51 33.83 1.55
N LEU K 234 65.97 32.96 0.64
CA LEU K 234 67.42 32.95 0.26
C LEU K 234 67.87 34.22 -0.48
N HIS K 235 67.03 34.74 -1.37
CA HIS K 235 67.33 36.01 -2.01
C HIS K 235 67.50 37.11 -0.94
N LEU K 236 66.57 37.16 0.01
CA LEU K 236 66.62 38.18 1.10
C LEU K 236 67.89 38.08 1.93
N ALA K 237 68.21 36.86 2.36
CA ALA K 237 69.40 36.62 3.13
C ALA K 237 70.67 36.97 2.39
N ALA K 238 70.75 36.58 1.11
CA ALA K 238 71.96 36.85 0.29
C ALA K 238 72.21 38.36 0.10
N ASP K 239 71.13 39.09 -0.18
CA ASP K 239 71.17 40.55 -0.46
C ASP K 239 71.54 41.36 0.80
N ASN K 240 71.05 40.90 1.93
CA ASN K 240 71.25 41.64 3.18
C ASN K 240 72.43 41.21 4.03
N GLY K 241 73.32 40.36 3.48
CA GLY K 241 74.57 40.04 4.19
C GLY K 241 74.41 39.05 5.31
N HIS K 242 73.30 38.32 5.29
CA HIS K 242 73.03 37.36 6.35
C HIS K 242 73.67 35.99 6.05
N LEU K 243 74.97 35.92 6.24
CA LEU K 243 75.77 34.75 5.88
C LEU K 243 75.24 33.46 6.55
N GLU K 244 75.04 33.51 7.86
CA GLU K 244 74.58 32.31 8.58
C GLU K 244 73.23 31.78 8.07
N ILE K 245 72.29 32.70 7.79
CA ILE K 245 70.95 32.34 7.27
C ILE K 245 70.95 31.75 5.85
N VAL K 246 71.81 32.30 5.01
CA VAL K 246 72.03 31.77 3.67
C VAL K 246 72.34 30.24 3.73
N GLU K 247 73.24 29.88 4.63
CA GLU K 247 73.64 28.45 4.85
C GLU K 247 72.43 27.63 5.24
N VAL K 248 71.63 28.19 6.17
CA VAL K 248 70.46 27.51 6.70
C VAL K 248 69.45 27.21 5.58
N LEU K 249 69.11 28.21 4.77
CA LEU K 249 68.10 28.03 3.71
C LEU K 249 68.54 26.96 2.72
N LEU K 250 69.82 26.99 2.35
CA LEU K 250 70.31 26.00 1.43
C LEU K 250 70.23 24.59 2.07
N LYS K 251 70.53 24.49 3.34
CA LYS K 251 70.50 23.15 4.00
C LYS K 251 69.14 22.47 3.90
N TYR K 252 68.07 23.27 3.99
CA TYR K 252 66.72 22.78 3.93
C TYR K 252 66.08 22.84 2.51
N GLY K 253 66.93 22.90 1.50
CA GLY K 253 66.50 22.72 0.12
C GLY K 253 66.22 23.98 -0.72
N ALA K 254 66.65 25.18 -0.28
CA ALA K 254 66.49 26.39 -1.09
C ALA K 254 67.20 26.20 -2.41
N ASP K 255 66.56 26.72 -3.43
CA ASP K 255 67.00 26.65 -4.81
C ASP K 255 67.99 27.79 -4.96
N VAL K 256 69.27 27.40 -4.97
CA VAL K 256 70.37 28.34 -5.01
C VAL K 256 70.42 29.23 -6.28
N ASN K 257 69.70 28.75 -7.29
CA ASN K 257 69.63 29.46 -8.57
C ASN K 257 68.21 29.99 -8.90
N ALA K 258 67.36 30.07 -7.88
CA ALA K 258 66.01 30.66 -8.07
C ALA K 258 66.11 32.08 -8.61
N GLN K 259 65.34 32.37 -9.68
CA GLN K 259 65.40 33.69 -10.35
C GLN K 259 64.21 34.53 -9.94
N ASP K 260 64.41 35.81 -9.62
CA ASP K 260 63.20 36.63 -9.28
C ASP K 260 62.51 37.18 -10.53
N ALA K 261 61.61 38.15 -10.35
CA ALA K 261 60.87 38.72 -11.45
C ALA K 261 61.72 39.30 -12.57
N TYR K 262 62.93 39.70 -12.21
CA TYR K 262 63.83 40.34 -13.16
C TYR K 262 64.96 39.42 -13.61
N GLY K 263 64.86 38.15 -13.24
CA GLY K 263 65.93 37.16 -13.52
C GLY K 263 67.08 37.11 -12.51
N LEU K 264 66.98 37.81 -11.38
CA LEU K 264 68.14 37.77 -10.46
C LEU K 264 68.13 36.51 -9.56
N THR K 265 69.31 35.98 -9.37
CA THR K 265 69.49 34.90 -8.44
C THR K 265 70.07 35.46 -7.14
N PRO K 266 70.05 34.66 -6.05
CA PRO K 266 70.67 35.12 -4.78
C PRO K 266 72.11 35.39 -5.04
N LEU K 267 72.68 34.77 -6.08
CA LEU K 267 74.12 35.03 -6.39
C LEU K 267 74.33 36.40 -6.99
N HIS K 268 73.49 36.79 -7.95
CA HIS K 268 73.55 38.13 -8.52
C HIS K 268 73.41 39.18 -7.38
N LEU K 269 72.46 38.95 -6.45
CA LEU K 269 72.25 39.86 -5.33
C LEU K 269 73.44 39.92 -4.41
N ALA K 270 73.99 38.76 -4.02
CA ALA K 270 75.22 38.76 -3.19
C ALA K 270 76.42 39.42 -3.88
N ALA K 271 76.55 39.20 -5.18
CA ALA K 271 77.62 39.76 -6.00
C ALA K 271 77.52 41.27 -6.04
N ASP K 272 76.34 41.78 -6.38
CA ASP K 272 76.18 43.20 -6.55
C ASP K 272 76.46 43.89 -5.19
N ARG K 273 76.11 43.25 -4.09
CA ARG K 273 76.35 43.86 -2.75
C ARG K 273 77.79 43.66 -2.30
N GLY K 274 78.55 42.90 -3.08
CA GLY K 274 79.93 42.57 -2.68
C GLY K 274 80.04 41.58 -1.50
N HIS K 275 79.01 40.79 -1.22
CA HIS K 275 79.06 39.89 -0.07
C HIS K 275 79.77 38.58 -0.39
N LEU K 276 81.10 38.63 -0.54
CA LEU K 276 81.94 37.46 -0.96
C LEU K 276 81.79 36.15 -0.17
N GLU K 277 81.67 36.22 1.14
CA GLU K 277 81.53 34.99 1.93
C GLU K 277 80.23 34.29 1.52
N ILE K 278 79.16 35.07 1.35
CA ILE K 278 77.92 34.48 0.87
C ILE K 278 78.07 33.89 -0.57
N VAL K 279 78.78 34.61 -1.43
CA VAL K 279 79.04 34.18 -2.81
C VAL K 279 79.72 32.78 -2.73
N GLU K 280 80.68 32.65 -1.81
CA GLU K 280 81.40 31.37 -1.61
C GLU K 280 80.48 30.24 -1.23
N VAL K 281 79.53 30.51 -0.33
CA VAL K 281 78.55 29.54 0.12
C VAL K 281 77.62 29.13 -1.01
N LEU K 282 77.11 30.13 -1.72
CA LEU K 282 76.20 29.91 -2.87
C LEU K 282 76.89 29.13 -3.99
N LEU K 283 78.13 29.49 -4.29
CA LEU K 283 78.90 28.81 -5.32
C LEU K 283 79.16 27.34 -4.95
N LYS K 284 79.52 27.08 -3.71
CA LYS K 284 79.76 25.68 -3.22
C LYS K 284 78.45 24.82 -3.42
N HIS K 285 77.27 25.43 -3.31
CA HIS K 285 76.01 24.67 -3.51
C HIS K 285 75.44 24.68 -4.93
N GLY K 286 76.28 25.05 -5.90
CA GLY K 286 75.95 24.89 -7.32
C GLY K 286 75.41 26.18 -7.96
N ALA K 287 75.57 27.33 -7.29
CA ALA K 287 75.15 28.59 -7.92
C ALA K 287 75.92 28.81 -9.19
N ASP K 288 75.25 29.29 -10.24
CA ASP K 288 75.89 29.44 -11.55
C ASP K 288 76.33 30.88 -11.79
N VAL K 289 77.63 31.07 -11.73
CA VAL K 289 78.22 32.39 -11.88
C VAL K 289 77.95 32.98 -13.28
N ASN K 290 77.62 32.11 -14.25
CA ASN K 290 77.36 32.56 -15.64
C ASN K 290 75.87 32.76 -15.98
N ALA K 291 75.00 32.60 -15.01
CA ALA K 291 73.57 32.85 -15.25
C ALA K 291 73.29 34.31 -15.62
N GLN K 292 72.39 34.55 -16.56
CA GLN K 292 72.13 35.92 -17.01
C GLN K 292 70.78 36.29 -16.44
N ASP K 293 70.64 37.50 -15.94
CA ASP K 293 69.31 37.96 -15.59
C ASP K 293 68.60 38.45 -16.83
N LYS K 294 67.42 39.01 -16.71
CA LYS K 294 66.73 39.50 -17.90
C LYS K 294 67.44 40.70 -18.56
N PHE K 295 68.33 41.39 -17.88
CA PHE K 295 69.08 42.47 -18.49
C PHE K 295 70.30 41.93 -19.29
N GLY K 296 70.83 40.78 -18.90
CA GLY K 296 71.97 40.15 -19.63
C GLY K 296 73.18 40.03 -18.75
N LYS K 297 73.05 40.50 -17.51
CA LYS K 297 74.18 40.48 -16.57
C LYS K 297 74.33 39.19 -15.84
N THR K 298 75.59 38.78 -15.72
CA THR K 298 75.93 37.61 -14.94
C THR K 298 76.57 38.13 -13.65
N ALA K 299 76.61 37.26 -12.64
CA ALA K 299 77.30 37.55 -11.36
C ALA K 299 78.77 37.90 -11.56
N PHE K 300 79.48 37.15 -12.39
CA PHE K 300 80.81 37.60 -12.68
C PHE K 300 80.89 38.97 -13.36
N ASP K 301 80.09 39.20 -14.42
CA ASP K 301 80.18 40.45 -15.13
C ASP K 301 79.93 41.61 -14.19
N ILE K 302 79.04 41.40 -13.22
CA ILE K 302 78.78 42.38 -12.16
C ILE K 302 80.06 42.62 -11.33
N SER K 303 80.80 41.57 -10.97
CA SER K 303 81.99 41.86 -10.19
C SER K 303 82.97 42.79 -11.00
N ILE K 304 83.00 42.57 -12.30
CA ILE K 304 83.81 43.37 -13.20
C ILE K 304 83.26 44.81 -13.29
N ASP K 305 81.95 44.97 -13.54
CA ASP K 305 81.38 46.32 -13.58
C ASP K 305 81.58 47.16 -12.31
N ASN K 306 81.54 46.53 -11.14
CA ASN K 306 81.75 47.24 -9.89
C ASN K 306 83.22 47.44 -9.53
N GLY K 307 84.15 46.89 -10.33
CA GLY K 307 85.59 47.04 -10.06
C GLY K 307 86.05 46.23 -8.86
N ASN K 308 85.31 45.16 -8.53
CA ASN K 308 85.64 44.37 -7.34
C ASN K 308 86.54 43.14 -7.63
N GLU K 309 87.84 43.34 -7.49
CA GLU K 309 88.79 42.32 -7.94
C GLU K 309 88.65 41.03 -7.14
N ASP K 310 88.45 41.14 -5.83
CA ASP K 310 88.26 39.95 -4.98
C ASP K 310 86.95 39.19 -5.28
N LEU K 311 85.88 39.93 -5.56
CA LEU K 311 84.64 39.25 -5.97
C LEU K 311 84.82 38.51 -7.29
N ALA K 312 85.54 39.14 -8.21
CA ALA K 312 85.82 38.54 -9.52
C ALA K 312 86.65 37.27 -9.37
N GLU K 313 87.39 37.18 -8.27
CA GLU K 313 88.29 36.05 -8.05
C GLU K 313 87.51 34.80 -7.63
N ILE K 314 86.53 35.00 -6.75
CA ILE K 314 85.73 33.88 -6.25
C ILE K 314 84.73 33.40 -7.31
N LEU K 315 84.24 34.33 -8.12
CA LEU K 315 83.30 33.99 -9.21
C LEU K 315 83.88 33.40 -10.52
N GLN K 316 85.20 33.16 -10.57
CA GLN K 316 85.86 32.61 -11.79
C GLN K 316 87.17 31.87 -11.48
N LYS L 23 20.89 16.34 -3.35
CA LYS L 23 19.44 16.14 -3.41
C LYS L 23 18.98 14.98 -2.53
N ASP L 24 19.55 13.79 -2.75
CA ASP L 24 19.20 12.61 -1.98
C ASP L 24 19.70 12.70 -0.54
N SER L 25 18.77 12.56 0.42
CA SER L 25 19.09 12.71 1.83
C SER L 25 20.23 11.80 2.33
N PRO L 26 20.18 10.49 2.02
CA PRO L 26 21.30 9.66 2.51
C PRO L 26 22.67 10.21 2.10
N ILE L 27 22.76 10.78 0.90
CA ILE L 27 24.01 11.34 0.42
C ILE L 27 24.39 12.59 1.21
N ILE L 28 23.43 13.49 1.37
CA ILE L 28 23.64 14.75 2.08
C ILE L 28 24.00 14.50 3.54
N GLU L 29 23.23 13.64 4.22
CA GLU L 29 23.48 13.38 5.63
C GLU L 29 24.85 12.72 5.86
N ALA L 30 25.23 11.79 4.99
CA ALA L 30 26.54 11.14 5.11
C ALA L 30 27.66 12.17 5.01
N ASN L 31 27.58 13.06 4.02
CA ASN L 31 28.61 14.06 3.86
C ASN L 31 28.65 15.05 5.02
N GLY L 32 27.47 15.50 5.44
CA GLY L 32 27.36 16.42 6.57
C GLY L 32 27.92 15.82 7.85
N THR L 33 27.64 14.53 8.07
CA THR L 33 28.15 13.85 9.26
C THR L 33 29.69 13.69 9.20
N LEU L 34 30.21 13.35 8.03
CA LEU L 34 31.65 13.27 7.83
C LEU L 34 32.32 14.62 8.05
N ASP L 35 31.63 15.68 7.61
CA ASP L 35 32.08 17.05 7.83
C ASP L 35 32.17 17.34 9.33
N GLU L 36 31.11 16.99 10.06
CA GLU L 36 31.09 17.10 11.50
C GLU L 36 32.25 16.32 12.15
N LEU L 37 32.53 15.14 11.62
CA LEU L 37 33.65 14.33 12.10
C LEU L 37 34.97 15.06 11.94
N THR L 38 35.22 15.65 10.77
CA THR L 38 36.50 16.30 10.54
C THR L 38 36.66 17.51 11.45
N SER L 39 35.56 18.17 11.79
CA SER L 39 35.61 19.30 12.70
C SER L 39 36.08 18.87 14.10
N PHE L 40 35.52 17.78 14.63
CA PHE L 40 35.94 17.28 15.94
C PHE L 40 37.39 16.79 15.90
N ILE L 41 37.77 16.16 14.80
CA ILE L 41 39.16 15.72 14.63
C ILE L 41 40.07 16.95 14.64
N GLY L 42 39.67 17.97 13.91
CA GLY L 42 40.41 19.22 13.86
C GLY L 42 40.65 19.79 15.24
N GLU L 43 39.69 19.63 16.15
CA GLU L 43 39.89 20.07 17.53
C GLU L 43 40.85 19.15 18.28
N ALA L 44 40.61 17.85 18.19
CA ALA L 44 41.37 16.85 18.94
C ALA L 44 42.87 16.92 18.65
N LYS L 45 43.24 17.18 17.39
CA LYS L 45 44.64 17.17 17.00
C LYS L 45 45.47 18.27 17.68
N HIS L 46 44.81 19.15 18.42
CA HIS L 46 45.53 20.19 19.16
C HIS L 46 45.84 19.76 20.59
N TYR L 47 45.47 18.54 20.94
CA TYR L 47 45.71 18.03 22.28
C TYR L 47 46.62 16.81 22.27
N VAL L 48 47.09 16.42 21.09
CA VAL L 48 47.91 15.22 20.96
C VAL L 48 49.35 15.56 20.52
N ASP L 49 50.23 14.56 20.51
CA ASP L 49 51.62 14.81 20.10
C ASP L 49 51.75 14.85 18.59
N GLU L 50 52.97 15.05 18.10
CA GLU L 50 53.22 15.24 16.68
C GLU L 50 52.87 14.03 15.82
N GLU L 51 53.15 12.82 16.30
CA GLU L 51 52.84 11.62 15.53
C GLU L 51 51.33 11.48 15.33
N MET L 52 50.57 11.59 16.41
CA MET L 52 49.13 11.48 16.33
C MET L 52 48.53 12.62 15.51
N LYS L 53 49.08 13.83 15.67
CA LYS L 53 48.62 14.97 14.90
C LYS L 53 48.74 14.69 13.40
N GLY L 54 49.90 14.19 12.98
CA GLY L 54 50.14 13.82 11.59
C GLY L 54 49.17 12.78 11.10
N ILE L 55 48.91 11.77 11.92
CA ILE L 55 47.94 10.72 11.60
C ILE L 55 46.53 11.29 11.42
N LEU L 56 46.11 12.13 12.36
CA LEU L 56 44.77 12.70 12.30
C LEU L 56 44.57 13.54 11.04
N GLU L 57 45.59 14.30 10.65
CA GLU L 57 45.49 15.12 9.45
C GLU L 57 45.44 14.26 8.18
N GLU L 58 46.18 13.16 8.15
CA GLU L 58 46.09 12.23 7.02
C GLU L 58 44.65 11.68 6.93
N ILE L 59 44.07 11.41 8.10
CA ILE L 59 42.68 10.95 8.18
C ILE L 59 41.71 12.01 7.67
N GLN L 60 41.91 13.27 8.05
CA GLN L 60 41.09 14.35 7.52
C GLN L 60 41.10 14.38 5.99
N ASN L 61 42.27 14.17 5.40
CA ASN L 61 42.38 14.11 3.94
C ASN L 61 41.60 12.93 3.35
N ASP L 62 41.71 11.76 3.99
CA ASP L 62 40.99 10.57 3.55
C ASP L 62 39.48 10.80 3.58
N ILE L 63 39.00 11.41 4.66
CA ILE L 63 37.58 11.68 4.80
C ILE L 63 37.08 12.61 3.70
N TYR L 64 37.86 13.65 3.41
CA TYR L 64 37.56 14.57 2.33
C TYR L 64 37.37 13.80 1.02
N LYS L 65 38.30 12.89 0.74
CA LYS L 65 38.21 12.04 -0.45
C LYS L 65 36.91 11.19 -0.43
N ILE L 66 36.59 10.66 0.74
CA ILE L 66 35.37 9.87 0.89
C ILE L 66 34.14 10.73 0.58
N MET L 67 34.11 11.94 1.13
CA MET L 67 33.01 12.88 0.87
C MET L 67 32.84 13.18 -0.61
N GLY L 68 33.95 13.34 -1.33
CA GLY L 68 33.90 13.56 -2.77
C GLY L 68 33.24 12.40 -3.50
N GLU L 69 33.57 11.18 -3.12
CA GLU L 69 32.96 9.99 -3.71
C GLU L 69 31.46 9.91 -3.42
N ILE L 70 31.09 10.15 -2.17
CA ILE L 70 29.70 10.06 -1.77
C ILE L 70 28.88 11.15 -2.46
N GLY L 71 29.35 12.39 -2.37
CA GLY L 71 28.66 13.54 -2.93
C GLY L 71 28.43 13.44 -4.43
N SER L 72 29.31 12.71 -5.12
CA SER L 72 29.19 12.53 -6.56
C SER L 72 28.64 11.16 -6.93
N LYS L 73 28.14 10.43 -5.93
CA LYS L 73 27.57 9.09 -6.14
C LYS L 73 28.51 8.16 -6.91
N GLY L 74 29.79 8.19 -6.55
CA GLY L 74 30.76 7.28 -7.13
C GLY L 74 31.35 7.72 -8.46
N LYS L 75 31.01 8.93 -8.91
CA LYS L 75 31.55 9.45 -10.15
C LYS L 75 32.98 9.97 -9.95
N ILE L 76 33.23 10.56 -8.79
CA ILE L 76 34.59 10.99 -8.44
C ILE L 76 35.26 9.89 -7.62
N GLU L 77 36.46 9.47 -8.03
CA GLU L 77 37.21 8.45 -7.30
C GLU L 77 37.52 8.85 -5.86
N GLY L 78 37.31 7.94 -4.92
CA GLY L 78 37.55 8.20 -3.51
C GLY L 78 38.88 7.65 -3.02
N ILE L 79 38.91 7.15 -1.79
CA ILE L 79 40.17 6.64 -1.22
C ILE L 79 40.57 5.31 -1.86
N SER L 80 41.87 5.16 -2.09
CA SER L 80 42.41 3.90 -2.58
C SER L 80 42.46 2.87 -1.46
N GLU L 81 42.60 1.60 -1.83
CA GLU L 81 42.67 0.51 -0.88
C GLU L 81 43.88 0.68 0.05
N GLU L 82 44.86 1.46 -0.38
CA GLU L 82 46.04 1.72 0.42
C GLU L 82 45.73 2.48 1.71
N ARG L 83 44.65 3.27 1.68
CA ARG L 83 44.27 4.08 2.84
C ARG L 83 43.73 3.17 3.93
N ILE L 84 43.06 2.10 3.54
CA ILE L 84 42.57 1.12 4.49
C ILE L 84 43.74 0.36 5.12
N ALA L 85 44.67 -0.12 4.28
CA ALA L 85 45.87 -0.79 4.78
C ALA L 85 46.66 0.15 5.68
N TRP L 86 46.68 1.43 5.31
CA TRP L 86 47.36 2.46 6.09
C TRP L 86 46.81 2.53 7.53
N LEU L 87 45.49 2.52 7.70
CA LEU L 87 44.88 2.42 9.02
C LEU L 87 45.31 1.15 9.73
N LEU L 88 45.25 0.03 9.01
CA LEU L 88 45.53 -1.28 9.60
C LEU L 88 46.94 -1.35 10.16
N LYS L 89 47.89 -0.75 9.46
CA LYS L 89 49.27 -0.72 9.92
C LYS L 89 49.38 0.03 11.25
N LEU L 90 48.71 1.17 11.33
CA LEU L 90 48.69 1.95 12.56
C LEU L 90 48.02 1.18 13.70
N ILE L 91 46.92 0.52 13.37
CA ILE L 91 46.17 -0.22 14.37
C ILE L 91 47.03 -1.32 14.99
N LEU L 92 47.71 -2.09 14.14
CA LEU L 92 48.60 -3.15 14.64
C LEU L 92 49.75 -2.56 15.47
N ARG L 93 50.28 -1.43 15.02
CA ARG L 93 51.37 -0.77 15.74
C ARG L 93 50.98 -0.44 17.18
N TYR L 94 49.83 0.21 17.37
CA TYR L 94 49.45 0.65 18.70
C TYR L 94 48.75 -0.45 19.50
N MET L 95 48.12 -1.40 18.82
CA MET L 95 47.48 -2.51 19.52
C MET L 95 48.48 -3.29 20.35
N GLU L 96 49.70 -3.41 19.85
CA GLU L 96 50.76 -4.14 20.55
C GLU L 96 51.07 -3.55 21.92
N MET L 97 50.81 -2.25 22.05
CA MET L 97 51.16 -1.53 23.27
C MET L 97 50.01 -1.45 24.26
N VAL L 98 48.84 -1.91 23.84
CA VAL L 98 47.62 -1.74 24.63
C VAL L 98 47.01 -3.10 25.00
N ASN L 99 46.89 -3.36 26.30
CA ASN L 99 46.44 -4.65 26.80
C ASN L 99 45.26 -4.50 27.75
N LEU L 100 44.10 -4.11 27.20
CA LEU L 100 42.89 -3.90 27.99
C LEU L 100 42.27 -5.21 28.47
N LYS L 101 42.08 -5.32 29.79
CA LYS L 101 41.61 -6.56 30.40
C LYS L 101 40.13 -6.49 30.71
N SER L 102 39.62 -5.28 30.95
CA SER L 102 38.26 -5.09 31.41
C SER L 102 37.62 -3.84 30.84
N PHE L 103 36.35 -3.61 31.19
CA PHE L 103 35.63 -2.43 30.75
C PHE L 103 36.17 -1.21 31.50
N VAL L 104 36.43 -0.13 30.79
CA VAL L 104 36.83 1.13 31.41
C VAL L 104 35.92 2.27 30.92
N LEU L 105 35.77 3.32 31.73
CA LEU L 105 34.89 4.43 31.36
C LEU L 105 35.59 5.32 30.34
N PRO L 106 34.84 5.78 29.33
CA PRO L 106 35.41 6.68 28.32
C PRO L 106 36.01 7.95 28.93
N GLY L 107 37.09 8.45 28.35
CA GLY L 107 37.70 9.69 28.80
C GLY L 107 38.49 9.62 30.10
N GLY L 108 39.34 8.60 30.23
CA GLY L 108 40.18 8.46 31.41
C GLY L 108 41.01 9.70 31.66
N THR L 109 41.43 10.34 30.57
CA THR L 109 42.14 11.62 30.65
C THR L 109 41.43 12.63 29.75
N LEU L 110 41.75 13.90 29.91
CA LEU L 110 41.18 14.94 29.06
C LEU L 110 41.53 14.67 27.59
N GLU L 111 42.78 14.28 27.34
CA GLU L 111 43.25 14.03 25.98
C GLU L 111 42.57 12.82 25.35
N SER L 112 42.51 11.73 26.09
CA SER L 112 41.88 10.52 25.58
C SER L 112 40.39 10.75 25.33
N ALA L 113 39.77 11.60 26.14
CA ALA L 113 38.36 11.93 25.95
C ALA L 113 38.11 12.52 24.57
N LYS L 114 39.03 13.36 24.10
CA LYS L 114 38.90 13.97 22.77
C LYS L 114 38.86 12.89 21.70
N LEU L 115 39.66 11.84 21.88
CA LEU L 115 39.70 10.76 20.89
C LEU L 115 38.44 9.91 20.96
N ASP L 116 37.91 9.72 22.16
CA ASP L 116 36.69 8.95 22.36
C ASP L 116 35.52 9.68 21.70
N VAL L 117 35.53 11.01 21.78
CA VAL L 117 34.52 11.80 21.08
C VAL L 117 34.62 11.54 19.59
N CYS L 118 35.83 11.62 19.04
CA CYS L 118 36.03 11.33 17.61
C CYS L 118 35.57 9.91 17.24
N ARG L 119 35.85 8.96 18.13
CA ARG L 119 35.43 7.57 17.89
C ARG L 119 33.91 7.45 17.75
N THR L 120 33.16 8.02 18.68
CA THR L 120 31.71 7.88 18.67
C THR L 120 31.10 8.61 17.48
N ILE L 121 31.68 9.76 17.11
CA ILE L 121 31.22 10.48 15.92
C ILE L 121 31.51 9.67 14.65
N ALA L 122 32.70 9.07 14.60
CA ALA L 122 33.09 8.27 13.45
C ALA L 122 32.09 7.14 13.25
N ARG L 123 31.64 6.54 14.35
CA ARG L 123 30.64 5.48 14.32
C ARG L 123 29.32 5.99 13.74
N ARG L 124 28.90 7.19 14.15
CA ARG L 124 27.70 7.77 13.58
C ARG L 124 27.90 8.02 12.07
N ALA L 125 29.09 8.47 11.70
CA ALA L 125 29.43 8.68 10.30
C ALA L 125 29.35 7.36 9.52
N LEU L 126 29.86 6.30 10.12
CA LEU L 126 29.80 4.98 9.50
C LEU L 126 28.36 4.55 9.21
N ARG L 127 27.46 4.76 10.16
CA ARG L 127 26.06 4.37 9.97
C ARG L 127 25.43 5.08 8.77
N LYS L 128 25.75 6.37 8.61
CA LYS L 128 25.20 7.14 7.51
C LYS L 128 25.80 6.69 6.17
N VAL L 129 27.10 6.53 6.13
CA VAL L 129 27.78 6.09 4.91
C VAL L 129 27.37 4.66 4.53
N LEU L 130 27.27 3.78 5.53
CA LEU L 130 26.81 2.41 5.30
C LEU L 130 25.39 2.40 4.72
N THR L 131 24.53 3.27 5.23
CA THR L 131 23.18 3.41 4.68
C THR L 131 23.24 3.73 3.19
N VAL L 132 24.11 4.68 2.83
CA VAL L 132 24.29 5.04 1.43
C VAL L 132 24.76 3.82 0.61
N THR L 133 25.72 3.07 1.16
CA THR L 133 26.22 1.87 0.49
C THR L 133 25.10 0.86 0.25
N ARG L 134 24.27 0.64 1.26
CA ARG L 134 23.20 -0.33 1.14
C ARG L 134 22.13 0.09 0.14
N GLU L 135 21.94 1.40 -0.03
CA GLU L 135 20.92 1.90 -0.94
C GLU L 135 21.47 2.24 -2.34
N PHE L 136 22.73 2.64 -2.42
CA PHE L 136 23.30 3.10 -3.69
C PHE L 136 24.35 2.16 -4.27
N GLY L 137 24.84 1.23 -3.45
CA GLY L 137 25.83 0.27 -3.90
C GLY L 137 27.23 0.85 -4.02
N ILE L 138 27.48 1.97 -3.36
CA ILE L 138 28.76 2.63 -3.47
C ILE L 138 29.40 2.83 -2.10
N GLY L 139 30.71 3.02 -2.07
CA GLY L 139 31.40 3.44 -0.85
C GLY L 139 31.73 2.32 0.13
N ALA L 140 31.66 1.07 -0.33
CA ALA L 140 31.93 -0.06 0.56
C ALA L 140 33.34 0.04 1.17
N GLU L 141 34.31 0.48 0.37
CA GLU L 141 35.68 0.68 0.87
C GLU L 141 35.72 1.82 1.89
N ALA L 142 34.98 2.89 1.61
CA ALA L 142 34.91 4.01 2.54
C ALA L 142 34.31 3.56 3.88
N ALA L 143 33.30 2.71 3.81
CA ALA L 143 32.66 2.18 5.02
C ALA L 143 33.67 1.35 5.80
N ALA L 144 34.41 0.50 5.10
CA ALA L 144 35.45 -0.32 5.71
C ALA L 144 36.53 0.57 6.33
N TYR L 145 36.89 1.63 5.62
CA TYR L 145 37.85 2.60 6.12
C TYR L 145 37.36 3.23 7.43
N LEU L 146 36.13 3.73 7.43
CA LEU L 146 35.57 4.35 8.62
C LEU L 146 35.45 3.36 9.78
N LEU L 147 35.12 2.12 9.46
CA LEU L 147 35.10 1.07 10.46
C LEU L 147 36.48 0.92 11.10
N ALA L 148 37.51 0.80 10.25
CA ALA L 148 38.89 0.72 10.74
C ALA L 148 39.27 1.99 11.51
N LEU L 149 38.79 3.14 11.05
CA LEU L 149 39.06 4.40 11.71
C LEU L 149 38.59 4.38 13.17
N SER L 150 37.36 3.92 13.39
CA SER L 150 36.83 3.86 14.74
C SER L 150 37.71 2.99 15.62
N ASP L 151 38.16 1.86 15.08
CA ASP L 151 39.05 0.97 15.83
C ASP L 151 40.37 1.67 16.16
N LEU L 152 40.96 2.37 15.19
CA LEU L 152 42.20 3.10 15.44
C LEU L 152 42.01 4.20 16.49
N LEU L 153 40.91 4.93 16.39
CA LEU L 153 40.60 5.98 17.35
C LEU L 153 40.45 5.41 18.76
N PHE L 154 39.79 4.26 18.88
CA PHE L 154 39.67 3.59 20.18
C PHE L 154 41.05 3.31 20.78
N LEU L 155 41.92 2.71 19.96
CA LEU L 155 43.28 2.41 20.39
C LEU L 155 44.04 3.66 20.81
N LEU L 156 43.97 4.71 20.00
CA LEU L 156 44.73 5.93 20.26
C LEU L 156 44.33 6.54 21.61
N ALA L 157 43.03 6.54 21.89
CA ALA L 157 42.51 7.00 23.17
C ALA L 157 43.10 6.20 24.32
N ARG L 158 43.14 4.87 24.17
CA ARG L 158 43.72 4.02 25.20
C ARG L 158 45.23 4.24 25.33
N VAL L 159 45.92 4.42 24.21
CA VAL L 159 47.37 4.64 24.24
C VAL L 159 47.69 5.88 25.07
N ILE L 160 46.91 6.95 24.87
CA ILE L 160 47.08 8.18 25.64
C ILE L 160 46.96 7.89 27.14
N GLU L 161 45.95 7.13 27.52
CA GLU L 161 45.74 6.78 28.92
C GLU L 161 46.87 5.90 29.45
N ILE L 162 47.38 4.99 28.61
CA ILE L 162 48.53 4.15 28.98
C ILE L 162 49.75 5.02 29.26
N GLU L 163 49.97 5.97 28.35
CA GLU L 163 51.11 6.89 28.45
C GLU L 163 51.04 7.75 29.72
N LEU L 164 49.63 8.25 30.07
CA LEU L 164 49.64 8.95 31.33
C LEU L 164 49.96 8.01 32.47
N GLY L 165 49.51 6.76 32.34
CA GLY L 165 49.86 5.68 33.28
C GLY L 165 51.38 5.58 33.46
N LYS L 166 52.09 5.46 32.34
CA LYS L 166 53.57 5.38 32.36
C LYS L 166 54.25 6.61 33.02
N LYS L 167 53.78 7.82 32.70
CA LYS L 167 54.28 9.04 33.34
C LYS L 167 54.01 9.06 34.86
N LEU L 168 52.84 8.60 35.29
CA LEU L 168 52.60 8.49 36.74
C LEU L 168 53.52 7.45 37.40
N LEU L 169 53.76 6.33 36.72
CA LEU L 169 54.73 5.33 37.23
C LEU L 169 56.13 5.94 37.39
N GLU L 170 56.56 6.71 36.40
CA GLU L 170 57.83 7.46 36.43
C GLU L 170 57.95 8.44 37.58
N ALA L 171 56.90 9.22 37.79
CA ALA L 171 56.81 10.16 38.89
C ALA L 171 56.98 9.43 40.23
N ALA L 172 56.26 8.31 40.40
CA ALA L 172 56.35 7.56 41.64
C ALA L 172 57.78 6.98 41.84
N ARG L 173 58.36 6.46 40.76
CA ARG L 173 59.71 5.91 40.82
C ARG L 173 60.74 7.00 41.10
N ALA L 174 60.50 8.19 40.54
CA ALA L 174 61.39 9.32 40.74
C ALA L 174 61.25 9.91 42.14
N GLY L 175 60.03 9.87 42.66
CA GLY L 175 59.75 10.39 43.99
C GLY L 175 59.22 11.81 43.95
N GLN L 176 58.69 12.22 42.80
CA GLN L 176 58.21 13.58 42.61
C GLN L 176 56.72 13.68 42.93
N ASP L 177 56.40 14.19 44.11
CA ASP L 177 55.01 14.26 44.58
C ASP L 177 54.13 15.20 43.75
N ASP L 178 54.72 16.31 43.26
CA ASP L 178 53.97 17.24 42.44
C ASP L 178 53.60 16.65 41.10
N GLU L 179 54.49 15.88 40.49
CA GLU L 179 54.16 15.28 39.20
C GLU L 179 52.96 14.34 39.38
N VAL L 180 53.01 13.58 40.47
CA VAL L 180 51.96 12.66 40.88
C VAL L 180 50.62 13.38 41.05
N ARG L 181 50.60 14.48 41.78
CA ARG L 181 49.34 15.18 41.98
C ARG L 181 48.72 15.67 40.66
N ILE L 182 49.55 16.25 39.81
CA ILE L 182 49.19 16.83 38.54
C ILE L 182 48.70 15.71 37.61
N LEU L 183 49.50 14.66 37.47
CA LEU L 183 49.17 13.56 36.54
C LEU L 183 47.88 12.87 37.00
N MET L 184 47.76 12.63 38.31
CA MET L 184 46.55 12.05 38.85
C MET L 184 45.32 12.95 38.65
N ALA L 185 45.46 14.25 38.93
CA ALA L 185 44.35 15.18 38.72
C ALA L 185 43.93 15.20 37.22
N ASN L 186 44.89 15.02 36.32
CA ASN L 186 44.61 15.04 34.89
C ASN L 186 44.13 13.71 34.33
N GLY L 187 43.85 12.75 35.21
CA GLY L 187 43.33 11.46 34.75
C GLY L 187 44.22 10.23 34.77
N ALA L 188 45.50 10.37 35.12
CA ALA L 188 46.37 9.16 35.22
C ALA L 188 45.81 8.14 36.22
N ASP L 189 45.81 6.87 35.82
CA ASP L 189 45.27 5.73 36.62
C ASP L 189 46.24 5.37 37.80
N VAL L 190 45.85 5.64 39.05
CA VAL L 190 46.68 5.31 40.19
C VAL L 190 46.95 3.84 40.33
N ASN L 191 46.16 3.04 39.64
CA ASN L 191 46.34 1.61 39.63
C ASN L 191 46.96 1.07 38.34
N ALA L 192 47.58 1.96 37.53
CA ALA L 192 48.38 1.52 36.38
C ALA L 192 49.54 0.67 36.88
N HIS L 193 50.10 -0.15 36.01
CA HIS L 193 51.22 -0.96 36.44
C HIS L 193 52.25 -1.09 35.30
N ASP L 194 53.50 -1.34 35.66
CA ASP L 194 54.55 -1.59 34.67
C ASP L 194 54.59 -3.07 34.23
N ASP L 195 55.61 -3.42 33.45
CA ASP L 195 55.69 -4.77 32.93
C ASP L 195 55.94 -5.79 34.04
N GLN L 196 56.44 -5.29 35.17
CA GLN L 196 56.76 -6.03 36.38
C GLN L 196 55.59 -6.06 37.43
N GLY L 197 54.44 -5.48 37.06
CA GLY L 197 53.26 -5.49 37.95
C GLY L 197 53.23 -4.45 39.06
N SER L 198 54.27 -3.62 39.12
CA SER L 198 54.39 -2.60 40.16
C SER L 198 53.56 -1.39 39.75
N THR L 199 52.69 -0.93 40.65
CA THR L 199 51.85 0.26 40.43
C THR L 199 52.55 1.48 40.95
N PRO L 200 52.06 2.70 40.59
CA PRO L 200 52.69 3.89 41.23
C PRO L 200 52.75 3.77 42.79
N LEU L 201 51.77 3.08 43.40
CA LEU L 201 51.79 2.89 44.87
C LEU L 201 52.93 1.96 45.34
N HIS L 202 53.15 0.83 44.65
CA HIS L 202 54.31 -0.05 44.92
C HIS L 202 55.59 0.80 44.74
N LEU L 203 55.66 1.58 43.65
CA LEU L 203 56.89 2.38 43.45
C LEU L 203 57.12 3.40 44.57
N ALA L 204 56.07 4.07 44.99
CA ALA L 204 56.20 5.01 46.12
C ALA L 204 56.63 4.31 47.42
N ALA L 205 56.08 3.13 47.68
CA ALA L 205 56.46 2.37 48.91
C ALA L 205 57.93 1.94 48.90
N TRP L 206 58.43 1.51 47.75
CA TRP L 206 59.80 1.04 47.62
C TRP L 206 60.79 2.22 47.74
N ILE L 207 60.51 3.29 47.00
CA ILE L 207 61.47 4.41 46.93
C ILE L 207 61.55 5.20 48.27
N GLY L 208 60.44 5.38 48.96
CA GLY L 208 60.46 6.02 50.28
C GLY L 208 60.00 7.47 50.28
N HIS L 209 58.88 7.72 49.60
CA HIS L 209 58.26 9.03 49.59
C HIS L 209 56.81 8.94 50.06
N PRO L 210 56.57 9.00 51.38
CA PRO L 210 55.23 8.91 51.96
C PRO L 210 54.20 9.82 51.34
N GLU L 211 54.60 11.00 50.91
CA GLU L 211 53.63 11.96 50.33
C GLU L 211 52.98 11.36 49.11
N ILE L 212 53.73 10.58 48.35
CA ILE L 212 53.10 9.98 47.20
C ILE L 212 52.23 8.78 47.63
N VAL L 213 52.75 8.01 48.59
CA VAL L 213 51.99 6.81 49.05
C VAL L 213 50.56 7.27 49.46
N GLU L 214 50.51 8.36 50.24
CA GLU L 214 49.28 9.03 50.72
C GLU L 214 48.35 9.58 49.64
N VAL L 215 48.87 10.33 48.67
CA VAL L 215 48.01 10.85 47.60
C VAL L 215 47.40 9.75 46.74
N LEU L 216 48.22 8.74 46.40
CA LEU L 216 47.69 7.62 45.58
C LEU L 216 46.63 6.84 46.34
N LEU L 217 46.87 6.55 47.63
CA LEU L 217 45.85 5.78 48.42
C LEU L 217 44.56 6.59 48.48
N LYS L 218 44.72 7.89 48.73
CA LYS L 218 43.64 8.87 48.84
C LYS L 218 42.72 8.85 47.60
N HIS L 219 43.30 8.66 46.41
CA HIS L 219 42.50 8.66 45.17
C HIS L 219 42.10 7.26 44.65
N GLY L 220 42.19 6.25 45.53
CA GLY L 220 41.68 4.91 45.23
C GLY L 220 42.72 3.88 44.82
N ALA L 221 43.99 4.16 44.98
CA ALA L 221 44.98 3.13 44.66
C ALA L 221 44.74 1.89 45.51
N ASP L 222 44.85 0.70 44.95
CA ASP L 222 44.61 -0.54 45.69
C ASP L 222 45.83 -0.84 46.61
N VAL L 223 45.62 -0.64 47.91
CA VAL L 223 46.64 -0.80 48.94
C VAL L 223 47.18 -2.23 48.97
N ASN L 224 46.42 -3.18 48.42
CA ASN L 224 46.85 -4.56 48.42
C ASN L 224 47.13 -5.10 47.03
N ALA L 225 47.39 -4.22 46.04
CA ALA L 225 47.74 -4.69 44.68
C ALA L 225 49.01 -5.55 44.75
N ARG L 226 49.06 -6.63 43.98
CA ARG L 226 50.25 -7.52 43.99
C ARG L 226 51.07 -7.32 42.74
N ASP L 227 52.40 -7.21 42.88
CA ASP L 227 53.27 -7.17 41.67
C ASP L 227 53.57 -8.60 41.16
N THR L 228 54.48 -8.81 40.21
CA THR L 228 54.64 -10.21 39.75
C THR L 228 55.31 -11.15 40.79
N ASP L 229 55.83 -10.59 41.87
CA ASP L 229 56.45 -11.41 42.91
C ASP L 229 55.46 -11.69 44.03
N GLY L 230 54.23 -11.22 43.85
CA GLY L 230 53.17 -11.46 44.84
C GLY L 230 53.25 -10.40 45.91
N TRP L 231 54.15 -9.43 45.76
CA TRP L 231 54.30 -8.36 46.83
C TRP L 231 53.27 -7.20 46.78
N THR L 232 52.79 -6.77 47.97
CA THR L 232 51.98 -5.58 48.09
C THR L 232 52.92 -4.44 48.41
N PRO L 233 52.45 -3.17 48.26
CA PRO L 233 53.21 -2.03 48.76
C PRO L 233 53.71 -2.19 50.21
N LEU L 234 52.94 -2.92 51.04
CA LEU L 234 53.37 -3.18 52.45
C LEU L 234 54.59 -4.11 52.55
N HIS L 235 54.65 -5.15 51.72
CA HIS L 235 55.84 -5.98 51.65
C HIS L 235 57.06 -5.10 51.28
N LEU L 236 56.90 -4.23 50.30
CA LEU L 236 58.00 -3.32 49.86
C LEU L 236 58.47 -2.40 50.97
N ALA L 237 57.52 -1.72 51.61
CA ALA L 237 57.82 -0.84 52.70
C ALA L 237 58.46 -1.55 53.88
N ALA L 238 57.92 -2.72 54.25
CA ALA L 238 58.45 -3.50 55.40
C ALA L 238 59.90 -3.95 55.17
N ASP L 239 60.17 -4.42 53.95
CA ASP L 239 61.50 -4.97 53.56
C ASP L 239 62.57 -3.86 53.52
N ASN L 240 62.17 -2.69 53.07
CA ASN L 240 63.12 -1.60 52.89
C ASN L 240 63.23 -0.61 54.05
N GLY L 241 62.63 -0.94 55.20
CA GLY L 241 62.85 -0.11 56.40
C GLY L 241 62.04 1.17 56.41
N HIS L 242 61.01 1.23 55.59
CA HIS L 242 60.21 2.43 55.48
C HIS L 242 59.09 2.45 56.55
N LEU L 243 59.46 2.77 57.76
CA LEU L 243 58.57 2.71 58.93
C LEU L 243 57.31 3.60 58.72
N GLU L 244 57.51 4.85 58.34
CA GLU L 244 56.37 5.77 58.18
C GLU L 244 55.33 5.28 57.16
N ILE L 245 55.82 4.75 56.02
CA ILE L 245 54.96 4.21 54.97
C ILE L 245 54.15 2.96 55.36
N VAL L 246 54.81 2.09 56.11
CA VAL L 246 54.15 0.92 56.68
C VAL L 246 52.90 1.33 57.50
N GLU L 247 53.07 2.34 58.34
CA GLU L 247 51.97 2.87 59.21
C GLU L 247 50.82 3.36 58.35
N VAL L 248 51.17 4.14 57.31
CA VAL L 248 50.19 4.71 56.40
C VAL L 248 49.41 3.61 55.67
N LEU L 249 50.12 2.63 55.10
CA LEU L 249 49.47 1.56 54.33
C LEU L 249 48.49 0.79 55.19
N LEU L 250 48.89 0.51 56.42
CA LEU L 250 48.00 -0.18 57.32
C LEU L 250 46.73 0.69 57.57
N LYS L 251 46.91 1.98 57.71
CA LYS L 251 45.73 2.85 58.00
C LYS L 251 44.67 2.76 56.90
N TYR L 252 45.10 2.63 55.64
CA TYR L 252 44.23 2.54 54.50
C TYR L 252 43.88 1.09 54.07
N GLY L 253 44.05 0.16 55.00
CA GLY L 253 43.53 -1.18 54.83
C GLY L 253 44.48 -2.26 54.29
N ALA L 254 45.81 -2.04 54.30
CA ALA L 254 46.76 -3.08 53.88
C ALA L 254 46.56 -4.30 54.75
N ASP L 255 46.72 -5.44 54.09
CA ASP L 255 46.56 -6.75 54.68
C ASP L 255 47.91 -7.06 55.28
N VAL L 256 47.97 -6.92 56.61
CA VAL L 256 49.19 -7.09 57.36
C VAL L 256 49.82 -8.49 57.29
N ASN L 257 48.97 -9.44 56.91
CA ASN L 257 49.39 -10.83 56.78
C ASN L 257 49.35 -11.35 55.32
N ALA L 258 49.32 -10.43 54.36
CA ALA L 258 49.39 -10.82 52.93
C ALA L 258 50.66 -11.62 52.65
N GLN L 259 50.49 -12.78 51.98
CA GLN L 259 51.62 -13.71 51.70
C GLN L 259 52.07 -13.54 50.28
N ASP L 260 53.37 -13.50 50.01
CA ASP L 260 53.80 -13.41 48.58
C ASP L 260 53.85 -14.79 47.91
N ALA L 261 54.47 -14.87 46.73
CA ALA L 261 54.56 -16.10 46.00
C ALA L 261 55.21 -17.27 46.76
N TYR L 262 56.04 -16.92 47.71
CA TYR L 262 56.79 -17.91 48.47
C TYR L 262 56.22 -18.10 49.89
N GLY L 263 55.08 -17.48 50.15
CA GLY L 263 54.45 -17.52 51.49
C GLY L 263 54.95 -16.49 52.49
N LEU L 264 55.79 -15.54 52.08
CA LEU L 264 56.28 -14.58 53.11
C LEU L 264 55.29 -13.42 53.34
N THR L 265 55.19 -13.03 54.59
CA THR L 265 54.42 -11.88 54.95
C THR L 265 55.37 -10.69 55.13
N PRO L 266 54.82 -9.46 55.20
CA PRO L 266 55.67 -8.28 55.45
C PRO L 266 56.37 -8.47 56.75
N LEU L 267 55.80 -9.31 57.63
CA LEU L 267 56.48 -9.55 58.94
C LEU L 267 57.73 -10.39 58.80
N HIS L 268 57.65 -11.47 58.01
CA HIS L 268 58.82 -12.29 57.72
C HIS L 268 59.95 -11.40 57.12
N LEU L 269 59.56 -10.49 56.19
CA LEU L 269 60.54 -9.59 55.55
C LEU L 269 61.11 -8.62 56.55
N ALA L 270 60.26 -7.96 57.34
CA ALA L 270 60.79 -7.03 58.37
C ALA L 270 61.68 -7.72 59.42
N ALA L 271 61.31 -8.93 59.81
CA ALA L 271 62.04 -9.75 60.77
C ALA L 271 63.40 -10.11 60.25
N ASP L 272 63.45 -10.66 59.03
CA ASP L 272 64.70 -11.11 58.48
C ASP L 272 65.64 -9.90 58.31
N ARG L 273 65.10 -8.73 57.98
CA ARG L 273 65.95 -7.53 57.76
C ARG L 273 66.32 -6.88 59.09
N GLY L 274 65.76 -7.40 60.17
CA GLY L 274 66.00 -6.79 61.49
C GLY L 274 65.31 -5.42 61.71
N HIS L 275 64.25 -5.11 60.97
CA HIS L 275 63.61 -3.79 61.11
C HIS L 275 62.61 -3.78 62.27
N LEU L 276 63.12 -3.77 63.51
CA LEU L 276 62.29 -3.89 64.74
C LEU L 276 61.10 -2.91 64.91
N GLU L 277 61.28 -1.65 64.56
CA GLU L 277 60.19 -0.69 64.73
C GLU L 277 59.03 -1.11 63.81
N ILE L 278 59.35 -1.53 62.59
CA ILE L 278 58.30 -2.01 61.71
C ILE L 278 57.63 -3.30 62.25
N VAL L 279 58.44 -4.22 62.78
CA VAL L 279 57.95 -5.48 63.37
C VAL L 279 56.89 -5.11 64.44
N GLU L 280 57.21 -4.10 65.26
CA GLU L 280 56.29 -3.64 66.32
C GLU L 280 54.98 -3.12 65.76
N VAL L 281 55.05 -2.35 64.66
CA VAL L 281 53.89 -1.80 64.01
C VAL L 281 53.01 -2.88 63.40
N LEU L 282 53.64 -3.81 62.71
CA LEU L 282 52.96 -4.97 62.08
C LEU L 282 52.26 -5.84 63.12
N LEU L 283 52.94 -6.12 64.22
CA LEU L 283 52.38 -6.92 65.30
C LEU L 283 51.16 -6.22 65.94
N LYS L 284 51.26 -4.92 66.17
CA LYS L 284 50.12 -4.14 66.74
C LYS L 284 48.87 -4.25 65.80
N HIS L 285 49.07 -4.37 64.48
CA HIS L 285 47.93 -4.50 63.54
C HIS L 285 47.50 -5.93 63.22
N GLY L 286 47.96 -6.89 64.03
CA GLY L 286 47.46 -8.26 63.97
C GLY L 286 48.37 -9.18 63.15
N ALA L 287 49.60 -8.76 62.86
CA ALA L 287 50.53 -9.66 62.15
C ALA L 287 50.75 -10.91 62.97
N ASP L 288 50.79 -12.06 62.30
CA ASP L 288 50.92 -13.35 63.03
C ASP L 288 52.37 -13.83 63.01
N VAL L 289 52.98 -13.72 64.19
CA VAL L 289 54.37 -14.09 64.35
C VAL L 289 54.60 -15.59 64.10
N ASN L 290 53.52 -16.39 64.17
CA ASN L 290 53.62 -17.85 63.99
C ASN L 290 53.27 -18.34 62.56
N ALA L 291 52.99 -17.42 61.67
CA ALA L 291 52.71 -17.80 60.27
C ALA L 291 53.90 -18.49 59.61
N GLN L 292 53.68 -19.52 58.80
CA GLN L 292 54.77 -20.25 58.20
C GLN L 292 54.76 -19.86 56.73
N ASP L 293 55.94 -19.65 56.16
CA ASP L 293 56.00 -19.48 54.73
C ASP L 293 55.98 -20.83 54.07
N LYS L 294 56.13 -20.91 52.77
CA LYS L 294 56.16 -22.22 52.11
C LYS L 294 57.38 -23.08 52.48
N PHE L 295 58.43 -22.49 53.00
CA PHE L 295 59.58 -23.27 53.45
C PHE L 295 59.34 -23.87 54.87
N GLY L 296 58.54 -23.22 55.69
CA GLY L 296 58.20 -23.73 57.05
C GLY L 296 58.65 -22.76 58.12
N LYS L 297 59.26 -21.66 57.69
CA LYS L 297 59.76 -20.66 58.63
C LYS L 297 58.75 -19.67 59.08
N THR L 298 58.80 -19.37 60.38
CA THR L 298 57.96 -18.35 60.96
C THR L 298 58.88 -17.16 61.21
N ALA L 299 58.27 -15.98 61.39
CA ALA L 299 58.98 -14.75 61.76
C ALA L 299 59.77 -14.90 63.07
N PHE L 300 59.17 -15.50 64.08
CA PHE L 300 59.98 -15.78 65.23
C PHE L 300 61.17 -16.72 64.98
N ASP L 301 60.94 -17.85 64.29
CA ASP L 301 62.02 -18.79 64.07
C ASP L 301 63.17 -18.12 63.35
N ILE L 302 62.85 -17.19 62.45
CA ILE L 302 63.84 -16.38 61.75
C ILE L 302 64.62 -15.52 62.77
N SER L 303 63.95 -14.88 63.73
CA SER L 303 64.76 -14.08 64.64
C SER L 303 65.79 -15.00 65.41
N ILE L 304 65.38 -16.21 65.69
CA ILE L 304 66.22 -17.20 66.33
C ILE L 304 67.36 -17.64 65.36
N ASP L 305 67.02 -18.02 64.14
CA ASP L 305 68.07 -18.40 63.17
C ASP L 305 69.14 -17.32 62.91
N ASN L 306 68.75 -16.05 62.91
CA ASN L 306 69.70 -14.96 62.69
C ASN L 306 70.45 -14.54 63.95
N GLY L 307 70.13 -15.15 65.11
CA GLY L 307 70.80 -14.81 66.37
C GLY L 307 70.38 -13.45 66.91
N ASN L 308 69.19 -12.98 66.53
CA ASN L 308 68.74 -11.65 66.95
C ASN L 308 67.89 -11.66 68.25
N GLU L 309 68.57 -11.52 69.38
CA GLU L 309 67.90 -11.71 70.66
C GLU L 309 66.81 -10.65 70.90
N ASP L 310 67.09 -9.40 70.52
CA ASP L 310 66.11 -8.31 70.67
C ASP L 310 64.85 -8.50 69.80
N LEU L 311 65.05 -8.96 68.57
CA LEU L 311 63.87 -9.22 67.72
C LEU L 311 63.02 -10.36 68.30
N ALA L 312 63.69 -11.40 68.79
CA ALA L 312 63.00 -12.55 69.36
C ALA L 312 62.15 -12.16 70.56
N GLU L 313 62.55 -11.07 71.22
CA GLU L 313 61.78 -10.52 72.33
C GLU L 313 60.52 -9.82 71.85
N ILE L 314 60.63 -9.15 70.70
CA ILE L 314 59.49 -8.44 70.13
C ILE L 314 58.47 -9.40 69.55
N LEU L 315 58.96 -10.46 68.90
CA LEU L 315 58.08 -11.48 68.28
C LEU L 315 57.48 -12.59 69.20
N GLN L 316 57.74 -12.52 70.50
CA GLN L 316 57.24 -13.55 71.47
C GLN L 316 57.09 -13.02 72.89
N PRO M 2 22.23 32.61 -13.76
CA PRO M 2 20.91 33.14 -13.38
C PRO M 2 20.57 34.46 -14.08
N HIS M 3 19.29 34.80 -14.12
CA HIS M 3 18.82 36.03 -14.73
C HIS M 3 17.97 36.82 -13.72
N LEU M 4 18.35 38.06 -13.47
CA LEU M 4 17.62 38.92 -12.53
C LEU M 4 17.08 40.16 -13.23
N VAL M 5 15.80 40.44 -13.05
CA VAL M 5 15.18 41.65 -13.61
C VAL M 5 14.69 42.56 -12.49
N ILE M 6 15.05 43.84 -12.54
CA ILE M 6 14.57 44.80 -11.55
C ILE M 6 13.73 45.87 -12.23
N GLU M 7 12.47 46.01 -11.79
CA GLU M 7 11.56 46.99 -12.38
C GLU M 7 11.15 48.03 -11.33
N ALA M 8 11.28 49.30 -11.68
CA ALA M 8 10.92 50.39 -10.79
C ALA M 8 9.99 51.36 -11.50
N THR M 9 9.00 51.88 -10.76
CA THR M 9 8.13 52.90 -11.31
C THR M 9 8.94 54.16 -11.60
N ALA M 10 8.55 54.91 -12.63
CA ALA M 10 9.25 56.12 -13.01
C ALA M 10 9.30 57.18 -11.90
N ASN M 11 8.32 57.15 -10.99
CA ASN M 11 8.28 58.10 -9.89
C ASN M 11 9.05 57.61 -8.66
N LEU M 12 9.77 56.51 -8.81
CA LEU M 12 10.57 55.97 -7.70
C LEU M 12 11.99 56.52 -7.75
N ARG M 13 12.44 57.12 -6.64
CA ARG M 13 13.78 57.68 -6.57
C ARG M 13 14.75 56.70 -5.90
N LEU M 14 15.92 56.54 -6.52
CA LEU M 14 16.98 55.71 -5.98
C LEU M 14 18.13 56.56 -5.45
N GLU M 15 18.85 56.05 -4.46
CA GLU M 15 20.06 56.72 -3.96
C GLU M 15 21.24 56.49 -4.89
N THR M 16 21.11 55.48 -5.75
CA THR M 16 22.17 55.13 -6.68
C THR M 16 21.62 54.97 -8.10
N SER M 17 22.53 54.84 -9.06
CA SER M 17 22.14 54.61 -10.44
C SER M 17 21.67 53.18 -10.64
N PRO M 18 20.83 52.95 -11.67
CA PRO M 18 20.45 51.59 -12.06
C PRO M 18 21.66 50.66 -12.18
N GLY M 19 22.75 51.15 -12.75
CA GLY M 19 23.97 50.38 -12.89
C GLY M 19 24.56 49.94 -11.56
N GLU M 20 24.69 50.87 -10.63
CA GLU M 20 25.22 50.58 -9.30
C GLU M 20 24.36 49.54 -8.59
N LEU M 21 23.04 49.65 -8.75
CA LEU M 21 22.12 48.70 -8.14
C LEU M 21 22.31 47.30 -8.74
N LEU M 22 22.42 47.23 -10.06
CA LEU M 22 22.63 45.95 -10.72
C LEU M 22 23.95 45.31 -10.28
N GLU M 23 24.99 46.13 -10.15
CA GLU M 23 26.29 45.65 -9.69
C GLU M 23 26.22 45.10 -8.26
N GLN M 24 25.57 45.85 -7.37
CA GLN M 24 25.42 45.38 -5.99
C GLN M 24 24.57 44.12 -5.93
N ALA M 25 23.53 44.06 -6.76
CA ALA M 25 22.68 42.88 -6.83
C ALA M 25 23.47 41.67 -7.28
N ASN M 26 24.29 41.85 -8.31
CA ASN M 26 25.13 40.75 -8.79
C ASN M 26 26.13 40.30 -7.72
N LYS M 27 26.68 41.25 -6.97
CA LYS M 27 27.56 40.91 -5.85
C LYS M 27 26.83 40.12 -4.77
N ALA M 28 25.60 40.53 -4.47
CA ALA M 28 24.78 39.81 -3.49
C ALA M 28 24.52 38.37 -3.94
N LEU M 29 24.26 38.18 -5.23
CA LEU M 29 24.05 36.86 -5.79
C LEU M 29 25.34 36.04 -5.77
N PHE M 30 26.44 36.66 -6.18
CA PHE M 30 27.71 35.94 -6.22
C PHE M 30 28.16 35.53 -4.83
N ALA M 31 27.97 36.42 -3.86
CA ALA M 31 28.39 36.16 -2.48
C ALA M 31 27.65 34.96 -1.88
N SER M 32 26.59 34.51 -2.53
CA SER M 32 25.82 33.37 -2.02
C SER M 32 26.60 32.08 -2.18
N GLY M 33 27.60 32.09 -3.05
CA GLY M 33 28.36 30.89 -3.38
C GLY M 33 27.65 29.97 -4.34
N GLN M 34 26.46 30.38 -4.81
CA GLN M 34 25.65 29.55 -5.69
C GLN M 34 25.98 29.73 -7.16
N PHE M 35 26.67 30.82 -7.50
CA PHE M 35 26.79 31.23 -8.89
C PHE M 35 28.21 31.55 -9.31
N GLY M 36 28.50 31.29 -10.59
CA GLY M 36 29.73 31.76 -11.20
C GLY M 36 29.56 33.23 -11.50
N GLU M 37 30.62 34.00 -11.26
CA GLU M 37 30.62 35.45 -11.45
C GLU M 37 30.15 35.84 -12.85
N ALA M 38 30.73 35.21 -13.87
CA ALA M 38 30.43 35.54 -15.26
C ALA M 38 29.05 35.10 -15.75
N ASP M 39 28.35 34.30 -14.95
CA ASP M 39 27.06 33.72 -15.35
C ASP M 39 25.85 34.57 -14.97
N ILE M 40 26.08 35.60 -14.17
CA ILE M 40 24.97 36.39 -13.64
C ILE M 40 24.59 37.52 -14.59
N LYS M 41 23.39 37.44 -15.15
CA LYS M 41 22.91 38.45 -16.08
C LYS M 41 21.76 39.21 -15.45
N SER M 42 21.94 40.51 -15.25
CA SER M 42 20.90 41.35 -14.65
C SER M 42 20.59 42.56 -15.52
N ARG M 43 19.35 43.02 -15.47
CA ARG M 43 18.96 44.24 -16.17
C ARG M 43 17.92 45.00 -15.35
N PHE M 44 17.85 46.31 -15.58
CA PHE M 44 16.98 47.21 -14.84
C PHE M 44 16.07 47.95 -15.82
N VAL M 45 14.79 48.02 -15.51
CA VAL M 45 13.81 48.68 -16.37
C VAL M 45 13.01 49.73 -15.59
N THR M 46 12.86 50.91 -16.19
CA THR M 46 12.02 51.95 -15.59
C THR M 46 10.61 51.90 -16.19
N LEU M 47 9.60 51.83 -15.34
CA LEU M 47 8.22 51.71 -15.78
C LEU M 47 7.59 53.09 -15.91
N GLU M 48 7.19 53.44 -17.14
CA GLU M 48 6.57 54.73 -17.40
C GLU M 48 5.05 54.67 -17.30
N ALA M 49 4.46 53.52 -17.64
CA ALA M 49 3.00 53.38 -17.59
C ALA M 49 2.63 52.36 -16.51
N TYR M 50 2.13 52.86 -15.39
CA TYR M 50 1.90 52.03 -14.22
C TYR M 50 0.76 52.60 -13.40
N ARG M 51 0.13 51.74 -12.61
CA ARG M 51 -0.88 52.12 -11.63
C ARG M 51 -0.80 51.16 -10.45
N GLN M 52 -0.78 51.71 -9.23
CA GLN M 52 -0.82 50.88 -8.05
C GLN M 52 -2.13 51.12 -7.31
N GLY M 53 -2.97 50.10 -7.24
CA GLY M 53 -4.29 50.24 -6.67
C GLY M 53 -5.27 50.97 -7.57
N THR M 54 -6.33 51.49 -6.96
CA THR M 54 -7.39 52.15 -7.70
C THR M 54 -7.66 53.54 -7.12
N ALA M 55 -7.21 53.76 -5.90
CA ALA M 55 -7.39 55.04 -5.24
C ALA M 55 -6.48 56.11 -5.84
N ALA M 56 -6.94 57.36 -5.77
CA ALA M 56 -6.17 58.49 -6.27
C ALA M 56 -5.03 58.83 -5.31
N VAL M 57 -4.10 57.90 -5.19
CA VAL M 57 -2.96 58.04 -4.28
C VAL M 57 -1.67 57.94 -5.08
N GLU M 58 -0.72 58.83 -4.79
CA GLU M 58 0.57 58.81 -5.48
C GLU M 58 1.48 57.75 -4.89
N ARG M 59 1.77 56.71 -5.67
CA ARG M 59 2.51 55.54 -5.19
C ARG M 59 3.62 55.12 -6.14
N ALA M 60 4.68 54.55 -5.57
CA ALA M 60 5.82 54.04 -6.32
C ALA M 60 6.10 52.61 -5.86
N TYR M 61 6.66 51.78 -6.74
CA TYR M 61 7.01 50.44 -6.30
C TYR M 61 8.26 49.91 -7.00
N LEU M 62 8.84 48.90 -6.38
CA LEU M 62 10.08 48.28 -6.84
C LEU M 62 9.94 46.77 -6.71
N HIS M 63 10.04 46.06 -7.81
CA HIS M 63 9.94 44.60 -7.78
C HIS M 63 11.02 43.96 -8.64
N ALA M 64 11.55 42.84 -8.17
CA ALA M 64 12.52 42.08 -8.92
C ALA M 64 12.15 40.62 -8.96
N CYS M 65 12.51 39.96 -10.06
CA CYS M 65 12.30 38.53 -10.22
C CYS M 65 13.63 37.84 -10.53
N LEU M 66 14.05 36.93 -9.65
CA LEU M 66 15.27 36.16 -9.88
C LEU M 66 14.97 34.80 -10.48
N SER M 67 15.55 34.54 -11.65
CA SER M 67 15.37 33.28 -12.35
C SER M 67 16.63 32.44 -12.28
N ILE M 68 16.52 31.25 -11.68
CA ILE M 68 17.66 30.36 -11.53
C ILE M 68 17.32 28.98 -12.11
N LEU M 69 18.34 28.20 -12.45
CA LEU M 69 18.11 26.80 -12.80
C LEU M 69 17.70 26.02 -11.55
N ASP M 70 16.76 25.09 -11.70
CA ASP M 70 16.24 24.35 -10.55
C ASP M 70 17.34 23.54 -9.83
N GLY M 71 17.10 23.17 -8.59
CA GLY M 71 18.05 22.35 -7.86
C GLY M 71 18.39 22.88 -6.48
N ARG M 72 18.15 24.17 -6.26
CA ARG M 72 18.39 24.76 -4.95
C ARG M 72 17.20 24.50 -4.02
N ASP M 73 17.46 24.50 -2.71
CA ASP M 73 16.39 24.23 -1.76
C ASP M 73 15.64 25.52 -1.41
N ILE M 74 14.67 25.38 -0.50
CA ILE M 74 13.86 26.52 -0.08
C ILE M 74 14.67 27.55 0.71
N ALA M 75 15.57 27.09 1.59
CA ALA M 75 16.36 28.01 2.39
C ALA M 75 17.21 28.92 1.52
N THR M 76 17.78 28.34 0.46
CA THR M 76 18.62 29.08 -0.47
C THR M 76 17.82 30.13 -1.23
N ARG M 77 16.71 29.70 -1.82
CA ARG M 77 15.86 30.62 -2.58
C ARG M 77 15.34 31.74 -1.66
N THR M 78 14.95 31.36 -0.44
CA THR M 78 14.46 32.33 0.52
C THR M 78 15.56 33.34 0.92
N LEU M 79 16.77 32.83 1.17
CA LEU M 79 17.87 33.71 1.53
C LEU M 79 18.22 34.67 0.37
N LEU M 80 18.21 34.13 -0.85
CA LEU M 80 18.48 34.92 -2.06
C LEU M 80 17.48 36.06 -2.23
N GLY M 81 16.21 35.74 -2.03
CA GLY M 81 15.15 36.74 -2.09
C GLY M 81 15.35 37.82 -1.04
N ALA M 82 15.58 37.40 0.20
CA ALA M 82 15.82 38.32 1.30
C ALA M 82 17.06 39.18 1.04
N SER M 83 18.10 38.56 0.49
CA SER M 83 19.35 39.24 0.20
C SER M 83 19.14 40.37 -0.80
N LEU M 84 18.49 40.03 -1.92
CA LEU M 84 18.21 41.01 -2.96
C LEU M 84 17.28 42.12 -2.47
N CYS M 85 16.25 41.74 -1.72
CA CYS M 85 15.30 42.74 -1.20
C CYS M 85 16.00 43.74 -0.28
N ALA M 86 16.92 43.26 0.54
CA ALA M 86 17.70 44.15 1.40
C ALA M 86 18.51 45.13 0.57
N VAL M 87 19.17 44.63 -0.47
CA VAL M 87 19.96 45.46 -1.37
C VAL M 87 19.08 46.49 -2.09
N LEU M 88 17.98 46.01 -2.67
CA LEU M 88 17.06 46.90 -3.37
C LEU M 88 16.43 47.94 -2.44
N ALA M 89 16.01 47.50 -1.25
CA ALA M 89 15.34 48.40 -0.32
C ALA M 89 16.26 49.55 0.10
N GLU M 90 17.52 49.24 0.36
CA GLU M 90 18.50 50.27 0.72
C GLU M 90 18.69 51.29 -0.40
N ALA M 91 18.54 50.85 -1.65
CA ALA M 91 18.77 51.72 -2.80
C ALA M 91 17.64 52.73 -3.00
N VAL M 92 16.52 52.54 -2.30
CA VAL M 92 15.34 53.38 -2.47
C VAL M 92 15.40 54.67 -1.64
N ALA M 93 15.27 55.81 -2.31
CA ALA M 93 15.26 57.10 -1.62
C ALA M 93 13.84 57.49 -1.23
N GLY M 94 12.88 57.16 -2.09
CA GLY M 94 11.48 57.50 -1.85
C GLY M 94 10.68 57.55 -3.14
N GLY M 95 9.42 57.92 -3.04
CA GLY M 95 8.55 58.04 -4.20
C GLY M 95 7.09 58.08 -3.82
N GLY M 96 6.31 58.85 -4.55
CA GLY M 96 4.90 59.04 -4.23
C GLY M 96 4.70 59.82 -2.94
N GLU M 97 3.55 59.61 -2.31
CA GLU M 97 3.23 60.31 -1.06
C GLU M 97 3.26 59.37 0.14
N GLU M 98 3.70 58.14 -0.08
CA GLU M 98 3.72 57.14 0.99
C GLU M 98 4.85 56.14 0.80
N GLY M 99 4.95 55.19 1.72
CA GLY M 99 6.02 54.20 1.68
C GLY M 99 6.06 53.39 0.40
N VAL M 100 7.27 53.02 0.00
CA VAL M 100 7.49 52.31 -1.26
C VAL M 100 7.60 50.81 -1.03
N GLN M 101 6.80 50.03 -1.74
CA GLN M 101 6.84 48.57 -1.61
C GLN M 101 8.01 48.01 -2.40
N VAL M 102 8.85 47.25 -1.71
CA VAL M 102 9.98 46.58 -2.33
C VAL M 102 9.79 45.08 -2.15
N SER M 103 9.81 44.34 -3.26
CA SER M 103 9.58 42.90 -3.20
C SER M 103 10.47 42.15 -4.19
N VAL M 104 10.74 40.88 -3.87
CA VAL M 104 11.52 40.00 -4.71
C VAL M 104 10.90 38.61 -4.75
N GLU M 105 10.77 38.05 -5.95
CA GLU M 105 10.36 36.66 -6.11
C GLU M 105 11.51 35.84 -6.66
N VAL M 106 11.55 34.55 -6.31
CA VAL M 106 12.56 33.67 -6.87
C VAL M 106 11.86 32.51 -7.56
N ARG M 107 12.20 32.27 -8.83
CA ARG M 107 11.60 31.17 -9.57
C ARG M 107 12.69 30.26 -10.15
N GLU M 108 12.31 29.03 -10.45
CA GLU M 108 13.22 28.05 -11.02
C GLU M 108 12.93 27.79 -12.50
N MET M 109 13.99 27.71 -13.29
CA MET M 109 13.88 27.39 -14.69
C MET M 109 14.05 25.89 -14.85
N GLU M 110 13.32 25.30 -15.78
CA GLU M 110 13.50 23.88 -16.07
C GLU M 110 14.88 23.64 -16.63
N ARG M 111 15.69 22.88 -15.90
CA ARG M 111 17.08 22.63 -16.31
C ARG M 111 17.15 21.81 -17.59
N LEU M 112 16.35 20.75 -17.67
CA LEU M 112 16.47 19.78 -18.77
C LEU M 112 16.22 20.39 -20.16
N SER M 113 15.29 21.33 -20.25
CA SER M 113 14.98 21.95 -21.54
C SER M 113 15.81 23.19 -21.83
N TYR M 114 16.64 23.57 -20.86
CA TYR M 114 17.43 24.80 -20.94
C TYR M 114 18.54 24.70 -21.98
N ALA M 115 18.66 25.73 -22.82
CA ALA M 115 19.67 25.74 -23.87
C ALA M 115 20.67 26.85 -23.62
N LYS M 116 21.95 26.57 -23.85
CA LYS M 116 23.00 27.56 -23.70
C LYS M 116 24.12 27.34 -24.70
N ARG M 117 24.62 28.44 -25.26
CA ARG M 117 25.82 28.45 -26.07
C ARG M 117 26.60 29.74 -25.87
N VAL M 118 27.88 29.72 -26.24
CA VAL M 118 28.69 30.93 -26.22
C VAL M 118 29.20 31.22 -27.63
N VAL M 119 28.94 32.43 -28.12
CA VAL M 119 29.33 32.81 -29.47
C VAL M 119 30.67 33.53 -29.45
N PRO N 2 37.19 -14.53 -12.86
CA PRO N 2 36.43 -15.68 -12.35
C PRO N 2 37.31 -16.85 -11.92
N HIS N 3 36.77 -17.72 -11.06
CA HIS N 3 37.48 -18.88 -10.56
C HIS N 3 36.71 -20.15 -10.88
N LEU N 4 37.36 -21.10 -11.52
CA LEU N 4 36.73 -22.36 -11.85
C LEU N 4 37.50 -23.54 -11.27
N VAL N 5 36.78 -24.40 -10.56
CA VAL N 5 37.37 -25.63 -10.00
C VAL N 5 36.73 -26.84 -10.67
N ILE N 6 37.57 -27.75 -11.16
CA ILE N 6 37.09 -29.00 -11.72
C ILE N 6 37.62 -30.17 -10.91
N GLU N 7 36.71 -31.00 -10.39
CA GLU N 7 37.09 -32.15 -9.57
C GLU N 7 36.64 -33.44 -10.25
N ALA N 8 37.57 -34.39 -10.35
CA ALA N 8 37.27 -35.69 -10.94
C ALA N 8 37.73 -36.82 -10.02
N THR N 9 36.95 -37.89 -9.97
CA THR N 9 37.35 -39.08 -9.22
C THR N 9 38.59 -39.71 -9.87
N ALA N 10 39.45 -40.31 -9.06
CA ALA N 10 40.64 -40.99 -9.56
C ALA N 10 40.35 -42.10 -10.57
N ASN N 11 39.19 -42.73 -10.46
CA ASN N 11 38.82 -43.80 -11.40
C ASN N 11 38.16 -43.26 -12.67
N LEU N 12 38.13 -41.94 -12.82
CA LEU N 12 37.53 -41.33 -14.00
C LEU N 12 38.56 -41.10 -15.10
N ARG N 13 38.30 -41.66 -16.28
CA ARG N 13 39.20 -41.55 -17.42
C ARG N 13 38.80 -40.38 -18.31
N LEU N 14 39.78 -39.52 -18.63
CA LEU N 14 39.56 -38.43 -19.57
C LEU N 14 40.19 -38.71 -20.93
N GLU N 15 39.60 -38.12 -21.97
CA GLU N 15 40.17 -38.17 -23.30
C GLU N 15 41.39 -37.25 -23.42
N THR N 16 41.45 -36.23 -22.56
CA THR N 16 42.55 -35.28 -22.58
C THR N 16 43.21 -35.12 -21.21
N SER N 17 44.32 -34.41 -21.17
CA SER N 17 45.02 -34.15 -19.92
C SER N 17 44.24 -33.10 -19.14
N PRO N 18 44.40 -33.11 -17.80
CA PRO N 18 43.79 -32.05 -16.98
C PRO N 18 44.13 -30.67 -17.52
N GLY N 19 45.36 -30.49 -17.98
CA GLY N 19 45.80 -29.22 -18.54
C GLY N 19 44.97 -28.78 -19.74
N GLU N 20 44.81 -29.69 -20.69
CA GLU N 20 44.04 -29.43 -21.90
C GLU N 20 42.59 -29.08 -21.58
N LEU N 21 42.02 -29.78 -20.60
CA LEU N 21 40.65 -29.52 -20.17
C LEU N 21 40.51 -28.11 -19.59
N LEU N 22 41.46 -27.71 -18.75
CA LEU N 22 41.46 -26.38 -18.17
C LEU N 22 41.59 -25.30 -19.24
N GLU N 23 42.43 -25.57 -20.25
CA GLU N 23 42.60 -24.64 -21.36
C GLU N 23 41.31 -24.50 -22.15
N GLN N 24 40.66 -25.62 -22.44
CA GLN N 24 39.39 -25.61 -23.16
C GLN N 24 38.33 -24.89 -22.32
N ALA N 25 38.34 -25.14 -21.01
CA ALA N 25 37.40 -24.48 -20.10
C ALA N 25 37.59 -22.97 -20.10
N ASN N 26 38.85 -22.52 -20.05
CA ASN N 26 39.15 -21.08 -20.11
C ASN N 26 38.72 -20.44 -21.43
N LYS N 27 38.93 -21.16 -22.53
CA LYS N 27 38.48 -20.70 -23.84
C LYS N 27 36.95 -20.60 -23.89
N ALA N 28 36.29 -21.61 -23.34
CA ALA N 28 34.84 -21.63 -23.28
C ALA N 28 34.30 -20.44 -22.47
N LEU N 29 34.98 -20.11 -21.38
CA LEU N 29 34.61 -18.95 -20.57
C LEU N 29 34.88 -17.64 -21.29
N PHE N 30 36.06 -17.54 -21.90
CA PHE N 30 36.42 -16.30 -22.59
C PHE N 30 35.49 -16.04 -23.77
N ALA N 31 35.13 -17.11 -24.48
CA ALA N 31 34.25 -16.98 -25.66
C ALA N 31 32.90 -16.38 -25.30
N SER N 32 32.56 -16.39 -24.01
CA SER N 32 31.28 -15.86 -23.56
C SER N 32 31.22 -14.34 -23.71
N GLY N 33 32.38 -13.70 -23.79
CA GLY N 33 32.46 -12.25 -23.85
C GLY N 33 32.29 -11.60 -22.50
N GLN N 34 32.14 -12.42 -21.46
CA GLN N 34 31.91 -11.93 -20.10
C GLN N 34 33.19 -11.62 -19.33
N PHE N 35 34.33 -12.11 -19.82
CA PHE N 35 35.55 -12.09 -19.04
C PHE N 35 36.77 -11.57 -19.79
N GLY N 36 37.65 -10.88 -19.06
CA GLY N 36 38.97 -10.58 -19.56
C GLY N 36 39.77 -11.87 -19.57
N GLU N 37 40.52 -12.08 -20.64
CA GLU N 37 41.32 -13.30 -20.81
C GLU N 37 42.26 -13.57 -19.63
N ALA N 38 42.99 -12.55 -19.19
CA ALA N 38 43.97 -12.72 -18.12
C ALA N 38 43.35 -12.99 -16.74
N ASP N 39 42.05 -12.77 -16.59
CA ASP N 39 41.43 -12.91 -15.28
C ASP N 39 40.90 -14.31 -14.99
N ILE N 40 40.85 -15.17 -16.01
CA ILE N 40 40.21 -16.46 -15.87
C ILE N 40 41.15 -17.47 -15.20
N LYS N 41 40.83 -17.84 -13.97
CA LYS N 41 41.73 -18.67 -13.16
C LYS N 41 41.07 -20.00 -12.81
N SER N 42 41.58 -21.09 -13.37
CA SER N 42 40.99 -22.39 -13.14
C SER N 42 42.02 -23.41 -12.64
N ARG N 43 41.54 -24.42 -11.92
CA ARG N 43 42.39 -25.49 -11.44
C ARG N 43 41.64 -26.81 -11.44
N PHE N 44 42.39 -27.91 -11.53
CA PHE N 44 41.83 -29.25 -11.63
C PHE N 44 42.37 -30.10 -10.49
N VAL N 45 41.49 -30.86 -9.85
CA VAL N 45 41.86 -31.71 -8.72
C VAL N 45 41.42 -33.16 -8.94
N THR N 46 42.32 -34.09 -8.67
CA THR N 46 41.99 -35.51 -8.71
C THR N 46 41.59 -35.97 -7.31
N LEU N 47 40.45 -36.65 -7.21
CA LEU N 47 39.93 -37.09 -5.92
C LEU N 47 40.36 -38.53 -5.64
N GLU N 48 41.06 -38.73 -4.54
CA GLU N 48 41.49 -40.08 -4.15
C GLU N 48 40.56 -40.73 -3.13
N ALA N 49 39.98 -39.91 -2.26
CA ALA N 49 39.05 -40.42 -1.26
C ALA N 49 37.64 -39.94 -1.57
N TYR N 50 36.83 -40.84 -2.15
CA TYR N 50 35.52 -40.47 -2.66
C TYR N 50 34.54 -41.64 -2.57
N ARG N 51 33.26 -41.31 -2.46
CA ARG N 51 32.20 -42.30 -2.55
C ARG N 51 30.99 -41.69 -3.24
N GLN N 52 30.38 -42.43 -4.14
CA GLN N 52 29.14 -42.01 -4.77
C GLN N 52 28.02 -42.98 -4.43
N GLY N 53 27.02 -42.49 -3.72
CA GLY N 53 25.95 -43.34 -3.23
C GLY N 53 26.38 -44.24 -2.09
N THR N 54 25.62 -45.31 -1.89
CA THR N 54 25.86 -46.24 -0.80
C THR N 54 26.00 -47.66 -1.32
N ALA N 55 25.60 -47.88 -2.56
CA ALA N 55 25.65 -49.20 -3.19
C ALA N 55 27.08 -49.63 -3.48
N ALA N 56 27.32 -50.93 -3.46
CA ALA N 56 28.63 -51.51 -3.72
C ALA N 56 28.92 -51.56 -5.21
N VAL N 57 28.89 -50.40 -5.86
CA VAL N 57 29.17 -50.31 -7.29
C VAL N 57 30.24 -49.25 -7.54
N GLU N 58 31.20 -49.57 -8.40
CA GLU N 58 32.26 -48.63 -8.74
C GLU N 58 31.72 -47.49 -9.62
N ARG N 59 31.92 -46.26 -9.17
CA ARG N 59 31.38 -45.10 -9.87
C ARG N 59 32.40 -43.99 -10.03
N ALA N 60 32.28 -43.26 -11.14
CA ALA N 60 33.12 -42.11 -11.40
C ALA N 60 32.25 -40.89 -11.63
N TYR N 61 32.72 -39.72 -11.21
CA TYR N 61 31.97 -38.50 -11.50
C TYR N 61 32.88 -37.30 -11.70
N LEU N 62 32.33 -36.26 -12.32
CA LEU N 62 33.07 -35.07 -12.66
C LEU N 62 32.23 -33.85 -12.28
N HIS N 63 32.77 -32.98 -11.43
CA HIS N 63 32.03 -31.82 -10.96
C HIS N 63 32.86 -30.55 -11.03
N ALA N 64 32.22 -29.46 -11.44
CA ALA N 64 32.87 -28.15 -11.45
C ALA N 64 31.98 -27.08 -10.86
N CYS N 65 32.61 -26.07 -10.28
CA CYS N 65 31.89 -24.90 -9.78
C CYS N 65 32.57 -23.64 -10.30
N LEU N 66 31.80 -22.79 -10.98
CA LEU N 66 32.32 -21.54 -11.50
C LEU N 66 31.93 -20.40 -10.56
N SER N 67 32.92 -19.65 -10.08
CA SER N 67 32.70 -18.53 -9.18
C SER N 67 32.93 -17.24 -9.95
N ILE N 68 31.92 -16.39 -10.01
CA ILE N 68 32.03 -15.12 -10.71
C ILE N 68 31.60 -13.99 -9.77
N LEU N 69 32.04 -12.77 -10.07
CA LEU N 69 31.48 -11.61 -9.39
C LEU N 69 30.04 -11.40 -9.84
N ASP N 70 29.18 -10.98 -8.91
CA ASP N 70 27.76 -10.82 -9.21
C ASP N 70 27.54 -9.76 -10.29
N GLY N 71 26.37 -9.83 -10.94
CA GLY N 71 26.00 -8.85 -11.94
C GLY N 71 25.54 -9.43 -13.27
N ARG N 72 25.73 -10.73 -13.45
CA ARG N 72 25.28 -11.41 -14.66
C ARG N 72 23.88 -11.98 -14.46
N ASP N 73 23.10 -12.05 -15.54
CA ASP N 73 21.72 -12.56 -15.47
C ASP N 73 21.63 -14.08 -15.47
N ILE N 74 20.39 -14.58 -15.44
CA ILE N 74 20.16 -16.03 -15.39
C ILE N 74 20.61 -16.73 -16.68
N ALA N 75 20.35 -16.12 -17.83
CA ALA N 75 20.72 -16.72 -19.11
C ALA N 75 22.23 -16.90 -19.20
N THR N 76 22.97 -15.89 -18.75
CA THR N 76 24.43 -15.94 -18.77
C THR N 76 24.96 -17.05 -17.86
N ARG N 77 24.50 -17.07 -16.62
CA ARG N 77 24.94 -18.10 -15.67
C ARG N 77 24.57 -19.49 -16.16
N THR N 78 23.34 -19.62 -16.66
CA THR N 78 22.86 -20.88 -17.20
C THR N 78 23.66 -21.31 -18.42
N LEU N 79 23.95 -20.37 -19.33
CA LEU N 79 24.71 -20.68 -20.53
C LEU N 79 26.14 -21.08 -20.16
N LEU N 80 26.73 -20.36 -19.21
CA LEU N 80 28.08 -20.67 -18.75
C LEU N 80 28.15 -22.09 -18.20
N GLY N 81 27.15 -22.45 -17.40
CA GLY N 81 27.05 -23.81 -16.88
C GLY N 81 26.95 -24.85 -17.97
N ALA N 82 26.00 -24.64 -18.90
CA ALA N 82 25.79 -25.57 -20.01
C ALA N 82 27.05 -25.66 -20.86
N SER N 83 27.72 -24.51 -21.07
CA SER N 83 28.93 -24.45 -21.88
C SER N 83 30.04 -25.30 -21.28
N LEU N 84 30.31 -25.12 -19.99
CA LEU N 84 31.32 -25.88 -19.28
C LEU N 84 30.97 -27.37 -19.22
N CYS N 85 29.71 -27.68 -18.94
CA CYS N 85 29.28 -29.06 -18.84
C CYS N 85 29.50 -29.81 -20.15
N ALA N 86 29.20 -29.15 -21.27
CA ALA N 86 29.44 -29.72 -22.59
C ALA N 86 30.92 -30.02 -22.81
N VAL N 87 31.77 -29.06 -22.46
CA VAL N 87 33.22 -29.25 -22.59
C VAL N 87 33.72 -30.37 -21.68
N LEU N 88 33.30 -30.34 -20.42
CA LEU N 88 33.71 -31.38 -19.47
C LEU N 88 33.20 -32.74 -19.90
N ALA N 89 31.94 -32.80 -20.33
CA ALA N 89 31.32 -34.06 -20.71
C ALA N 89 32.08 -34.71 -21.86
N GLU N 90 32.45 -33.90 -22.86
CA GLU N 90 33.21 -34.41 -23.99
C GLU N 90 34.57 -34.98 -23.58
N ALA N 91 35.15 -34.43 -22.51
CA ALA N 91 36.47 -34.89 -22.08
C ALA N 91 36.42 -36.22 -21.33
N VAL N 92 35.21 -36.71 -21.03
CA VAL N 92 35.08 -37.93 -20.26
C VAL N 92 35.11 -39.17 -21.15
N ALA N 93 36.01 -40.10 -20.82
CA ALA N 93 36.11 -41.35 -21.56
C ALA N 93 35.27 -42.43 -20.88
N GLY N 94 35.21 -42.38 -19.56
CA GLY N 94 34.45 -43.33 -18.78
C GLY N 94 35.05 -43.57 -17.41
N GLY N 95 34.50 -44.52 -16.68
CA GLY N 95 34.99 -44.85 -15.36
C GLY N 95 33.92 -45.50 -14.53
N GLY N 96 34.31 -46.44 -13.66
CA GLY N 96 33.35 -47.17 -12.87
C GLY N 96 32.62 -48.19 -13.73
N GLU N 97 31.49 -48.68 -13.23
CA GLU N 97 30.75 -49.72 -13.93
C GLU N 97 29.56 -49.15 -14.70
N GLU N 98 29.41 -47.83 -14.68
CA GLU N 98 28.23 -47.21 -15.28
C GLU N 98 28.55 -45.81 -15.83
N GLY N 99 27.49 -45.09 -16.19
CA GLY N 99 27.64 -43.75 -16.73
C GLY N 99 28.26 -42.78 -15.75
N VAL N 100 28.96 -41.78 -16.29
CA VAL N 100 29.66 -40.80 -15.49
C VAL N 100 28.85 -39.50 -15.35
N GLN N 101 28.56 -39.11 -14.12
CA GLN N 101 27.79 -37.88 -13.88
C GLN N 101 28.68 -36.65 -13.99
N VAL N 102 28.29 -35.75 -14.90
CA VAL N 102 29.02 -34.51 -15.11
C VAL N 102 28.10 -33.35 -14.77
N SER N 103 28.53 -32.49 -13.85
CA SER N 103 27.70 -31.38 -13.41
C SER N 103 28.52 -30.12 -13.20
N VAL N 104 27.87 -28.97 -13.34
CA VAL N 104 28.50 -27.67 -13.16
C VAL N 104 27.60 -26.74 -12.35
N GLU N 105 28.18 -26.08 -11.35
CA GLU N 105 27.49 -25.01 -10.64
C GLU N 105 28.04 -23.66 -11.07
N VAL N 106 27.19 -22.64 -11.10
CA VAL N 106 27.66 -21.26 -11.24
C VAL N 106 27.16 -20.46 -10.05
N ARG N 107 28.07 -19.83 -9.31
CA ARG N 107 27.69 -19.02 -8.15
C ARG N 107 28.28 -17.61 -8.25
N GLU N 108 27.72 -16.69 -7.49
CA GLU N 108 28.18 -15.31 -7.51
C GLU N 108 28.87 -14.92 -6.22
N MET N 109 29.94 -14.14 -6.35
CA MET N 109 30.63 -13.59 -5.19
C MET N 109 30.08 -12.20 -4.91
N GLU N 110 30.07 -11.81 -3.64
CA GLU N 110 29.69 -10.44 -3.33
C GLU N 110 30.75 -9.46 -3.82
N ARG N 111 30.35 -8.60 -4.76
CA ARG N 111 31.27 -7.64 -5.35
C ARG N 111 31.77 -6.61 -4.34
N LEU N 112 30.88 -6.13 -3.47
CA LEU N 112 31.21 -5.04 -2.56
C LEU N 112 32.33 -5.37 -1.58
N SER N 113 32.36 -6.60 -1.08
CA SER N 113 33.39 -7.01 -0.13
C SER N 113 34.62 -7.63 -0.80
N TYR N 114 34.52 -7.87 -2.10
CA TYR N 114 35.61 -8.50 -2.87
C TYR N 114 36.87 -7.63 -2.89
N ALA N 115 38.01 -8.24 -2.63
CA ALA N 115 39.27 -7.51 -2.64
C ALA N 115 40.22 -8.07 -3.69
N LYS N 116 40.93 -7.18 -4.37
CA LYS N 116 41.90 -7.59 -5.39
C LYS N 116 43.14 -6.71 -5.37
N ARG N 117 44.30 -7.34 -5.49
CA ARG N 117 45.58 -6.65 -5.65
C ARG N 117 46.41 -7.35 -6.71
N VAL N 118 47.33 -6.63 -7.33
CA VAL N 118 48.30 -7.25 -8.22
C VAL N 118 49.71 -6.95 -7.70
N VAL N 119 50.50 -7.99 -7.47
CA VAL N 119 51.85 -7.81 -6.93
C VAL N 119 52.88 -7.77 -8.05
N PRO O 2 35.28 -19.18 12.20
CA PRO O 2 35.30 -18.94 10.75
C PRO O 2 36.26 -19.85 10.01
N HIS O 3 36.05 -20.00 8.70
CA HIS O 3 36.90 -20.85 7.89
C HIS O 3 37.51 -20.05 6.75
N LEU O 4 38.84 -20.08 6.67
CA LEU O 4 39.57 -19.40 5.61
C LEU O 4 40.40 -20.39 4.80
N VAL O 5 40.24 -20.35 3.48
CA VAL O 5 41.05 -21.20 2.60
C VAL O 5 41.89 -20.32 1.70
N ILE O 6 43.18 -20.60 1.62
CA ILE O 6 44.07 -19.87 0.71
C ILE O 6 44.62 -20.85 -0.31
N GLU O 7 44.42 -20.52 -1.58
CA GLU O 7 44.91 -21.35 -2.67
C GLU O 7 45.94 -20.59 -3.49
N ALA O 8 47.07 -21.22 -3.77
CA ALA O 8 48.10 -20.60 -4.59
C ALA O 8 48.54 -21.54 -5.70
N THR O 9 48.83 -20.99 -6.88
CA THR O 9 49.39 -21.80 -7.95
C THR O 9 50.79 -22.30 -7.53
N ALA O 10 51.16 -23.49 -7.98
CA ALA O 10 52.46 -24.06 -7.63
C ALA O 10 53.63 -23.18 -8.07
N ASN O 11 53.45 -22.44 -9.16
CA ASN O 11 54.51 -21.56 -9.66
C ASN O 11 54.58 -20.23 -8.92
N LEU O 12 53.73 -20.05 -7.91
CA LEU O 12 53.70 -18.80 -7.16
C LEU O 12 54.73 -18.80 -6.03
N ARG O 13 55.58 -17.78 -5.99
CA ARG O 13 56.63 -17.73 -4.98
C ARG O 13 56.22 -16.82 -3.81
N LEU O 14 56.33 -17.32 -2.59
CA LEU O 14 56.02 -16.54 -1.39
C LEU O 14 57.29 -16.08 -0.67
N GLU O 15 57.18 -14.99 0.06
CA GLU O 15 58.25 -14.53 0.95
C GLU O 15 58.32 -15.33 2.23
N THR O 16 57.22 -16.04 2.54
CA THR O 16 57.12 -16.80 3.78
C THR O 16 56.60 -18.21 3.50
N SER O 17 56.59 -19.05 4.52
CA SER O 17 56.03 -20.39 4.39
C SER O 17 54.51 -20.31 4.41
N PRO O 18 53.83 -21.31 3.81
CA PRO O 18 52.37 -21.38 3.91
C PRO O 18 51.88 -21.23 5.36
N GLY O 19 52.57 -21.87 6.29
CA GLY O 19 52.24 -21.79 7.69
C GLY O 19 52.30 -20.37 8.27
N GLU O 20 53.37 -19.64 7.96
CA GLU O 20 53.50 -18.26 8.42
C GLU O 20 52.38 -17.38 7.87
N LEU O 21 52.01 -17.59 6.62
CA LEU O 21 50.93 -16.83 6.01
C LEU O 21 49.62 -17.11 6.74
N LEU O 22 49.36 -18.38 7.02
CA LEU O 22 48.15 -18.76 7.75
C LEU O 22 48.12 -18.13 9.15
N GLU O 23 49.28 -18.11 9.82
CA GLU O 23 49.37 -17.49 11.14
C GLU O 23 49.06 -16.00 11.05
N GLN O 24 49.66 -15.32 10.07
CA GLN O 24 49.38 -13.90 9.86
C GLN O 24 47.91 -13.66 9.52
N ALA O 25 47.35 -14.53 8.68
CA ALA O 25 45.94 -14.41 8.30
C ALA O 25 45.04 -14.56 9.53
N ASN O 26 45.34 -15.54 10.36
CA ASN O 26 44.58 -15.74 11.58
C ASN O 26 44.67 -14.53 12.52
N LYS O 27 45.85 -13.94 12.62
CA LYS O 27 46.04 -12.73 13.40
C LYS O 27 45.23 -11.57 12.80
N ALA O 28 45.25 -11.46 11.48
CA ALA O 28 44.50 -10.41 10.79
C ALA O 28 43.01 -10.54 11.10
N LEU O 29 42.51 -11.78 11.13
CA LEU O 29 41.12 -12.03 11.46
C LEU O 29 40.83 -11.72 12.93
N PHE O 30 41.69 -12.18 13.82
CA PHE O 30 41.48 -11.94 15.24
C PHE O 30 41.51 -10.46 15.57
N ALA O 31 42.44 -9.73 14.96
CA ALA O 31 42.61 -8.30 15.23
C ALA O 31 41.36 -7.51 14.87
N SER O 32 40.44 -8.11 14.14
CA SER O 32 39.19 -7.43 13.79
C SER O 32 38.28 -7.30 15.01
N GLY O 33 38.52 -8.13 16.02
CA GLY O 33 37.64 -8.18 17.18
C GLY O 33 36.36 -8.95 16.93
N GLN O 34 36.24 -9.55 15.75
CA GLN O 34 35.01 -10.26 15.36
C GLN O 34 35.00 -11.73 15.78
N PHE O 35 36.17 -12.26 16.14
CA PHE O 35 36.32 -13.71 16.29
C PHE O 35 37.03 -14.12 17.58
N GLY O 36 36.65 -15.27 18.12
CA GLY O 36 37.40 -15.87 19.20
C GLY O 36 38.65 -16.48 18.61
N GLU O 37 39.76 -16.34 19.31
CA GLU O 37 41.06 -16.81 18.83
C GLU O 37 41.06 -18.29 18.45
N ALA O 38 40.57 -19.15 19.32
CA ALA O 38 40.62 -20.59 19.10
C ALA O 38 39.71 -21.08 17.98
N ASP O 39 38.77 -20.26 17.53
CA ASP O 39 37.78 -20.68 16.54
C ASP O 39 38.23 -20.47 15.11
N ILE O 40 39.32 -19.71 14.93
CA ILE O 40 39.76 -19.31 13.60
C ILE O 40 40.52 -20.44 12.91
N LYS O 41 39.91 -21.04 11.89
CA LYS O 41 40.46 -22.23 11.25
C LYS O 41 40.78 -21.95 9.79
N SER O 42 42.04 -22.05 9.43
CA SER O 42 42.47 -21.76 8.07
C SER O 42 43.38 -22.87 7.52
N ARG O 43 43.37 -23.02 6.20
CA ARG O 43 44.22 -24.01 5.53
C ARG O 43 44.75 -23.42 4.24
N PHE O 44 45.88 -23.95 3.79
CA PHE O 44 46.54 -23.48 2.58
C PHE O 44 46.71 -24.65 1.61
N VAL O 45 46.38 -24.42 0.35
CA VAL O 45 46.49 -25.46 -0.67
C VAL O 45 47.36 -24.99 -1.84
N THR O 46 48.28 -25.86 -2.26
CA THR O 46 49.10 -25.59 -3.44
C THR O 46 48.46 -26.23 -4.66
N LEU O 47 48.24 -25.45 -5.71
CA LEU O 47 47.59 -25.97 -6.93
C LEU O 47 48.64 -26.42 -7.95
N GLU O 48 48.61 -27.70 -8.31
CA GLU O 48 49.58 -28.24 -9.26
C GLU O 48 49.03 -28.29 -10.69
N ALA O 49 47.71 -28.42 -10.83
CA ALA O 49 47.08 -28.47 -12.15
C ALA O 49 46.19 -27.26 -12.34
N TYR O 50 46.66 -26.28 -13.11
CA TYR O 50 45.99 -25.00 -13.23
C TYR O 50 46.27 -24.33 -14.57
N ARG O 51 45.37 -23.43 -14.98
CA ARG O 51 45.56 -22.58 -16.15
C ARG O 51 44.97 -21.21 -15.89
N GLN O 52 45.69 -20.16 -16.25
CA GLN O 52 45.16 -18.81 -16.13
C GLN O 52 45.04 -18.17 -17.50
N GLY O 53 43.80 -17.94 -17.91
CA GLY O 53 43.52 -17.44 -19.24
C GLY O 53 43.73 -18.48 -20.32
N THR O 54 43.96 -18.01 -21.54
CA THR O 54 44.12 -18.87 -22.70
C THR O 54 45.48 -18.65 -23.39
N ALA O 55 46.18 -17.60 -23.00
CA ALA O 55 47.48 -17.28 -23.60
C ALA O 55 48.59 -18.17 -23.04
N ALA O 56 49.72 -18.20 -23.75
CA ALA O 56 50.88 -18.96 -23.32
C ALA O 56 51.67 -18.28 -22.21
N VAL O 57 51.26 -17.08 -21.83
CA VAL O 57 51.96 -16.30 -20.81
C VAL O 57 51.99 -17.06 -19.48
N GLU O 58 53.15 -17.11 -18.85
CA GLU O 58 53.31 -17.78 -17.56
C GLU O 58 52.76 -16.93 -16.43
N ARG O 59 51.74 -17.43 -15.74
CA ARG O 59 51.04 -16.64 -14.75
C ARG O 59 50.84 -17.37 -13.43
N ALA O 60 50.84 -16.60 -12.34
CA ALA O 60 50.60 -17.13 -11.01
C ALA O 60 49.42 -16.40 -10.39
N TYR O 61 48.69 -17.06 -9.51
CA TYR O 61 47.61 -16.37 -8.81
C TYR O 61 47.42 -16.90 -7.39
N LEU O 62 46.80 -16.06 -6.57
CA LEU O 62 46.57 -16.36 -5.16
C LEU O 62 45.15 -15.92 -4.82
N HIS O 63 44.36 -16.85 -4.29
CA HIS O 63 42.97 -16.53 -3.96
C HIS O 63 42.59 -17.10 -2.62
N ALA O 64 41.80 -16.34 -1.86
CA ALA O 64 41.26 -16.85 -0.60
C ALA O 64 39.76 -16.61 -0.50
N CYS O 65 39.11 -17.52 0.21
CA CYS O 65 37.70 -17.39 0.51
C CYS O 65 37.49 -17.45 2.00
N LEU O 66 36.90 -16.40 2.56
CA LEU O 66 36.61 -16.36 3.99
C LEU O 66 35.14 -16.71 4.22
N SER O 67 34.90 -17.78 4.96
CA SER O 67 33.54 -18.22 5.24
C SER O 67 33.16 -17.90 6.69
N ILE O 68 32.12 -17.10 6.86
CA ILE O 68 31.66 -16.74 8.20
C ILE O 68 30.17 -17.00 8.35
N LEU O 69 29.71 -17.11 9.59
CA LEU O 69 28.28 -17.15 9.86
C LEU O 69 27.66 -15.80 9.55
N ASP O 70 26.47 -15.80 8.96
CA ASP O 70 25.83 -14.56 8.58
C ASP O 70 25.53 -13.70 9.81
N GLY O 71 25.39 -12.40 9.59
CA GLY O 71 25.05 -11.48 10.66
C GLY O 71 25.92 -10.23 10.70
N ARG O 72 27.08 -10.28 10.04
CA ARG O 72 27.95 -9.12 9.97
C ARG O 72 27.55 -8.20 8.82
N ASP O 73 27.82 -6.91 8.94
CA ASP O 73 27.43 -5.94 7.92
C ASP O 73 28.43 -5.89 6.76
N ILE O 74 28.15 -5.02 5.78
CA ILE O 74 29.00 -4.90 4.60
C ILE O 74 30.38 -4.33 4.93
N ALA O 75 30.44 -3.36 5.84
CA ALA O 75 31.73 -2.75 6.20
C ALA O 75 32.67 -3.79 6.81
N THR O 76 32.12 -4.67 7.64
CA THR O 76 32.92 -5.70 8.27
C THR O 76 33.44 -6.71 7.24
N ARG O 77 32.55 -7.22 6.40
CA ARG O 77 32.95 -8.17 5.37
C ARG O 77 33.96 -7.53 4.40
N THR O 78 33.69 -6.30 4.00
CA THR O 78 34.59 -5.57 3.11
C THR O 78 35.96 -5.35 3.75
N LEU O 79 36.00 -4.92 5.01
CA LEU O 79 37.27 -4.72 5.71
C LEU O 79 38.03 -6.03 5.90
N LEU O 80 37.32 -7.11 6.24
CA LEU O 80 37.95 -8.42 6.39
C LEU O 80 38.61 -8.85 5.08
N GLY O 81 37.88 -8.67 3.98
CA GLY O 81 38.42 -8.97 2.67
C GLY O 81 39.67 -8.16 2.35
N ALA O 82 39.56 -6.84 2.52
CA ALA O 82 40.67 -5.93 2.26
C ALA O 82 41.87 -6.26 3.14
N SER O 83 41.60 -6.59 4.39
CA SER O 83 42.63 -6.92 5.36
C SER O 83 43.41 -8.16 4.94
N LEU O 84 42.68 -9.23 4.63
CA LEU O 84 43.32 -10.48 4.22
C LEU O 84 44.09 -10.30 2.93
N CYS O 85 43.50 -9.58 1.98
CA CYS O 85 44.13 -9.39 0.68
C CYS O 85 45.47 -8.66 0.81
N ALA O 86 45.51 -7.65 1.67
CA ALA O 86 46.77 -6.94 1.92
C ALA O 86 47.81 -7.88 2.48
N VAL O 87 47.40 -8.70 3.45
CA VAL O 87 48.30 -9.69 4.06
C VAL O 87 48.80 -10.69 3.03
N LEU O 88 47.89 -11.22 2.21
CA LEU O 88 48.27 -12.14 1.15
C LEU O 88 49.24 -11.50 0.15
N ALA O 89 48.92 -10.28 -0.28
CA ALA O 89 49.72 -9.60 -1.29
C ALA O 89 51.16 -9.40 -0.81
N GLU O 90 51.31 -9.01 0.45
CA GLU O 90 52.64 -8.79 1.01
C GLU O 90 53.47 -10.08 1.03
N ALA O 91 52.80 -11.24 1.08
CA ALA O 91 53.50 -12.52 1.16
C ALA O 91 53.98 -13.01 -0.20
N VAL O 92 53.59 -12.30 -1.27
CA VAL O 92 53.94 -12.70 -2.63
C VAL O 92 55.32 -12.21 -3.03
N ALA O 93 56.21 -13.12 -3.41
CA ALA O 93 57.55 -12.75 -3.84
C ALA O 93 57.63 -12.68 -5.37
N GLY O 94 56.82 -13.50 -6.03
CA GLY O 94 56.84 -13.58 -7.48
C GLY O 94 56.10 -14.80 -8.00
N GLY O 95 56.45 -15.23 -9.20
CA GLY O 95 55.81 -16.37 -9.83
C GLY O 95 55.31 -16.00 -11.22
N GLY O 96 55.60 -16.83 -12.20
CA GLY O 96 55.25 -16.53 -13.57
C GLY O 96 56.16 -15.46 -14.15
N GLU O 97 55.76 -14.88 -15.28
CA GLU O 97 56.56 -13.84 -15.92
C GLU O 97 55.93 -12.45 -15.79
N GLU O 98 54.85 -12.36 -15.02
CA GLU O 98 54.18 -11.08 -14.84
C GLU O 98 53.61 -10.95 -13.44
N GLY O 99 52.85 -9.88 -13.20
CA GLY O 99 52.29 -9.60 -11.89
C GLY O 99 51.38 -10.72 -11.40
N VAL O 100 51.36 -10.91 -10.09
CA VAL O 100 50.57 -11.97 -9.50
C VAL O 100 49.22 -11.44 -9.03
N GLN O 101 48.15 -12.10 -9.44
CA GLN O 101 46.80 -11.69 -9.07
C GLN O 101 46.45 -12.23 -7.68
N VAL O 102 46.11 -11.31 -6.78
CA VAL O 102 45.73 -11.67 -5.42
C VAL O 102 44.29 -11.22 -5.17
N SER O 103 43.44 -12.15 -4.74
CA SER O 103 42.03 -11.84 -4.52
C SER O 103 41.47 -12.54 -3.28
N VAL O 104 40.46 -11.91 -2.68
CA VAL O 104 39.76 -12.49 -1.53
C VAL O 104 38.26 -12.29 -1.68
N GLU O 105 37.50 -13.34 -1.42
CA GLU O 105 36.05 -13.26 -1.35
C GLU O 105 35.61 -13.56 0.07
N VAL O 106 34.48 -12.97 0.47
CA VAL O 106 33.87 -13.26 1.77
C VAL O 106 32.45 -13.76 1.53
N ARG O 107 32.11 -14.91 2.10
CA ARG O 107 30.76 -15.44 1.96
C ARG O 107 30.18 -15.73 3.32
N GLU O 108 28.85 -15.84 3.37
CA GLU O 108 28.15 -16.09 4.62
C GLU O 108 27.52 -17.48 4.67
N MET O 109 27.69 -18.16 5.80
CA MET O 109 27.03 -19.43 6.03
C MET O 109 25.67 -19.16 6.64
N GLU O 110 24.71 -20.04 6.37
CA GLU O 110 23.42 -19.94 7.04
C GLU O 110 23.57 -20.26 8.52
N ARG O 111 23.31 -19.28 9.37
CA ARG O 111 23.47 -19.48 10.80
C ARG O 111 22.47 -20.50 11.35
N LEU O 112 21.20 -20.40 10.92
CA LEU O 112 20.13 -21.22 11.47
C LEU O 112 20.34 -22.73 11.28
N SER O 113 20.89 -23.10 10.13
CA SER O 113 21.10 -24.51 9.83
C SER O 113 22.47 -25.02 10.26
N TYR O 114 23.30 -24.12 10.80
CA TYR O 114 24.68 -24.46 11.17
C TYR O 114 24.73 -25.41 12.36
N ALA O 115 25.49 -26.49 12.22
CA ALA O 115 25.60 -27.47 13.28
C ALA O 115 27.03 -27.56 13.77
N LYS O 116 27.20 -27.70 15.08
CA LYS O 116 28.54 -27.81 15.66
C LYS O 116 28.56 -28.74 16.86
N ARG O 117 29.61 -29.55 16.93
CA ARG O 117 29.88 -30.42 18.07
C ARG O 117 31.35 -30.35 18.46
N VAL O 118 31.64 -30.62 19.72
CA VAL O 118 33.02 -30.72 20.18
C VAL O 118 33.26 -32.12 20.72
N VAL O 119 34.30 -32.78 20.23
CA VAL O 119 34.63 -34.13 20.64
C VAL O 119 35.81 -34.13 21.61
N PRO P 2 -3.26 -7.28 41.01
CA PRO P 2 -4.52 -6.61 40.63
C PRO P 2 -5.17 -5.88 41.81
N HIS P 3 -5.95 -4.85 41.50
CA HIS P 3 -6.65 -4.06 42.50
C HIS P 3 -8.15 -4.06 42.23
N LEU P 4 -8.91 -4.58 43.19
CA LEU P 4 -10.35 -4.66 43.07
C LEU P 4 -11.04 -3.77 44.10
N VAL P 5 -11.95 -2.92 43.65
CA VAL P 5 -12.74 -2.07 44.52
C VAL P 5 -14.21 -2.46 44.44
N ILE P 6 -14.85 -2.65 45.59
CA ILE P 6 -16.26 -2.96 45.65
C ILE P 6 -17.00 -1.86 46.40
N GLU P 7 -17.98 -1.24 45.74
CA GLU P 7 -18.78 -0.19 46.34
C GLU P 7 -20.25 -0.61 46.43
N ALA P 8 -20.83 -0.45 47.60
CA ALA P 8 -22.24 -0.78 47.83
C ALA P 8 -22.99 0.38 48.47
N THR P 9 -24.22 0.60 48.05
CA THR P 9 -25.07 1.61 48.70
C THR P 9 -25.32 1.21 50.14
N ALA P 10 -25.45 2.20 51.02
CA ALA P 10 -25.72 1.95 52.43
C ALA P 10 -27.02 1.17 52.66
N ASN P 11 -28.01 1.35 51.79
CA ASN P 11 -29.28 0.65 51.93
C ASN P 11 -29.26 -0.77 51.35
N LEU P 12 -28.09 -1.20 50.88
CA LEU P 12 -27.97 -2.52 50.29
C LEU P 12 -27.67 -3.57 51.36
N ARG P 13 -28.46 -4.64 51.37
CA ARG P 13 -28.30 -5.71 52.36
C ARG P 13 -27.50 -6.86 51.76
N LEU P 14 -26.46 -7.29 52.46
CA LEU P 14 -25.62 -8.40 52.02
C LEU P 14 -26.00 -9.69 52.75
N GLU P 15 -25.82 -10.84 52.11
CA GLU P 15 -25.93 -12.14 52.76
C GLU P 15 -24.74 -12.39 53.69
N THR P 16 -23.59 -11.83 53.33
CA THR P 16 -22.35 -12.04 54.05
C THR P 16 -21.74 -10.69 54.41
N SER P 17 -20.70 -10.72 55.24
CA SER P 17 -19.99 -9.50 55.62
C SER P 17 -19.12 -9.01 54.46
N PRO P 18 -18.81 -7.70 54.43
CA PRO P 18 -17.86 -7.18 53.44
C PRO P 18 -16.55 -7.98 53.40
N GLY P 19 -16.07 -8.40 54.57
CA GLY P 19 -14.86 -9.19 54.66
C GLY P 19 -14.95 -10.51 53.92
N GLU P 20 -16.03 -11.25 54.17
CA GLU P 20 -16.25 -12.52 53.48
C GLU P 20 -16.33 -12.32 51.98
N LEU P 21 -16.99 -11.24 51.55
CA LEU P 21 -17.11 -10.94 50.13
C LEU P 21 -15.74 -10.69 49.51
N LEU P 22 -14.92 -9.87 50.17
CA LEU P 22 -13.58 -9.55 49.69
C LEU P 22 -12.70 -10.80 49.58
N GLU P 23 -12.81 -11.68 50.58
CA GLU P 23 -12.03 -12.92 50.57
C GLU P 23 -12.50 -13.83 49.43
N GLN P 24 -13.81 -13.97 49.25
CA GLN P 24 -14.35 -14.76 48.16
C GLN P 24 -13.97 -14.16 46.81
N ALA P 25 -13.99 -12.83 46.72
CA ALA P 25 -13.61 -12.16 45.48
C ALA P 25 -12.16 -12.48 45.14
N ASN P 26 -11.27 -12.40 46.13
CA ASN P 26 -9.87 -12.72 45.91
C ASN P 26 -9.66 -14.18 45.50
N LYS P 27 -10.44 -15.08 46.08
CA LYS P 27 -10.41 -16.49 45.68
C LYS P 27 -10.83 -16.68 44.22
N ALA P 28 -11.89 -15.98 43.82
CA ALA P 28 -12.37 -16.03 42.44
C ALA P 28 -11.29 -15.55 41.48
N LEU P 29 -10.58 -14.50 41.88
CA LEU P 29 -9.49 -13.96 41.06
C LEU P 29 -8.33 -14.93 41.01
N PHE P 30 -7.95 -15.47 42.16
CA PHE P 30 -6.82 -16.38 42.22
C PHE P 30 -7.13 -17.66 41.45
N ALA P 31 -8.38 -18.10 41.53
CA ALA P 31 -8.77 -19.35 40.86
C ALA P 31 -8.68 -19.22 39.34
N SER P 32 -8.50 -18.01 38.85
CA SER P 32 -8.40 -17.78 37.41
C SER P 32 -7.06 -18.29 36.90
N GLY P 33 -6.10 -18.42 37.81
CA GLY P 33 -4.74 -18.78 37.46
C GLY P 33 -3.96 -17.63 36.84
N GLN P 34 -4.54 -16.44 36.86
CA GLN P 34 -3.94 -15.27 36.25
C GLN P 34 -3.08 -14.46 37.23
N PHE P 35 -3.22 -14.74 38.52
CA PHE P 35 -2.65 -13.89 39.56
C PHE P 35 -1.89 -14.64 40.62
N GLY P 36 -0.87 -14.00 41.18
CA GLY P 36 -0.22 -14.49 42.38
C GLY P 36 -1.11 -14.20 43.57
N GLU P 37 -1.18 -15.17 44.49
CA GLU P 37 -2.04 -15.06 45.67
C GLU P 37 -1.80 -13.78 46.47
N ALA P 38 -0.53 -13.51 46.78
CA ALA P 38 -0.18 -12.37 47.63
C ALA P 38 -0.37 -11.01 46.93
N ASP P 39 -0.57 -11.03 45.61
CA ASP P 39 -0.58 -9.79 44.83
C ASP P 39 -1.97 -9.16 44.72
N ILE P 40 -2.99 -9.91 45.12
CA ILE P 40 -4.37 -9.48 44.94
C ILE P 40 -4.81 -8.56 46.08
N LYS P 41 -5.12 -7.31 45.73
CA LYS P 41 -5.56 -6.33 46.73
C LYS P 41 -6.99 -5.87 46.49
N SER P 42 -7.86 -6.10 47.46
CA SER P 42 -9.26 -5.69 47.35
C SER P 42 -9.69 -4.82 48.52
N ARG P 43 -10.65 -3.93 48.26
CA ARG P 43 -11.21 -3.11 49.32
C ARG P 43 -12.70 -2.89 49.08
N PHE P 44 -13.45 -2.68 50.15
CA PHE P 44 -14.89 -2.53 50.09
C PHE P 44 -15.29 -1.18 50.69
N VAL P 45 -16.20 -0.48 50.02
CA VAL P 45 -16.64 0.80 50.54
C VAL P 45 -18.18 0.89 50.54
N THR P 46 -18.70 1.44 51.63
CA THR P 46 -20.12 1.67 51.74
C THR P 46 -20.43 3.11 51.33
N LEU P 47 -21.36 3.27 50.40
CA LEU P 47 -21.73 4.60 49.91
C LEU P 47 -22.86 5.19 50.74
N GLU P 48 -22.59 6.32 51.39
CA GLU P 48 -23.58 6.97 52.24
C GLU P 48 -24.34 8.07 51.51
N ALA P 49 -23.68 8.71 50.54
CA ALA P 49 -24.29 9.78 49.75
C ALA P 49 -24.41 9.36 48.30
N TYR P 50 -25.61 8.99 47.88
CA TYR P 50 -25.83 8.40 46.57
C TYR P 50 -27.25 8.62 46.06
N ARG P 51 -27.40 8.60 44.73
CA ARG P 51 -28.73 8.65 44.11
C ARG P 51 -28.69 7.76 42.89
N GLN P 52 -29.76 7.01 42.68
CA GLN P 52 -29.93 6.24 41.47
C GLN P 52 -31.15 6.76 40.72
N GLY P 53 -30.92 7.28 39.53
CA GLY P 53 -31.98 7.90 38.76
C GLY P 53 -32.41 9.23 39.37
N THR P 54 -33.61 9.67 39.01
CA THR P 54 -34.09 10.97 39.45
C THR P 54 -35.48 10.90 40.09
N ALA P 55 -36.23 9.84 39.79
CA ALA P 55 -37.60 9.73 40.26
C ALA P 55 -37.69 9.40 41.75
N VAL P 57 -37.34 7.28 44.71
CA VAL P 57 -37.48 5.83 44.69
C VAL P 57 -36.34 5.17 45.46
N GLU P 58 -36.69 4.18 46.29
CA GLU P 58 -35.72 3.45 47.10
C GLU P 58 -34.97 2.42 46.25
N ARG P 59 -33.68 2.67 46.01
CA ARG P 59 -32.89 1.84 45.10
C ARG P 59 -31.51 1.53 45.67
N ALA P 60 -31.08 0.29 45.51
CA ALA P 60 -29.75 -0.13 45.93
C ALA P 60 -28.94 -0.63 44.75
N TYR P 61 -27.62 -0.49 44.81
CA TYR P 61 -26.77 -1.09 43.78
C TYR P 61 -25.40 -1.49 44.31
N LEU P 62 -24.73 -2.36 43.55
CA LEU P 62 -23.45 -2.93 43.92
C LEU P 62 -22.57 -2.91 42.68
N HIS P 63 -21.45 -2.19 42.76
CA HIS P 63 -20.57 -2.05 41.62
C HIS P 63 -19.12 -2.24 42.02
N ALA P 64 -18.36 -2.96 41.18
CA ALA P 64 -16.94 -3.14 41.40
C ALA P 64 -16.17 -2.85 40.13
N CYS P 65 -14.92 -2.45 40.30
CA CYS P 65 -14.04 -2.26 39.17
C CYS P 65 -12.74 -2.99 39.45
N LEU P 66 -12.37 -3.88 38.52
CA LEU P 66 -11.12 -4.62 38.66
C LEU P 66 -10.04 -3.97 37.82
N SER P 67 -8.94 -3.60 38.47
CA SER P 67 -7.81 -2.97 37.78
C SER P 67 -6.65 -3.95 37.66
N ILE P 68 -6.26 -4.24 36.42
CA ILE P 68 -5.17 -5.18 36.14
C ILE P 68 -4.14 -4.53 35.24
N LEU P 69 -2.91 -5.05 35.29
CA LEU P 69 -1.90 -4.67 34.30
C LEU P 69 -2.28 -5.21 32.93
N ASP P 70 -2.04 -4.44 31.88
CA ASP P 70 -2.42 -4.86 30.53
C ASP P 70 -1.71 -6.13 30.09
N GLY P 71 -2.26 -6.80 29.08
CA GLY P 71 -1.65 -8.01 28.56
C GLY P 71 -2.60 -9.18 28.45
N ARG P 72 -3.74 -9.07 29.11
CA ARG P 72 -4.78 -10.09 29.02
C ARG P 72 -5.70 -9.86 27.83
N ASP P 73 -6.25 -10.94 27.28
CA ASP P 73 -7.15 -10.83 26.13
C ASP P 73 -8.60 -10.55 26.55
N ILE P 74 -9.49 -10.50 25.57
CA ILE P 74 -10.89 -10.17 25.81
C ILE P 74 -11.59 -11.29 26.60
N ALA P 75 -11.28 -12.55 26.27
CA ALA P 75 -11.92 -13.67 26.95
C ALA P 75 -11.59 -13.66 28.43
N THR P 76 -10.34 -13.37 28.75
CA THR P 76 -9.89 -13.35 30.13
C THR P 76 -10.59 -12.25 30.92
N ARG P 77 -10.58 -11.03 30.37
CA ARG P 77 -11.23 -9.90 31.02
C ARG P 77 -12.73 -10.12 31.17
N THR P 78 -13.35 -10.64 30.12
CA THR P 78 -14.78 -10.93 30.16
C THR P 78 -15.09 -11.99 31.23
N LEU P 79 -14.28 -13.05 31.28
CA LEU P 79 -14.49 -14.11 32.26
C LEU P 79 -14.29 -13.58 33.68
N LEU P 80 -13.25 -12.76 33.89
CA LEU P 80 -12.99 -12.16 35.20
C LEU P 80 -14.18 -11.31 35.67
N GLY P 81 -14.73 -10.51 34.75
CA GLY P 81 -15.90 -9.72 35.05
C GLY P 81 -17.10 -10.56 35.43
N ALA P 82 -17.39 -11.57 34.61
CA ALA P 82 -18.51 -12.47 34.88
C ALA P 82 -18.30 -13.23 36.18
N SER P 83 -17.05 -13.62 36.43
CA SER P 83 -16.71 -14.38 37.64
C SER P 83 -17.01 -13.55 38.89
N LEU P 84 -16.51 -12.33 38.91
CA LEU P 84 -16.73 -11.42 40.03
C LEU P 84 -18.19 -11.06 40.19
N CYS P 85 -18.87 -10.83 39.07
CA CYS P 85 -20.27 -10.45 39.11
C CYS P 85 -21.11 -11.54 39.76
N ALA P 86 -20.79 -12.79 39.45
CA ALA P 86 -21.45 -13.92 40.07
C ALA P 86 -21.18 -13.94 41.58
N VAL P 87 -19.94 -13.70 41.96
CA VAL P 87 -19.56 -13.66 43.37
C VAL P 87 -20.31 -12.55 44.10
N LEU P 88 -20.33 -11.37 43.50
CA LEU P 88 -21.03 -10.22 44.07
C LEU P 88 -22.53 -10.41 44.09
N ALA P 89 -23.09 -10.91 42.98
CA ALA P 89 -24.54 -11.03 42.87
C ALA P 89 -25.07 -11.95 43.95
N GLU P 90 -24.37 -13.04 44.19
CA GLU P 90 -24.78 -14.01 45.21
C GLU P 90 -24.70 -13.39 46.61
N ALA P 91 -23.93 -12.32 46.76
CA ALA P 91 -23.74 -11.71 48.08
C ALA P 91 -24.85 -10.72 48.44
N VAL P 92 -25.73 -10.43 47.49
CA VAL P 92 -26.78 -9.44 47.70
C VAL P 92 -28.07 -10.05 48.22
N ALA P 93 -28.52 -9.59 49.39
CA ALA P 93 -29.73 -10.13 50.01
C ALA P 93 -30.93 -9.28 49.67
N GLY P 94 -30.70 -8.02 49.29
CA GLY P 94 -31.78 -7.10 48.95
C GLY P 94 -31.38 -5.66 49.16
N GLY P 95 -32.38 -4.78 49.29
CA GLY P 95 -32.13 -3.36 49.43
C GLY P 95 -32.94 -2.55 48.43
N GLY P 96 -33.60 -1.50 48.92
CA GLY P 96 -34.49 -0.71 48.08
C GLY P 96 -35.84 -1.37 47.88
N GLU P 97 -36.63 -0.83 46.97
CA GLU P 97 -37.97 -1.36 46.70
C GLU P 97 -38.03 -2.05 45.34
N GLU P 98 -36.86 -2.36 44.79
CA GLU P 98 -36.78 -3.04 43.50
C GLU P 98 -35.52 -3.89 43.40
N GLY P 99 -35.35 -4.55 42.26
CA GLY P 99 -34.19 -5.38 42.03
C GLY P 99 -32.90 -4.59 42.13
N VAL P 100 -31.83 -5.27 42.55
CA VAL P 100 -30.54 -4.63 42.76
C VAL P 100 -29.59 -4.90 41.60
N GLN P 101 -29.10 -3.82 40.98
CA GLN P 101 -28.17 -3.96 39.87
C GLN P 101 -26.77 -4.24 40.38
N VAL P 102 -26.19 -5.34 39.88
CA VAL P 102 -24.85 -5.75 40.24
C VAL P 102 -23.99 -5.81 38.98
N SER P 103 -22.88 -5.08 38.97
CA SER P 103 -22.06 -5.03 37.78
C SER P 103 -20.58 -4.92 38.13
N VAL P 104 -19.73 -5.32 37.19
CA VAL P 104 -18.29 -5.30 37.38
C VAL P 104 -17.63 -4.69 36.16
N GLU P 105 -16.73 -3.74 36.39
CA GLU P 105 -15.89 -3.20 35.32
C GLU P 105 -14.51 -3.82 35.38
N VAL P 106 -13.91 -4.04 34.22
CA VAL P 106 -12.52 -4.47 34.17
C VAL P 106 -11.75 -3.44 33.32
N ARG P 107 -10.67 -2.89 33.89
CA ARG P 107 -9.86 -1.92 33.16
C ARG P 107 -8.39 -2.33 33.21
N GLU P 108 -7.60 -1.79 32.30
CA GLU P 108 -6.18 -2.11 32.24
C GLU P 108 -5.31 -0.92 32.64
N MET P 109 -4.26 -1.21 33.39
CA MET P 109 -3.27 -0.21 33.75
C MET P 109 -2.14 -0.27 32.73
N GLU P 110 -1.57 0.88 32.39
CA GLU P 110 -0.38 0.90 31.56
C GLU P 110 0.80 0.26 32.29
N ARG P 111 1.32 -0.82 31.72
CA ARG P 111 2.42 -1.55 32.33
C ARG P 111 3.72 -0.74 32.37
N LEU P 112 4.04 -0.07 31.26
CA LEU P 112 5.34 0.57 31.12
C LEU P 112 5.60 1.65 32.18
N SER P 113 4.56 2.38 32.54
CA SER P 113 4.70 3.46 33.51
C SER P 113 4.46 3.00 34.95
N TYR P 114 4.13 1.72 35.11
CA TYR P 114 3.80 1.17 36.43
C TYR P 114 5.00 1.07 37.34
N ALA P 115 4.85 1.54 38.57
CA ALA P 115 5.95 1.48 39.53
C ALA P 115 5.58 0.61 40.73
N LYS P 116 6.52 -0.17 41.23
CA LYS P 116 6.25 -0.93 42.44
C LYS P 116 7.52 -1.23 43.21
N ARG P 117 7.40 -1.17 44.53
CA ARG P 117 8.45 -1.57 45.45
C ARG P 117 7.84 -2.25 46.67
N VAL P 118 8.63 -3.06 47.36
CA VAL P 118 8.18 -3.68 48.59
C VAL P 118 9.02 -3.19 49.76
N VAL P 119 8.36 -2.65 50.78
CA VAL P 119 9.08 -2.09 51.93
C VAL P 119 9.19 -3.10 53.05
N LYS Q 23 5.58 -25.17 -4.04
CA LYS Q 23 5.47 -25.32 -2.59
C LYS Q 23 4.87 -24.08 -1.94
N ASP Q 24 3.73 -23.64 -2.45
CA ASP Q 24 2.98 -22.54 -1.85
C ASP Q 24 2.14 -23.08 -0.68
N SER Q 25 2.07 -22.32 0.40
CA SER Q 25 1.38 -22.80 1.61
C SER Q 25 -0.01 -23.39 1.37
N PRO Q 26 -0.89 -22.70 0.60
CA PRO Q 26 -2.21 -23.32 0.38
C PRO Q 26 -2.12 -24.76 -0.12
N ILE Q 27 -1.12 -25.07 -0.95
CA ILE Q 27 -0.94 -26.41 -1.48
C ILE Q 27 -0.48 -27.38 -0.39
N ILE Q 28 0.51 -26.94 0.38
CA ILE Q 28 1.07 -27.77 1.46
C ILE Q 28 0.01 -28.03 2.53
N GLU Q 29 -0.69 -26.99 2.95
CA GLU Q 29 -1.71 -27.14 3.99
C GLU Q 29 -2.85 -28.04 3.55
N ALA Q 30 -3.29 -27.91 2.30
CA ALA Q 30 -4.35 -28.79 1.78
C ALA Q 30 -3.93 -30.25 1.82
N ASN Q 31 -2.71 -30.53 1.38
CA ASN Q 31 -2.18 -31.90 1.37
C ASN Q 31 -2.01 -32.44 2.78
N GLY Q 32 -1.44 -31.60 3.65
CA GLY Q 32 -1.24 -31.94 5.04
C GLY Q 32 -2.56 -32.25 5.74
N THR Q 33 -3.58 -31.44 5.50
CA THR Q 33 -4.89 -31.67 6.09
C THR Q 33 -5.55 -32.92 5.53
N LEU Q 34 -5.43 -33.16 4.23
CA LEU Q 34 -5.95 -34.39 3.64
C LEU Q 34 -5.25 -35.61 4.24
N ASP Q 35 -3.94 -35.47 4.48
CA ASP Q 35 -3.17 -36.49 5.15
C ASP Q 35 -3.74 -36.75 6.55
N GLU Q 36 -4.00 -35.67 7.27
CA GLU Q 36 -4.66 -35.79 8.58
C GLU Q 36 -6.02 -36.48 8.46
N LEU Q 37 -6.79 -36.12 7.43
CA LEU Q 37 -8.11 -36.72 7.20
C LEU Q 37 -8.05 -38.23 7.00
N THR Q 38 -7.19 -38.68 6.08
CA THR Q 38 -7.13 -40.10 5.79
C THR Q 38 -6.64 -40.89 7.00
N SER Q 39 -5.79 -40.27 7.83
CA SER Q 39 -5.32 -40.93 9.06
C SER Q 39 -6.46 -41.22 10.03
N PHE Q 40 -7.33 -40.24 10.27
CA PHE Q 40 -8.50 -40.47 11.11
C PHE Q 40 -9.45 -41.50 10.50
N ILE Q 41 -9.61 -41.45 9.19
CA ILE Q 41 -10.42 -42.45 8.50
C ILE Q 41 -9.81 -43.84 8.72
N GLY Q 42 -8.50 -43.93 8.60
CA GLY Q 42 -7.77 -45.16 8.85
C GLY Q 42 -8.06 -45.75 10.20
N GLU Q 43 -8.30 -44.88 11.19
CA GLU Q 43 -8.70 -45.35 12.51
C GLU Q 43 -10.16 -45.82 12.51
N ALA Q 44 -11.03 -44.98 11.96
CA ALA Q 44 -12.48 -45.22 12.00
C ALA Q 44 -12.87 -46.55 11.36
N LYS Q 45 -12.18 -46.93 10.29
CA LYS Q 45 -12.56 -48.13 9.57
C LYS Q 45 -12.35 -49.41 10.39
N HIS Q 46 -11.79 -49.28 11.59
CA HIS Q 46 -11.63 -50.44 12.47
C HIS Q 46 -12.80 -50.58 13.44
N TYR Q 47 -13.78 -49.69 13.33
CA TYR Q 47 -14.94 -49.74 14.20
C TYR Q 47 -16.25 -49.95 13.43
N VAL Q 48 -16.15 -50.12 12.11
CA VAL Q 48 -17.34 -50.21 11.26
C VAL Q 48 -17.49 -51.61 10.68
N ASP Q 49 -18.62 -51.88 10.02
CA ASP Q 49 -18.86 -53.21 9.44
C ASP Q 49 -18.09 -53.35 8.12
N GLU Q 50 -18.20 -54.52 7.47
CA GLU Q 50 -17.41 -54.81 6.27
C GLU Q 50 -17.70 -53.87 5.10
N GLU Q 51 -18.97 -53.52 4.91
CA GLU Q 51 -19.38 -52.63 3.83
C GLU Q 51 -18.80 -51.23 3.99
N MET Q 52 -18.99 -50.65 5.18
CA MET Q 52 -18.47 -49.32 5.44
C MET Q 52 -16.95 -49.32 5.40
N LYS Q 53 -16.33 -50.40 5.87
CA LYS Q 53 -14.87 -50.50 5.84
C LYS Q 53 -14.37 -50.39 4.40
N GLY Q 54 -14.97 -51.16 3.51
CA GLY Q 54 -14.61 -51.13 2.10
C GLY Q 54 -14.83 -49.74 1.50
N ILE Q 55 -15.94 -49.10 1.86
CA ILE Q 55 -16.24 -47.76 1.39
C ILE Q 55 -15.17 -46.77 1.83
N LEU Q 56 -14.81 -46.83 3.12
CA LEU Q 56 -13.78 -45.95 3.63
C LEU Q 56 -12.43 -46.16 2.95
N GLU Q 57 -12.08 -47.42 2.66
CA GLU Q 57 -10.82 -47.70 1.95
C GLU Q 57 -10.79 -47.09 0.55
N GLU Q 58 -11.90 -47.18 -0.18
CA GLU Q 58 -11.98 -46.53 -1.50
C GLU Q 58 -11.80 -45.02 -1.37
N ILE Q 59 -12.38 -44.46 -0.31
CA ILE Q 59 -12.25 -43.04 -0.01
C ILE Q 59 -10.80 -42.67 0.28
N GLN Q 60 -10.09 -43.50 1.05
CA GLN Q 60 -8.67 -43.31 1.27
C GLN Q 60 -7.90 -43.27 -0.06
N ASN Q 61 -8.27 -44.16 -0.97
CA ASN Q 61 -7.66 -44.14 -2.30
C ASN Q 61 -7.97 -42.85 -3.05
N ASP Q 62 -9.20 -42.36 -2.95
CA ASP Q 62 -9.58 -41.11 -3.60
C ASP Q 62 -8.82 -39.93 -3.01
N ILE Q 63 -8.69 -39.91 -1.69
CA ILE Q 63 -7.97 -38.82 -1.02
C ILE Q 63 -6.52 -38.79 -1.51
N TYR Q 64 -5.87 -39.96 -1.56
CA TYR Q 64 -4.54 -40.06 -2.12
C TYR Q 64 -4.49 -39.53 -3.55
N LYS Q 65 -5.47 -39.92 -4.36
CA LYS Q 65 -5.58 -39.47 -5.74
C LYS Q 65 -5.71 -37.95 -5.80
N ILE Q 66 -6.53 -37.40 -4.90
CA ILE Q 66 -6.69 -35.95 -4.85
C ILE Q 66 -5.38 -35.25 -4.49
N MET Q 67 -4.66 -35.78 -3.50
CA MET Q 67 -3.38 -35.18 -3.08
C MET Q 67 -2.40 -35.12 -4.24
N GLY Q 68 -2.44 -36.13 -5.11
CA GLY Q 68 -1.61 -36.13 -6.30
C GLY Q 68 -1.90 -34.93 -7.20
N GLU Q 69 -3.17 -34.60 -7.37
CA GLU Q 69 -3.56 -33.44 -8.16
C GLU Q 69 -3.12 -32.14 -7.50
N ILE Q 70 -3.42 -32.00 -6.21
CA ILE Q 70 -3.13 -30.75 -5.51
C ILE Q 70 -1.62 -30.51 -5.44
N GLY Q 71 -0.88 -31.51 -5.00
CA GLY Q 71 0.57 -31.40 -4.87
C GLY Q 71 1.29 -31.09 -6.17
N SER Q 72 0.66 -31.42 -7.29
CA SER Q 72 1.25 -31.17 -8.61
C SER Q 72 0.61 -29.96 -9.29
N LYS Q 73 -0.19 -29.22 -8.51
CA LYS Q 73 -0.89 -28.03 -9.00
C LYS Q 73 -1.71 -28.32 -10.27
N GLY Q 74 -2.39 -29.46 -10.27
CA GLY Q 74 -3.25 -29.84 -11.38
C GLY Q 74 -2.56 -30.48 -12.56
N LYS Q 75 -1.24 -30.61 -12.50
CA LYS Q 75 -0.48 -31.27 -13.57
C LYS Q 75 -0.84 -32.75 -13.67
N ILE Q 76 -1.04 -33.39 -12.52
CA ILE Q 76 -1.49 -34.78 -12.45
C ILE Q 76 -3.00 -34.84 -12.30
N GLU Q 77 -3.67 -35.60 -13.16
CA GLU Q 77 -5.11 -35.78 -13.09
C GLU Q 77 -5.54 -36.35 -11.74
N GLY Q 78 -6.61 -35.81 -11.18
CA GLY Q 78 -7.12 -36.27 -9.89
C GLY Q 78 -8.28 -37.22 -10.04
N ILE Q 79 -9.17 -37.25 -9.05
CA ILE Q 79 -10.31 -38.16 -9.09
C ILE Q 79 -11.24 -37.83 -10.25
N SER Q 80 -11.88 -38.86 -10.80
CA SER Q 80 -12.80 -38.68 -11.92
C SER Q 80 -14.22 -38.41 -11.44
N GLU Q 81 -15.07 -37.94 -12.34
CA GLU Q 81 -16.46 -37.64 -12.02
C GLU Q 81 -17.18 -38.89 -11.52
N GLU Q 82 -16.76 -40.05 -12.00
CA GLU Q 82 -17.30 -41.33 -11.53
C GLU Q 82 -17.09 -41.53 -10.03
N ARG Q 83 -16.03 -40.94 -9.49
CA ARG Q 83 -15.78 -41.02 -8.06
C ARG Q 83 -16.77 -40.15 -7.29
N ILE Q 84 -17.11 -38.99 -7.84
CA ILE Q 84 -18.13 -38.15 -7.25
C ILE Q 84 -19.49 -38.86 -7.30
N ALA Q 85 -19.83 -39.40 -8.47
CA ALA Q 85 -21.06 -40.17 -8.61
C ALA Q 85 -21.08 -41.38 -7.69
N TRP Q 86 -19.92 -41.98 -7.51
CA TRP Q 86 -19.78 -43.11 -6.59
C TRP Q 86 -20.20 -42.70 -5.18
N LEU Q 87 -19.74 -41.54 -4.71
CA LEU Q 87 -20.19 -41.02 -3.41
C LEU Q 87 -21.70 -40.80 -3.42
N LEU Q 88 -22.20 -40.19 -4.49
CA LEU Q 88 -23.60 -39.82 -4.57
C LEU Q 88 -24.52 -41.03 -4.48
N LYS Q 89 -24.14 -42.12 -5.14
CA LYS Q 89 -24.91 -43.36 -5.08
C LYS Q 89 -24.99 -43.89 -3.64
N LEU Q 90 -23.87 -43.86 -2.94
CA LEU Q 90 -23.85 -44.28 -1.54
C LEU Q 90 -24.70 -43.35 -0.68
N ILE Q 91 -24.63 -42.05 -0.96
CA ILE Q 91 -25.43 -41.06 -0.24
C ILE Q 91 -26.91 -41.34 -0.41
N LEU Q 92 -27.34 -41.57 -1.65
CA LEU Q 92 -28.74 -41.87 -1.94
C LEU Q 92 -29.18 -43.15 -1.23
N ARG Q 93 -28.31 -44.14 -1.19
CA ARG Q 93 -28.59 -45.37 -0.46
C ARG Q 93 -28.83 -45.10 1.02
N TYR Q 94 -27.87 -44.43 1.66
CA TYR Q 94 -27.95 -44.26 3.11
C TYR Q 94 -28.92 -43.16 3.52
N MET Q 95 -29.15 -42.20 2.63
CA MET Q 95 -30.11 -41.13 2.88
C MET Q 95 -31.52 -41.63 3.20
N GLU Q 96 -31.95 -42.71 2.55
CA GLU Q 96 -33.29 -43.24 2.79
C GLU Q 96 -33.36 -44.05 4.09
N MET Q 97 -32.22 -44.21 4.74
CA MET Q 97 -32.14 -44.94 6.00
C MET Q 97 -32.19 -43.98 7.18
N VAL Q 98 -32.06 -42.69 6.90
CA VAL Q 98 -31.94 -41.67 7.94
C VAL Q 98 -33.12 -40.73 7.89
N ASN Q 99 -33.80 -40.57 9.03
CA ASN Q 99 -35.03 -39.79 9.09
C ASN Q 99 -35.03 -38.86 10.29
N LEU Q 100 -34.10 -37.91 10.30
CA LEU Q 100 -34.00 -36.92 11.38
C LEU Q 100 -35.18 -35.94 11.37
N SER Q 102 -35.33 -35.65 14.34
CA SER Q 102 -34.97 -34.43 15.05
C SER Q 102 -33.46 -34.20 15.08
N PHE Q 103 -33.05 -33.04 15.58
CA PHE Q 103 -31.64 -32.74 15.76
C PHE Q 103 -31.04 -33.61 16.86
N VAL Q 104 -29.85 -34.15 16.61
CA VAL Q 104 -29.15 -34.94 17.61
C VAL Q 104 -27.70 -34.45 17.80
N LEU Q 105 -27.14 -34.65 18.98
CA LEU Q 105 -25.75 -34.25 19.24
C LEU Q 105 -24.81 -35.24 18.58
N PRO Q 106 -23.65 -34.76 18.11
CA PRO Q 106 -22.66 -35.65 17.50
C PRO Q 106 -22.20 -36.76 18.45
N GLY Q 107 -21.89 -37.92 17.89
CA GLY Q 107 -21.37 -39.03 18.68
C GLY Q 107 -22.36 -39.76 19.55
N GLY Q 108 -23.53 -40.07 18.99
CA GLY Q 108 -24.54 -40.82 19.71
C GLY Q 108 -24.03 -42.15 20.23
N THR Q 109 -23.15 -42.78 19.45
CA THR Q 109 -22.48 -43.99 19.87
C THR Q 109 -20.98 -43.80 19.72
N LEU Q 110 -20.20 -44.70 20.30
CA LEU Q 110 -18.75 -44.65 20.18
C LEU Q 110 -18.36 -44.71 18.71
N GLU Q 111 -19.01 -45.60 17.98
CA GLU Q 111 -18.72 -45.82 16.57
C GLU Q 111 -19.09 -44.61 15.73
N SER Q 112 -20.28 -44.06 15.95
CA SER Q 112 -20.72 -42.90 15.19
C SER Q 112 -19.88 -41.66 15.50
N ALA Q 113 -19.35 -41.59 16.72
CA ALA Q 113 -18.45 -40.50 17.09
C ALA Q 113 -17.23 -40.48 16.17
N LYS Q 114 -16.72 -41.67 15.84
CA LYS Q 114 -15.56 -41.77 14.96
C LYS Q 114 -15.85 -41.16 13.61
N LEU Q 115 -17.07 -41.36 13.11
CA LEU Q 115 -17.44 -40.81 11.82
C LEU Q 115 -17.66 -39.29 11.89
N ASP Q 116 -18.24 -38.82 12.99
CA ASP Q 116 -18.47 -37.38 13.15
C ASP Q 116 -17.14 -36.64 13.20
N VAL Q 117 -16.15 -37.25 13.85
CA VAL Q 117 -14.82 -36.68 13.87
C VAL Q 117 -14.25 -36.60 12.45
N CYS Q 118 -14.39 -37.69 11.69
CA CYS Q 118 -13.94 -37.69 10.30
C CYS Q 118 -14.67 -36.64 9.47
N ARG Q 119 -15.96 -36.47 9.72
CA ARG Q 119 -16.76 -35.47 9.03
C ARG Q 119 -16.20 -34.05 9.24
N THR Q 120 -15.92 -33.68 10.48
CA THR Q 120 -15.46 -32.33 10.76
C THR Q 120 -14.06 -32.11 10.19
N ILE Q 121 -13.22 -33.13 10.22
CA ILE Q 121 -11.89 -33.02 9.61
C ILE Q 121 -12.05 -32.84 8.10
N ALA Q 122 -12.95 -33.61 7.49
CA ALA Q 122 -13.20 -33.51 6.06
C ALA Q 122 -13.60 -32.09 5.66
N ARG Q 123 -14.42 -31.45 6.50
CA ARG Q 123 -14.81 -30.05 6.30
C ARG Q 123 -13.62 -29.12 6.35
N ARG Q 124 -12.71 -29.34 7.30
CA ARG Q 124 -11.48 -28.55 7.38
C ARG Q 124 -10.65 -28.80 6.11
N ALA Q 125 -10.61 -30.05 5.66
CA ALA Q 125 -9.92 -30.39 4.42
C ALA Q 125 -10.52 -29.66 3.22
N LEU Q 126 -11.85 -29.63 3.17
CA LEU Q 126 -12.56 -28.95 2.10
C LEU Q 126 -12.18 -27.46 2.01
N ARG Q 127 -12.16 -26.78 3.16
CA ARG Q 127 -11.83 -25.36 3.21
C ARG Q 127 -10.43 -25.11 2.64
N LYS Q 128 -9.48 -25.98 2.98
CA LYS Q 128 -8.12 -25.83 2.52
C LYS Q 128 -8.02 -26.07 1.01
N VAL Q 129 -8.65 -27.14 0.53
CA VAL Q 129 -8.65 -27.46 -0.90
C VAL Q 129 -9.41 -26.39 -1.71
N LEU Q 130 -10.54 -25.92 -1.18
CA LEU Q 130 -11.30 -24.86 -1.83
C LEU Q 130 -10.49 -23.57 -1.96
N THR Q 131 -9.72 -23.26 -0.92
CA THR Q 131 -8.82 -22.10 -0.97
C THR Q 131 -7.83 -22.26 -2.12
N VAL Q 132 -7.26 -23.45 -2.25
CA VAL Q 132 -6.33 -23.73 -3.35
C VAL Q 132 -7.04 -23.54 -4.71
N THR Q 133 -8.26 -24.06 -4.83
CA THR Q 133 -9.00 -23.92 -6.08
C THR Q 133 -9.23 -22.46 -6.43
N ARG Q 134 -9.65 -21.67 -5.45
CA ARG Q 134 -9.89 -20.24 -5.68
C ARG Q 134 -8.64 -19.50 -6.11
N GLU Q 135 -7.49 -19.87 -5.55
CA GLU Q 135 -6.24 -19.17 -5.83
C GLU Q 135 -5.49 -19.75 -7.03
N PHE Q 136 -5.64 -21.05 -7.28
CA PHE Q 136 -4.89 -21.71 -8.34
C PHE Q 136 -5.72 -22.17 -9.53
N GLY Q 137 -7.05 -22.20 -9.38
CA GLY Q 137 -7.92 -22.60 -10.46
C GLY Q 137 -7.98 -24.10 -10.73
N ILE Q 138 -7.52 -24.90 -9.77
CA ILE Q 138 -7.49 -26.35 -9.94
C ILE Q 138 -8.20 -27.05 -8.79
N GLY Q 139 -8.58 -28.31 -8.98
CA GLY Q 139 -9.11 -29.10 -7.88
C GLY Q 139 -10.60 -28.96 -7.60
N ALA Q 140 -11.33 -28.27 -8.48
CA ALA Q 140 -12.75 -28.06 -8.27
C ALA Q 140 -13.51 -29.38 -8.12
N GLU Q 141 -13.14 -30.37 -8.92
CA GLU Q 141 -13.77 -31.69 -8.84
C GLU Q 141 -13.45 -32.36 -7.50
N ALA Q 142 -12.20 -32.25 -7.07
CA ALA Q 142 -11.76 -32.75 -5.78
C ALA Q 142 -12.54 -32.09 -4.63
N ALA Q 143 -12.74 -30.78 -4.73
CA ALA Q 143 -13.53 -30.04 -3.75
C ALA Q 143 -14.98 -30.53 -3.71
N ALA Q 144 -15.58 -30.73 -4.88
CA ALA Q 144 -16.93 -31.28 -4.96
C ALA Q 144 -16.97 -32.68 -4.33
N TYR Q 145 -15.93 -33.48 -4.62
CA TYR Q 145 -15.80 -34.80 -4.04
C TYR Q 145 -15.78 -34.72 -2.52
N LEU Q 146 -14.91 -33.87 -1.98
CA LEU Q 146 -14.78 -33.71 -0.52
C LEU Q 146 -16.07 -33.19 0.10
N LEU Q 147 -16.76 -32.29 -0.61
CA LEU Q 147 -18.06 -31.81 -0.16
C LEU Q 147 -19.05 -32.97 -0.03
N ALA Q 148 -19.17 -33.78 -1.09
CA ALA Q 148 -20.01 -34.96 -1.07
C ALA Q 148 -19.59 -35.94 0.02
N LEU Q 149 -18.27 -36.04 0.23
CA LEU Q 149 -17.71 -36.92 1.26
C LEU Q 149 -18.25 -36.55 2.64
N SER Q 150 -18.22 -35.26 2.95
CA SER Q 150 -18.71 -34.79 4.25
C SER Q 150 -20.18 -35.19 4.45
N ASP Q 151 -20.98 -35.03 3.41
CA ASP Q 151 -22.39 -35.41 3.47
C ASP Q 151 -22.54 -36.92 3.75
N LEU Q 152 -21.75 -37.72 3.03
CA LEU Q 152 -21.77 -39.16 3.23
C LEU Q 152 -21.34 -39.55 4.65
N LEU Q 153 -20.27 -38.92 5.13
CA LEU Q 153 -19.78 -39.20 6.48
C LEU Q 153 -20.85 -38.87 7.52
N PHE Q 154 -21.57 -37.77 7.32
CA PHE Q 154 -22.68 -37.41 8.21
C PHE Q 154 -23.69 -38.55 8.30
N LEU Q 155 -24.16 -39.00 7.15
CA LEU Q 155 -25.16 -40.05 7.07
C LEU Q 155 -24.65 -41.34 7.72
N LEU Q 156 -23.40 -41.70 7.43
CA LEU Q 156 -22.86 -42.95 7.94
C LEU Q 156 -22.92 -42.99 9.46
N ALA Q 157 -22.58 -41.86 10.09
CA ALA Q 157 -22.69 -41.70 11.54
C ALA Q 157 -24.14 -41.87 12.02
N ARG Q 158 -25.08 -41.26 11.32
CA ARG Q 158 -26.48 -41.36 11.71
C ARG Q 158 -27.00 -42.79 11.53
N VAL Q 159 -26.58 -43.44 10.44
CA VAL Q 159 -27.01 -44.80 10.17
C VAL Q 159 -26.54 -45.73 11.30
N ILE Q 160 -25.30 -45.55 11.74
CA ILE Q 160 -24.77 -46.31 12.85
C ILE Q 160 -25.65 -46.16 14.09
N GLU Q 161 -26.02 -44.91 14.41
CA GLU Q 161 -26.90 -44.66 15.57
C GLU Q 161 -28.28 -45.28 15.41
N ILE Q 162 -28.82 -45.24 14.19
CA ILE Q 162 -30.10 -45.88 13.90
C ILE Q 162 -30.00 -47.39 14.10
N GLU Q 163 -28.92 -47.97 13.60
CA GLU Q 163 -28.68 -49.40 13.76
C GLU Q 163 -28.50 -49.77 15.24
N LEU Q 164 -27.71 -48.81 16.09
CA LEU Q 164 -27.72 -49.26 17.46
C LEU Q 164 -29.13 -49.19 18.05
N GLY Q 165 -29.89 -48.18 17.60
CA GLY Q 165 -31.31 -48.04 17.96
C GLY Q 165 -32.08 -49.33 17.70
N LYS Q 166 -31.97 -49.84 16.48
CA LYS Q 166 -32.66 -51.09 16.09
C LYS Q 166 -32.25 -52.31 16.93
N LYS Q 167 -30.96 -52.44 17.24
CA LYS Q 167 -30.49 -53.50 18.15
C LYS Q 167 -31.08 -53.37 19.57
N LEU Q 168 -31.21 -52.16 20.07
CA LEU Q 168 -31.91 -51.98 21.36
C LEU Q 168 -33.39 -52.38 21.26
N LEU Q 169 -34.05 -52.01 20.16
CA LEU Q 169 -35.45 -52.45 19.93
C LEU Q 169 -35.56 -53.98 19.93
N GLU Q 170 -34.63 -54.64 19.24
CA GLU Q 170 -34.53 -56.11 19.19
C GLU Q 170 -34.35 -56.77 20.55
N ALA Q 171 -33.45 -56.21 21.34
CA ALA Q 171 -33.22 -56.65 22.70
C ALA Q 171 -34.50 -56.57 23.53
N ALA Q 172 -35.20 -55.44 23.44
CA ALA Q 172 -36.44 -55.28 24.18
C ALA Q 172 -37.53 -56.27 23.69
N ARG Q 173 -37.62 -56.45 22.37
CA ARG Q 173 -38.58 -57.39 21.80
C ARG Q 173 -38.24 -58.83 22.16
N ALA Q 174 -36.96 -59.12 22.22
CA ALA Q 174 -36.50 -60.47 22.55
C ALA Q 174 -36.68 -60.78 24.03
N GLY Q 175 -36.52 -59.76 24.86
CA GLY Q 175 -36.67 -59.91 26.29
C GLY Q 175 -35.34 -60.11 27.00
N GLN Q 176 -34.26 -59.67 26.35
CA GLN Q 176 -32.92 -59.85 26.89
C GLN Q 176 -32.51 -58.65 27.74
N ASP Q 177 -32.56 -58.81 29.05
CA ASP Q 177 -32.32 -57.69 29.98
C ASP Q 177 -30.90 -57.14 29.91
N ASP Q 178 -29.91 -58.02 29.72
CA ASP Q 178 -28.53 -57.58 29.63
C ASP Q 178 -28.24 -56.86 28.33
N GLU Q 179 -28.80 -57.33 27.22
CA GLU Q 179 -28.52 -56.68 25.94
C GLU Q 179 -28.97 -55.22 26.00
N VAL Q 180 -30.20 -55.05 26.51
CA VAL Q 180 -30.82 -53.74 26.71
C VAL Q 180 -29.91 -52.80 27.49
N ARG Q 181 -29.37 -53.25 28.60
CA ARG Q 181 -28.47 -52.38 29.36
C ARG Q 181 -27.21 -52.01 28.57
N ILE Q 182 -26.66 -53.00 27.87
CA ILE Q 182 -25.43 -52.90 27.10
C ILE Q 182 -25.65 -51.90 25.96
N LEU Q 183 -26.75 -52.06 25.23
CA LEU Q 183 -26.99 -51.26 24.01
C LEU Q 183 -27.02 -49.77 24.36
N MET Q 184 -27.78 -49.42 25.40
CA MET Q 184 -27.84 -48.04 25.85
C MET Q 184 -26.52 -47.55 26.42
N ALA Q 185 -25.79 -48.40 27.14
CA ALA Q 185 -24.48 -48.04 27.63
C ALA Q 185 -23.52 -47.66 26.46
N ASN Q 186 -23.70 -48.32 25.32
CA ASN Q 186 -22.89 -48.02 24.14
C ASN Q 186 -23.45 -46.90 23.27
N GLY Q 187 -24.49 -46.21 23.75
CA GLY Q 187 -25.06 -45.11 22.99
C GLY Q 187 -26.40 -45.30 22.30
N ALA Q 188 -26.99 -46.49 22.33
CA ALA Q 188 -28.35 -46.67 21.73
C ALA Q 188 -29.37 -45.74 22.37
N ASP Q 189 -30.21 -45.12 21.54
CA ASP Q 189 -31.28 -44.17 21.96
C ASP Q 189 -32.48 -44.93 22.61
N VAL Q 190 -32.69 -44.77 23.92
CA VAL Q 190 -33.80 -45.43 24.60
C VAL Q 190 -35.14 -45.05 24.06
N ASN Q 191 -35.18 -43.95 23.30
CA ASN Q 191 -36.39 -43.50 22.67
C ASN Q 191 -36.42 -43.74 21.16
N ALA Q 192 -35.55 -44.65 20.66
CA ALA Q 192 -35.62 -45.09 19.26
C ALA Q 192 -36.98 -45.74 19.02
N HIS Q 193 -37.42 -45.79 17.78
CA HIS Q 193 -38.70 -46.42 17.52
C HIS Q 193 -38.64 -47.23 16.22
N ASP Q 194 -39.48 -48.24 16.09
CA ASP Q 194 -39.58 -49.01 14.86
C ASP Q 194 -40.54 -48.36 13.84
N ASP Q 195 -40.83 -49.08 12.75
CA ASP Q 195 -41.64 -48.52 11.71
C ASP Q 195 -43.07 -48.30 12.17
N GLN Q 196 -43.45 -49.02 13.24
CA GLN Q 196 -44.74 -49.00 13.89
C GLN Q 196 -44.84 -47.98 15.09
N GLY Q 197 -43.76 -47.20 15.32
CA GLY Q 197 -43.74 -46.20 16.39
C GLY Q 197 -43.47 -46.71 17.79
N SER Q 198 -43.25 -48.01 17.93
CA SER Q 198 -43.01 -48.62 19.24
C SER Q 198 -41.55 -48.43 19.62
N THR Q 199 -41.32 -47.94 20.82
CA THR Q 199 -39.95 -47.74 21.37
C THR Q 199 -39.54 -48.97 22.13
N PRO Q 200 -38.23 -49.08 22.48
CA PRO Q 200 -37.87 -50.24 23.36
C PRO Q 200 -38.77 -50.34 24.63
N LEU Q 201 -39.24 -49.19 25.14
CA LEU Q 201 -40.13 -49.19 26.33
C LEU Q 201 -41.52 -49.78 26.02
N HIS Q 202 -42.14 -49.41 24.88
CA HIS Q 202 -43.40 -50.02 24.44
C HIS Q 202 -43.15 -51.54 24.29
N LEU Q 203 -42.02 -51.93 23.67
CA LEU Q 203 -41.80 -53.37 23.48
C LEU Q 203 -41.74 -54.16 24.79
N ALA Q 204 -41.01 -53.64 25.77
CA ALA Q 204 -40.98 -54.29 27.08
C ALA Q 204 -42.36 -54.29 27.77
N ALA Q 205 -43.10 -53.19 27.65
CA ALA Q 205 -44.45 -53.11 28.28
C ALA Q 205 -45.44 -54.12 27.70
N TRP Q 206 -45.40 -54.32 26.38
CA TRP Q 206 -46.30 -55.25 25.70
C TRP Q 206 -45.89 -56.71 26.00
N ILE Q 207 -44.60 -57.00 25.86
CA ILE Q 207 -44.15 -58.39 26.02
C ILE Q 207 -44.22 -58.90 27.48
N GLY Q 208 -43.90 -58.04 28.46
CA GLY Q 208 -44.01 -58.43 29.87
C GLY Q 208 -42.66 -58.67 30.53
N HIS Q 209 -41.74 -57.71 30.34
CA HIS Q 209 -40.43 -57.76 30.98
C HIS Q 209 -40.22 -56.53 31.85
N PRO Q 210 -40.71 -56.55 33.11
CA PRO Q 210 -40.55 -55.43 34.04
C PRO Q 210 -39.16 -54.89 34.20
N GLU Q 211 -38.16 -55.77 34.21
CA GLU Q 211 -36.77 -55.33 34.40
C GLU Q 211 -36.34 -54.46 33.24
N ILE Q 212 -36.77 -54.80 32.05
CA ILE Q 212 -36.41 -53.93 30.95
C ILE Q 212 -37.18 -52.60 31.03
N VAL Q 213 -38.46 -52.71 31.40
CA VAL Q 213 -39.28 -51.47 31.50
C VAL Q 213 -38.55 -50.46 32.42
N GLU Q 214 -38.13 -50.96 33.59
CA GLU Q 214 -37.40 -50.22 34.63
C GLU Q 214 -36.09 -49.57 34.22
N VAL Q 215 -35.18 -50.31 33.58
CA VAL Q 215 -33.89 -49.72 33.18
C VAL Q 215 -34.04 -48.68 32.08
N LEU Q 216 -34.99 -48.91 31.16
CA LEU Q 216 -35.26 -47.89 30.13
C LEU Q 216 -35.81 -46.61 30.74
N LEU Q 217 -36.75 -46.74 31.68
CA LEU Q 217 -37.35 -45.51 32.31
C LEU Q 217 -36.24 -44.74 33.01
N LYS Q 218 -35.39 -45.48 33.71
CA LYS Q 218 -34.27 -44.98 34.49
C LYS Q 218 -33.32 -44.09 33.62
N HIS Q 219 -33.10 -44.49 32.37
CA HIS Q 219 -32.20 -43.73 31.49
C HIS Q 219 -32.88 -42.75 30.52
N GLY Q 220 -34.11 -42.35 30.85
CA GLY Q 220 -34.80 -41.28 30.14
C GLY Q 220 -35.82 -41.70 29.07
N ALA Q 221 -36.18 -42.95 29.02
CA ALA Q 221 -37.22 -43.34 28.04
C ALA Q 221 -38.50 -42.57 28.33
N ASP Q 222 -39.16 -42.06 27.30
CA ASP Q 222 -40.39 -41.29 27.49
C ASP Q 222 -41.58 -42.24 27.80
N VAL Q 223 -42.00 -42.24 29.08
CA VAL Q 223 -43.05 -43.09 29.61
C VAL Q 223 -44.38 -42.83 28.89
N ASN Q 224 -44.50 -41.68 28.25
CA ASN Q 224 -45.75 -41.33 27.59
C ASN Q 224 -45.60 -41.22 26.08
N ALA Q 225 -44.54 -41.82 25.50
CA ALA Q 225 -44.39 -41.81 24.02
C ALA Q 225 -45.60 -42.52 23.37
N ARG Q 226 -46.07 -42.02 22.24
CA ARG Q 226 -47.20 -42.67 21.53
C ARG Q 226 -46.70 -43.47 20.36
N ASP Q 227 -47.20 -44.69 20.19
CA ASP Q 227 -46.89 -45.45 18.93
C ASP Q 227 -47.83 -45.03 17.78
N THR Q 228 -47.85 -45.69 16.62
CA THR Q 228 -48.74 -45.17 15.57
C THR Q 228 -50.26 -45.34 15.87
N ASP Q 229 -50.60 -46.10 16.89
CA ASP Q 229 -51.99 -46.29 17.25
C ASP Q 229 -52.40 -45.33 18.37
N GLY Q 230 -51.46 -44.48 18.75
CA GLY Q 230 -51.76 -43.47 19.79
C GLY Q 230 -51.53 -44.09 21.15
N TRP Q 231 -51.06 -45.34 21.20
CA TRP Q 231 -50.82 -46.00 22.53
C TRP Q 231 -49.49 -45.66 23.27
N THR Q 232 -49.56 -45.49 24.60
CA THR Q 232 -48.36 -45.35 25.43
C THR Q 232 -48.02 -46.73 25.93
N PRO Q 233 -46.79 -46.92 26.45
CA PRO Q 233 -46.45 -48.15 27.15
C PRO Q 233 -47.49 -48.58 28.21
N LEU Q 234 -48.16 -47.61 28.84
CA LEU Q 234 -49.23 -47.92 29.83
C LEU Q 234 -50.49 -48.55 29.20
N HIS Q 235 -50.90 -48.07 28.02
CA HIS Q 235 -51.96 -48.73 27.30
C HIS Q 235 -51.60 -50.21 27.03
N LEU Q 236 -50.37 -50.44 26.57
CA LEU Q 236 -49.91 -51.83 26.27
C LEU Q 236 -49.92 -52.73 27.49
N ALA Q 237 -49.30 -52.26 28.57
CA ALA Q 237 -49.27 -53.01 29.80
C ALA Q 237 -50.64 -53.24 30.39
N ALA Q 238 -51.49 -52.21 30.40
CA ALA Q 238 -52.87 -52.33 30.97
C ALA Q 238 -53.73 -53.35 30.21
N ASP Q 239 -53.63 -53.32 28.89
CA ASP Q 239 -54.43 -54.19 27.97
C ASP Q 239 -54.01 -55.67 28.10
N ASN Q 240 -52.73 -55.89 28.27
CA ASN Q 240 -52.20 -57.25 28.30
C ASN Q 240 -52.03 -57.87 29.68
N GLY Q 241 -52.59 -57.24 30.71
CA GLY Q 241 -52.63 -57.91 32.03
C GLY Q 241 -51.32 -57.81 32.80
N HIS Q 242 -50.46 -56.91 32.39
CA HIS Q 242 -49.17 -56.77 33.02
C HIS Q 242 -49.23 -55.82 34.24
N LEU Q 243 -49.75 -56.34 35.33
CA LEU Q 243 -50.02 -55.56 36.55
C LEU Q 243 -48.74 -54.87 37.08
N GLU Q 244 -47.67 -55.65 37.24
CA GLU Q 244 -46.42 -55.09 37.80
C GLU Q 244 -45.86 -53.91 36.98
N ILE Q 245 -45.90 -54.04 35.64
CA ILE Q 245 -45.45 -52.98 34.72
C ILE Q 245 -46.29 -51.70 34.75
N VAL Q 246 -47.59 -51.90 34.85
CA VAL Q 246 -48.53 -50.78 35.03
C VAL Q 246 -48.13 -49.91 36.25
N GLU Q 247 -47.84 -50.58 37.36
CA GLU Q 247 -47.44 -49.89 38.63
C GLU Q 247 -46.18 -49.08 38.40
N VAL Q 248 -45.19 -49.71 37.78
CA VAL Q 248 -43.91 -49.05 37.51
C VAL Q 248 -44.08 -47.83 36.59
N LEU Q 249 -44.84 -48.00 35.51
CA LEU Q 249 -45.04 -46.90 34.54
C LEU Q 249 -45.67 -45.70 35.22
N LEU Q 250 -46.66 -45.96 36.06
CA LEU Q 250 -47.28 -44.86 36.78
C LEU Q 250 -46.23 -44.18 37.71
N LYS Q 251 -45.39 -44.97 38.34
CA LYS Q 251 -44.40 -44.37 39.28
C LYS Q 251 -43.50 -43.34 38.61
N TYR Q 252 -43.13 -43.60 37.34
CA TYR Q 252 -42.27 -42.75 36.57
C TYR Q 252 -43.03 -41.71 35.69
N GLY Q 253 -44.27 -41.46 36.04
CA GLY Q 253 -45.03 -40.35 35.47
C GLY Q 253 -45.96 -40.65 34.28
N ALA Q 254 -46.31 -41.90 34.01
CA ALA Q 254 -47.27 -42.22 32.95
C ALA Q 254 -48.57 -41.51 33.24
N ASP Q 255 -49.17 -41.06 32.15
CA ASP Q 255 -50.41 -40.33 32.16
C ASP Q 255 -51.50 -41.39 32.15
N VAL Q 256 -52.08 -41.57 33.33
CA VAL Q 256 -53.07 -42.61 33.57
C VAL Q 256 -54.36 -42.46 32.74
N ASN Q 257 -54.56 -41.25 32.25
CA ASN Q 257 -55.74 -40.93 31.43
C ASN Q 257 -55.39 -40.57 29.97
N ALA Q 258 -54.17 -40.94 29.54
CA ALA Q 258 -53.79 -40.74 28.12
C ALA Q 258 -54.77 -41.46 27.19
N GLN Q 259 -55.25 -40.72 26.16
CA GLN Q 259 -56.26 -41.27 25.22
C GLN Q 259 -55.60 -41.66 23.93
N ASP Q 260 -55.93 -42.81 23.35
CA ASP Q 260 -55.32 -43.14 22.03
C ASP Q 260 -56.07 -42.49 20.87
N ALA Q 261 -55.79 -42.94 19.64
CA ALA Q 261 -56.41 -42.39 18.47
C ALA Q 261 -57.93 -42.42 18.45
N TYR Q 262 -58.47 -43.37 19.19
CA TYR Q 262 -59.92 -43.58 19.22
C TYR Q 262 -60.55 -43.07 20.52
N GLY Q 263 -59.76 -42.39 21.32
CA GLY Q 263 -60.21 -41.92 22.66
C GLY Q 263 -60.08 -42.93 23.80
N LEU Q 264 -59.44 -44.07 23.57
CA LEU Q 264 -59.38 -45.05 24.70
C LEU Q 264 -58.25 -44.73 25.69
N THR Q 265 -58.56 -44.91 26.95
CA THR Q 265 -57.57 -44.81 27.99
C THR Q 265 -57.12 -46.22 28.38
N PRO Q 266 -56.00 -46.32 29.12
CA PRO Q 266 -55.55 -47.64 29.60
C PRO Q 266 -56.61 -48.24 30.45
N LEU Q 267 -57.48 -47.39 31.02
CA LEU Q 267 -58.58 -47.91 31.87
C LEU Q 267 -59.66 -48.60 31.05
N HIS Q 268 -60.07 -47.96 29.94
CA HIS Q 268 -61.04 -48.57 29.04
C HIS Q 268 -60.50 -49.97 28.57
N LEU Q 269 -59.20 -50.04 28.24
CA LEU Q 269 -58.58 -51.30 27.82
C LEU Q 269 -58.55 -52.31 28.94
N ALA Q 270 -58.10 -51.92 30.14
CA ALA Q 270 -58.10 -52.85 31.28
C ALA Q 270 -59.51 -53.33 31.66
N ALA Q 271 -60.49 -52.43 31.58
CA ALA Q 271 -61.88 -52.72 31.87
C ALA Q 271 -62.44 -53.74 30.90
N ASP Q 272 -62.26 -53.49 29.61
CA ASP Q 272 -62.84 -54.36 28.61
C ASP Q 272 -62.21 -55.76 28.75
N ARG Q 273 -60.95 -55.84 29.13
CA ARG Q 273 -60.26 -57.15 29.26
C ARG Q 273 -60.58 -57.81 30.59
N GLY Q 274 -61.30 -57.09 31.44
CA GLY Q 274 -61.58 -57.60 32.79
C GLY Q 274 -60.36 -57.66 33.75
N HIS Q 275 -59.33 -56.86 33.51
CA HIS Q 275 -58.13 -56.94 34.36
C HIS Q 275 -58.29 -56.11 35.64
N LEU Q 276 -59.10 -56.62 36.57
CA LEU Q 276 -59.46 -55.88 37.83
C LEU Q 276 -58.32 -55.33 38.71
N GLU Q 277 -57.23 -56.08 38.86
CA GLU Q 277 -56.14 -55.60 39.70
C GLU Q 277 -55.54 -54.35 39.03
N ILE Q 278 -55.39 -54.39 37.70
CA ILE Q 278 -54.89 -53.21 37.01
C ILE Q 278 -55.88 -52.00 37.15
N VAL Q 279 -57.18 -52.29 37.03
CA VAL Q 279 -58.23 -51.26 37.15
C VAL Q 279 -58.03 -50.56 38.52
N GLU Q 280 -57.82 -51.37 39.57
CA GLU Q 280 -57.62 -50.83 40.94
C GLU Q 280 -56.43 -49.89 41.02
N VAL Q 281 -55.32 -50.26 40.37
CA VAL Q 281 -54.12 -49.46 40.32
C VAL Q 281 -54.34 -48.14 39.59
N LEU Q 282 -54.98 -48.23 38.44
CA LEU Q 282 -55.30 -47.06 37.59
C LEU Q 282 -56.18 -46.05 38.32
N LEU Q 283 -57.23 -46.54 38.96
CA LEU Q 283 -58.13 -45.69 39.70
C LEU Q 283 -57.41 -45.00 40.89
N LYS Q 284 -56.56 -45.74 41.59
CA LYS Q 284 -55.77 -45.16 42.72
C LYS Q 284 -54.89 -43.98 42.18
N HIS Q 285 -54.42 -44.03 40.94
CA HIS Q 285 -53.60 -42.93 40.38
C HIS Q 285 -54.38 -41.85 39.61
N GLY Q 286 -55.70 -41.84 39.80
CA GLY Q 286 -56.53 -40.74 39.29
C GLY Q 286 -57.20 -41.06 37.94
N ALA Q 287 -57.20 -42.33 37.55
CA ALA Q 287 -57.91 -42.71 36.30
C ALA Q 287 -59.38 -42.35 36.42
N ASP Q 288 -59.97 -41.81 35.35
CA ASP Q 288 -61.37 -41.37 35.41
C ASP Q 288 -62.29 -42.41 34.78
N VAL Q 289 -63.03 -43.07 35.66
CA VAL Q 289 -63.95 -44.12 35.25
C VAL Q 289 -65.05 -43.60 34.34
N ASN Q 290 -65.29 -42.28 34.37
CA ASN Q 290 -66.36 -41.66 33.55
C ASN Q 290 -65.88 -41.04 32.22
N ALA Q 291 -64.62 -41.20 31.92
CA ALA Q 291 -64.10 -40.70 30.63
C ALA Q 291 -64.76 -41.37 29.43
N GLN Q 292 -65.06 -40.64 28.37
CA GLN Q 292 -65.75 -41.21 27.24
C GLN Q 292 -64.71 -41.31 26.14
N ASP Q 293 -64.72 -42.41 25.40
CA ASP Q 293 -63.89 -42.46 24.21
C ASP Q 293 -64.60 -41.76 23.07
N LYS Q 294 -64.07 -41.79 21.88
CA LYS Q 294 -64.75 -41.14 20.77
C LYS Q 294 -66.08 -41.82 20.38
N PHE Q 295 -66.30 -43.06 20.78
CA PHE Q 295 -67.57 -43.73 20.51
C PHE Q 295 -68.65 -43.32 21.55
N GLY Q 296 -68.24 -42.95 22.77
CA GLY Q 296 -69.19 -42.49 23.82
C GLY Q 296 -69.16 -43.40 25.01
N LYS Q 297 -68.33 -44.44 24.94
CA LYS Q 297 -68.24 -45.41 26.03
C LYS Q 297 -67.30 -45.03 27.12
N THR Q 298 -67.76 -45.28 28.34
CA THR Q 298 -66.93 -45.07 29.51
C THR Q 298 -66.51 -46.45 29.99
N ALA Q 299 -65.46 -46.48 30.82
CA ALA Q 299 -64.99 -47.72 31.47
C ALA Q 299 -66.08 -48.40 32.30
N PHE Q 300 -66.82 -47.63 33.08
CA PHE Q 300 -67.93 -48.26 33.73
C PHE Q 300 -68.99 -48.84 32.77
N ASP Q 301 -69.41 -48.06 31.76
CA ASP Q 301 -70.45 -48.53 30.87
C ASP Q 301 -70.03 -49.83 30.23
N ILE Q 302 -68.73 -49.95 29.93
CA ILE Q 302 -68.14 -51.17 29.40
C ILE Q 302 -68.32 -52.32 30.42
N SER Q 303 -68.06 -52.09 31.71
CA SER Q 303 -68.24 -53.22 32.61
C SER Q 303 -69.72 -53.73 32.59
N ILE Q 304 -70.63 -52.79 32.41
CA ILE Q 304 -72.05 -53.09 32.30
C ILE Q 304 -72.34 -53.83 30.98
N ASP Q 305 -71.87 -53.30 29.84
CA ASP Q 305 -72.08 -54.00 28.57
C ASP Q 305 -71.54 -55.43 28.51
N ASN Q 306 -70.41 -55.70 29.16
CA ASN Q 306 -69.84 -57.04 29.18
C ASN Q 306 -70.47 -57.96 30.24
N GLY Q 307 -71.40 -57.43 31.06
CA GLY Q 307 -72.04 -58.25 32.11
C GLY Q 307 -71.12 -58.56 33.27
N ASN Q 308 -70.09 -57.72 33.47
CA ASN Q 308 -69.11 -57.99 34.53
C ASN Q 308 -69.44 -57.30 35.88
N GLU Q 309 -70.14 -58.02 36.74
CA GLU Q 309 -70.68 -57.40 37.96
C GLU Q 309 -69.55 -56.95 38.89
N ASP Q 310 -68.51 -57.77 39.03
CA ASP Q 310 -67.37 -57.43 39.88
C ASP Q 310 -66.57 -56.20 39.40
N LEU Q 311 -66.38 -56.12 38.08
CA LEU Q 311 -65.70 -54.92 37.55
C LEU Q 311 -66.52 -53.67 37.80
N ALA Q 312 -67.82 -53.77 37.58
CA ALA Q 312 -68.73 -52.64 37.77
C ALA Q 312 -68.70 -52.13 39.22
N GLU Q 313 -68.36 -53.03 40.14
CA GLU Q 313 -68.22 -52.66 41.54
C GLU Q 313 -66.95 -51.87 41.78
N ILE Q 314 -65.89 -52.24 41.06
CA ILE Q 314 -64.60 -51.56 41.20
C ILE Q 314 -64.64 -50.17 40.55
N LEU Q 315 -65.31 -50.08 39.40
CA LEU Q 315 -65.42 -48.80 38.67
C LEU Q 315 -66.51 -47.79 39.13
N GLN Q 316 -67.24 -48.08 40.22
CA GLN Q 316 -68.32 -47.19 40.72
C GLN Q 316 -68.57 -47.36 42.22
N LYS R 23 -2.36 -17.63 -19.57
CA LYS R 23 -3.06 -16.41 -19.96
C LYS R 23 -2.44 -15.17 -19.31
N ASP R 24 -1.38 -15.37 -18.54
CA ASP R 24 -0.65 -14.25 -17.94
C ASP R 24 0.05 -13.48 -19.05
N SER R 25 0.12 -12.15 -18.92
CA SER R 25 0.73 -11.33 -19.96
C SER R 25 2.21 -11.68 -20.25
N PRO R 26 3.06 -11.83 -19.22
CA PRO R 26 4.45 -12.18 -19.56
C PRO R 26 4.57 -13.41 -20.46
N ILE R 27 3.68 -14.38 -20.28
CA ILE R 27 3.70 -15.61 -21.07
C ILE R 27 3.29 -15.31 -22.51
N ILE R 28 2.21 -14.57 -22.64
CA ILE R 28 1.68 -14.18 -23.95
C ILE R 28 2.69 -13.33 -24.72
N GLU R 29 3.26 -12.34 -24.05
CA GLU R 29 4.20 -11.44 -24.69
C GLU R 29 5.47 -12.18 -25.15
N ALA R 30 5.99 -13.07 -24.31
CA ALA R 30 7.17 -13.86 -24.68
C ALA R 30 6.90 -14.70 -25.92
N ASN R 31 5.75 -15.36 -25.96
CA ASN R 31 5.37 -16.18 -27.11
C ASN R 31 5.19 -15.32 -28.37
N GLY R 32 4.46 -14.23 -28.24
CA GLY R 32 4.24 -13.32 -29.35
C GLY R 32 5.52 -12.72 -29.90
N THR R 33 6.45 -12.38 -29.02
CA THR R 33 7.72 -11.81 -29.44
C THR R 33 8.59 -12.85 -30.14
N LEU R 34 8.60 -14.08 -29.61
CA LEU R 34 9.31 -15.17 -30.28
C LEU R 34 8.69 -15.46 -31.64
N ASP R 35 7.37 -15.35 -31.73
CA ASP R 35 6.68 -15.49 -33.01
C ASP R 35 7.16 -14.40 -33.98
N GLU R 36 7.18 -13.16 -33.53
CA GLU R 36 7.67 -12.05 -34.34
C GLU R 36 9.11 -12.32 -34.80
N LEU R 37 9.95 -12.78 -33.88
CA LEU R 37 11.32 -13.17 -34.22
C LEU R 37 11.36 -14.22 -35.33
N THR R 38 10.55 -15.26 -35.22
CA THR R 38 10.60 -16.31 -36.23
C THR R 38 10.25 -15.76 -37.63
N SER R 39 9.28 -14.85 -37.70
CA SER R 39 8.88 -14.27 -38.99
C SER R 39 10.03 -13.53 -39.69
N PHE R 40 10.76 -12.70 -38.95
CA PHE R 40 11.92 -11.99 -39.52
C PHE R 40 13.05 -12.96 -39.92
N ILE R 41 13.24 -14.02 -39.14
CA ILE R 41 14.21 -15.06 -39.50
C ILE R 41 13.77 -15.71 -40.81
N GLY R 42 12.47 -16.03 -40.89
CA GLY R 42 11.89 -16.61 -42.07
C GLY R 42 12.13 -15.75 -43.30
N GLU R 43 12.13 -14.43 -43.12
CA GLU R 43 12.43 -13.54 -44.23
C GLU R 43 13.93 -13.56 -44.55
N ALA R 44 14.76 -13.39 -43.52
CA ALA R 44 16.20 -13.27 -43.68
C ALA R 44 16.84 -14.48 -44.38
N LYS R 45 16.33 -15.68 -44.12
CA LYS R 45 16.94 -16.89 -44.67
C LYS R 45 16.88 -16.93 -46.19
N HIS R 46 16.14 -16.01 -46.80
CA HIS R 46 16.06 -15.92 -48.25
C HIS R 46 17.17 -15.06 -48.83
N TYR R 47 18.07 -14.57 -47.98
CA TYR R 47 19.17 -13.73 -48.45
C TYR R 47 20.52 -14.36 -48.12
N VAL R 48 20.50 -15.62 -47.69
CA VAL R 48 21.71 -16.29 -47.23
C VAL R 48 21.95 -17.55 -48.07
N ASP R 49 23.12 -18.18 -47.89
CA ASP R 49 23.44 -19.40 -48.65
C ASP R 49 22.75 -20.62 -48.02
N GLU R 50 22.98 -21.79 -48.62
CA GLU R 50 22.28 -23.01 -48.23
C GLU R 50 22.58 -23.46 -46.80
N GLU R 51 23.83 -23.34 -46.39
CA GLU R 51 24.23 -23.73 -45.03
C GLU R 51 23.53 -22.85 -43.98
N MET R 52 23.58 -21.54 -44.18
CA MET R 52 22.93 -20.63 -43.26
C MET R 52 21.42 -20.82 -43.23
N LYS R 53 20.82 -21.06 -44.40
CA LYS R 53 19.39 -21.29 -44.47
C LYS R 53 19.01 -22.49 -43.61
N GLY R 54 19.76 -23.58 -43.77
CA GLY R 54 19.55 -24.78 -42.97
C GLY R 54 19.62 -24.49 -41.48
N ILE R 55 20.66 -23.78 -41.08
CA ILE R 55 20.86 -23.39 -39.70
C ILE R 55 19.70 -22.53 -39.18
N LEU R 56 19.30 -21.52 -39.96
CA LEU R 56 18.20 -20.65 -39.54
C LEU R 56 16.89 -21.42 -39.39
N GLU R 57 16.63 -22.38 -40.28
CA GLU R 57 15.40 -23.17 -40.16
C GLU R 57 15.41 -24.07 -38.92
N GLU R 58 16.56 -24.64 -38.57
CA GLU R 58 16.69 -25.37 -37.32
C GLU R 58 16.37 -24.44 -36.14
N ILE R 59 16.85 -23.22 -36.22
CA ILE R 59 16.55 -22.22 -35.20
C ILE R 59 15.05 -21.92 -35.15
N GLN R 60 14.41 -21.76 -36.32
CA GLN R 60 12.98 -21.54 -36.35
C GLN R 60 12.23 -22.67 -35.64
N ASN R 61 12.66 -23.90 -35.86
CA ASN R 61 12.07 -25.03 -35.16
C ASN R 61 12.28 -24.96 -33.64
N ASP R 62 13.50 -24.61 -33.23
CA ASP R 62 13.82 -24.50 -31.81
C ASP R 62 12.95 -23.44 -31.13
N ILE R 63 12.76 -22.31 -31.81
CA ILE R 63 11.95 -21.23 -31.27
C ILE R 63 10.52 -21.69 -31.05
N TYR R 64 9.98 -22.40 -32.03
CA TYR R 64 8.66 -23.02 -31.90
C TYR R 64 8.62 -23.94 -30.67
N LYS R 65 9.64 -24.78 -30.53
CA LYS R 65 9.72 -25.70 -29.40
C LYS R 65 9.73 -24.92 -28.07
N ILE R 66 10.47 -23.81 -28.05
CA ILE R 66 10.55 -22.98 -26.86
C ILE R 66 9.17 -22.42 -26.47
N MET R 67 8.45 -21.91 -27.45
CA MET R 67 7.11 -21.37 -27.22
C MET R 67 6.16 -22.43 -26.63
N GLY R 68 6.35 -23.68 -27.03
CA GLY R 68 5.58 -24.77 -26.46
C GLY R 68 5.74 -24.85 -24.95
N GLU R 69 6.99 -24.76 -24.49
CA GLU R 69 7.29 -24.75 -23.07
C GLU R 69 6.72 -23.52 -22.35
N ILE R 70 6.88 -22.35 -22.96
CA ILE R 70 6.45 -21.10 -22.33
C ILE R 70 4.92 -21.05 -22.23
N GLY R 71 4.25 -21.26 -23.36
CA GLY R 71 2.80 -21.24 -23.41
C GLY R 71 2.12 -22.25 -22.50
N SER R 72 2.84 -23.32 -22.17
CA SER R 72 2.29 -24.35 -21.29
C SER R 72 2.80 -24.21 -19.86
N LYS R 73 3.48 -23.09 -19.59
CA LYS R 73 4.06 -22.82 -18.28
C LYS R 73 4.90 -23.97 -17.75
N GLY R 74 5.72 -24.55 -18.63
CA GLY R 74 6.63 -25.61 -18.24
C GLY R 74 6.04 -27.01 -18.22
N LYS R 75 4.74 -27.12 -18.47
CA LYS R 75 4.08 -28.42 -18.47
C LYS R 75 4.59 -29.31 -19.61
N ILE R 76 4.82 -28.69 -20.77
CA ILE R 76 5.36 -29.38 -21.92
C ILE R 76 6.87 -29.15 -21.99
N GLU R 77 7.64 -30.22 -22.14
CA GLU R 77 9.10 -30.12 -22.25
C GLU R 77 9.53 -29.27 -23.45
N GLY R 78 10.54 -28.43 -23.25
CA GLY R 78 11.03 -27.58 -24.32
C GLY R 78 12.28 -28.13 -24.99
N ILE R 79 13.19 -27.24 -25.39
CA ILE R 79 14.38 -27.66 -26.11
C ILE R 79 15.34 -28.37 -25.19
N SER R 80 15.99 -29.41 -25.71
CA SER R 80 17.01 -30.12 -24.97
C SER R 80 18.29 -29.29 -24.96
N GLU R 81 19.17 -29.57 -24.00
CA GLU R 81 20.40 -28.80 -23.90
C GLU R 81 21.31 -29.05 -25.10
N GLU R 82 20.99 -30.07 -25.88
CA GLU R 82 21.77 -30.36 -27.09
C GLU R 82 21.69 -29.20 -28.06
N ARG R 83 20.59 -28.46 -28.00
CA ARG R 83 20.36 -27.35 -28.91
C ARG R 83 21.23 -26.15 -28.54
N ILE R 84 21.44 -25.96 -27.23
CA ILE R 84 22.35 -24.91 -26.77
C ILE R 84 23.77 -25.22 -27.21
N ALA R 85 24.21 -26.45 -26.99
CA ALA R 85 25.53 -26.90 -27.43
C ALA R 85 25.68 -26.77 -28.94
N TRP R 86 24.60 -27.06 -29.67
CA TRP R 86 24.58 -26.93 -31.13
C TRP R 86 24.90 -25.49 -31.56
N LEU R 87 24.26 -24.52 -30.91
CA LEU R 87 24.57 -23.12 -31.19
C LEU R 87 26.03 -22.83 -30.89
N LEU R 88 26.51 -23.32 -29.75
CA LEU R 88 27.87 -23.05 -29.31
C LEU R 88 28.89 -23.56 -30.33
N LYS R 89 28.64 -24.73 -30.90
CA LYS R 89 29.52 -25.29 -31.93
C LYS R 89 29.61 -24.37 -33.13
N LEU R 90 28.46 -23.87 -33.60
CA LEU R 90 28.43 -22.93 -34.71
C LEU R 90 29.15 -21.64 -34.35
N ILE R 91 28.95 -21.18 -33.12
CA ILE R 91 29.59 -19.95 -32.66
C ILE R 91 31.12 -20.10 -32.67
N LEU R 92 31.62 -21.20 -32.14
CA LEU R 92 33.06 -21.45 -32.11
C LEU R 92 33.65 -21.49 -33.51
N ARG R 93 32.93 -22.12 -34.43
CA ARG R 93 33.32 -22.15 -35.84
C ARG R 93 33.43 -20.76 -36.47
N TYR R 94 32.36 -19.96 -36.32
CA TYR R 94 32.30 -18.67 -37.02
C TYR R 94 33.09 -17.57 -36.32
N MET R 95 33.28 -17.71 -35.02
CA MET R 95 34.11 -16.78 -34.26
C MET R 95 35.56 -16.76 -34.75
N GLU R 96 36.00 -17.87 -35.33
CA GLU R 96 37.38 -18.01 -35.78
C GLU R 96 37.69 -17.20 -37.03
N MET R 97 36.70 -17.10 -37.92
CA MET R 97 36.91 -16.52 -39.24
C MET R 97 36.56 -15.03 -39.24
N VAL R 98 36.26 -14.48 -38.06
CA VAL R 98 35.87 -13.07 -37.92
C VAL R 98 36.83 -12.28 -37.03
N ASN R 99 37.42 -11.22 -37.59
CA ASN R 99 38.36 -10.38 -36.85
C ASN R 99 37.65 -9.29 -36.05
N LEU R 100 37.09 -9.67 -34.90
CA LEU R 100 36.34 -8.73 -34.05
C LEU R 100 37.29 -7.83 -33.25
N PHE R 103 35.12 -2.59 -34.27
CA PHE R 103 33.75 -2.09 -34.22
C PHE R 103 33.28 -1.61 -35.59
N VAL R 104 32.12 -2.10 -36.03
CA VAL R 104 31.51 -1.59 -37.24
C VAL R 104 30.03 -1.25 -37.02
N LEU R 105 29.50 -0.35 -37.83
CA LEU R 105 28.10 0.03 -37.74
C LEU R 105 27.19 -1.07 -38.26
N PRO R 106 25.99 -1.21 -37.65
CA PRO R 106 25.01 -2.21 -38.07
C PRO R 106 24.66 -2.10 -39.55
N GLY R 107 24.49 -3.24 -40.21
CA GLY R 107 24.12 -3.27 -41.61
C GLY R 107 25.24 -3.01 -42.58
N GLY R 108 26.43 -3.55 -42.29
CA GLY R 108 27.58 -3.40 -43.19
C GLY R 108 27.23 -3.76 -44.62
N THR R 109 26.48 -4.83 -44.80
CA THR R 109 25.97 -5.22 -46.11
C THR R 109 24.46 -5.34 -46.05
N LEU R 110 23.83 -5.41 -47.22
CA LEU R 110 22.37 -5.58 -47.29
C LEU R 110 21.96 -6.85 -46.57
N GLU R 111 22.68 -7.92 -46.88
CA GLU R 111 22.42 -9.24 -46.30
C GLU R 111 22.71 -9.26 -44.81
N SER R 112 23.84 -8.69 -44.40
CA SER R 112 24.22 -8.68 -43.00
C SER R 112 23.25 -7.83 -42.17
N ALA R 113 22.68 -6.81 -42.81
CA ALA R 113 21.68 -5.97 -42.15
C ALA R 113 20.50 -6.80 -41.66
N LYS R 114 20.07 -7.74 -42.50
CA LYS R 114 18.95 -8.62 -42.18
C LYS R 114 19.24 -9.45 -40.94
N LEU R 115 20.50 -9.87 -40.79
CA LEU R 115 20.90 -10.62 -39.61
C LEU R 115 20.98 -9.74 -38.36
N ASP R 116 21.45 -8.51 -38.52
CA ASP R 116 21.53 -7.58 -37.39
C ASP R 116 20.13 -7.29 -36.84
N VAL R 117 19.16 -7.19 -37.75
CA VAL R 117 17.76 -7.01 -37.37
C VAL R 117 17.28 -8.21 -36.56
N CYS R 118 17.56 -9.43 -37.03
CA CYS R 118 17.22 -10.63 -36.25
C CYS R 118 17.92 -10.65 -34.89
N ARG R 119 19.18 -10.20 -34.86
CA ARG R 119 19.93 -10.16 -33.61
C ARG R 119 19.25 -9.29 -32.56
N THR R 120 18.90 -8.05 -32.95
CA THR R 120 18.32 -7.11 -32.01
C THR R 120 16.92 -7.58 -31.56
N ILE R 121 16.14 -8.19 -32.46
CA ILE R 121 14.83 -8.71 -32.08
C ILE R 121 14.99 -9.87 -31.10
N ALA R 122 15.95 -10.74 -31.37
CA ALA R 122 16.21 -11.88 -30.49
C ALA R 122 16.50 -11.40 -29.08
N ARG R 123 17.23 -10.28 -28.96
CA ARG R 123 17.51 -9.70 -27.66
C ARG R 123 16.23 -9.23 -27.01
N ARG R 124 15.32 -8.65 -27.79
CA ARG R 124 14.03 -8.23 -27.26
C ARG R 124 13.26 -9.47 -26.80
N ALA R 125 13.35 -10.54 -27.58
CA ALA R 125 12.70 -11.79 -27.22
C ALA R 125 13.26 -12.32 -25.90
N LEU R 126 14.58 -12.24 -25.75
CA LEU R 126 15.26 -12.68 -24.53
C LEU R 126 14.76 -11.94 -23.30
N ARG R 127 14.63 -10.61 -23.39
CA ARG R 127 14.16 -9.84 -22.24
C ARG R 127 12.77 -10.30 -21.77
N LYS R 128 11.91 -10.67 -22.71
CA LYS R 128 10.57 -11.13 -22.36
C LYS R 128 10.62 -12.50 -21.68
N VAL R 129 11.45 -13.40 -22.21
CA VAL R 129 11.60 -14.73 -21.65
C VAL R 129 12.22 -14.67 -20.26
N LEU R 130 13.20 -13.78 -20.09
CA LEU R 130 13.83 -13.56 -18.79
C LEU R 130 12.82 -13.09 -17.74
N THR R 131 11.90 -12.21 -18.16
CA THR R 131 10.82 -11.78 -17.27
C THR R 131 9.98 -12.99 -16.83
N VAL R 132 9.62 -13.83 -17.79
CA VAL R 132 8.85 -15.04 -17.49
C VAL R 132 9.63 -15.94 -16.53
N THR R 133 10.92 -16.12 -16.80
CA THR R 133 11.77 -16.94 -15.93
C THR R 133 11.81 -16.43 -14.49
N ARG R 134 11.99 -15.14 -14.31
CA ARG R 134 12.01 -14.57 -12.96
C ARG R 134 10.68 -14.76 -12.23
N GLU R 135 9.56 -14.65 -12.96
CA GLU R 135 8.26 -14.73 -12.30
C GLU R 135 7.72 -16.16 -12.20
N PHE R 136 8.06 -17.01 -13.16
CA PHE R 136 7.47 -18.35 -13.22
C PHE R 136 8.48 -19.47 -12.95
N GLY R 137 9.76 -19.13 -12.98
CA GLY R 137 10.80 -20.12 -12.73
C GLY R 137 11.03 -21.10 -13.86
N ILE R 138 10.67 -20.71 -15.07
CA ILE R 138 10.75 -21.60 -16.23
C ILE R 138 11.53 -20.95 -17.37
N GLY R 139 12.03 -21.76 -18.29
CA GLY R 139 12.60 -21.24 -19.52
C GLY R 139 14.04 -20.76 -19.41
N ALA R 140 14.70 -21.09 -18.31
CA ALA R 140 16.09 -20.66 -18.10
C ALA R 140 17.00 -21.18 -19.21
N GLU R 141 16.78 -22.42 -19.62
CA GLU R 141 17.55 -23.02 -20.71
C GLU R 141 17.22 -22.32 -22.03
N ALA R 142 15.95 -22.03 -22.22
CA ALA R 142 15.49 -21.33 -23.41
C ALA R 142 16.14 -19.94 -23.49
N ALA R 143 16.24 -19.28 -22.34
CA ALA R 143 16.90 -17.97 -22.26
C ALA R 143 18.38 -18.08 -22.58
N ALA R 144 19.05 -19.11 -22.06
CA ALA R 144 20.45 -19.33 -22.39
C ALA R 144 20.58 -19.59 -23.88
N TYR R 145 19.65 -20.36 -24.43
CA TYR R 145 19.62 -20.65 -25.86
C TYR R 145 19.51 -19.35 -26.67
N LEU R 146 18.54 -18.52 -26.31
CA LEU R 146 18.33 -17.24 -26.99
C LEU R 146 19.51 -16.32 -26.82
N LEU R 147 20.15 -16.35 -25.65
CA LEU R 147 21.36 -15.57 -25.44
C LEU R 147 22.42 -16.01 -26.44
N ALA R 148 22.65 -17.33 -26.52
CA ALA R 148 23.60 -17.87 -27.49
C ALA R 148 23.18 -17.54 -28.92
N LEU R 149 21.88 -17.57 -29.19
CA LEU R 149 21.34 -17.23 -30.50
C LEU R 149 21.76 -15.82 -30.93
N SER R 150 21.60 -14.86 -30.02
CA SER R 150 21.99 -13.49 -30.29
C SER R 150 23.46 -13.38 -30.67
N ASP R 151 24.33 -14.10 -29.97
CA ASP R 151 25.75 -14.10 -30.29
C ASP R 151 26.03 -14.71 -31.67
N LEU R 152 25.36 -15.82 -31.97
CA LEU R 152 25.51 -16.47 -33.27
C LEU R 152 25.05 -15.54 -34.40
N LEU R 153 23.90 -14.92 -34.20
CA LEU R 153 23.36 -13.98 -35.20
C LEU R 153 24.32 -12.83 -35.44
N PHE R 154 24.93 -12.32 -34.37
CA PHE R 154 25.94 -11.28 -34.48
C PHE R 154 27.07 -11.72 -35.42
N LEU R 155 27.65 -12.88 -35.14
CA LEU R 155 28.76 -13.41 -35.93
C LEU R 155 28.35 -13.65 -37.38
N LEU R 156 27.16 -14.22 -37.58
CA LEU R 156 26.70 -14.56 -38.93
C LEU R 156 26.66 -13.30 -39.81
N ALA R 157 26.18 -12.21 -39.23
CA ALA R 157 26.21 -10.91 -39.91
C ALA R 157 27.64 -10.49 -40.24
N ARG R 158 28.56 -10.69 -39.30
CA ARG R 158 29.96 -10.34 -39.54
C ARG R 158 30.59 -11.24 -40.60
N VAL R 159 30.23 -12.52 -40.58
CA VAL R 159 30.79 -13.46 -41.55
C VAL R 159 30.43 -13.05 -42.97
N ILE R 160 29.20 -12.58 -43.16
CA ILE R 160 28.77 -12.04 -44.45
C ILE R 160 29.69 -10.90 -44.90
N GLU R 161 29.99 -9.98 -43.99
CA GLU R 161 30.92 -8.89 -44.27
C GLU R 161 32.31 -9.39 -44.59
N ILE R 162 32.74 -10.45 -43.90
CA ILE R 162 34.02 -11.08 -44.18
C ILE R 162 34.05 -11.67 -45.59
N GLU R 163 32.99 -12.38 -45.96
CA GLU R 163 32.86 -12.90 -47.32
C GLU R 163 32.70 -11.79 -48.36
N LEU R 164 31.92 -10.47 -48.09
CA LEU R 164 31.98 -9.50 -49.16
C LEU R 164 33.38 -8.90 -49.26
N GLY R 165 34.04 -8.80 -48.11
CA GLY R 165 35.45 -8.35 -48.04
C GLY R 165 36.33 -9.16 -48.98
N LYS R 166 36.30 -10.48 -48.83
CA LYS R 166 37.10 -11.38 -49.69
C LYS R 166 36.74 -11.29 -51.19
N LYS R 167 35.44 -11.23 -51.51
CA LYS R 167 35.00 -11.04 -52.90
C LYS R 167 35.50 -9.71 -53.50
N LEU R 168 35.49 -8.64 -52.72
CA LEU R 168 36.07 -7.38 -53.23
C LEU R 168 37.58 -7.49 -53.45
N LEU R 169 38.27 -8.17 -52.54
CA LEU R 169 39.73 -8.43 -52.75
C LEU R 169 39.99 -9.17 -54.05
N GLU R 170 39.21 -10.20 -54.31
CA GLU R 170 39.25 -10.98 -55.57
C GLU R 170 38.99 -10.16 -56.82
N ALA R 171 37.96 -9.34 -56.77
CA ALA R 171 37.61 -8.44 -57.85
C ALA R 171 38.78 -7.52 -58.18
N ALA R 172 39.38 -6.92 -57.15
CA ALA R 172 40.52 -6.03 -57.38
C ALA R 172 41.72 -6.80 -58.01
N ARG R 173 41.97 -8.01 -57.52
CA ARG R 173 43.05 -8.83 -58.03
C ARG R 173 42.79 -9.26 -59.47
N ALA R 174 41.52 -9.49 -59.80
CA ALA R 174 41.14 -9.93 -61.13
C ALA R 174 41.17 -8.78 -62.12
N GLY R 175 40.81 -7.58 -61.66
CA GLY R 175 40.80 -6.40 -62.50
C GLY R 175 39.41 -6.09 -63.03
N GLN R 176 38.39 -6.60 -62.35
CA GLN R 176 37.02 -6.41 -62.78
C GLN R 176 36.39 -5.19 -62.12
N ASP R 177 36.33 -4.08 -62.85
CA ASP R 177 35.87 -2.80 -62.30
C ASP R 177 34.39 -2.82 -61.87
N ASP R 178 33.57 -3.60 -62.57
CA ASP R 178 32.16 -3.71 -62.21
C ASP R 178 31.98 -4.53 -60.95
N GLU R 179 32.73 -5.61 -60.79
CA GLU R 179 32.58 -6.41 -59.57
C GLU R 179 32.94 -5.55 -58.36
N VAL R 180 34.02 -4.79 -58.53
CA VAL R 180 34.51 -3.84 -57.53
C VAL R 180 33.44 -2.80 -57.20
N ARG R 181 32.86 -2.16 -58.21
CA ARG R 181 31.84 -1.15 -57.91
C ARG R 181 30.61 -1.73 -57.21
N ILE R 182 30.11 -2.82 -57.76
CA ILE R 182 28.86 -3.45 -57.37
C ILE R 182 29.00 -3.95 -55.92
N LEU R 183 30.10 -4.65 -55.63
CA LEU R 183 30.28 -5.27 -54.31
C LEU R 183 30.25 -4.19 -53.21
N MET R 184 30.92 -3.07 -53.48
CA MET R 184 30.85 -1.94 -52.58
C MET R 184 29.45 -1.32 -52.51
N ALA R 185 28.77 -1.23 -53.66
CA ALA R 185 27.39 -0.75 -53.66
C ALA R 185 26.49 -1.61 -52.73
N ASN R 186 26.80 -2.90 -52.65
CA ASN R 186 26.06 -3.81 -51.76
C ASN R 186 26.61 -3.87 -50.34
N GLY R 187 27.59 -3.02 -50.04
CA GLY R 187 28.16 -3.00 -48.68
C GLY R 187 29.54 -3.55 -48.45
N ALA R 188 30.22 -4.09 -49.46
CA ALA R 188 31.63 -4.56 -49.25
C ALA R 188 32.52 -3.44 -48.72
N ASP R 189 33.34 -3.76 -47.73
CA ASP R 189 34.26 -2.81 -47.04
C ASP R 189 35.49 -2.47 -47.96
N VAL R 190 35.56 -1.23 -48.47
CA VAL R 190 36.64 -0.85 -49.36
C VAL R 190 38.00 -0.98 -48.76
N ASN R 191 38.05 -1.03 -47.42
CA ASN R 191 39.27 -1.18 -46.70
C ASN R 191 39.46 -2.57 -46.07
N ALA R 192 38.71 -3.58 -46.56
CA ALA R 192 38.92 -4.96 -46.14
C ALA R 192 40.35 -5.37 -46.48
N HIS R 193 40.87 -6.37 -45.80
CA HIS R 193 42.22 -6.79 -46.10
C HIS R 193 42.36 -8.32 -45.96
N ASP R 194 43.36 -8.89 -46.62
CA ASP R 194 43.65 -10.31 -46.47
C ASP R 194 44.54 -10.59 -45.24
N ASP R 195 45.00 -11.83 -45.11
CA ASP R 195 45.78 -12.21 -43.94
C ASP R 195 47.12 -11.50 -43.93
N GLN R 196 47.53 -11.03 -45.11
CA GLN R 196 48.78 -10.32 -45.38
C GLN R 196 48.63 -8.75 -45.29
N GLY R 197 47.43 -8.27 -44.91
CA GLY R 197 47.20 -6.83 -44.75
C GLY R 197 46.92 -6.04 -46.02
N SER R 198 46.90 -6.73 -47.16
CA SER R 198 46.69 -6.07 -48.45
C SER R 198 45.21 -5.82 -48.65
N THR R 199 44.86 -4.58 -48.97
CA THR R 199 43.45 -4.18 -49.23
C THR R 199 43.15 -4.31 -50.70
N PRO R 200 41.85 -4.24 -51.09
CA PRO R 200 41.60 -4.27 -52.57
C PRO R 200 42.45 -3.20 -53.35
N LEU R 201 42.74 -2.06 -52.71
CA LEU R 201 43.57 -1.03 -53.37
C LEU R 201 45.04 -1.47 -53.53
N HIS R 202 45.65 -2.08 -52.51
CA HIS R 202 47.01 -2.64 -52.60
C HIS R 202 46.99 -3.68 -53.76
N LEU R 203 45.96 -4.52 -53.81
CA LEU R 203 45.96 -5.55 -54.87
C LEU R 203 45.93 -4.95 -56.28
N ALA R 204 45.11 -3.95 -56.50
CA ALA R 204 45.10 -3.26 -57.80
C ALA R 204 46.42 -2.56 -58.11
N ALA R 205 47.02 -1.94 -57.09
CA ALA R 205 48.33 -1.25 -57.29
C ALA R 205 49.46 -2.20 -57.67
N TRP R 206 49.52 -3.35 -57.02
CA TRP R 206 50.56 -4.34 -57.28
C TRP R 206 50.31 -5.04 -58.64
N ILE R 207 49.07 -5.50 -58.84
CA ILE R 207 48.77 -6.29 -60.04
C ILE R 207 48.82 -5.44 -61.35
N GLY R 208 48.37 -4.19 -61.30
CA GLY R 208 48.42 -3.32 -62.48
C GLY R 208 47.07 -3.11 -63.14
N HIS R 209 46.08 -2.74 -62.32
CA HIS R 209 44.74 -2.45 -62.80
C HIS R 209 44.34 -1.02 -62.46
N PRO R 210 44.80 -0.03 -63.25
CA PRO R 210 44.50 1.38 -63.02
C PRO R 210 43.04 1.71 -62.83
N GLU R 211 42.15 1.08 -63.59
CA GLU R 211 40.72 1.40 -63.50
C GLU R 211 40.18 1.01 -62.14
N ILE R 212 40.65 -0.10 -61.61
CA ILE R 212 40.16 -0.46 -60.29
C ILE R 212 40.76 0.48 -59.22
N VAL R 213 42.03 0.82 -59.40
CA VAL R 213 42.68 1.73 -58.41
C VAL R 213 41.77 2.98 -58.22
N GLU R 214 41.35 3.56 -59.36
CA GLU R 214 40.41 4.68 -59.46
C GLU R 214 39.03 4.46 -58.85
N VAL R 215 38.37 3.33 -59.14
CA VAL R 215 37.06 3.07 -58.51
C VAL R 215 37.14 2.91 -57.00
N LEU R 216 38.16 2.18 -56.54
CA LEU R 216 38.31 2.01 -55.07
C LEU R 216 38.62 3.33 -54.37
N LEU R 217 39.49 4.14 -54.95
CA LEU R 217 39.85 5.45 -54.29
C LEU R 217 38.59 6.31 -54.22
N LYS R 218 37.84 6.28 -55.31
CA LYS R 218 36.57 7.00 -55.47
C LYS R 218 35.56 6.67 -54.35
N HIS R 219 35.55 5.41 -53.90
CA HIS R 219 34.62 5.00 -52.84
C HIS R 219 35.22 4.96 -51.42
N GLY R 220 36.33 5.68 -51.22
CA GLY R 220 36.91 5.87 -49.88
C GLY R 220 38.08 4.98 -49.51
N ALA R 221 38.66 4.27 -50.46
CA ALA R 221 39.82 3.44 -50.10
C ALA R 221 40.90 4.31 -49.48
N ASP R 222 41.53 3.85 -48.40
CA ASP R 222 42.62 4.61 -47.77
C ASP R 222 43.92 4.46 -48.59
N VAL R 223 44.27 5.53 -49.32
CA VAL R 223 45.40 5.59 -50.23
C VAL R 223 46.72 5.32 -49.50
N ASN R 224 46.72 5.51 -48.17
CA ASN R 224 47.93 5.32 -47.42
C ASN R 224 47.84 4.16 -46.43
N ALA R 225 46.91 3.21 -46.67
CA ALA R 225 46.84 2.01 -45.80
C ALA R 225 48.17 1.22 -45.88
N ARG R 226 48.62 0.67 -44.76
CA ARG R 226 49.86 -0.14 -44.76
C ARG R 226 49.54 -1.61 -44.72
N ASP R 227 50.20 -2.43 -45.54
CA ASP R 227 50.04 -3.91 -45.39
C ASP R 227 50.99 -4.46 -44.30
N THR R 228 51.16 -5.77 -44.14
CA THR R 228 52.04 -6.19 -43.02
C THR R 228 53.54 -5.89 -43.23
N ASP R 229 53.92 -5.48 -44.44
CA ASP R 229 55.31 -5.16 -44.72
C ASP R 229 55.55 -3.66 -44.60
N GLY R 230 54.51 -2.94 -44.22
CA GLY R 230 54.63 -1.48 -44.04
C GLY R 230 54.42 -0.80 -45.36
N TRP R 231 54.08 -1.57 -46.41
CA TRP R 231 53.86 -0.94 -47.76
C TRP R 231 52.46 -0.28 -48.02
N THR R 232 52.46 0.89 -48.67
CA THR R 232 51.24 1.51 -49.15
C THR R 232 51.06 1.07 -50.58
N PRO R 233 49.82 1.23 -51.14
CA PRO R 233 49.62 1.03 -52.56
C PRO R 233 50.65 1.77 -53.45
N LEU R 234 51.14 2.92 -53.00
CA LEU R 234 52.19 3.66 -53.76
C LEU R 234 53.55 2.96 -53.79
N HIS R 235 53.96 2.35 -52.68
CA HIS R 235 55.16 1.53 -52.68
C HIS R 235 55.00 0.39 -53.73
N LEU R 236 53.84 -0.25 -53.71
CA LEU R 236 53.58 -1.39 -54.65
C LEU R 236 53.66 -0.96 -56.12
N ALA R 237 52.93 0.10 -56.44
CA ALA R 237 52.92 0.62 -57.79
C ALA R 237 54.28 1.11 -58.24
N ALA R 238 55.00 1.83 -57.36
CA ALA R 238 56.33 2.39 -57.70
C ALA R 238 57.36 1.29 -58.00
N ASP R 239 57.34 0.24 -57.18
CA ASP R 239 58.30 -0.90 -57.26
C ASP R 239 58.06 -1.73 -58.53
N ASN R 240 56.82 -1.89 -58.90
CA ASN R 240 56.47 -2.74 -60.04
C ASN R 240 56.31 -2.03 -61.37
N GLY R 241 56.72 -0.76 -61.46
CA GLY R 241 56.77 -0.09 -62.77
C GLY R 241 55.43 0.40 -63.26
N HIS R 242 54.46 0.51 -62.34
CA HIS R 242 53.14 0.93 -62.71
C HIS R 242 53.01 2.48 -62.70
N LEU R 243 53.54 3.10 -63.72
CA LEU R 243 53.64 4.56 -63.82
C LEU R 243 52.25 5.23 -63.70
N GLU R 244 51.28 4.75 -64.48
CA GLU R 244 49.94 5.38 -64.48
C GLU R 244 49.28 5.36 -63.09
N ILE R 245 49.40 4.23 -62.38
CA ILE R 245 48.85 4.08 -61.02
C ILE R 245 49.51 4.97 -59.95
N VAL R 246 50.82 5.09 -60.06
CA VAL R 246 51.59 6.00 -59.21
C VAL R 246 51.01 7.44 -59.30
N GLU R 247 50.77 7.89 -60.53
CA GLU R 247 50.22 9.26 -60.78
C GLU R 247 48.87 9.41 -60.12
N VAL R 248 48.01 8.40 -60.29
CA VAL R 248 46.68 8.41 -59.71
C VAL R 248 46.73 8.45 -58.17
N LEU R 249 47.54 7.59 -57.57
CA LEU R 249 47.61 7.51 -56.10
C LEU R 249 48.05 8.84 -55.50
N LEU R 250 49.02 9.46 -56.16
CA LEU R 250 49.47 10.75 -55.68
C LEU R 250 48.32 11.78 -55.77
N LYS R 251 47.54 11.72 -56.84
CA LYS R 251 46.44 12.72 -57.00
C LYS R 251 45.44 12.67 -55.83
N TYR R 252 45.18 11.46 -55.31
CA TYR R 252 44.26 11.25 -54.24
C TYR R 252 44.92 11.23 -52.82
N GLY R 253 46.11 11.80 -52.73
CA GLY R 253 46.72 12.10 -51.45
C GLY R 253 47.75 11.08 -50.90
N ALA R 254 48.28 10.16 -51.73
CA ALA R 254 49.32 9.24 -51.26
C ALA R 254 50.50 10.04 -50.76
N ASP R 255 51.09 9.49 -49.72
CA ASP R 255 52.22 10.07 -49.02
C ASP R 255 53.43 9.58 -49.80
N VAL R 256 53.97 10.51 -50.58
CA VAL R 256 55.08 10.22 -51.48
C VAL R 256 56.38 9.79 -50.77
N ASN R 257 56.43 10.10 -49.50
CA ASN R 257 57.60 9.78 -48.67
C ASN R 257 57.29 8.76 -47.56
N ALA R 258 56.16 8.05 -47.69
CA ALA R 258 55.84 6.95 -46.74
C ALA R 258 56.94 5.90 -46.72
N GLN R 259 57.38 5.52 -45.50
CA GLN R 259 58.50 4.55 -45.33
C GLN R 259 57.95 3.21 -44.96
N ASP R 260 58.43 2.12 -45.55
CA ASP R 260 57.93 0.78 -45.09
C ASP R 260 58.66 0.29 -43.85
N ALA R 261 58.51 -1.00 -43.52
CA ALA R 261 59.11 -1.57 -42.35
C ALA R 261 60.62 -1.41 -42.25
N TYR R 262 61.25 -1.29 -43.40
CA TYR R 262 62.70 -1.22 -43.48
C TYR R 262 63.21 0.21 -43.75
N GLY R 263 62.29 1.16 -43.71
CA GLY R 263 62.60 2.58 -44.04
C GLY R 263 62.56 2.94 -45.52
N LEU R 264 62.10 2.04 -46.39
CA LEU R 264 62.13 2.42 -47.83
C LEU R 264 60.92 3.29 -48.22
N THR R 265 61.19 4.26 -49.07
CA THR R 265 60.15 5.05 -49.65
C THR R 265 59.86 4.53 -51.06
N PRO R 266 58.73 4.95 -51.65
CA PRO R 266 58.44 4.54 -53.05
C PRO R 266 59.54 5.03 -53.93
N LEU R 267 60.25 6.06 -53.48
CA LEU R 267 61.38 6.59 -54.31
C LEU R 267 62.58 5.65 -54.30
N HIS R 268 62.96 5.16 -53.11
CA HIS R 268 64.02 4.17 -53.01
C HIS R 268 63.67 2.93 -53.90
N LEU R 269 62.40 2.49 -53.86
CA LEU R 269 61.95 1.35 -54.66
C LEU R 269 62.01 1.64 -56.13
N ALA R 270 61.45 2.76 -56.58
CA ALA R 270 61.54 3.12 -58.01
C ALA R 270 62.98 3.29 -58.51
N ALA R 271 63.83 3.89 -57.67
CA ALA R 271 65.24 4.11 -57.96
C ALA R 271 65.97 2.80 -58.14
N ASP R 272 65.82 1.90 -57.16
CA ASP R 272 66.56 0.65 -57.20
C ASP R 272 66.11 -0.14 -58.43
N ARG R 273 64.85 -0.05 -58.81
CA ARG R 273 64.34 -0.83 -59.97
C ARG R 273 64.70 -0.15 -61.29
N GLY R 274 65.26 1.06 -61.19
CA GLY R 274 65.54 1.84 -62.40
C GLY R 274 64.28 2.42 -63.12
N HIS R 275 63.17 2.56 -62.41
CA HIS R 275 61.95 3.07 -63.07
C HIS R 275 61.93 4.59 -63.16
N LEU R 276 62.75 5.15 -64.05
CA LEU R 276 62.96 6.62 -64.17
C LEU R 276 61.71 7.52 -64.33
N GLU R 277 60.72 7.08 -65.08
CA GLU R 277 59.52 7.91 -65.26
C GLU R 277 58.81 8.03 -63.90
N ILE R 278 58.73 6.92 -63.16
CA ILE R 278 58.12 6.99 -61.85
C ILE R 278 58.96 7.90 -60.88
N VAL R 279 60.28 7.78 -60.95
CA VAL R 279 61.20 8.57 -60.10
C VAL R 279 60.86 10.07 -60.35
N GLU R 280 60.68 10.43 -61.64
CA GLU R 280 60.34 11.82 -62.01
C GLU R 280 59.03 12.28 -61.42
N VAL R 281 58.02 11.40 -61.44
CA VAL R 281 56.71 11.68 -60.89
C VAL R 281 56.76 11.87 -59.38
N LEU R 282 57.45 10.97 -58.71
CA LEU R 282 57.63 11.01 -57.24
C LEU R 282 58.37 12.28 -56.81
N LEU R 283 59.44 12.62 -57.52
CA LEU R 283 60.21 13.81 -57.21
C LEU R 283 59.38 15.09 -57.39
N LYS R 284 58.60 15.17 -58.47
CA LYS R 284 57.71 16.34 -58.72
C LYS R 284 56.70 16.51 -57.53
N HIS R 285 56.28 15.40 -56.89
CA HIS R 285 55.34 15.50 -55.74
C HIS R 285 56.00 15.61 -54.36
N GLY R 286 57.30 15.91 -54.33
CA GLY R 286 57.99 16.24 -53.09
C GLY R 286 58.76 15.06 -52.49
N ALA R 287 58.97 14.00 -53.27
CA ALA R 287 59.78 12.88 -52.77
C ALA R 287 61.17 13.36 -52.44
N ASP R 288 61.73 12.90 -51.31
CA ASP R 288 63.04 13.40 -50.86
C ASP R 288 64.15 12.43 -51.27
N VAL R 289 64.93 12.87 -52.23
CA VAL R 289 66.01 12.06 -52.76
C VAL R 289 67.08 11.77 -51.71
N ASN R 290 67.12 12.57 -50.63
CA ASN R 290 68.12 12.39 -49.56
C ASN R 290 67.63 11.60 -48.34
N ALA R 291 66.41 11.11 -48.41
CA ALA R 291 65.90 10.27 -47.31
C ALA R 291 66.71 8.98 -47.11
N GLN R 292 66.94 8.56 -45.88
CA GLN R 292 67.77 7.39 -45.64
C GLN R 292 66.81 6.30 -45.18
N ASP R 293 67.00 5.08 -45.66
CA ASP R 293 66.24 3.98 -45.09
C ASP R 293 66.92 3.54 -43.81
N LYS R 294 66.46 2.47 -43.19
CA LYS R 294 67.11 2.01 -41.97
C LYS R 294 68.53 1.48 -42.20
N PHE R 295 68.91 1.13 -43.41
CA PHE R 295 70.28 0.71 -43.69
C PHE R 295 71.22 1.93 -43.85
N GLY R 296 70.70 3.06 -44.30
CA GLY R 296 71.52 4.30 -44.44
C GLY R 296 71.56 4.78 -45.87
N LYS R 297 70.89 4.03 -46.75
CA LYS R 297 70.89 4.36 -48.17
C LYS R 297 69.84 5.35 -48.55
N THR R 298 70.26 6.27 -49.43
CA THR R 298 69.37 7.24 -50.00
C THR R 298 69.11 6.79 -51.43
N ALA R 299 68.01 7.32 -52.01
CA ALA R 299 67.66 7.08 -53.43
C ALA R 299 68.79 7.49 -54.38
N PHE R 300 69.38 8.65 -54.18
CA PHE R 300 70.53 8.94 -54.98
C PHE R 300 71.71 7.96 -54.81
N ASP R 301 72.08 7.64 -53.57
CA ASP R 301 73.22 6.77 -53.36
C ASP R 301 72.99 5.44 -54.05
N ILE R 302 71.74 4.99 -54.07
CA ILE R 302 71.34 3.78 -54.78
C ILE R 302 71.60 3.97 -56.30
N SER R 303 71.24 5.10 -56.89
CA SER R 303 71.51 5.20 -58.32
C SER R 303 73.05 5.07 -58.61
N ILE R 304 73.84 5.59 -57.69
CA ILE R 304 75.28 5.49 -57.77
C ILE R 304 75.74 4.03 -57.56
N ASP R 305 75.27 3.37 -56.50
CA ASP R 305 75.64 1.97 -56.29
C ASP R 305 75.30 1.01 -57.46
N ASN R 306 74.18 1.25 -58.12
CA ASN R 306 73.77 0.42 -59.26
C ASN R 306 74.45 0.82 -60.58
N GLY R 307 75.25 1.89 -60.56
CA GLY R 307 75.94 2.34 -61.79
C GLY R 307 75.00 2.99 -62.80
N ASN R 308 73.87 3.51 -62.32
CA ASN R 308 72.87 4.09 -63.23
C ASN R 308 73.04 5.62 -63.44
N GLU R 309 73.78 5.98 -64.48
CA GLU R 309 74.17 7.37 -64.66
C GLU R 309 72.96 8.27 -64.93
N ASP R 310 72.02 7.79 -65.75
CA ASP R 310 70.80 8.54 -66.06
C ASP R 310 69.88 8.77 -64.83
N LEU R 311 69.76 7.73 -64.00
CA LEU R 311 68.95 7.91 -62.78
C LEU R 311 69.59 8.95 -61.86
N ALA R 312 70.91 8.88 -61.72
CA ALA R 312 71.64 9.79 -60.85
C ALA R 312 71.46 11.25 -61.30
N GLU R 313 71.20 11.43 -62.59
CA GLU R 313 70.93 12.76 -63.13
C GLU R 313 69.54 13.25 -62.73
N ILE R 314 68.59 12.32 -62.67
CA ILE R 314 67.22 12.65 -62.28
C ILE R 314 67.13 12.95 -60.79
N LEU R 315 67.85 12.17 -59.99
CA LEU R 315 67.84 12.36 -58.51
C LEU R 315 68.75 13.45 -57.91
N GLN R 316 69.44 14.24 -58.75
CA GLN R 316 70.37 15.31 -58.27
C GLN R 316 70.55 16.44 -59.28
N LYS S 23 21.28 -4.55 -15.19
CA LYS S 23 20.95 -3.17 -14.86
C LYS S 23 19.43 -2.98 -14.74
N ASP S 24 18.99 -1.72 -14.64
CA ASP S 24 17.58 -1.39 -14.60
C ASP S 24 16.93 -1.55 -15.97
N SER S 25 15.67 -1.98 -16.01
CA SER S 25 14.97 -2.23 -17.27
C SER S 25 14.87 -1.02 -18.20
N PRO S 26 14.44 0.16 -17.68
CA PRO S 26 14.33 1.28 -18.63
C PRO S 26 15.62 1.54 -19.39
N ILE S 27 16.75 1.36 -18.73
CA ILE S 27 18.05 1.60 -19.32
C ILE S 27 18.35 0.57 -20.40
N ILE S 28 18.12 -0.69 -20.06
CA ILE S 28 18.35 -1.81 -20.97
C ILE S 28 17.44 -1.73 -22.19
N GLU S 29 16.16 -1.51 -21.95
CA GLU S 29 15.20 -1.47 -23.04
C GLU S 29 15.48 -0.30 -23.99
N ALA S 30 15.83 0.85 -23.42
CA ALA S 30 16.15 2.01 -24.26
C ALA S 30 17.31 1.70 -25.20
N ASN S 31 18.38 1.13 -24.65
CA ASN S 31 19.54 0.78 -25.45
C ASN S 31 19.25 -0.31 -26.48
N GLY S 32 18.50 -1.33 -26.07
CA GLY S 32 18.12 -2.40 -26.98
C GLY S 32 17.24 -1.90 -28.11
N THR S 33 16.34 -0.98 -27.81
CA THR S 33 15.43 -0.45 -28.83
C THR S 33 16.21 0.41 -29.81
N LEU S 34 17.13 1.22 -29.30
CA LEU S 34 18.02 2.03 -30.14
C LEU S 34 18.89 1.13 -31.01
N ASP S 35 19.35 0.03 -30.45
CA ASP S 35 20.11 -0.96 -31.20
C ASP S 35 19.25 -1.53 -32.32
N GLU S 36 18.01 -1.89 -32.01
CA GLU S 36 17.08 -2.37 -33.02
C GLU S 36 16.91 -1.32 -34.12
N LEU S 37 16.79 -0.06 -33.73
CA LEU S 37 16.66 1.04 -34.68
C LEU S 37 17.83 1.11 -35.65
N THR S 38 19.05 1.02 -35.14
CA THR S 38 20.22 1.15 -36.02
C THR S 38 20.25 0.01 -37.05
N SER S 39 19.78 -1.17 -36.66
CA SER S 39 19.77 -2.31 -37.57
C SER S 39 18.86 -2.06 -38.78
N PHE S 40 17.65 -1.56 -38.53
CA PHE S 40 16.74 -1.26 -39.63
C PHE S 40 17.26 -0.11 -40.49
N ILE S 41 17.88 0.88 -39.84
CA ILE S 41 18.53 1.98 -40.57
C ILE S 41 19.63 1.41 -41.46
N GLY S 42 20.43 0.49 -40.91
CA GLY S 42 21.47 -0.17 -41.66
C GLY S 42 20.95 -0.88 -42.90
N GLU S 43 19.71 -1.37 -42.81
CA GLU S 43 19.09 -1.99 -43.97
C GLU S 43 18.68 -0.93 -44.98
N ALA S 44 17.99 0.09 -44.48
CA ALA S 44 17.40 1.13 -45.33
C ALA S 44 18.43 1.84 -46.17
N LYS S 45 19.62 2.06 -45.60
CA LYS S 45 20.64 2.85 -46.29
C LYS S 45 21.16 2.16 -47.56
N HIS S 46 20.74 0.92 -47.78
CA HIS S 46 21.10 0.20 -48.99
C HIS S 46 20.06 0.38 -50.08
N TYR S 47 19.02 1.15 -49.79
CA TYR S 47 17.94 1.40 -50.75
C TYR S 47 17.82 2.87 -51.14
N VAL S 48 18.76 3.69 -50.67
CA VAL S 48 18.69 5.14 -50.91
C VAL S 48 19.91 5.63 -51.68
N ASP S 49 19.92 6.89 -52.09
CA ASP S 49 21.07 7.42 -52.85
C ASP S 49 22.21 7.79 -51.91
N GLU S 50 23.31 8.28 -52.47
CA GLU S 50 24.51 8.55 -51.70
C GLU S 50 24.35 9.62 -50.62
N GLU S 51 23.55 10.66 -50.89
CA GLU S 51 23.35 11.71 -49.91
C GLU S 51 22.60 11.17 -48.69
N MET S 52 21.48 10.50 -48.92
CA MET S 52 20.71 9.94 -47.82
C MET S 52 21.51 8.87 -47.09
N LYS S 53 22.29 8.09 -47.83
CA LYS S 53 23.11 7.05 -47.22
C LYS S 53 24.09 7.66 -46.23
N GLY S 54 24.79 8.71 -46.65
CA GLY S 54 25.74 9.39 -45.78
C GLY S 54 25.07 9.93 -44.54
N ILE S 55 23.88 10.50 -44.72
CA ILE S 55 23.10 11.02 -43.61
C ILE S 55 22.72 9.91 -42.63
N LEU S 56 22.21 8.79 -43.14
CA LEU S 56 21.81 7.69 -42.28
C LEU S 56 22.99 7.13 -41.48
N GLU S 57 24.17 7.06 -42.09
CA GLU S 57 25.37 6.61 -41.38
C GLU S 57 25.77 7.56 -40.25
N GLU S 58 25.66 8.86 -40.48
CA GLU S 58 25.94 9.84 -39.43
C GLU S 58 24.97 9.64 -38.26
N ILE S 59 23.71 9.34 -38.61
CA ILE S 59 22.68 9.09 -37.62
C ILE S 59 23.02 7.84 -36.79
N GLN S 60 23.49 6.78 -37.44
CA GLN S 60 23.92 5.59 -36.72
C GLN S 60 25.01 5.93 -35.70
N ASN S 61 25.94 6.79 -36.08
CA ASN S 61 26.99 7.22 -35.16
C ASN S 61 26.40 7.96 -33.96
N ASP S 62 25.46 8.86 -34.23
CA ASP S 62 24.81 9.61 -33.18
C ASP S 62 24.05 8.70 -32.20
N ILE S 63 23.33 7.73 -32.74
CA ILE S 63 22.57 6.82 -31.90
C ILE S 63 23.50 6.01 -30.99
N TYR S 64 24.61 5.56 -31.55
CA TYR S 64 25.63 4.85 -30.79
C TYR S 64 26.10 5.69 -29.58
N LYS S 65 26.39 6.95 -29.81
CA LYS S 65 26.78 7.85 -28.72
C LYS S 65 25.66 7.95 -27.67
N ILE S 66 24.43 8.03 -28.14
CA ILE S 66 23.28 8.11 -27.25
C ILE S 66 23.17 6.87 -26.35
N MET S 67 23.36 5.69 -26.95
CA MET S 67 23.32 4.45 -26.17
C MET S 67 24.39 4.44 -25.10
N GLY S 68 25.56 5.00 -25.42
CA GLY S 68 26.63 5.14 -24.45
C GLY S 68 26.19 5.95 -23.25
N GLU S 69 25.64 7.13 -23.51
CA GLU S 69 25.15 8.02 -22.45
C GLU S 69 24.11 7.33 -21.58
N ILE S 70 23.16 6.66 -22.22
CA ILE S 70 22.09 5.97 -21.49
C ILE S 70 22.64 4.83 -20.63
N GLY S 71 23.41 3.93 -21.26
CA GLY S 71 23.95 2.77 -20.57
C GLY S 71 24.83 3.10 -19.37
N SER S 72 25.57 4.20 -19.45
CA SER S 72 26.43 4.60 -18.34
C SER S 72 25.75 5.64 -17.46
N LYS S 73 24.46 5.83 -17.69
CA LYS S 73 23.63 6.75 -16.90
C LYS S 73 24.20 8.18 -16.85
N GLY S 74 24.71 8.66 -17.98
CA GLY S 74 25.21 10.02 -18.07
C GLY S 74 26.70 10.18 -17.80
N LYS S 75 27.33 9.12 -17.29
CA LYS S 75 28.76 9.16 -17.01
C LYS S 75 29.57 9.39 -18.28
N ILE S 76 29.15 8.73 -19.36
CA ILE S 76 29.75 8.93 -20.68
C ILE S 76 29.02 10.06 -21.40
N GLU S 77 29.76 11.05 -21.88
CA GLU S 77 29.18 12.15 -22.65
C GLU S 77 28.54 11.67 -23.96
N GLY S 78 27.33 12.16 -24.23
CA GLY S 78 26.58 11.75 -25.41
C GLY S 78 26.70 12.73 -26.56
N ILE S 79 25.64 12.86 -27.36
CA ILE S 79 25.67 13.76 -28.51
C ILE S 79 25.64 15.22 -28.10
N SER S 80 26.36 16.04 -28.84
CA SER S 80 26.38 17.48 -28.59
C SER S 80 25.19 18.16 -29.26
N GLU S 81 24.93 19.40 -28.86
CA GLU S 81 23.80 20.16 -29.39
C GLU S 81 23.95 20.33 -30.90
N GLU S 82 25.20 20.37 -31.37
CA GLU S 82 25.46 20.49 -32.80
C GLU S 82 24.86 19.33 -33.59
N ARG S 83 24.72 18.18 -32.93
CA ARG S 83 24.13 17.01 -33.57
C ARG S 83 22.63 17.20 -33.76
N ILE S 84 21.99 17.81 -32.77
CA ILE S 84 20.58 18.18 -32.88
C ILE S 84 20.39 19.22 -33.97
N ALA S 85 21.23 20.25 -33.96
CA ALA S 85 21.21 21.29 -34.99
C ALA S 85 21.47 20.69 -36.37
N TRP S 86 22.35 19.69 -36.41
CA TRP S 86 22.67 19.01 -37.65
C TRP S 86 21.41 18.42 -38.28
N LEU S 87 20.58 17.76 -37.47
CA LEU S 87 19.29 17.26 -37.96
C LEU S 87 18.43 18.41 -38.46
N LEU S 88 18.35 19.48 -37.67
CA LEU S 88 17.45 20.59 -37.96
C LEU S 88 17.76 21.22 -39.32
N LYS S 89 19.04 21.33 -39.64
CA LYS S 89 19.46 21.87 -40.93
C LYS S 89 18.97 20.99 -42.08
N LEU S 90 19.11 19.67 -41.92
CA LEU S 90 18.61 18.75 -42.95
C LEU S 90 17.08 18.82 -43.04
N ILE S 91 16.43 18.91 -41.89
CA ILE S 91 14.98 18.96 -41.82
C ILE S 91 14.44 20.19 -42.57
N LEU S 92 15.02 21.35 -42.30
CA LEU S 92 14.62 22.58 -42.99
C LEU S 92 14.89 22.50 -44.48
N ARG S 93 16.01 21.87 -44.84
CA ARG S 93 16.37 21.72 -46.24
C ARG S 93 15.28 20.98 -47.02
N TYR S 94 14.92 19.80 -46.54
CA TYR S 94 13.99 18.95 -47.29
C TYR S 94 12.53 19.33 -47.09
N MET S 95 12.21 19.94 -45.95
CA MET S 95 10.84 20.38 -45.68
C MET S 95 10.31 21.29 -46.78
N GLU S 96 11.21 22.04 -47.40
CA GLU S 96 10.84 23.00 -48.44
C GLU S 96 10.09 22.33 -49.59
N MET S 97 10.37 21.05 -49.81
CA MET S 97 9.82 20.31 -50.94
C MET S 97 8.52 19.58 -50.59
N VAL S 98 8.20 19.50 -49.30
CA VAL S 98 7.17 18.58 -48.83
C VAL S 98 5.91 19.30 -48.34
N ASN S 99 4.77 18.96 -48.94
CA ASN S 99 3.50 19.56 -48.58
C ASN S 99 2.75 18.72 -47.53
N PHE S 103 -1.88 14.47 -47.18
CA PHE S 103 -1.96 13.21 -46.44
C PHE S 103 -1.85 12.01 -47.38
N VAL S 104 -0.82 11.20 -47.20
CA VAL S 104 -0.67 9.97 -47.97
C VAL S 104 -0.46 8.75 -47.06
N LEU S 105 -0.79 7.57 -47.57
CA LEU S 105 -0.60 6.33 -46.82
C LEU S 105 0.88 5.99 -46.76
N PRO S 106 1.33 5.43 -45.63
CA PRO S 106 2.74 5.05 -45.51
C PRO S 106 3.16 4.07 -46.60
N GLY S 107 4.42 4.18 -47.04
CA GLY S 107 4.97 3.28 -48.03
C GLY S 107 4.52 3.51 -49.46
N GLY S 108 4.42 4.77 -49.87
CA GLY S 108 4.01 5.09 -51.23
C GLY S 108 4.89 4.38 -52.25
N THR S 109 6.18 4.26 -51.94
CA THR S 109 7.14 3.53 -52.76
C THR S 109 7.84 2.49 -51.89
N LEU S 110 8.48 1.51 -52.52
CA LEU S 110 9.24 0.51 -51.78
C LEU S 110 10.32 1.15 -50.93
N GLU S 111 11.03 2.10 -51.53
CA GLU S 111 12.11 2.82 -50.87
C GLU S 111 11.61 3.69 -49.72
N SER S 112 10.53 4.42 -49.96
CA SER S 112 9.94 5.25 -48.93
C SER S 112 9.41 4.40 -47.79
N ALA S 113 8.92 3.21 -48.11
CA ALA S 113 8.44 2.29 -47.07
C ALA S 113 9.53 1.97 -46.06
N LYS S 114 10.77 1.80 -46.53
CA LYS S 114 11.90 1.52 -45.66
C LYS S 114 12.11 2.63 -44.65
N LEU S 115 11.95 3.87 -45.11
CA LEU S 115 12.13 5.02 -44.22
C LEU S 115 10.97 5.12 -43.23
N ASP S 116 9.76 4.82 -43.69
CA ASP S 116 8.59 4.86 -42.80
C ASP S 116 8.72 3.85 -41.68
N VAL S 117 9.28 2.68 -41.99
CA VAL S 117 9.55 1.67 -40.98
C VAL S 117 10.53 2.24 -39.94
N CYS S 118 11.61 2.84 -40.42
CA CYS S 118 12.58 3.49 -39.53
C CYS S 118 11.96 4.58 -38.67
N ARG S 119 11.06 5.36 -39.28
CA ARG S 119 10.37 6.42 -38.57
C ARG S 119 9.59 5.90 -37.37
N THR S 120 8.76 4.87 -37.60
CA THR S 120 7.92 4.36 -36.53
C THR S 120 8.74 3.69 -35.42
N ILE S 121 9.84 3.03 -35.79
CA ILE S 121 10.72 2.42 -34.80
C ILE S 121 11.39 3.51 -33.96
N ALA S 122 11.85 4.57 -34.64
CA ALA S 122 12.48 5.69 -33.99
C ALA S 122 11.56 6.28 -32.92
N ARG S 123 10.27 6.37 -33.24
CA ARG S 123 9.28 6.82 -32.28
C ARG S 123 9.17 5.85 -31.10
N ARG S 124 9.22 4.55 -31.38
CA ARG S 124 9.25 3.57 -30.29
C ARG S 124 10.52 3.77 -29.45
N ALA S 125 11.65 4.03 -30.12
CA ALA S 125 12.89 4.31 -29.40
C ALA S 125 12.75 5.55 -28.52
N LEU S 126 12.12 6.59 -29.06
CA LEU S 126 11.88 7.81 -28.31
C LEU S 126 11.10 7.55 -27.02
N ARG S 127 10.04 6.76 -27.10
CA ARG S 127 9.23 6.47 -25.92
C ARG S 127 10.08 5.81 -24.83
N LYS S 128 10.96 4.90 -25.24
CA LYS S 128 11.81 4.18 -24.28
C LYS S 128 12.85 5.12 -23.67
N VAL S 129 13.50 5.93 -24.50
CA VAL S 129 14.49 6.88 -24.00
C VAL S 129 13.82 7.97 -23.14
N LEU S 130 12.66 8.47 -23.60
CA LEU S 130 11.90 9.44 -22.80
C LEU S 130 11.54 8.89 -21.41
N THR S 131 11.17 7.61 -21.34
CA THR S 131 10.93 6.98 -20.04
C THR S 131 12.17 7.07 -19.15
N VAL S 132 13.33 6.73 -19.72
CA VAL S 132 14.58 6.83 -18.97
C VAL S 132 14.83 8.27 -18.49
N THR S 133 14.60 9.24 -19.37
CA THR S 133 14.80 10.64 -19.02
C THR S 133 13.91 11.05 -17.85
N ARG S 134 12.63 10.69 -17.94
CA ARG S 134 11.68 11.04 -16.90
C ARG S 134 12.07 10.42 -15.56
N GLU S 135 12.54 9.17 -15.59
CA GLU S 135 12.93 8.48 -14.37
C GLU S 135 14.32 8.86 -13.84
N PHE S 136 15.28 9.02 -14.76
CA PHE S 136 16.66 9.20 -14.35
C PHE S 136 17.19 10.63 -14.51
N GLY S 137 16.44 11.47 -15.21
CA GLY S 137 16.84 12.85 -15.40
C GLY S 137 17.96 13.06 -16.40
N ILE S 138 18.17 12.08 -17.28
CA ILE S 138 19.26 12.12 -18.25
C ILE S 138 18.74 11.91 -19.67
N GLY S 139 19.52 12.35 -20.65
CA GLY S 139 19.24 12.02 -22.04
C GLY S 139 18.21 12.91 -22.71
N ALA S 140 17.87 14.01 -22.05
CA ALA S 140 16.86 14.93 -22.58
C ALA S 140 17.25 15.43 -23.98
N GLU S 141 18.53 15.71 -24.15
CA GLU S 141 19.07 16.13 -25.45
C GLU S 141 18.96 15.00 -26.48
N ALA S 142 19.26 13.78 -26.05
CA ALA S 142 19.12 12.61 -26.89
C ALA S 142 17.67 12.40 -27.32
N ALA S 143 16.75 12.62 -26.40
CA ALA S 143 15.32 12.51 -26.70
C ALA S 143 14.92 13.55 -27.75
N ALA S 144 15.40 14.77 -27.57
CA ALA S 144 15.13 15.84 -28.54
C ALA S 144 15.70 15.46 -29.90
N TYR S 145 16.91 14.89 -29.90
CA TYR S 145 17.54 14.41 -31.11
C TYR S 145 16.67 13.37 -31.80
N LEU S 146 16.27 12.35 -31.05
CA LEU S 146 15.44 11.28 -31.58
C LEU S 146 14.08 11.81 -32.07
N LEU S 147 13.54 12.78 -31.36
CA LEU S 147 12.31 13.45 -31.79
C LEU S 147 12.53 14.12 -33.16
N ALA S 148 13.60 14.91 -33.27
CA ALA S 148 13.95 15.53 -34.55
C ALA S 148 14.21 14.48 -35.64
N LEU S 149 14.83 13.37 -35.23
CA LEU S 149 15.11 12.27 -36.14
C LEU S 149 13.83 11.71 -36.80
N SER S 150 12.80 11.52 -36.00
CA SER S 150 11.54 11.01 -36.51
C SER S 150 11.00 11.96 -37.58
N ASP S 151 11.10 13.26 -37.33
CA ASP S 151 10.64 14.25 -38.29
C ASP S 151 11.45 14.18 -39.59
N LEU S 152 12.77 14.07 -39.46
CA LEU S 152 13.63 13.96 -40.64
C LEU S 152 13.32 12.71 -41.44
N LEU S 153 13.16 11.58 -40.75
CA LEU S 153 12.82 10.33 -41.41
C LEU S 153 11.49 10.44 -42.16
N PHE S 154 10.51 11.09 -41.55
CA PHE S 154 9.23 11.34 -42.22
C PHE S 154 9.43 12.08 -43.55
N LEU S 155 10.14 13.20 -43.49
CA LEU S 155 10.41 14.01 -44.67
C LEU S 155 11.15 13.24 -45.76
N LEU S 156 12.17 12.49 -45.36
CA LEU S 156 12.98 11.75 -46.34
C LEU S 156 12.12 10.75 -47.10
N ALA S 157 11.22 10.08 -46.40
CA ALA S 157 10.28 9.16 -47.03
C ALA S 157 9.41 9.90 -48.05
N ARG S 158 8.95 11.09 -47.69
CA ARG S 158 8.15 11.90 -48.61
C ARG S 158 8.98 12.41 -49.79
N VAL S 159 10.24 12.77 -49.54
CA VAL S 159 11.11 13.23 -50.63
C VAL S 159 11.26 12.11 -51.66
N ILE S 160 11.44 10.88 -51.20
CA ILE S 160 11.52 9.73 -52.09
C ILE S 160 10.28 9.63 -52.98
N GLU S 161 9.10 9.79 -52.37
CA GLU S 161 7.84 9.81 -53.11
C GLU S 161 7.77 10.97 -54.11
N ILE S 162 8.27 12.13 -53.69
CA ILE S 162 8.32 13.30 -54.57
C ILE S 162 9.23 13.06 -55.78
N GLU S 163 10.40 12.48 -55.53
CA GLU S 163 11.31 12.13 -56.61
C GLU S 163 10.73 11.06 -57.54
N LEU S 164 9.96 9.94 -56.88
CA LEU S 164 9.41 9.10 -57.92
C LEU S 164 8.36 9.85 -58.73
N GLY S 165 7.64 10.75 -58.05
CA GLY S 165 6.67 11.65 -58.71
C GLY S 165 7.31 12.40 -59.87
N LYS S 166 8.44 13.06 -59.61
CA LYS S 166 9.17 13.80 -60.66
C LYS S 166 9.63 12.91 -61.83
N LYS S 167 10.15 11.72 -61.53
CA LYS S 167 10.53 10.76 -62.59
C LYS S 167 9.32 10.31 -63.44
N LEU S 168 8.17 10.08 -62.80
CA LEU S 168 6.96 9.78 -63.60
C LEU S 168 6.52 10.97 -64.47
N LEU S 169 6.62 12.19 -63.92
CA LEU S 169 6.35 13.39 -64.74
C LEU S 169 7.27 13.48 -65.95
N GLU S 170 8.55 13.23 -65.73
CA GLU S 170 9.58 13.18 -66.80
C GLU S 170 9.29 12.16 -67.89
N ALA S 171 8.95 10.96 -67.47
CA ALA S 171 8.57 9.89 -68.38
C ALA S 171 7.37 10.31 -69.25
N ALA S 172 6.35 10.88 -68.60
CA ALA S 172 5.17 11.31 -69.33
C ALA S 172 5.51 12.45 -70.33
N ARG S 173 6.33 13.40 -69.90
CA ARG S 173 6.74 14.52 -70.73
C ARG S 173 7.64 14.05 -71.87
N ALA S 174 8.47 13.04 -71.60
CA ALA S 174 9.37 12.50 -72.60
C ALA S 174 8.63 11.63 -73.61
N GLY S 175 7.59 10.94 -73.14
CA GLY S 175 6.81 10.07 -73.98
C GLY S 175 7.24 8.61 -73.88
N GLN S 176 7.91 8.28 -72.78
CA GLN S 176 8.44 6.94 -72.58
C GLN S 176 7.45 6.07 -71.81
N ASP S 177 6.74 5.20 -72.52
CA ASP S 177 5.67 4.39 -71.92
C ASP S 177 6.21 3.34 -70.92
N ASP S 178 7.34 2.72 -71.25
CA ASP S 178 7.93 1.73 -70.36
C ASP S 178 8.38 2.36 -69.04
N GLU S 179 8.91 3.56 -69.08
CA GLU S 179 9.35 4.19 -67.83
C GLU S 179 8.14 4.40 -66.92
N VAL S 180 7.04 4.85 -67.57
CA VAL S 180 5.75 5.07 -66.92
C VAL S 180 5.22 3.78 -66.28
N ARG S 181 5.24 2.67 -67.02
CA ARG S 181 4.72 1.43 -66.45
C ARG S 181 5.49 0.98 -65.20
N ILE S 182 6.81 1.05 -65.29
CA ILE S 182 7.74 0.63 -64.27
C ILE S 182 7.58 1.56 -63.05
N LEU S 183 7.64 2.87 -63.30
CA LEU S 183 7.58 3.86 -62.20
C LEU S 183 6.20 3.76 -61.50
N MET S 184 5.14 3.61 -62.31
CA MET S 184 3.82 3.42 -61.75
C MET S 184 3.70 2.14 -60.91
N ALA S 185 4.22 1.02 -61.43
CA ALA S 185 4.19 -0.23 -60.66
C ALA S 185 4.99 -0.09 -59.34
N ASN S 186 6.06 0.69 -59.37
CA ASN S 186 6.94 0.82 -58.21
C ASN S 186 6.47 1.86 -57.19
N GLY S 187 5.27 2.42 -57.40
CA GLY S 187 4.72 3.36 -56.43
C GLY S 187 4.71 4.84 -56.76
N ALA S 188 5.22 5.27 -57.91
CA ALA S 188 5.14 6.72 -58.28
C ALA S 188 3.71 7.24 -58.24
N ASP S 189 3.53 8.43 -57.68
CA ASP S 189 2.20 9.08 -57.48
C ASP S 189 1.56 9.45 -58.86
N VAL S 190 0.49 8.76 -59.26
CA VAL S 190 -0.13 8.99 -60.54
C VAL S 190 -0.66 10.38 -60.71
N ASN S 191 -0.87 11.06 -59.59
CA ASN S 191 -1.38 12.40 -59.58
C ASN S 191 -0.35 13.46 -59.17
N ALA S 192 0.95 13.11 -59.27
CA ALA S 192 2.02 14.09 -59.04
C ALA S 192 1.84 15.25 -60.01
N HIS S 193 2.41 16.39 -59.70
CA HIS S 193 2.31 17.50 -60.63
C HIS S 193 3.61 18.31 -60.65
N ASP S 194 3.88 19.00 -61.76
CA ASP S 194 5.04 19.86 -61.86
C ASP S 194 4.74 21.29 -61.32
N ASP S 195 5.69 22.20 -61.52
CA ASP S 195 5.55 23.54 -60.96
C ASP S 195 4.39 24.29 -61.62
N GLN S 196 4.02 23.83 -62.82
CA GLN S 196 2.96 24.36 -63.66
C GLN S 196 1.56 23.65 -63.43
N GLY S 197 1.50 22.73 -62.47
CA GLY S 197 0.25 22.03 -62.15
C GLY S 197 -0.13 20.87 -63.06
N SER S 198 0.71 20.57 -64.04
CA SER S 198 0.44 19.51 -65.01
C SER S 198 0.83 18.18 -64.38
N THR S 199 -0.07 17.22 -64.44
CA THR S 199 0.17 15.85 -63.91
C THR S 199 0.74 14.98 -65.01
N PRO S 200 1.27 13.78 -64.65
CA PRO S 200 1.70 12.88 -65.77
C PRO S 200 0.59 12.69 -66.86
N LEU S 201 -0.68 12.74 -66.45
CA LEU S 201 -1.79 12.58 -67.43
C LEU S 201 -1.92 13.81 -68.37
N HIS S 202 -1.83 15.04 -67.83
CA HIS S 202 -1.79 16.26 -68.65
C HIS S 202 -0.58 16.13 -69.60
N LEU S 203 0.59 15.74 -69.06
CA LEU S 203 1.76 15.66 -69.94
C LEU S 203 1.59 14.62 -71.08
N ALA S 204 1.03 13.48 -70.75
CA ALA S 204 0.74 12.48 -71.81
C ALA S 204 -0.26 12.99 -72.84
N ALA S 205 -1.30 13.70 -72.38
CA ALA S 205 -2.32 14.25 -73.33
C ALA S 205 -1.74 15.30 -74.28
N TRP S 206 -0.86 16.17 -73.77
CA TRP S 206 -0.25 17.22 -74.57
C TRP S 206 0.74 16.62 -75.59
N ILE S 207 1.61 15.73 -75.10
CA ILE S 207 2.69 15.22 -75.97
C ILE S 207 2.16 14.29 -77.12
N GLY S 208 1.11 13.51 -76.85
CA GLY S 208 0.49 12.71 -77.91
C GLY S 208 0.92 11.25 -77.90
N HIS S 209 0.96 10.66 -76.71
CA HIS S 209 1.24 9.24 -76.55
C HIS S 209 0.12 8.55 -75.79
N PRO S 210 -0.92 8.08 -76.51
CA PRO S 210 -2.07 7.40 -75.93
C PRO S 210 -1.75 6.28 -74.97
N GLU S 211 -0.67 5.54 -75.24
CA GLU S 211 -0.30 4.41 -74.37
C GLU S 211 -0.05 4.89 -72.96
N ILE S 212 0.50 6.08 -72.82
CA ILE S 212 0.70 6.56 -71.47
C ILE S 212 -0.62 7.07 -70.87
N VAL S 213 -1.39 7.76 -71.73
CA VAL S 213 -2.68 8.33 -71.23
C VAL S 213 -3.49 7.18 -70.56
N GLU S 214 -3.57 6.05 -71.27
CA GLU S 214 -4.22 4.80 -70.84
C GLU S 214 -3.66 4.15 -69.59
N VAL S 215 -2.34 3.98 -69.48
CA VAL S 215 -1.77 3.41 -68.24
C VAL S 215 -2.02 4.27 -67.02
N LEU S 216 -1.85 5.58 -67.17
CA LEU S 216 -2.09 6.48 -66.01
C LEU S 216 -3.55 6.46 -65.58
N LEU S 217 -4.47 6.48 -66.55
CA LEU S 217 -5.93 6.49 -66.18
C LEU S 217 -6.25 5.19 -65.44
N LYS S 218 -5.68 4.10 -65.96
CA LYS S 218 -5.82 2.75 -65.42
C LYS S 218 -5.45 2.67 -63.92
N HIS S 219 -4.43 3.44 -63.51
CA HIS S 219 -4.01 3.42 -62.10
C HIS S 219 -4.54 4.58 -61.24
N GLY S 220 -5.63 5.21 -61.69
CA GLY S 220 -6.34 6.21 -60.89
C GLY S 220 -6.05 7.68 -61.20
N ALA S 221 -5.39 7.97 -62.30
CA ALA S 221 -5.15 9.39 -62.62
C ALA S 221 -6.49 10.13 -62.68
N ASP S 222 -6.54 11.33 -62.12
CA ASP S 222 -7.77 12.14 -62.16
C ASP S 222 -7.94 12.76 -63.57
N VAL S 223 -8.87 12.22 -64.35
CA VAL S 223 -9.13 12.59 -65.72
C VAL S 223 -9.51 14.06 -65.85
N ASN S 224 -9.97 14.66 -64.74
CA ASN S 224 -10.37 16.05 -64.77
C ASN S 224 -9.47 16.94 -63.93
N ALA S 225 -8.26 16.49 -63.61
CA ALA S 225 -7.31 17.36 -62.85
C ALA S 225 -7.05 18.65 -63.64
N ARG S 226 -6.95 19.79 -62.94
CA ARG S 226 -6.72 21.08 -63.63
C ARG S 226 -5.31 21.56 -63.40
N ASP S 227 -4.63 22.02 -64.44
CA ASP S 227 -3.28 22.62 -64.23
C ASP S 227 -3.39 24.11 -63.83
N THR S 228 -2.32 24.90 -63.80
CA THR S 228 -2.54 26.28 -63.32
C THR S 228 -3.34 27.19 -64.31
N ASP S 229 -3.57 26.71 -65.52
CA ASP S 229 -4.34 27.48 -66.49
C ASP S 229 -5.80 27.05 -66.49
N GLY S 230 -6.11 26.11 -65.60
CA GLY S 230 -7.51 25.64 -65.50
C GLY S 230 -7.73 24.53 -66.49
N TRP S 231 -6.67 24.12 -67.22
CA TRP S 231 -6.84 23.03 -68.24
C TRP S 231 -6.84 21.56 -67.71
N THR S 232 -7.75 20.73 -68.25
CA THR S 232 -7.74 19.30 -68.00
C THR S 232 -6.95 18.67 -69.11
N PRO S 233 -6.52 17.39 -68.95
CA PRO S 233 -5.94 16.64 -70.05
C PRO S 233 -6.78 16.70 -71.35
N LEU S 234 -8.11 16.78 -71.23
CA LEU S 234 -8.99 16.91 -72.42
C LEU S 234 -8.84 18.25 -73.15
N HIS S 235 -8.69 19.35 -72.41
CA HIS S 235 -8.37 20.62 -73.03
C HIS S 235 -7.07 20.49 -73.88
N LEU S 236 -6.04 19.89 -73.29
CA LEU S 236 -4.73 19.72 -74.00
C LEU S 236 -4.85 18.89 -75.26
N ALA S 237 -5.50 17.72 -75.13
CA ALA S 237 -5.70 16.84 -76.26
C ALA S 237 -6.51 17.47 -77.36
N ALA S 238 -7.61 18.16 -77.00
CA ALA S 238 -8.49 18.80 -78.01
C ALA S 238 -7.77 19.90 -78.81
N ASP S 239 -6.98 20.70 -78.10
CA ASP S 239 -6.24 21.86 -78.68
C ASP S 239 -5.12 21.39 -79.61
N ASN S 240 -4.48 20.30 -79.26
CA ASN S 240 -3.34 19.81 -80.02
C ASN S 240 -3.65 18.76 -81.07
N GLY S 241 -4.93 18.52 -81.36
CA GLY S 241 -5.28 17.63 -82.48
C GLY S 241 -5.14 16.16 -82.16
N HIS S 242 -5.08 15.83 -80.87
CA HIS S 242 -4.88 14.47 -80.47
C HIS S 242 -6.23 13.70 -80.39
N LEU S 243 -6.74 13.32 -81.54
CA LEU S 243 -8.07 12.71 -81.67
C LEU S 243 -8.18 11.43 -80.82
N GLU S 244 -7.23 10.52 -80.95
CA GLU S 244 -7.31 9.24 -80.21
C GLU S 244 -7.37 9.43 -78.69
N ILE S 245 -6.56 10.36 -78.17
CA ILE S 245 -6.53 10.68 -76.73
C ILE S 245 -7.82 11.31 -76.17
N VAL S 246 -8.38 12.20 -76.97
CA VAL S 246 -9.68 12.80 -76.66
C VAL S 246 -10.75 11.70 -76.41
N GLU S 247 -10.78 10.71 -77.31
CA GLU S 247 -11.76 9.58 -77.22
C GLU S 247 -11.56 8.82 -75.93
N VAL S 248 -10.28 8.52 -75.62
CA VAL S 248 -9.93 7.79 -74.42
C VAL S 248 -10.33 8.55 -73.15
N LEU S 249 -9.99 9.84 -73.08
CA LEU S 249 -10.27 10.65 -71.89
C LEU S 249 -11.77 10.71 -71.62
N LEU S 250 -12.54 10.86 -72.69
CA LEU S 250 -13.98 10.88 -72.52
C LEU S 250 -14.45 9.51 -71.97
N LYS S 251 -13.88 8.43 -72.45
CA LYS S 251 -14.33 7.09 -71.97
C LYS S 251 -14.18 6.92 -70.46
N TYR S 252 -13.12 7.50 -69.90
CA TYR S 252 -12.83 7.41 -68.49
C TYR S 252 -13.36 8.63 -67.66
N GLY S 253 -14.34 9.32 -68.21
CA GLY S 253 -15.11 10.29 -67.46
C GLY S 253 -14.70 11.77 -67.56
N ALA S 254 -13.89 12.17 -68.54
CA ALA S 254 -13.55 13.59 -68.73
C ALA S 254 -14.82 14.36 -68.96
N ASP S 255 -14.80 15.56 -68.39
CA ASP S 255 -15.91 16.50 -68.43
C ASP S 255 -15.74 17.23 -69.73
N VAL S 256 -16.59 16.84 -70.69
CA VAL S 256 -16.54 17.37 -72.04
C VAL S 256 -16.79 18.88 -72.16
N ASN S 257 -17.40 19.41 -71.11
CA ASN S 257 -17.74 20.83 -71.06
C ASN S 257 -16.96 21.60 -69.96
N ALA S 258 -15.88 21.00 -69.46
CA ALA S 258 -15.00 21.69 -68.49
C ALA S 258 -14.46 23.00 -69.08
N GLN S 259 -14.54 24.08 -68.30
CA GLN S 259 -14.09 25.42 -68.76
C GLN S 259 -12.75 25.74 -68.17
N ASP S 260 -11.80 26.30 -68.93
CA ASP S 260 -10.52 26.72 -68.27
C ASP S 260 -10.63 28.08 -67.61
N ALA S 261 -9.49 28.67 -67.25
CA ALA S 261 -9.46 29.95 -66.57
C ALA S 261 -10.17 31.09 -67.31
N TYR S 262 -10.23 30.95 -68.61
CA TYR S 262 -10.80 31.99 -69.46
C TYR S 262 -12.20 31.64 -69.96
N GLY S 263 -12.74 30.55 -69.44
CA GLY S 263 -14.08 30.05 -69.86
C GLY S 263 -14.10 29.16 -71.10
N LEU S 264 -12.94 28.76 -71.63
CA LEU S 264 -13.02 27.92 -72.86
C LEU S 264 -13.20 26.43 -72.52
N THR S 265 -14.00 25.78 -73.35
CA THR S 265 -14.17 24.36 -73.27
C THR S 265 -13.25 23.69 -74.30
N PRO S 266 -13.08 22.36 -74.19
CA PRO S 266 -12.27 21.64 -75.20
C PRO S 266 -12.90 21.83 -76.54
N LEU S 267 -14.19 22.14 -76.55
CA LEU S 267 -14.88 22.39 -77.87
C LEU S 267 -14.47 23.71 -78.48
N HIS S 268 -14.45 24.77 -77.67
CA HIS S 268 -13.96 26.06 -78.15
C HIS S 268 -12.51 25.91 -78.69
N LEU S 269 -11.67 25.14 -77.97
CA LEU S 269 -10.28 24.91 -78.40
C LEU S 269 -10.23 24.12 -79.68
N ALA S 270 -10.94 23.00 -79.78
CA ALA S 270 -10.96 22.22 -81.03
C ALA S 270 -11.52 23.00 -82.22
N ALA S 271 -12.55 23.80 -81.98
CA ALA S 271 -13.20 24.64 -82.98
C ALA S 271 -12.25 25.68 -83.51
N ASP S 272 -11.61 26.43 -82.62
CA ASP S 272 -10.74 27.50 -83.04
C ASP S 272 -9.57 26.91 -83.84
N ARG S 273 -9.10 25.73 -83.47
CA ARG S 273 -7.96 25.10 -84.17
C ARG S 273 -8.39 24.43 -85.47
N GLY S 274 -9.71 24.39 -85.68
CA GLY S 274 -10.23 23.68 -86.86
C GLY S 274 -10.12 22.14 -86.80
N HIS S 275 -10.02 21.56 -85.60
CA HIS S 275 -9.87 20.09 -85.50
C HIS S 275 -11.23 19.38 -85.57
N LEU S 276 -11.81 19.33 -86.77
CA LEU S 276 -13.20 18.79 -86.98
C LEU S 276 -13.52 17.38 -86.45
N GLU S 277 -12.59 16.45 -86.55
CA GLU S 277 -12.86 15.09 -86.06
C GLU S 277 -13.04 15.15 -84.54
N ILE S 278 -12.19 15.92 -83.86
CA ILE S 278 -12.35 16.08 -82.42
C ILE S 278 -13.69 16.79 -82.08
N VAL S 279 -14.05 17.81 -82.85
CA VAL S 279 -15.29 18.58 -82.64
C VAL S 279 -16.46 17.56 -82.68
N GLU S 280 -16.42 16.64 -83.65
CA GLU S 280 -17.46 15.59 -83.79
C GLU S 280 -17.54 14.70 -82.57
N VAL S 281 -16.37 14.29 -82.04
CA VAL S 281 -16.29 13.45 -80.87
C VAL S 281 -16.84 14.14 -79.63
N LEU S 282 -16.43 15.37 -79.43
CA LEU S 282 -16.88 16.21 -78.29
C LEU S 282 -18.39 16.44 -78.33
N LEU S 283 -18.92 16.75 -79.50
CA LEU S 283 -20.34 16.97 -79.68
C LEU S 283 -21.15 15.69 -79.37
N LYS S 284 -20.68 14.55 -79.86
CA LYS S 284 -21.35 13.24 -79.58
C LYS S 284 -21.42 12.99 -78.04
N HIS S 285 -20.43 13.48 -77.26
CA HIS S 285 -20.45 13.28 -75.79
C HIS S 285 -21.11 14.42 -75.00
N GLY S 286 -21.86 15.27 -75.70
CA GLY S 286 -22.71 16.27 -75.04
C GLY S 286 -22.07 17.66 -74.95
N ALA S 287 -20.98 17.89 -75.70
CA ALA S 287 -20.38 19.23 -75.71
C ALA S 287 -21.40 20.23 -76.20
N ASP S 288 -21.45 21.41 -75.56
CA ASP S 288 -22.47 22.42 -75.91
C ASP S 288 -21.88 23.47 -76.84
N VAL S 289 -22.32 23.41 -78.08
CA VAL S 289 -21.84 24.32 -79.11
C VAL S 289 -22.21 25.77 -78.80
N ASN S 290 -23.21 25.98 -77.93
CA ASN S 290 -23.67 27.34 -77.59
C ASN S 290 -23.08 27.90 -76.28
N ALA S 291 -22.18 27.15 -75.66
CA ALA S 291 -21.52 27.66 -74.44
C ALA S 291 -20.70 28.93 -74.70
N GLN S 292 -20.71 29.88 -73.78
CA GLN S 292 -20.01 31.14 -74.01
C GLN S 292 -18.79 31.08 -73.10
N ASP S 293 -17.64 31.53 -73.60
CA ASP S 293 -16.51 31.68 -72.71
C ASP S 293 -16.65 32.99 -71.95
N LYS S 294 -15.66 33.38 -71.19
CA LYS S 294 -15.75 34.66 -70.49
C LYS S 294 -15.72 35.88 -71.43
N PHE S 295 -15.27 35.73 -72.65
CA PHE S 295 -15.31 36.85 -73.61
C PHE S 295 -16.70 36.98 -74.27
N GLY S 296 -17.45 35.89 -74.38
CA GLY S 296 -18.82 35.93 -74.95
C GLY S 296 -18.93 35.07 -76.19
N LYS S 297 -17.81 34.45 -76.57
CA LYS S 297 -17.77 33.62 -77.76
C LYS S 297 -18.21 32.21 -77.55
N THR S 298 -18.96 31.72 -78.52
CA THR S 298 -19.38 30.34 -78.53
C THR S 298 -18.52 29.64 -79.59
N ALA S 299 -18.47 28.31 -79.49
CA ALA S 299 -17.81 27.47 -80.50
C ALA S 299 -18.34 27.67 -81.90
N PHE S 300 -19.66 27.73 -82.05
CA PHE S 300 -20.14 28.09 -83.36
C PHE S 300 -19.72 29.49 -83.84
N ASP S 301 -19.87 30.52 -82.98
CA ASP S 301 -19.55 31.86 -83.42
C ASP S 301 -18.10 31.93 -83.87
N ILE S 302 -17.23 31.16 -83.21
CA ILE S 302 -15.83 31.03 -83.58
C ILE S 302 -15.73 30.43 -85.00
N SER S 303 -16.50 29.38 -85.32
CA SER S 303 -16.34 28.86 -86.67
C SER S 303 -16.70 29.96 -87.74
N ILE S 304 -17.67 30.79 -87.39
CA ILE S 304 -18.08 31.89 -88.23
C ILE S 304 -16.97 32.97 -88.28
N ASP S 305 -16.47 33.40 -87.13
CA ASP S 305 -15.37 34.38 -87.14
C ASP S 305 -14.11 33.98 -87.92
N ASN S 306 -13.77 32.69 -87.89
CA ASN S 306 -12.60 32.20 -88.62
C ASN S 306 -12.88 31.91 -90.10
N GLY S 307 -14.14 32.07 -90.54
CA GLY S 307 -14.49 31.82 -91.95
C GLY S 307 -14.49 30.34 -92.30
N ASN S 308 -14.70 29.48 -91.31
CA ASN S 308 -14.63 28.03 -91.54
C ASN S 308 -16.02 27.40 -91.86
N GLU S 309 -16.33 27.30 -93.14
CA GLU S 309 -17.68 26.92 -93.55
C GLU S 309 -18.00 25.48 -93.12
N ASP S 310 -17.04 24.57 -93.26
CA ASP S 310 -17.23 23.17 -92.87
C ASP S 310 -17.42 22.97 -91.36
N LEU S 311 -16.64 23.72 -90.56
CA LEU S 311 -16.80 23.61 -89.10
C LEU S 311 -18.18 24.10 -88.68
N ALA S 312 -18.62 25.20 -89.27
CA ALA S 312 -19.92 25.79 -88.94
C ALA S 312 -21.06 24.81 -89.21
N GLU S 313 -20.81 23.86 -90.12
CA GLU S 313 -21.79 22.83 -90.43
C GLU S 313 -21.83 21.76 -89.34
N ILE S 314 -20.66 21.44 -88.78
CA ILE S 314 -20.56 20.44 -87.73
C ILE S 314 -21.14 20.97 -86.41
N LEU S 315 -20.88 22.24 -86.13
CA LEU S 315 -21.39 22.88 -84.89
C LEU S 315 -22.84 23.39 -84.87
N GLN S 316 -23.62 23.18 -85.94
CA GLN S 316 -25.02 23.66 -86.03
C GLN S 316 -25.87 22.83 -86.98
N LYS T 23 -1.03 11.76 -23.75
CA LYS T 23 -0.57 11.76 -22.36
C LYS T 23 -0.54 10.35 -21.76
N ASP T 24 -1.68 9.66 -21.79
CA ASP T 24 -1.78 8.30 -21.25
C ASP T 24 -1.02 7.29 -22.10
N SER T 25 -0.10 6.58 -21.47
CA SER T 25 0.77 5.62 -22.17
C SER T 25 0.02 4.57 -22.98
N PRO T 26 -1.00 3.89 -22.40
CA PRO T 26 -1.69 2.90 -23.22
C PRO T 26 -2.19 3.46 -24.55
N ILE T 27 -2.63 4.71 -24.54
CA ILE T 27 -3.15 5.35 -25.75
C ILE T 27 -2.01 5.60 -26.75
N ILE T 28 -0.92 6.16 -26.24
CA ILE T 28 0.24 6.49 -27.07
C ILE T 28 0.86 5.23 -27.66
N GLU T 29 1.07 4.21 -26.83
CA GLU T 29 1.69 2.97 -27.30
C GLU T 29 0.83 2.26 -28.34
N ALA T 30 -0.48 2.22 -28.13
CA ALA T 30 -1.38 1.60 -29.09
C ALA T 30 -1.30 2.31 -30.45
N ASN T 31 -1.34 3.64 -30.44
CA ASN T 31 -1.28 4.38 -31.70
C ASN T 31 0.08 4.22 -32.39
N GLY T 32 1.16 4.30 -31.61
CA GLY T 32 2.49 4.12 -32.15
C GLY T 32 2.70 2.74 -32.75
N THR T 33 2.17 1.71 -32.09
CA THR T 33 2.28 0.35 -32.59
C THR T 33 1.46 0.16 -33.89
N LEU T 34 0.25 0.74 -33.92
CA LEU T 34 -0.56 0.71 -35.14
C LEU T 34 0.13 1.44 -36.29
N ASP T 35 0.80 2.54 -35.94
CA ASP T 35 1.61 3.28 -36.91
C ASP T 35 2.70 2.39 -37.48
N GLU T 36 3.41 1.68 -36.60
CA GLU T 36 4.39 0.68 -37.00
C GLU T 36 3.78 -0.40 -37.88
N LEU T 37 2.58 -0.87 -37.51
CA LEU T 37 1.90 -1.91 -38.26
C LEU T 37 1.63 -1.46 -39.70
N THR T 38 1.01 -0.30 -39.87
CA THR T 38 0.67 0.13 -41.22
C THR T 38 1.91 0.37 -42.05
N SER T 39 3.01 0.76 -41.40
CA SER T 39 4.27 0.98 -42.10
C SER T 39 4.78 -0.30 -42.78
N PHE T 40 4.81 -1.41 -42.03
CA PHE T 40 5.25 -2.68 -42.61
C PHE T 40 4.27 -3.17 -43.68
N ILE T 41 2.98 -2.91 -43.47
CA ILE T 41 1.98 -3.25 -44.48
C ILE T 41 2.27 -2.45 -45.76
N GLY T 42 2.57 -1.17 -45.58
CA GLY T 42 2.98 -0.32 -46.69
C GLY T 42 4.16 -0.89 -47.45
N GLU T 43 5.07 -1.56 -46.75
CA GLU T 43 6.17 -2.24 -47.42
C GLU T 43 5.68 -3.50 -48.14
N ALA T 44 4.93 -4.33 -47.44
CA ALA T 44 4.49 -5.63 -47.97
C ALA T 44 3.72 -5.51 -49.27
N LYS T 45 2.90 -4.47 -49.41
CA LYS T 45 2.06 -4.30 -50.60
C LYS T 45 2.87 -4.13 -51.88
N HIS T 46 4.18 -3.99 -51.78
CA HIS T 46 5.03 -3.89 -52.96
C HIS T 46 5.56 -5.24 -53.41
N TYR T 47 5.18 -6.30 -52.71
CA TYR T 47 5.63 -7.64 -53.05
C TYR T 47 4.46 -8.55 -53.42
N VAL T 48 3.25 -8.00 -53.41
CA VAL T 48 2.05 -8.80 -53.68
C VAL T 48 1.37 -8.39 -54.99
N ASP T 49 0.35 -9.14 -55.40
CA ASP T 49 -0.36 -8.83 -56.64
C ASP T 49 -1.35 -7.69 -56.44
N GLU T 50 -2.04 -7.32 -57.52
CA GLU T 50 -2.96 -6.18 -57.49
C GLU T 50 -4.14 -6.34 -56.54
N GLU T 51 -4.71 -7.53 -56.46
CA GLU T 51 -5.84 -7.76 -55.56
C GLU T 51 -5.43 -7.54 -54.11
N MET T 52 -4.34 -8.17 -53.70
CA MET T 52 -3.86 -8.02 -52.33
C MET T 52 -3.45 -6.58 -52.04
N LYS T 53 -2.83 -5.92 -53.02
CA LYS T 53 -2.42 -4.53 -52.84
C LYS T 53 -3.62 -3.66 -52.46
N GLY T 54 -4.71 -3.81 -53.21
CA GLY T 54 -5.95 -3.11 -52.94
C GLY T 54 -6.49 -3.42 -51.55
N ILE T 55 -6.46 -4.69 -51.17
CA ILE T 55 -6.89 -5.11 -49.84
C ILE T 55 -6.04 -4.48 -48.74
N LEU T 56 -4.72 -4.54 -48.91
CA LEU T 56 -3.82 -4.02 -47.88
C LEU T 56 -4.01 -2.51 -47.69
N GLU T 57 -4.23 -1.78 -48.78
CA GLU T 57 -4.45 -0.33 -48.67
C GLU T 57 -5.76 -0.01 -47.98
N GLU T 58 -6.81 -0.81 -48.23
CA GLU T 58 -8.06 -0.62 -47.50
C GLU T 58 -7.82 -0.80 -46.01
N ILE T 59 -6.99 -1.79 -45.67
CA ILE T 59 -6.59 -2.04 -44.29
C ILE T 59 -5.82 -0.86 -43.70
N GLN T 60 -4.89 -0.31 -44.47
CA GLN T 60 -4.16 0.88 -44.01
C GLN T 60 -5.11 2.00 -43.61
N ASN T 61 -6.14 2.22 -44.42
CA ASN T 61 -7.15 3.23 -44.09
C ASN T 61 -7.90 2.91 -42.81
N ASP T 62 -8.27 1.65 -42.62
CA ASP T 62 -8.94 1.20 -41.41
C ASP T 62 -8.08 1.44 -40.17
N ILE T 63 -6.78 1.16 -40.29
CA ILE T 63 -5.87 1.37 -39.18
C ILE T 63 -5.84 2.84 -38.77
N TYR T 64 -5.77 3.73 -39.77
CA TYR T 64 -5.80 5.16 -39.52
C TYR T 64 -7.06 5.53 -38.73
N LYS T 65 -8.20 5.01 -39.16
CA LYS T 65 -9.47 5.26 -38.49
C LYS T 65 -9.42 4.75 -37.04
N ILE T 66 -8.84 3.58 -36.84
CA ILE T 66 -8.70 3.02 -35.50
C ILE T 66 -7.86 3.94 -34.62
N MET T 67 -6.74 4.42 -35.16
CA MET T 67 -5.88 5.36 -34.42
C MET T 67 -6.62 6.64 -34.02
N GLY T 68 -7.47 7.14 -34.90
CA GLY T 68 -8.29 8.30 -34.59
C GLY T 68 -9.21 8.08 -33.41
N GLU T 69 -9.80 6.89 -33.33
CA GLU T 69 -10.65 6.53 -32.20
C GLU T 69 -9.85 6.40 -30.91
N ILE T 70 -8.72 5.70 -30.98
CA ILE T 70 -7.91 5.48 -29.79
C ILE T 70 -7.35 6.79 -29.26
N GLY T 71 -6.73 7.57 -30.14
CA GLY T 71 -6.14 8.84 -29.77
C GLY T 71 -7.12 9.82 -29.19
N SER T 72 -8.40 9.66 -29.51
CA SER T 72 -9.44 10.53 -28.97
C SER T 72 -10.24 9.86 -27.85
N LYS T 73 -9.78 8.71 -27.40
CA LYS T 73 -10.43 7.94 -26.33
C LYS T 73 -11.92 7.72 -26.60
N GLY T 74 -12.25 7.36 -27.85
CA GLY T 74 -13.61 7.05 -28.22
C GLY T 74 -14.50 8.25 -28.51
N LYS T 75 -13.92 9.44 -28.52
CA LYS T 75 -14.68 10.64 -28.82
C LYS T 75 -14.90 10.81 -30.32
N ILE T 76 -13.88 10.48 -31.11
CA ILE T 76 -13.98 10.51 -32.56
C ILE T 76 -14.31 9.11 -33.06
N GLU T 77 -15.33 8.99 -33.90
CA GLU T 77 -15.75 7.68 -34.42
C GLU T 77 -14.64 6.99 -35.23
N GLY T 78 -14.48 5.69 -34.99
CA GLY T 78 -13.47 4.91 -35.71
C GLY T 78 -14.05 4.09 -36.85
N ILE T 79 -13.58 2.86 -37.01
CA ILE T 79 -14.07 2.02 -38.12
C ILE T 79 -15.50 1.57 -37.89
N SER T 80 -16.28 1.55 -38.95
CA SER T 80 -17.64 1.05 -38.90
C SER T 80 -17.64 -0.47 -38.81
N GLU T 81 -18.77 -1.01 -38.37
CA GLU T 81 -18.91 -2.46 -38.21
C GLU T 81 -18.75 -3.19 -39.54
N GLU T 82 -18.95 -2.47 -40.64
CA GLU T 82 -18.80 -3.04 -41.98
C GLU T 82 -17.36 -3.47 -42.25
N ARG T 83 -16.41 -2.85 -41.59
CA ARG T 83 -14.99 -3.13 -41.84
C ARG T 83 -14.64 -4.50 -41.28
N ILE T 84 -15.28 -4.87 -40.18
CA ILE T 84 -15.09 -6.21 -39.61
C ILE T 84 -15.70 -7.27 -40.53
N ALA T 85 -16.94 -7.03 -40.97
CA ALA T 85 -17.59 -7.94 -41.92
C ALA T 85 -16.78 -8.02 -43.21
N TRP T 86 -16.21 -6.88 -43.62
CA TRP T 86 -15.37 -6.81 -44.81
C TRP T 86 -14.16 -7.76 -44.73
N LEU T 87 -13.48 -7.76 -43.59
CA LEU T 87 -12.40 -8.74 -43.35
C LEU T 87 -12.93 -10.17 -43.43
N LEU T 88 -14.06 -10.41 -42.76
CA LEU T 88 -14.61 -11.75 -42.65
C LEU T 88 -14.92 -12.34 -44.02
N LYS T 89 -15.42 -11.51 -44.93
CA LYS T 89 -15.70 -11.94 -46.30
C LYS T 89 -14.43 -12.39 -46.99
N LEU T 90 -13.37 -11.59 -46.85
CA LEU T 90 -12.08 -11.95 -47.43
C LEU T 90 -11.52 -13.21 -46.78
N ILE T 91 -11.68 -13.32 -45.47
CA ILE T 91 -11.19 -14.48 -44.74
C ILE T 91 -11.87 -15.76 -45.24
N LEU T 92 -13.20 -15.74 -45.34
CA LEU T 92 -13.93 -16.89 -45.85
C LEU T 92 -13.57 -17.18 -47.31
N ARG T 93 -13.41 -16.13 -48.10
CA ARG T 93 -13.02 -16.29 -49.50
C ARG T 93 -11.70 -17.07 -49.62
N TYR T 94 -10.69 -16.66 -48.84
CA TYR T 94 -9.39 -17.30 -48.96
C TYR T 94 -9.27 -18.58 -48.12
N MET T 95 -10.04 -18.67 -47.05
CA MET T 95 -10.04 -19.88 -46.24
C MET T 95 -10.42 -21.10 -47.07
N GLU T 96 -11.38 -20.92 -47.99
CA GLU T 96 -11.76 -21.97 -48.93
C GLU T 96 -10.58 -22.42 -49.78
N MET T 97 -9.59 -21.55 -49.94
CA MET T 97 -8.47 -21.81 -50.83
C MET T 97 -7.29 -22.45 -50.10
N VAL T 98 -7.38 -22.51 -48.78
CA VAL T 98 -6.24 -22.90 -47.95
C VAL T 98 -6.58 -24.16 -47.14
N ASN T 99 -5.79 -25.21 -47.35
CA ASN T 99 -6.04 -26.50 -46.71
C ASN T 99 -4.80 -27.01 -45.97
N LEU T 100 -4.44 -26.33 -44.90
CA LEU T 100 -3.27 -26.68 -44.09
C LEU T 100 -3.48 -27.94 -43.25
N LYS T 101 -2.59 -28.92 -43.44
CA LYS T 101 -2.73 -30.22 -42.80
C LYS T 101 -1.86 -30.31 -41.55
N SER T 102 -0.76 -29.57 -41.55
CA SER T 102 0.24 -29.68 -40.48
C SER T 102 0.89 -28.34 -40.17
N PHE T 103 1.78 -28.35 -39.17
CA PHE T 103 2.51 -27.15 -38.80
C PHE T 103 3.55 -26.85 -39.89
N VAL T 104 3.63 -25.60 -40.31
CA VAL T 104 4.66 -25.17 -41.24
C VAL T 104 5.39 -23.94 -40.68
N LEU T 105 6.66 -23.76 -41.04
CA LEU T 105 7.44 -22.65 -40.51
C LEU T 105 7.08 -21.36 -41.25
N PRO T 106 7.01 -20.24 -40.53
CA PRO T 106 6.72 -18.94 -41.15
C PRO T 106 7.70 -18.60 -42.27
N GLY T 107 7.22 -17.92 -43.31
CA GLY T 107 8.09 -17.49 -44.39
C GLY T 107 8.51 -18.54 -45.40
N GLY T 108 7.55 -19.38 -45.82
CA GLY T 108 7.83 -20.40 -46.82
C GLY T 108 8.39 -19.79 -48.09
N THR T 109 7.91 -18.60 -48.43
CA THR T 109 8.45 -17.85 -49.56
C THR T 109 8.85 -16.46 -49.08
N LEU T 110 9.61 -15.74 -49.90
CA LEU T 110 9.98 -14.37 -49.57
C LEU T 110 8.72 -13.50 -49.38
N GLU T 111 7.75 -13.67 -50.27
CA GLU T 111 6.52 -12.90 -50.23
C GLU T 111 5.67 -13.25 -49.00
N SER T 112 5.51 -14.54 -48.74
CA SER T 112 4.71 -14.97 -47.61
C SER T 112 5.35 -14.53 -46.30
N ALA T 113 6.68 -14.46 -46.27
CA ALA T 113 7.39 -13.98 -45.09
C ALA T 113 6.96 -12.56 -44.71
N LYS T 114 6.76 -11.71 -45.73
CA LYS T 114 6.31 -10.34 -45.48
C LYS T 114 4.95 -10.35 -44.77
N LEU T 115 4.09 -11.27 -45.16
CA LEU T 115 2.75 -11.35 -44.57
C LEU T 115 2.84 -11.88 -43.14
N ASP T 116 3.74 -12.82 -42.91
CA ASP T 116 3.91 -13.41 -41.58
C ASP T 116 4.47 -12.37 -40.62
N VAL T 117 5.37 -11.53 -41.12
CA VAL T 117 5.89 -10.43 -40.31
C VAL T 117 4.74 -9.49 -39.94
N CYS T 118 3.92 -9.12 -40.91
CA CYS T 118 2.75 -8.28 -40.63
C CYS T 118 1.80 -8.95 -39.63
N ARG T 119 1.60 -10.25 -39.78
CA ARG T 119 0.73 -11.00 -38.88
C ARG T 119 1.17 -10.86 -37.42
N THR T 120 2.45 -11.11 -37.15
CA THR T 120 2.93 -11.09 -35.78
C THR T 120 2.90 -9.67 -35.20
N ILE T 121 3.19 -8.67 -36.03
CA ILE T 121 3.11 -7.27 -35.59
C ILE T 121 1.66 -6.91 -35.26
N ALA T 122 0.74 -7.33 -36.12
CA ALA T 122 -0.68 -7.04 -35.91
C ALA T 122 -1.13 -7.55 -34.55
N ARG T 123 -0.65 -8.74 -34.19
CA ARG T 123 -0.93 -9.32 -32.88
C ARG T 123 -0.34 -8.46 -31.75
N ARG T 124 0.87 -7.94 -31.96
CA ARG T 124 1.44 -7.01 -30.98
C ARG T 124 0.57 -5.77 -30.88
N ALA T 125 0.08 -5.27 -32.01
CA ALA T 125 -0.83 -4.14 -32.03
C ALA T 125 -2.12 -4.46 -31.28
N LEU T 126 -2.63 -5.66 -31.48
CA LEU T 126 -3.85 -6.10 -30.81
C LEU T 126 -3.70 -6.05 -29.29
N ARG T 127 -2.56 -6.55 -28.76
CA ARG T 127 -2.34 -6.54 -27.32
C ARG T 127 -2.36 -5.13 -26.74
N LYS T 128 -1.76 -4.18 -27.46
CA LYS T 128 -1.73 -2.79 -27.00
C LYS T 128 -3.12 -2.16 -27.04
N VAL T 129 -3.83 -2.36 -28.14
CA VAL T 129 -5.17 -1.82 -28.29
C VAL T 129 -6.14 -2.47 -27.29
N LEU T 130 -6.04 -3.78 -27.13
CA LEU T 130 -6.87 -4.49 -26.15
C LEU T 130 -6.62 -3.97 -24.73
N THR T 131 -5.37 -3.67 -24.42
CA THR T 131 -5.03 -3.08 -23.12
C THR T 131 -5.80 -1.78 -22.94
N VAL T 132 -5.80 -0.94 -23.97
CA VAL T 132 -6.53 0.32 -23.93
C VAL T 132 -8.02 0.08 -23.70
N THR T 133 -8.59 -0.89 -24.41
CA THR T 133 -10.00 -1.23 -24.26
C THR T 133 -10.33 -1.65 -22.82
N ARG T 134 -9.47 -2.50 -22.25
CA ARG T 134 -9.70 -2.98 -20.91
C ARG T 134 -9.59 -1.88 -19.86
N GLU T 135 -8.79 -0.86 -20.14
CA GLU T 135 -8.59 0.23 -19.19
C GLU T 135 -9.51 1.43 -19.46
N PHE T 136 -9.86 1.66 -20.73
CA PHE T 136 -10.63 2.85 -21.09
C PHE T 136 -12.06 2.55 -21.54
N GLY T 137 -12.33 1.29 -21.83
CA GLY T 137 -13.66 0.88 -22.23
C GLY T 137 -14.02 1.25 -23.66
N ILE T 138 -13.00 1.53 -24.47
CA ILE T 138 -13.25 1.94 -25.85
C ILE T 138 -12.48 1.05 -26.82
N GLY T 139 -12.90 1.05 -28.08
CA GLY T 139 -12.14 0.39 -29.13
C GLY T 139 -12.35 -1.11 -29.24
N ALA T 140 -13.39 -1.63 -28.62
CA ALA T 140 -13.63 -3.07 -28.64
C ALA T 140 -13.78 -3.59 -30.09
N GLU T 141 -14.45 -2.82 -30.94
CA GLU T 141 -14.61 -3.18 -32.34
C GLU T 141 -13.27 -3.16 -33.06
N ALA T 142 -12.45 -2.16 -32.75
CA ALA T 142 -11.12 -2.08 -33.35
C ALA T 142 -10.29 -3.29 -32.97
N ALA T 143 -10.41 -3.72 -31.72
CA ALA T 143 -9.69 -4.89 -31.24
C ALA T 143 -10.13 -6.13 -32.02
N ALA T 144 -11.44 -6.28 -32.18
CA ALA T 144 -12.01 -7.38 -32.94
C ALA T 144 -11.52 -7.33 -34.39
N TYR T 145 -11.47 -6.12 -34.94
CA TYR T 145 -10.96 -5.90 -36.30
C TYR T 145 -9.52 -6.39 -36.41
N LEU T 146 -8.67 -5.93 -35.50
CA LEU T 146 -7.26 -6.31 -35.52
C LEU T 146 -7.08 -7.82 -35.32
N LEU T 147 -7.92 -8.41 -34.49
CA LEU T 147 -7.91 -9.86 -34.32
C LEU T 147 -8.19 -10.54 -35.66
N ALA T 148 -9.27 -10.12 -36.31
CA ALA T 148 -9.62 -10.66 -37.63
C ALA T 148 -8.51 -10.41 -38.65
N LEU T 149 -7.87 -9.24 -38.54
CA LEU T 149 -6.77 -8.88 -39.45
C LEU T 149 -5.65 -9.91 -39.37
N SER T 150 -5.22 -10.25 -38.16
CA SER T 150 -4.13 -11.19 -37.99
C SER T 150 -4.50 -12.54 -38.62
N ASP T 151 -5.78 -12.92 -38.51
CA ASP T 151 -6.24 -14.15 -39.12
C ASP T 151 -6.16 -14.08 -40.66
N LEU T 152 -6.61 -12.96 -41.23
CA LEU T 152 -6.53 -12.77 -42.68
C LEU T 152 -5.08 -12.80 -43.18
N LEU T 153 -4.20 -12.13 -42.46
CA LEU T 153 -2.78 -12.09 -42.81
C LEU T 153 -2.18 -13.49 -42.81
N PHE T 154 -2.55 -14.30 -41.81
CA PHE T 154 -2.08 -15.70 -41.75
C PHE T 154 -2.46 -16.44 -43.04
N LEU T 155 -3.73 -16.37 -43.39
CA LEU T 155 -4.23 -17.06 -44.59
C LEU T 155 -3.54 -16.58 -45.86
N LEU T 156 -3.36 -15.26 -46.00
CA LEU T 156 -2.76 -14.70 -47.20
C LEU T 156 -1.34 -15.25 -47.41
N ALA T 157 -0.59 -15.34 -46.32
CA ALA T 157 0.74 -15.93 -46.35
C ALA T 157 0.69 -17.37 -46.85
N ARG T 158 -0.27 -18.14 -46.36
CA ARG T 158 -0.43 -19.52 -46.80
C ARG T 158 -0.83 -19.61 -48.27
N VAL T 159 -1.71 -18.71 -48.71
CA VAL T 159 -2.14 -18.69 -50.12
C VAL T 159 -0.95 -18.48 -51.04
N ILE T 160 -0.06 -17.56 -50.66
CA ILE T 160 1.16 -17.31 -51.42
C ILE T 160 1.97 -18.60 -51.59
N GLU T 161 2.16 -19.33 -50.49
CA GLU T 161 2.90 -20.58 -50.54
C GLU T 161 2.20 -21.62 -51.40
N ILE T 162 0.86 -21.65 -51.35
CA ILE T 162 0.08 -22.58 -52.18
C ILE T 162 0.27 -22.25 -53.65
N GLU T 163 0.18 -20.96 -53.96
CA GLU T 163 0.35 -20.46 -55.32
C GLU T 163 1.72 -20.77 -55.89
N LEU T 164 2.88 -20.60 -54.88
CA LEU T 164 4.13 -21.02 -55.47
C LEU T 164 4.12 -22.52 -55.73
N GLY T 165 3.43 -23.27 -54.86
CA GLY T 165 3.20 -24.70 -55.04
C GLY T 165 2.61 -25.00 -56.42
N LYS T 166 1.52 -24.33 -56.75
CA LYS T 166 0.87 -24.51 -58.06
C LYS T 166 1.77 -24.16 -59.27
N LYS T 167 2.52 -23.05 -59.18
CA LYS T 167 3.49 -22.71 -60.22
C LYS T 167 4.60 -23.77 -60.38
N LEU T 168 5.09 -24.33 -59.27
CA LEU T 168 6.08 -25.41 -59.39
C LEU T 168 5.47 -26.68 -60.03
N LEU T 169 4.22 -26.98 -59.67
CA LEU T 169 3.52 -28.12 -60.33
C LEU T 169 3.45 -27.93 -61.84
N GLU T 170 3.07 -26.73 -62.27
CA GLU T 170 3.02 -26.33 -63.70
C GLU T 170 4.38 -26.39 -64.41
N ALA T 171 5.38 -25.83 -63.74
CA ALA T 171 6.74 -25.83 -64.25
C ALA T 171 7.24 -27.27 -64.47
N ALA T 172 7.00 -28.13 -63.48
CA ALA T 172 7.41 -29.52 -63.61
C ALA T 172 6.69 -30.23 -64.78
N ARG T 173 5.40 -29.96 -64.91
CA ARG T 173 4.60 -30.55 -65.99
C ARG T 173 5.08 -30.07 -67.36
N ALA T 174 5.52 -28.82 -67.42
CA ALA T 174 6.01 -28.23 -68.67
C ALA T 174 7.39 -28.76 -69.02
N GLY T 175 8.21 -29.03 -68.00
CA GLY T 175 9.55 -29.55 -68.20
C GLY T 175 10.60 -28.46 -68.17
N GLN T 176 10.28 -27.35 -67.51
CA GLN T 176 11.17 -26.19 -67.46
C GLN T 176 12.16 -26.31 -66.31
N ASP T 177 13.41 -26.64 -66.63
CA ASP T 177 14.44 -26.89 -65.61
C ASP T 177 14.85 -25.64 -64.83
N ASP T 178 14.96 -24.51 -65.53
CA ASP T 178 15.28 -23.25 -64.87
C ASP T 178 14.10 -22.74 -64.06
N GLU T 179 12.88 -22.94 -64.53
CA GLU T 179 11.74 -22.34 -63.86
C GLU T 179 11.62 -22.91 -62.45
N VAL T 180 11.63 -24.25 -62.40
CA VAL T 180 11.53 -25.01 -61.16
C VAL T 180 12.67 -24.66 -60.19
N ARG T 181 13.87 -24.46 -60.70
CA ARG T 181 14.96 -24.06 -59.81
C ARG T 181 14.69 -22.73 -59.09
N ILE T 182 14.26 -21.74 -59.88
CA ILE T 182 13.97 -20.40 -59.44
C ILE T 182 12.81 -20.45 -58.44
N LEU T 183 11.74 -21.17 -58.79
CA LEU T 183 10.54 -21.24 -57.93
C LEU T 183 10.92 -21.83 -56.57
N MET T 184 11.74 -22.88 -56.58
CA MET T 184 12.25 -23.44 -55.34
C MET T 184 13.16 -22.46 -54.59
N ALA T 185 14.05 -21.78 -55.30
CA ALA T 185 14.89 -20.75 -54.67
C ALA T 185 14.02 -19.67 -53.99
N ASN T 186 12.87 -19.37 -54.58
CA ASN T 186 11.95 -18.39 -54.00
C ASN T 186 10.99 -18.97 -52.97
N GLY T 187 11.18 -20.23 -52.60
CA GLY T 187 10.34 -20.84 -51.57
C GLY T 187 9.31 -21.87 -51.99
N ALA T 188 9.13 -22.16 -53.28
CA ALA T 188 8.15 -23.22 -53.68
C ALA T 188 8.48 -24.55 -53.03
N ASP T 189 7.46 -25.21 -52.49
CA ASP T 189 7.56 -26.53 -51.79
C ASP T 189 7.67 -27.70 -52.83
N VAL T 190 8.84 -28.36 -52.91
CA VAL T 190 9.03 -29.46 -53.83
C VAL T 190 8.09 -30.60 -53.59
N ASN T 191 7.48 -30.62 -52.40
CA ASN T 191 6.52 -31.62 -52.04
C ASN T 191 5.07 -31.12 -52.04
N ALA T 192 4.82 -29.95 -52.69
CA ALA T 192 3.44 -29.48 -52.89
C ALA T 192 2.68 -30.52 -53.71
N HIS T 193 1.37 -30.51 -53.62
CA HIS T 193 0.61 -31.47 -54.40
C HIS T 193 -0.67 -30.82 -54.96
N ASP T 194 -1.20 -31.37 -56.05
CA ASP T 194 -2.46 -30.91 -56.59
C ASP T 194 -3.66 -31.60 -55.92
N ASP T 195 -4.86 -31.37 -56.46
CA ASP T 195 -6.06 -31.90 -55.85
C ASP T 195 -6.09 -33.43 -55.93
N GLN T 196 -5.32 -33.96 -56.88
CA GLN T 196 -5.15 -35.38 -57.17
C GLN T 196 -3.94 -36.05 -56.41
N GLY T 197 -3.27 -35.27 -55.55
CA GLY T 197 -2.15 -35.80 -54.75
C GLY T 197 -0.81 -35.90 -55.46
N SER T 198 -0.75 -35.48 -56.72
CA SER T 198 0.46 -35.56 -57.51
C SER T 198 1.35 -34.38 -57.17
N THR T 199 2.61 -34.66 -56.87
CA THR T 199 3.61 -33.61 -56.56
C THR T 199 4.33 -33.20 -57.82
N PRO T 200 5.09 -32.08 -57.77
CA PRO T 200 5.92 -31.79 -58.99
C PRO T 200 6.79 -33.02 -59.44
N LEU T 201 7.22 -33.85 -58.49
CA LEU T 201 8.03 -35.05 -58.84
C LEU T 201 7.21 -36.13 -59.58
N HIS T 202 5.97 -36.40 -59.13
CA HIS T 202 5.06 -37.31 -59.85
C HIS T 202 4.85 -36.73 -61.27
N LEU T 203 4.62 -35.41 -61.37
CA LEU T 203 4.40 -34.85 -62.72
C LEU T 203 5.60 -35.04 -63.65
N ALA T 204 6.79 -34.81 -63.15
CA ALA T 204 8.00 -35.08 -63.96
C ALA T 204 8.15 -36.55 -64.33
N ALA T 205 7.86 -37.44 -63.38
CA ALA T 205 7.94 -38.90 -63.67
C ALA T 205 6.91 -39.36 -64.71
N TRP T 206 5.69 -38.84 -64.62
CA TRP T 206 4.61 -39.21 -65.53
C TRP T 206 4.85 -38.58 -66.92
N ILE T 207 5.13 -37.28 -66.93
CA ILE T 207 5.27 -36.58 -68.23
C ILE T 207 6.55 -37.02 -69.01
N GLY T 208 7.66 -37.25 -68.31
CA GLY T 208 8.88 -37.73 -68.98
C GLY T 208 9.96 -36.65 -69.09
N HIS T 209 10.23 -35.97 -67.98
CA HIS T 209 11.29 -34.98 -67.91
C HIS T 209 12.32 -35.35 -66.86
N PRO T 210 13.30 -36.21 -67.22
CA PRO T 210 14.37 -36.63 -66.33
C PRO T 210 15.09 -35.52 -65.60
N GLU T 211 15.32 -34.40 -66.28
CA GLU T 211 16.03 -33.28 -65.64
C GLU T 211 15.21 -32.72 -64.50
N ILE T 212 13.92 -32.69 -64.67
CA ILE T 212 13.12 -32.19 -63.56
C ILE T 212 13.12 -33.21 -62.39
N VAL T 213 13.01 -34.49 -62.77
CA VAL T 213 12.99 -35.54 -61.71
C VAL T 213 14.22 -35.34 -60.78
N GLU T 214 15.39 -35.18 -61.43
CA GLU T 214 16.69 -34.90 -60.79
C GLU T 214 16.79 -33.63 -59.96
N VAL T 215 16.33 -32.50 -60.48
CA VAL T 215 16.38 -31.25 -59.69
C VAL T 215 15.48 -31.31 -58.46
N LEU T 216 14.27 -31.84 -58.63
CA LEU T 216 13.35 -31.92 -57.46
C LEU T 216 13.88 -32.87 -56.40
N LEU T 217 14.43 -34.02 -56.82
CA LEU T 217 14.95 -35.00 -55.81
C LEU T 217 16.10 -34.33 -55.04
N LYS T 218 16.93 -33.62 -55.79
CA LYS T 218 18.07 -32.84 -55.29
C LYS T 218 17.64 -31.84 -54.18
N HIS T 219 16.45 -31.25 -54.33
CA HIS T 219 15.97 -30.28 -53.33
C HIS T 219 15.01 -30.86 -52.26
N GLY T 220 15.03 -32.18 -52.11
CA GLY T 220 14.30 -32.85 -51.02
C GLY T 220 12.92 -33.42 -51.37
N ALA T 221 12.57 -33.49 -52.64
CA ALA T 221 11.27 -34.09 -52.96
C ALA T 221 11.21 -35.51 -52.45
N ASP T 222 10.09 -35.93 -51.88
CA ASP T 222 9.95 -37.29 -51.37
C ASP T 222 9.73 -38.29 -52.53
N VAL T 223 10.77 -39.08 -52.84
CA VAL T 223 10.80 -40.03 -53.93
C VAL T 223 9.71 -41.08 -53.79
N ASN T 224 9.19 -41.25 -52.57
CA ASN T 224 8.17 -42.25 -52.34
C ASN T 224 6.83 -41.66 -51.94
N ALA T 225 6.60 -40.37 -52.26
CA ALA T 225 5.27 -39.76 -51.97
C ALA T 225 4.17 -40.53 -52.75
N ARG T 226 3.01 -40.70 -52.14
CA ARG T 226 1.89 -41.38 -52.82
C ARG T 226 0.87 -40.38 -53.29
N ASP T 227 0.38 -40.53 -54.52
CA ASP T 227 -0.77 -39.67 -54.96
C ASP T 227 -2.12 -40.27 -54.52
N THR T 228 -3.27 -39.80 -54.97
CA THR T 228 -4.50 -40.40 -54.43
C THR T 228 -4.78 -41.86 -54.90
N ASP T 229 -4.01 -42.33 -55.87
CA ASP T 229 -4.19 -43.69 -56.37
C ASP T 229 -3.20 -44.64 -55.72
N GLY T 230 -2.40 -44.09 -54.79
CA GLY T 230 -1.43 -44.92 -54.07
C GLY T 230 -0.15 -45.00 -54.88
N TRP T 231 -0.09 -44.29 -56.01
CA TRP T 231 1.16 -44.33 -56.86
C TRP T 231 2.34 -43.42 -56.42
N THR T 232 3.57 -43.96 -56.50
CA THR T 232 4.78 -43.16 -56.31
C THR T 232 5.22 -42.72 -57.69
N PRO T 233 6.12 -41.70 -57.76
CA PRO T 233 6.76 -41.37 -59.02
C PRO T 233 7.35 -42.58 -59.78
N LEU T 234 7.81 -43.59 -59.05
CA LEU T 234 8.35 -44.83 -59.68
C LEU T 234 7.28 -45.67 -60.39
N HIS T 235 6.09 -45.79 -59.80
CA HIS T 235 4.99 -46.45 -60.48
C HIS T 235 4.69 -45.72 -61.82
N LEU T 236 4.64 -44.40 -61.77
CA LEU T 236 4.35 -43.59 -62.99
C LEU T 236 5.40 -43.80 -64.08
N ALA T 237 6.67 -43.65 -63.71
CA ALA T 237 7.75 -43.84 -64.64
C ALA T 237 7.81 -45.25 -65.20
N ALA T 238 7.61 -46.26 -64.34
CA ALA T 238 7.67 -47.68 -64.77
C ALA T 238 6.57 -48.01 -65.79
N ASP T 239 5.37 -47.52 -65.54
CA ASP T 239 4.16 -47.79 -66.39
C ASP T 239 4.28 -47.11 -67.75
N ASN T 240 4.85 -45.92 -67.77
CA ASN T 240 4.92 -45.14 -69.00
C ASN T 240 6.21 -45.29 -69.81
N GLY T 241 7.05 -46.27 -69.46
CA GLY T 241 8.22 -46.57 -70.31
C GLY T 241 9.38 -45.61 -70.13
N HIS T 242 9.35 -44.87 -69.02
CA HIS T 242 10.38 -43.88 -68.78
C HIS T 242 11.62 -44.52 -68.09
N LEU T 243 12.40 -45.23 -68.87
CA LEU T 243 13.53 -46.01 -68.37
C LEU T 243 14.54 -45.14 -67.59
N GLU T 244 14.96 -44.04 -68.18
CA GLU T 244 15.96 -43.17 -67.53
C GLU T 244 15.51 -42.66 -66.15
N ILE T 245 14.24 -42.26 -66.05
CA ILE T 245 13.65 -41.78 -64.78
C ILE T 245 13.54 -42.84 -63.68
N VAL T 246 13.18 -44.03 -64.10
CA VAL T 246 13.15 -45.20 -63.20
C VAL T 246 14.53 -45.39 -62.52
N GLU T 247 15.58 -45.34 -63.32
CA GLU T 247 16.99 -45.52 -62.82
C GLU T 247 17.31 -44.45 -61.79
N VAL T 248 16.96 -43.19 -62.12
CA VAL T 248 17.19 -42.06 -61.23
C VAL T 248 16.43 -42.22 -59.92
N LEU T 249 15.14 -42.55 -59.99
CA LEU T 249 14.31 -42.66 -58.79
C LEU T 249 14.86 -43.72 -57.84
N LEU T 250 15.28 -44.84 -58.40
CA LEU T 250 15.85 -45.87 -57.57
C LEU T 250 17.14 -45.35 -56.89
N LYS T 251 17.94 -44.59 -57.63
CA LYS T 251 19.23 -44.12 -57.04
C LYS T 251 19.01 -43.28 -55.77
N TYR T 252 17.94 -42.49 -55.75
CA TYR T 252 17.61 -41.64 -54.64
C TYR T 252 16.61 -42.26 -53.62
N GLY T 253 16.52 -43.58 -53.64
CA GLY T 253 15.84 -44.32 -52.59
C GLY T 253 14.37 -44.74 -52.84
N ALA T 254 13.87 -44.70 -54.08
CA ALA T 254 12.52 -45.18 -54.38
C ALA T 254 12.40 -46.62 -53.95
N ASP T 255 11.21 -46.91 -53.44
CA ASP T 255 10.84 -48.20 -52.92
C ASP T 255 10.39 -48.99 -54.13
N VAL T 256 11.28 -49.88 -54.58
CA VAL T 256 11.06 -50.67 -55.77
C VAL T 256 9.86 -51.62 -55.71
N ASN T 257 9.43 -51.87 -54.49
CA ASN T 257 8.31 -52.78 -54.25
C ASN T 257 7.07 -52.06 -53.63
N ALA T 258 7.05 -50.73 -53.74
CA ALA T 258 5.86 -49.96 -53.28
C ALA T 258 4.61 -50.42 -54.00
N GLN T 259 3.52 -50.66 -53.22
CA GLN T 259 2.25 -51.17 -53.78
C GLN T 259 1.25 -50.06 -53.88
N ASP T 260 0.51 -49.93 -54.98
CA ASP T 260 -0.54 -48.86 -55.01
C ASP T 260 -1.84 -49.32 -54.36
N ALA T 261 -2.93 -48.58 -54.57
CA ALA T 261 -4.20 -48.89 -53.97
C ALA T 261 -4.73 -50.30 -54.26
N TYR T 262 -4.29 -50.84 -55.37
CA TYR T 262 -4.78 -52.14 -55.83
C TYR T 262 -3.75 -53.25 -55.60
N GLY T 263 -2.68 -52.92 -54.90
CA GLY T 263 -1.55 -53.87 -54.69
C GLY T 263 -0.51 -53.93 -55.81
N LEU T 264 -0.59 -53.05 -56.81
CA LEU T 264 0.42 -53.19 -57.90
C LEU T 264 1.76 -52.53 -57.53
N THR T 265 2.82 -53.22 -57.92
CA THR T 265 4.14 -52.68 -57.80
C THR T 265 4.55 -52.10 -59.15
N PRO T 266 5.63 -51.28 -59.17
CA PRO T 266 6.14 -50.76 -60.46
C PRO T 266 6.51 -51.91 -61.33
N LEU T 267 6.81 -53.05 -60.72
CA LEU T 267 7.16 -54.26 -61.53
C LEU T 267 5.95 -54.85 -62.23
N HIS T 268 4.83 -54.97 -61.50
CA HIS T 268 3.58 -55.40 -62.10
C HIS T 268 3.23 -54.48 -63.31
N LEU T 269 3.38 -53.16 -63.13
CA LEU T 269 3.06 -52.19 -64.18
C LEU T 269 4.00 -52.31 -65.35
N ALA T 270 5.31 -52.33 -65.11
CA ALA T 270 6.28 -52.48 -66.22
C ALA T 270 6.11 -53.81 -66.99
N ALA T 271 5.84 -54.88 -66.25
CA ALA T 271 5.65 -56.22 -66.80
C ALA T 271 4.44 -56.26 -67.70
N ASP T 272 3.30 -55.78 -67.20
CA ASP T 272 2.07 -55.87 -67.94
C ASP T 272 2.21 -55.03 -69.22
N ARG T 273 2.90 -53.91 -69.16
CA ARG T 273 3.04 -53.01 -70.34
C ARG T 273 4.11 -53.52 -71.29
N GLY T 274 4.80 -54.58 -70.87
CA GLY T 274 5.92 -55.10 -71.69
C GLY T 274 7.19 -54.23 -71.67
N HIS T 275 7.39 -53.40 -70.66
CA HIS T 275 8.58 -52.53 -70.64
C HIS T 275 9.81 -53.26 -70.11
N LEU T 276 10.36 -54.18 -70.92
CA LEU T 276 11.47 -55.08 -70.51
C LEU T 276 12.74 -54.43 -69.92
N GLU T 277 13.18 -53.32 -70.45
CA GLU T 277 14.39 -52.69 -69.93
C GLU T 277 14.11 -52.22 -68.49
N ILE T 278 12.92 -51.63 -68.28
CA ILE T 278 12.57 -51.22 -66.93
C ILE T 278 12.45 -52.44 -65.97
N VAL T 279 11.86 -53.52 -66.45
CA VAL T 279 11.66 -54.75 -65.66
C VAL T 279 13.07 -55.19 -65.16
N GLU T 280 14.06 -55.14 -66.06
CA GLU T 280 15.45 -55.52 -65.71
C GLU T 280 16.03 -54.64 -64.63
N VAL T 281 15.78 -53.32 -64.72
CA VAL T 281 16.25 -52.35 -63.75
C VAL T 281 15.61 -52.57 -62.39
N LEU T 282 14.30 -52.75 -62.39
CA LEU T 282 13.52 -53.02 -61.16
C LEU T 282 13.96 -54.31 -60.48
N LEU T 283 14.16 -55.36 -61.27
CA LEU T 283 14.60 -56.63 -60.75
C LEU T 283 16.01 -56.53 -60.12
N LYS T 284 16.92 -55.84 -60.79
CA LYS T 284 18.30 -55.64 -60.27
C LYS T 284 18.24 -54.92 -58.88
N HIS T 285 17.26 -54.04 -58.65
CA HIS T 285 17.15 -53.34 -57.35
C HIS T 285 16.28 -54.02 -56.29
N GLY T 286 15.97 -55.31 -56.52
CA GLY T 286 15.32 -56.14 -55.49
C GLY T 286 13.80 -56.24 -55.68
N ALA T 287 13.30 -55.86 -56.85
CA ALA T 287 11.84 -56.03 -57.10
C ALA T 287 11.47 -57.48 -56.97
N ASP T 288 10.33 -57.76 -56.34
CA ASP T 288 9.92 -59.16 -56.08
C ASP T 288 8.96 -59.64 -57.16
N VAL T 289 9.49 -60.51 -58.01
CA VAL T 289 8.72 -61.03 -59.12
C VAL T 289 7.53 -61.87 -58.67
N ASN T 290 7.57 -62.35 -57.40
CA ASN T 290 6.49 -63.20 -56.86
C ASN T 290 5.45 -62.46 -56.01
N ALA T 291 5.60 -61.15 -55.90
CA ALA T 291 4.60 -60.35 -55.16
C ALA T 291 3.21 -60.43 -55.78
N GLN T 292 2.16 -60.47 -54.98
CA GLN T 292 0.81 -60.63 -55.51
C GLN T 292 0.15 -59.28 -55.29
N ASP T 293 -0.62 -58.82 -56.28
CA ASP T 293 -1.44 -57.65 -56.03
C ASP T 293 -2.70 -58.10 -55.32
N LYS T 294 -3.64 -57.19 -55.09
CA LYS T 294 -4.88 -57.60 -54.44
C LYS T 294 -5.74 -58.55 -55.29
N PHE T 295 -5.52 -58.64 -56.58
CA PHE T 295 -6.26 -59.60 -57.40
C PHE T 295 -5.64 -61.02 -57.32
N GLY T 296 -4.34 -61.11 -57.05
CA GLY T 296 -3.66 -62.43 -56.89
C GLY T 296 -2.58 -62.62 -57.92
N LYS T 297 -2.44 -61.62 -58.81
CA LYS T 297 -1.45 -61.70 -59.89
C LYS T 297 -0.08 -61.28 -59.49
N THR T 298 0.89 -62.06 -59.97
CA THR T 298 2.28 -61.73 -59.80
C THR T 298 2.77 -61.22 -61.15
N ALA T 299 3.91 -60.51 -61.11
CA ALA T 299 4.59 -60.04 -62.34
C ALA T 299 4.96 -61.18 -63.28
N PHE T 300 5.49 -62.27 -62.75
CA PHE T 300 5.69 -63.39 -63.62
C PHE T 300 4.38 -63.95 -64.23
N ASP T 301 3.36 -64.19 -63.41
CA ASP T 301 2.14 -64.78 -63.92
C ASP T 301 1.57 -63.92 -65.03
N ILE T 302 1.72 -62.60 -64.90
CA ILE T 302 1.32 -61.65 -65.92
C ILE T 302 2.15 -61.87 -67.20
N SER T 303 3.46 -62.07 -67.10
CA SER T 303 4.18 -62.27 -68.36
C SER T 303 3.66 -63.55 -69.10
N ILE T 304 3.27 -64.54 -68.32
CA ILE T 304 2.69 -65.77 -68.83
C ILE T 304 1.29 -65.48 -69.43
N ASP T 305 0.42 -64.81 -68.68
CA ASP T 305 -0.91 -64.47 -69.24
C ASP T 305 -0.89 -63.68 -70.55
N ASN T 306 0.08 -62.78 -70.71
CA ASN T 306 0.20 -62.00 -71.94
C ASN T 306 0.92 -62.73 -73.08
N GLY T 307 1.43 -63.95 -72.81
CA GLY T 307 2.14 -64.72 -73.84
C GLY T 307 3.52 -64.16 -74.16
N ASN T 308 4.11 -63.43 -73.20
CA ASN T 308 5.40 -62.77 -73.46
C ASN T 308 6.63 -63.65 -73.03
N GLU T 309 7.15 -64.40 -73.99
CA GLU T 309 8.16 -65.42 -73.65
C GLU T 309 9.43 -64.77 -73.12
N ASP T 310 9.87 -63.67 -73.73
CA ASP T 310 11.08 -62.97 -73.29
C ASP T 310 10.95 -62.35 -71.89
N LEU T 311 9.78 -61.77 -71.60
CA LEU T 311 9.58 -61.20 -70.26
C LEU T 311 9.59 -62.30 -69.20
N ALA T 312 8.93 -63.41 -69.50
CA ALA T 312 8.85 -64.53 -68.56
C ALA T 312 10.24 -65.10 -68.26
N GLU T 313 11.17 -64.90 -69.20
CA GLU T 313 12.55 -65.33 -69.01
C GLU T 313 13.28 -64.41 -68.03
N ILE T 314 12.98 -63.12 -68.11
CA ILE T 314 13.62 -62.13 -67.24
C ILE T 314 13.07 -62.22 -65.82
N LEU T 315 11.77 -62.48 -65.70
CA LEU T 315 11.12 -62.58 -64.38
C LEU T 315 11.24 -63.93 -63.62
N GLN T 316 12.00 -64.90 -64.15
CA GLN T 316 12.18 -66.23 -63.50
C GLN T 316 13.47 -66.93 -63.92
N PRO U 2 1.74 30.35 -28.73
CA PRO U 2 2.89 30.55 -27.83
C PRO U 2 3.39 31.99 -27.82
N HIS U 3 4.12 32.35 -26.76
CA HIS U 3 4.69 33.69 -26.63
C HIS U 3 6.20 33.60 -26.41
N LEU U 4 6.97 34.25 -27.27
CA LEU U 4 8.42 34.25 -27.18
C LEU U 4 8.97 35.65 -26.95
N VAL U 5 9.83 35.80 -25.95
CA VAL U 5 10.50 37.09 -25.71
C VAL U 5 12.01 36.96 -25.93
N ILE U 6 12.59 37.87 -26.70
CA ILE U 6 14.02 37.88 -26.92
C ILE U 6 14.64 39.17 -26.37
N GLU U 7 15.55 39.03 -25.41
CA GLU U 7 16.20 40.20 -24.81
C GLU U 7 17.69 40.21 -25.14
N ALA U 8 18.16 41.35 -25.64
CA ALA U 8 19.57 41.51 -25.99
C ALA U 8 20.13 42.76 -25.34
N THR U 9 21.37 42.69 -24.87
CA THR U 9 22.04 43.87 -24.35
C THR U 9 22.26 44.86 -25.48
N ALA U 10 22.22 46.16 -25.17
CA ALA U 10 22.43 47.21 -26.15
C ALA U 10 23.79 47.13 -26.86
N ASN U 11 24.78 46.55 -26.19
CA ASN U 11 26.12 46.42 -26.77
C ASN U 11 26.29 45.13 -27.56
N LEU U 12 25.20 44.40 -27.76
CA LEU U 12 25.25 43.16 -28.55
C LEU U 12 24.95 43.42 -30.01
N ARG U 13 25.86 43.00 -30.89
CA ARG U 13 25.68 43.20 -32.33
C ARG U 13 25.09 41.95 -32.98
N LEU U 14 24.07 42.15 -33.82
CA LEU U 14 23.45 41.08 -34.59
C LEU U 14 23.83 41.17 -36.06
N GLU U 15 23.84 40.03 -36.74
CA GLU U 15 24.06 39.99 -38.18
C GLU U 15 22.80 40.40 -38.93
N THR U 16 21.66 40.36 -38.23
CA THR U 16 20.37 40.68 -38.83
C THR U 16 19.60 41.64 -37.94
N SER U 17 18.51 42.18 -38.47
CA SER U 17 17.63 43.05 -37.70
C SER U 17 16.81 42.25 -36.69
N PRO U 18 16.37 42.91 -35.61
CA PRO U 18 15.43 42.29 -34.65
C PRO U 18 14.25 41.63 -35.37
N GLY U 19 13.72 42.29 -36.39
CA GLY U 19 12.61 41.76 -37.16
C GLY U 19 12.93 40.44 -37.84
N GLU U 20 14.05 40.39 -38.55
CA GLU U 20 14.48 39.18 -39.23
C GLU U 20 14.67 38.02 -38.23
N LEU U 21 15.23 38.34 -37.07
CA LEU U 21 15.43 37.34 -36.03
C LEU U 21 14.09 36.80 -35.52
N LEU U 22 13.13 37.70 -35.28
CA LEU U 22 11.80 37.29 -34.83
C LEU U 22 11.12 36.41 -35.87
N GLU U 23 11.28 36.76 -37.14
CA GLU U 23 10.74 35.96 -38.24
C GLU U 23 11.35 34.56 -38.28
N GLN U 24 12.67 34.48 -38.15
CA GLN U 24 13.34 33.19 -38.13
C GLN U 24 12.89 32.37 -36.92
N ALA U 25 12.75 33.04 -35.77
CA ALA U 25 12.30 32.37 -34.55
C ALA U 25 10.91 31.81 -34.73
N ASN U 26 10.01 32.60 -35.30
CA ASN U 26 8.64 32.14 -35.54
C ASN U 26 8.61 30.97 -36.53
N LYS U 27 9.44 31.03 -37.56
CA LYS U 27 9.56 29.91 -38.50
C LYS U 27 10.11 28.66 -37.81
N ALA U 28 11.11 28.84 -36.95
CA ALA U 28 11.67 27.72 -36.20
C ALA U 28 10.62 27.07 -35.31
N LEU U 29 9.77 27.89 -34.70
CA LEU U 29 8.70 27.39 -33.86
C LEU U 29 7.64 26.67 -34.67
N PHE U 30 7.23 27.27 -35.78
CA PHE U 30 6.21 26.67 -36.62
C PHE U 30 6.68 25.34 -37.20
N ALA U 31 7.95 25.28 -37.61
CA ALA U 31 8.51 24.09 -38.22
C ALA U 31 8.48 22.89 -37.27
N SER U 32 8.23 23.14 -35.99
CA SER U 32 8.17 22.07 -35.00
C SER U 32 6.90 21.25 -35.18
N GLY U 33 5.91 21.84 -35.86
CA GLY U 33 4.61 21.22 -36.02
C GLY U 33 3.72 21.34 -34.79
N GLN U 34 4.21 22.05 -33.77
CA GLN U 34 3.50 22.17 -32.51
C GLN U 34 2.49 23.32 -32.48
N PHE U 35 2.63 24.26 -33.42
CA PHE U 35 1.94 25.54 -33.31
C PHE U 35 1.19 25.94 -34.57
N GLY U 36 0.07 26.64 -34.37
CA GLY U 36 -0.60 27.30 -35.47
C GLY U 36 0.17 28.55 -35.81
N GLU U 37 0.32 28.80 -37.10
CA GLU U 37 1.08 29.93 -37.62
C GLU U 37 0.64 31.26 -37.02
N ALA U 38 -0.67 31.52 -37.03
CA ALA U 38 -1.22 32.79 -36.57
C ALA U 38 -1.16 33.00 -35.05
N ASP U 39 -0.85 31.94 -34.30
CA ASP U 39 -0.86 32.01 -32.83
C ASP U 39 0.50 32.36 -32.22
N ILE U 40 1.53 32.43 -33.06
CA ILE U 40 2.88 32.64 -32.56
C ILE U 40 3.18 34.13 -32.40
N LYS U 41 3.33 34.58 -31.17
CA LYS U 41 3.58 35.98 -30.87
C LYS U 41 4.98 36.15 -30.30
N SER U 42 5.83 36.89 -30.99
CA SER U 42 7.18 37.15 -30.52
C SER U 42 7.49 38.64 -30.46
N ARG U 43 8.34 39.03 -29.52
CA ARG U 43 8.80 40.41 -29.43
C ARG U 43 10.26 40.46 -29.00
N PHE U 44 10.95 41.52 -29.39
CA PHE U 44 12.38 41.69 -29.15
C PHE U 44 12.61 42.96 -28.35
N VAL U 45 13.44 42.86 -27.32
CA VAL U 45 13.72 44.00 -26.43
C VAL U 45 15.22 44.27 -26.35
N THR U 46 15.60 45.53 -26.49
CA THR U 46 17.00 45.94 -26.29
C THR U 46 17.19 46.46 -24.88
N LEU U 47 18.16 45.89 -24.17
CA LEU U 47 18.41 46.25 -22.78
C LEU U 47 19.47 47.35 -22.70
N GLU U 48 19.07 48.50 -22.16
CA GLU U 48 19.99 49.63 -22.01
C GLU U 48 20.68 49.65 -20.65
N ALA U 49 20.01 49.15 -19.62
CA ALA U 49 20.58 49.13 -18.28
C ALA U 49 20.79 47.70 -17.83
N TYR U 50 22.04 47.26 -17.86
CA TYR U 50 22.38 45.85 -17.64
C TYR U 50 23.76 45.74 -17.03
N ARG U 51 24.00 44.63 -16.35
CA ARG U 51 25.32 44.26 -15.84
C ARG U 51 25.44 42.75 -15.88
N GLN U 52 26.55 42.25 -16.41
CA GLN U 52 26.82 40.83 -16.39
C GLN U 52 28.00 40.55 -15.49
N GLY U 53 27.75 39.85 -14.39
CA GLY U 53 28.75 39.63 -13.37
C GLY U 53 29.06 40.86 -12.55
N THR U 54 30.24 40.87 -11.94
CA THR U 54 30.65 41.94 -11.06
C THR U 54 32.00 42.51 -11.48
N ALA U 55 32.74 41.74 -12.26
CA ALA U 55 34.05 42.15 -12.72
C ALA U 55 33.95 43.27 -13.76
N ALA U 56 34.99 44.10 -13.81
CA ALA U 56 35.06 45.19 -14.78
C ALA U 56 35.41 44.65 -16.17
N VAL U 57 34.50 43.85 -16.71
CA VAL U 57 34.70 43.21 -18.00
C VAL U 57 33.54 43.62 -18.93
N GLU U 58 33.87 43.96 -20.17
CA GLU U 58 32.85 44.35 -21.14
C GLU U 58 32.17 43.11 -21.73
N ARG U 59 30.88 42.94 -21.41
CA ARG U 59 30.15 41.72 -21.75
C ARG U 59 28.79 42.02 -22.37
N ALA U 60 28.35 41.12 -23.25
CA ALA U 60 27.04 41.21 -23.89
C ALA U 60 26.34 39.85 -23.77
N TYR U 61 25.02 39.84 -23.72
CA TYR U 61 24.33 38.55 -23.71
C TYR U 61 22.98 38.62 -24.42
N LEU U 62 22.48 37.44 -24.77
CA LEU U 62 21.24 37.27 -25.51
C LEU U 62 20.44 36.16 -24.85
N HIS U 63 19.25 36.48 -24.38
CA HIS U 63 18.42 35.49 -23.69
C HIS U 63 16.98 35.56 -24.17
N ALA U 64 16.36 34.39 -24.31
CA ALA U 64 14.96 34.31 -24.67
C ALA U 64 14.23 33.32 -23.80
N CYS U 65 12.94 33.55 -23.60
CA CYS U 65 12.08 32.61 -22.89
C CYS U 65 10.84 32.31 -23.72
N LEU U 66 10.62 31.02 -24.00
CA LEU U 66 9.43 30.61 -24.75
C LEU U 66 8.32 30.16 -23.81
N SER U 67 7.16 30.79 -23.94
CA SER U 67 5.99 30.46 -23.12
C SER U 67 4.96 29.69 -23.93
N ILE U 68 4.67 28.47 -23.50
CA ILE U 68 3.71 27.63 -24.19
C ILE U 68 2.63 27.16 -23.22
N LEU U 69 1.47 26.74 -23.74
CA LEU U 69 0.49 26.07 -22.91
C LEU U 69 0.99 24.66 -22.56
N ASP U 70 0.72 24.21 -21.34
CA ASP U 70 1.23 22.89 -20.90
C ASP U 70 0.68 21.75 -21.76
N GLY U 71 1.34 20.60 -21.71
CA GLY U 71 0.87 19.45 -22.46
C GLY U 71 1.94 18.77 -23.29
N ARG U 72 3.00 19.52 -23.63
CA ARG U 72 4.11 18.94 -24.37
C ARG U 72 5.08 18.24 -23.42
N ASP U 73 5.83 17.27 -23.94
CA ASP U 73 6.80 16.58 -23.11
C ASP U 73 8.13 17.33 -23.05
N ILE U 74 9.08 16.77 -22.32
CA ILE U 74 10.40 17.38 -22.18
C ILE U 74 11.20 17.35 -23.48
N ALA U 75 11.06 16.28 -24.27
CA ALA U 75 11.78 16.18 -25.54
C ALA U 75 11.42 17.33 -26.47
N THR U 76 10.13 17.67 -26.51
CA THR U 76 9.64 18.76 -27.33
C THR U 76 10.16 20.11 -26.83
N ARG U 77 10.01 20.36 -25.54
CA ARG U 77 10.47 21.61 -24.96
C ARG U 77 11.99 21.76 -25.14
N THR U 78 12.70 20.66 -24.96
CA THR U 78 14.15 20.66 -25.12
C THR U 78 14.55 20.96 -26.57
N LEU U 79 13.87 20.32 -27.53
CA LEU U 79 14.15 20.56 -28.93
C LEU U 79 13.85 22.02 -29.32
N LEU U 80 12.73 22.54 -28.80
CA LEU U 80 12.34 23.93 -29.05
C LEU U 80 13.38 24.92 -28.54
N GLY U 81 13.88 24.67 -27.33
CA GLY U 81 14.93 25.48 -26.75
C GLY U 81 16.19 25.43 -27.59
N ALA U 82 16.62 24.23 -27.96
CA ALA U 82 17.80 24.06 -28.79
C ALA U 82 17.62 24.73 -30.16
N SER U 83 16.42 24.61 -30.71
CA SER U 83 16.10 25.19 -32.01
C SER U 83 16.25 26.71 -31.98
N LEU U 84 15.61 27.33 -31.00
CA LEU U 84 15.67 28.78 -30.85
C LEU U 84 17.10 29.26 -30.56
N CYS U 85 17.80 28.55 -29.68
CA CYS U 85 19.17 28.93 -29.33
C CYS U 85 20.09 28.90 -30.55
N ALA U 86 19.91 27.90 -31.42
CA ALA U 86 20.68 27.82 -32.65
C ALA U 86 20.41 29.04 -33.55
N VAL U 87 19.14 29.39 -33.70
CA VAL U 87 18.75 30.55 -34.50
C VAL U 87 19.29 31.84 -33.89
N LEU U 88 19.08 32.02 -32.60
CA LEU U 88 19.56 33.22 -31.92
C LEU U 88 21.08 33.31 -31.93
N ALA U 89 21.76 32.20 -31.67
CA ALA U 89 23.22 32.19 -31.62
C ALA U 89 23.83 32.60 -32.97
N GLU U 90 23.27 32.07 -34.05
CA GLU U 90 23.74 32.41 -35.39
C GLU U 90 23.56 33.90 -35.69
N ALA U 91 22.53 34.51 -35.11
CA ALA U 91 22.23 35.92 -35.36
C ALA U 91 23.23 36.87 -34.68
N VAL U 92 24.05 36.33 -33.79
CA VAL U 92 24.99 37.14 -33.02
C VAL U 92 26.29 37.43 -33.76
N ALA U 93 26.63 38.71 -33.92
CA ALA U 93 27.88 39.09 -34.57
C ALA U 93 29.00 39.22 -33.55
N GLY U 94 28.67 39.71 -32.36
CA GLY U 94 29.63 39.90 -31.29
C GLY U 94 29.18 40.93 -30.29
N GLY U 95 30.03 41.23 -29.31
CA GLY U 95 29.72 42.21 -28.30
C GLY U 95 30.61 42.09 -27.09
N GLY U 96 30.95 43.22 -26.48
CA GLY U 96 31.89 43.23 -25.37
C GLY U 96 33.30 42.86 -25.79
N GLU U 97 34.08 42.35 -24.83
CA GLU U 97 35.46 41.97 -25.10
C GLU U 97 35.63 40.45 -25.06
N GLU U 98 34.53 39.72 -24.96
CA GLU U 98 34.60 38.27 -24.87
C GLU U 98 33.37 37.61 -25.46
N GLY U 99 33.33 36.28 -25.43
CA GLY U 99 32.23 35.53 -26.01
C GLY U 99 30.87 35.90 -25.45
N VAL U 100 29.85 35.81 -26.30
CA VAL U 100 28.50 36.20 -25.94
C VAL U 100 27.67 35.00 -25.52
N GLN U 101 27.08 35.06 -24.33
CA GLN U 101 26.25 33.95 -23.85
C GLN U 101 24.87 34.03 -24.46
N VAL U 102 24.46 32.94 -25.09
CA VAL U 102 23.15 32.83 -25.70
C VAL U 102 22.42 31.67 -25.04
N SER U 103 21.22 31.95 -24.51
CA SER U 103 20.45 30.91 -23.82
C SER U 103 18.95 31.08 -24.05
N VAL U 104 18.22 29.97 -23.91
CA VAL U 104 16.77 29.95 -24.08
C VAL U 104 16.11 29.15 -22.97
N GLU U 105 15.06 29.70 -22.39
CA GLU U 105 14.23 28.96 -21.46
C GLU U 105 12.92 28.57 -22.12
N VAL U 106 12.37 27.42 -21.75
CA VAL U 106 11.01 27.08 -22.16
C VAL U 106 10.18 26.83 -20.91
N ARG U 107 9.05 27.53 -20.80
CA ARG U 107 8.18 27.36 -19.63
C ARG U 107 6.74 27.07 -20.08
N GLU U 108 5.96 26.52 -19.16
CA GLU U 108 4.58 26.16 -19.44
C GLU U 108 3.60 27.06 -18.70
N MET U 109 2.52 27.41 -19.39
CA MET U 109 1.44 28.17 -18.78
C MET U 109 0.40 27.18 -18.32
N GLU U 110 -0.29 27.52 -17.23
CA GLU U 110 -1.43 26.72 -16.81
C GLU U 110 -2.56 26.85 -17.83
N ARG U 111 -2.92 25.74 -18.46
CA ARG U 111 -3.95 25.76 -19.50
C ARG U 111 -5.32 26.12 -18.92
N LEU U 112 -5.66 25.53 -17.78
CA LEU U 112 -7.01 25.66 -17.23
C LEU U 112 -7.43 27.10 -16.92
N SER U 113 -6.49 27.92 -16.44
CA SER U 113 -6.81 29.30 -16.07
C SER U 113 -6.57 30.27 -17.23
N TYR U 114 -6.08 29.76 -18.34
CA TYR U 114 -5.70 30.59 -19.49
C TYR U 114 -6.91 31.18 -20.21
N ALA U 115 -6.85 32.47 -20.50
CA ALA U 115 -7.95 33.15 -21.17
C ALA U 115 -7.53 33.62 -22.55
N LYS U 116 -8.41 33.48 -23.53
CA LYS U 116 -8.12 33.92 -24.89
C LYS U 116 -9.40 34.37 -25.59
N ARG U 117 -9.30 35.50 -26.29
CA ARG U 117 -10.37 36.00 -27.14
C ARG U 117 -9.78 36.68 -28.37
N VAL U 118 -10.61 36.86 -29.40
CA VAL U 118 -10.22 37.64 -30.56
C VAL U 118 -11.19 38.79 -30.74
N VAL U 119 -10.67 40.01 -30.82
CA VAL U 119 -11.49 41.21 -30.95
C VAL U 119 -11.65 41.59 -32.41
N PRO V 2 -33.56 -3.95 -24.62
CA PRO V 2 -33.62 -5.02 -23.61
C PRO V 2 -34.47 -6.21 -24.05
N HIS V 3 -34.21 -7.37 -23.43
CA HIS V 3 -34.94 -8.59 -23.74
C HIS V 3 -35.63 -9.13 -22.49
N LEU V 4 -36.92 -9.39 -22.60
CA LEU V 4 -37.66 -9.96 -21.48
C LEU V 4 -38.31 -11.28 -21.89
N VAL V 5 -38.09 -12.32 -21.08
CA VAL V 5 -38.71 -13.62 -21.30
C VAL V 5 -39.64 -13.93 -20.15
N ILE V 6 -40.88 -14.31 -20.46
CA ILE V 6 -41.84 -14.71 -19.45
C ILE V 6 -42.25 -16.17 -19.69
N GLU V 7 -42.05 -17.01 -18.69
CA GLU V 7 -42.40 -18.43 -18.79
C GLU V 7 -43.46 -18.79 -17.75
N ALA V 8 -44.51 -19.45 -18.21
CA ALA V 8 -45.58 -19.88 -17.33
C ALA V 8 -45.89 -21.36 -17.52
N THR V 9 -46.19 -22.06 -16.43
CA THR V 9 -46.63 -23.45 -16.52
C THR V 9 -47.98 -23.53 -17.22
N ALA V 10 -48.21 -24.60 -17.96
CA ALA V 10 -49.48 -24.81 -18.66
C ALA V 10 -50.71 -24.82 -17.73
N ASN V 11 -50.52 -25.22 -16.47
CA ASN V 11 -51.63 -25.26 -15.53
C ASN V 11 -51.84 -23.92 -14.81
N LEU V 12 -51.12 -22.89 -15.25
CA LEU V 12 -51.25 -21.56 -14.64
C LEU V 12 -52.28 -20.71 -15.38
N ARG V 13 -53.27 -20.22 -14.64
CA ARG V 13 -54.33 -19.41 -15.24
C ARG V 13 -54.02 -17.92 -15.09
N LEU V 14 -54.13 -17.18 -16.20
CA LEU V 14 -53.95 -15.74 -16.18
C LEU V 14 -55.28 -15.00 -16.27
N GLU V 15 -55.33 -13.80 -15.71
CA GLU V 15 -56.47 -12.91 -15.85
C GLU V 15 -56.52 -12.29 -17.25
N THR V 16 -55.37 -12.21 -17.90
CA THR V 16 -55.29 -11.63 -19.24
C THR V 16 -54.59 -12.55 -20.23
N SER V 17 -54.61 -12.18 -21.51
CA SER V 17 -53.95 -12.95 -22.54
C SER V 17 -52.45 -12.74 -22.43
N PRO V 18 -51.66 -13.71 -22.91
CA PRO V 18 -50.20 -13.53 -22.98
C PRO V 18 -49.84 -12.22 -23.67
N GLY V 19 -50.58 -11.86 -24.72
CA GLY V 19 -50.35 -10.63 -25.43
C GLY V 19 -50.48 -9.40 -24.56
N GLU V 20 -51.58 -9.32 -23.82
CA GLU V 20 -51.85 -8.20 -22.92
C GLU V 20 -50.78 -8.08 -21.84
N LEU V 21 -50.33 -9.21 -21.33
CA LEU V 21 -49.27 -9.24 -20.32
C LEU V 21 -47.96 -8.70 -20.88
N LEU V 22 -47.60 -9.13 -22.09
CA LEU V 22 -46.39 -8.65 -22.74
C LEU V 22 -46.46 -7.15 -23.01
N GLU V 23 -47.63 -6.67 -23.42
CA GLU V 23 -47.84 -5.25 -23.66
C GLU V 23 -47.71 -4.46 -22.36
N GLN V 24 -48.35 -4.95 -21.31
CA GLN V 24 -48.28 -4.30 -20.01
C GLN V 24 -46.83 -4.32 -19.49
N ALA V 25 -46.15 -5.44 -19.69
CA ALA V 25 -44.76 -5.57 -19.28
C ALA V 25 -43.86 -4.57 -20.00
N ASN V 26 -44.07 -4.42 -21.31
CA ASN V 26 -43.31 -3.44 -22.10
C ASN V 26 -43.58 -2.00 -21.66
N LYS V 27 -44.83 -1.70 -21.32
CA LYS V 27 -45.19 -0.39 -20.79
C LYS V 27 -44.51 -0.13 -19.45
N ALA V 28 -44.50 -1.15 -18.60
CA ALA V 28 -43.86 -1.06 -17.29
C ALA V 28 -42.36 -0.78 -17.45
N LEU V 29 -41.73 -1.41 -18.44
CA LEU V 29 -40.31 -1.17 -18.71
C LEU V 29 -40.08 0.22 -19.29
N PHE V 30 -40.92 0.62 -20.24
CA PHE V 30 -40.75 1.92 -20.87
C PHE V 30 -40.95 3.05 -19.86
N ALA V 31 -41.92 2.88 -18.96
CA ALA V 31 -42.21 3.90 -17.95
C ALA V 31 -41.01 4.19 -17.05
N SER V 32 -40.04 3.27 -17.05
CA SER V 32 -38.85 3.41 -16.20
C SER V 32 -37.98 4.57 -16.67
N GLY V 33 -38.14 4.98 -17.93
CA GLY V 33 -37.30 6.01 -18.53
C GLY V 33 -35.94 5.48 -18.94
N GLN V 34 -35.73 4.19 -18.77
CA GLN V 34 -34.45 3.56 -19.08
C GLN V 34 -34.30 3.10 -20.53
N PHE V 35 -35.42 3.02 -21.25
CA PHE V 35 -35.43 2.35 -22.55
C PHE V 35 -36.13 3.12 -23.65
N GLY V 36 -35.61 2.99 -24.86
CA GLY V 36 -36.32 3.44 -26.04
C GLY V 36 -37.48 2.50 -26.27
N GLU V 37 -38.64 3.07 -26.60
CA GLU V 37 -39.86 2.29 -26.80
C GLU V 37 -39.68 1.15 -27.81
N ALA V 38 -39.09 1.44 -28.96
CA ALA V 38 -38.97 0.45 -30.03
C ALA V 38 -38.00 -0.69 -29.71
N ASP V 39 -37.16 -0.53 -28.69
CA ASP V 39 -36.11 -1.51 -28.44
C ASP V 39 -36.55 -2.64 -27.50
N ILE V 40 -37.72 -2.50 -26.88
CA ILE V 40 -38.14 -3.45 -25.86
C ILE V 40 -38.72 -4.71 -26.49
N LYS V 41 -37.98 -5.82 -26.39
CA LYS V 41 -38.34 -7.05 -27.08
C LYS V 41 -38.64 -8.17 -26.08
N SER V 42 -39.91 -8.58 -26.02
CA SER V 42 -40.31 -9.60 -25.06
C SER V 42 -41.05 -10.75 -25.73
N ARG V 43 -41.01 -11.91 -25.09
CA ARG V 43 -41.74 -13.08 -25.57
C ARG V 43 -42.30 -13.87 -24.39
N PHE V 44 -43.35 -14.63 -24.65
CA PHE V 44 -44.05 -15.41 -23.63
C PHE V 44 -44.06 -16.87 -24.05
N VAL V 45 -43.74 -17.76 -23.11
CA VAL V 45 -43.69 -19.19 -23.37
C VAL V 45 -44.55 -19.97 -22.39
N THR V 46 -45.36 -20.89 -22.91
CA THR V 46 -46.13 -21.80 -22.08
C THR V 46 -45.36 -23.11 -21.90
N LEU V 47 -45.19 -23.54 -20.66
CA LEU V 47 -44.42 -24.74 -20.36
C LEU V 47 -45.35 -25.94 -20.22
N GLU V 48 -45.13 -26.97 -21.04
CA GLU V 48 -45.95 -28.17 -20.98
C GLU V 48 -45.31 -29.28 -20.15
N ALA V 49 -43.98 -29.35 -20.18
CA ALA V 49 -43.26 -30.35 -19.40
C ALA V 49 -42.52 -29.69 -18.24
N TYR V 50 -43.08 -29.81 -17.05
CA TYR V 50 -42.59 -29.09 -15.89
C TYR V 50 -42.84 -29.86 -14.59
N ARG V 51 -42.01 -29.61 -13.60
CA ARG V 51 -42.22 -30.13 -12.25
C ARG V 51 -41.73 -29.12 -11.23
N GLN V 52 -42.51 -28.93 -10.18
CA GLN V 52 -42.10 -28.09 -9.06
C GLN V 52 -42.01 -28.94 -7.80
N GLY V 53 -40.80 -29.04 -7.26
CA GLY V 53 -40.56 -29.90 -6.12
C GLY V 53 -40.59 -31.38 -6.45
N THR V 54 -40.80 -32.20 -5.43
CA THR V 54 -40.79 -33.64 -5.59
C THR V 54 -42.10 -34.25 -5.08
N ALA V 55 -42.85 -33.46 -4.31
CA ALA V 55 -44.12 -33.91 -3.75
C ALA V 55 -45.20 -34.06 -4.82
N ALA V 56 -46.13 -34.98 -4.59
CA ALA V 56 -47.23 -35.22 -5.50
C ALA V 56 -48.34 -34.20 -5.31
N VAL V 57 -48.00 -32.92 -5.51
CA VAL V 57 -48.94 -31.83 -5.34
C VAL V 57 -49.00 -30.99 -6.61
N GLU V 58 -50.21 -30.57 -6.99
CA GLU V 58 -50.38 -29.76 -8.19
C GLU V 58 -49.89 -28.33 -7.95
N ARG V 59 -48.92 -27.90 -8.76
CA ARG V 59 -48.32 -26.59 -8.59
C ARG V 59 -48.16 -25.85 -9.92
N ALA V 60 -48.31 -24.54 -9.85
CA ALA V 60 -48.12 -23.68 -11.01
C ALA V 60 -47.11 -22.59 -10.65
N TYR V 61 -46.34 -22.13 -11.64
CA TYR V 61 -45.40 -21.06 -11.37
C TYR V 61 -45.24 -20.13 -12.57
N LEU V 62 -44.77 -18.92 -12.30
CA LEU V 62 -44.58 -17.90 -13.30
C LEU V 62 -43.23 -17.24 -13.09
N HIS V 63 -42.37 -17.25 -14.11
CA HIS V 63 -41.03 -16.70 -13.99
C HIS V 63 -40.66 -15.83 -15.18
N ALA V 64 -39.98 -14.71 -14.91
CA ALA V 64 -39.44 -13.89 -15.97
C ALA V 64 -37.99 -13.50 -15.70
N CYS V 65 -37.24 -13.27 -16.78
CA CYS V 65 -35.88 -12.79 -16.68
C CYS V 65 -35.71 -11.60 -17.62
N LEU V 66 -35.27 -10.46 -17.07
CA LEU V 66 -35.02 -9.28 -17.87
C LEU V 66 -33.52 -9.14 -18.13
N SER V 67 -33.15 -9.08 -19.41
CA SER V 67 -31.76 -8.91 -19.80
C SER V 67 -31.56 -7.49 -20.30
N ILE V 68 -30.64 -6.77 -19.69
CA ILE V 68 -30.34 -5.41 -20.11
C ILE V 68 -28.84 -5.27 -20.33
N LEU V 69 -28.43 -4.29 -21.13
CA LEU V 69 -27.02 -3.94 -21.24
C LEU V 69 -26.55 -3.34 -19.91
N ASP V 70 -25.32 -3.65 -19.51
CA ASP V 70 -24.80 -3.17 -18.24
C ASP V 70 -24.73 -1.64 -18.20
N GLY V 71 -24.64 -1.09 -16.99
CA GLY V 71 -24.55 0.35 -16.82
C GLY V 71 -25.57 0.94 -15.87
N ARG V 72 -26.59 0.17 -15.52
CA ARG V 72 -27.58 0.61 -14.54
C ARG V 72 -27.20 0.17 -13.13
N ASP V 73 -27.57 0.96 -12.12
CA ASP V 73 -27.24 0.65 -10.73
C ASP V 73 -28.18 -0.38 -10.09
N ILE V 74 -27.93 -0.68 -8.82
CA ILE V 74 -28.72 -1.68 -8.11
C ILE V 74 -30.18 -1.24 -7.92
N ALA V 75 -30.40 0.02 -7.60
CA ALA V 75 -31.76 0.51 -7.38
C ALA V 75 -32.62 0.36 -8.63
N THR V 76 -32.01 0.68 -9.78
CA THR V 76 -32.71 0.57 -11.06
C THR V 76 -33.07 -0.88 -11.37
N ARG V 77 -32.09 -1.77 -11.27
CA ARG V 77 -32.34 -3.19 -11.54
C ARG V 77 -33.37 -3.76 -10.59
N THR V 78 -33.24 -3.42 -9.31
CA THR V 78 -34.17 -3.86 -8.29
C THR V 78 -35.59 -3.35 -8.55
N LEU V 79 -35.72 -2.07 -8.92
CA LEU V 79 -37.02 -1.49 -9.20
C LEU V 79 -37.65 -2.14 -10.43
N LEU V 80 -36.83 -2.37 -11.46
CA LEU V 80 -37.31 -3.03 -12.67
C LEU V 80 -37.85 -4.41 -12.35
N GLY V 81 -37.12 -5.17 -11.54
CA GLY V 81 -37.58 -6.47 -11.11
C GLY V 81 -38.88 -6.42 -10.34
N ALA V 82 -38.94 -5.54 -9.34
CA ALA V 82 -40.13 -5.38 -8.52
C ALA V 82 -41.32 -4.95 -9.38
N SER V 83 -41.06 -4.06 -10.34
CA SER V 83 -42.09 -3.54 -11.23
C SER V 83 -42.73 -4.67 -12.05
N LEU V 84 -41.90 -5.48 -12.69
CA LEU V 84 -42.36 -6.61 -13.49
C LEU V 84 -43.09 -7.66 -12.64
N CYS V 85 -42.55 -7.94 -11.46
CA CYS V 85 -43.16 -8.94 -10.58
C CYS V 85 -44.58 -8.52 -10.18
N ALA V 86 -44.76 -7.23 -9.89
CA ALA V 86 -46.08 -6.70 -9.57
C ALA V 86 -47.05 -6.88 -10.76
N VAL V 87 -46.58 -6.58 -11.96
CA VAL V 87 -47.39 -6.75 -13.16
C VAL V 87 -47.75 -8.22 -13.39
N LEU V 88 -46.75 -9.09 -13.31
CA LEU V 88 -46.98 -10.52 -13.50
C LEU V 88 -47.89 -11.07 -12.42
N ALA V 89 -47.66 -10.67 -11.18
CA ALA V 89 -48.44 -11.18 -10.06
C ALA V 89 -49.91 -10.86 -10.22
N GLU V 90 -50.21 -9.62 -10.64
CA GLU V 90 -51.59 -9.21 -10.86
C GLU V 90 -52.25 -10.04 -11.98
N ALA V 91 -51.47 -10.48 -12.95
CA ALA V 91 -52.03 -11.22 -14.08
C ALA V 91 -52.37 -12.67 -13.72
N VAL V 92 -51.97 -13.12 -12.54
CA VAL V 92 -52.20 -14.50 -12.14
C VAL V 92 -53.58 -14.69 -11.54
N ALA V 93 -54.34 -15.62 -12.10
CA ALA V 93 -55.66 -15.97 -11.58
C ALA V 93 -55.58 -17.13 -10.60
N GLY V 94 -54.64 -18.04 -10.87
CA GLY V 94 -54.43 -19.20 -10.03
C GLY V 94 -53.89 -20.38 -10.82
N GLY V 95 -53.79 -21.52 -10.17
CA GLY V 95 -53.29 -22.73 -10.81
C GLY V 95 -52.72 -23.69 -9.78
N GLY V 96 -52.89 -24.99 -10.02
CA GLY V 96 -52.48 -25.99 -9.06
C GLY V 96 -53.42 -26.00 -7.87
N GLU V 97 -52.97 -26.58 -6.76
CA GLU V 97 -53.79 -26.68 -5.57
C GLU V 97 -53.36 -25.69 -4.49
N GLU V 98 -52.42 -24.82 -4.82
CA GLU V 98 -51.90 -23.87 -3.84
C GLU V 98 -51.49 -22.55 -4.48
N GLY V 99 -50.80 -21.73 -3.71
CA GLY V 99 -50.33 -20.44 -4.19
C GLY V 99 -49.35 -20.54 -5.34
N VAL V 100 -49.36 -19.52 -6.20
CA VAL V 100 -48.53 -19.51 -7.39
C VAL V 100 -47.30 -18.62 -7.19
N GLN V 101 -46.12 -19.20 -7.35
CA GLN V 101 -44.88 -18.45 -7.18
C GLN V 101 -44.57 -17.60 -8.40
N VAL V 102 -44.41 -16.29 -8.18
CA VAL V 102 -44.08 -15.36 -9.23
C VAL V 102 -42.72 -14.74 -8.93
N SER V 103 -41.77 -14.87 -9.85
CA SER V 103 -40.44 -14.35 -9.63
C SER V 103 -39.89 -13.69 -10.89
N VAL V 104 -38.97 -12.73 -10.69
CA VAL V 104 -38.33 -12.03 -11.80
C VAL V 104 -36.83 -11.91 -11.54
N GLU V 105 -36.03 -12.25 -12.55
CA GLU V 105 -34.60 -12.01 -12.51
C GLU V 105 -34.26 -10.79 -13.36
N VAL V 106 -33.25 -10.03 -12.95
CA VAL V 106 -32.68 -8.99 -13.81
C VAL V 106 -31.19 -9.25 -13.96
N ARG V 107 -30.72 -9.41 -15.20
CA ARG V 107 -29.31 -9.68 -15.45
C ARG V 107 -28.74 -8.66 -16.44
N GLU V 108 -27.41 -8.56 -16.46
CA GLU V 108 -26.74 -7.61 -17.34
C GLU V 108 -25.97 -8.30 -18.45
N MET V 109 -26.06 -7.73 -19.65
CA MET V 109 -25.33 -8.25 -20.79
C MET V 109 -24.04 -7.46 -20.93
N GLU V 110 -22.98 -8.12 -21.37
CA GLU V 110 -21.73 -7.41 -21.60
C GLU V 110 -21.88 -6.44 -22.78
N ARG V 111 -21.75 -5.15 -22.50
CA ARG V 111 -21.91 -4.13 -23.53
C ARG V 111 -20.81 -4.19 -24.59
N LEU V 112 -19.57 -4.41 -24.16
CA LEU V 112 -18.42 -4.35 -25.07
C LEU V 112 -18.48 -5.41 -26.18
N SER V 113 -18.94 -6.61 -25.85
CA SER V 113 -19.01 -7.69 -26.84
C SER V 113 -20.35 -7.73 -27.58
N TYR V 114 -21.33 -6.98 -27.09
CA TYR V 114 -22.67 -6.93 -27.67
C TYR V 114 -22.65 -6.42 -29.11
N ALA V 115 -23.30 -7.14 -30.01
CA ALA V 115 -23.35 -6.72 -31.41
C ALA V 115 -24.78 -6.56 -31.88
N LYS V 116 -25.01 -5.53 -32.70
CA LYS V 116 -26.35 -5.25 -33.21
C LYS V 116 -26.31 -4.84 -34.68
N ARG V 117 -27.32 -5.27 -35.42
CA ARG V 117 -27.52 -4.87 -36.82
C ARG V 117 -28.97 -4.47 -37.04
N VAL V 118 -29.21 -3.63 -38.03
CA VAL V 118 -30.58 -3.31 -38.43
C VAL V 118 -30.73 -3.66 -39.91
N VAL V 119 -31.70 -4.52 -40.23
CA VAL V 119 -31.93 -4.92 -41.61
C VAL V 119 -33.05 -4.10 -42.24
N PRO W 2 -19.57 -25.07 -27.40
CA PRO W 2 -20.43 -23.90 -27.14
C PRO W 2 -21.88 -24.14 -27.52
N HIS W 3 -22.78 -23.33 -26.97
CA HIS W 3 -24.20 -23.45 -27.25
C HIS W 3 -24.76 -22.14 -27.77
N LEU W 4 -25.41 -22.21 -28.92
CA LEU W 4 -25.98 -21.04 -29.57
C LEU W 4 -27.50 -21.17 -29.70
N VAL W 5 -28.22 -20.14 -29.27
CA VAL W 5 -29.68 -20.11 -29.46
C VAL W 5 -30.04 -18.95 -30.37
N ILE W 6 -30.85 -19.22 -31.39
CA ILE W 6 -31.34 -18.15 -32.25
C ILE W 6 -32.85 -18.11 -32.14
N GLU W 7 -33.38 -16.93 -31.80
CA GLU W 7 -34.81 -16.74 -31.67
C GLU W 7 -35.30 -15.72 -32.69
N ALA W 8 -36.38 -16.04 -33.38
CA ALA W 8 -36.98 -15.11 -34.33
C ALA W 8 -38.48 -14.97 -34.07
N THR W 9 -39.00 -13.77 -34.26
CA THR W 9 -40.44 -13.57 -34.19
C THR W 9 -41.11 -14.34 -35.33
N ALA W 10 -42.33 -14.84 -35.08
CA ALA W 10 -43.05 -15.61 -36.09
C ALA W 10 -43.29 -14.81 -37.37
N ASN W 11 -43.44 -13.49 -37.24
CA ASN W 11 -43.69 -12.64 -38.41
C ASN W 11 -42.41 -12.27 -39.16
N LEU W 12 -41.26 -12.79 -38.70
CA LEU W 12 -39.99 -12.49 -39.34
C LEU W 12 -39.72 -13.42 -40.52
N ARG W 13 -39.45 -12.87 -41.69
CA ARG W 13 -39.22 -13.69 -42.88
C ARG W 13 -37.72 -13.86 -43.14
N LEU W 14 -37.27 -15.09 -43.29
CA LEU W 14 -35.88 -15.39 -43.61
C LEU W 14 -35.69 -15.74 -45.08
N GLU W 15 -34.48 -15.51 -45.59
CA GLU W 15 -34.10 -15.92 -46.94
C GLU W 15 -33.78 -17.41 -46.99
N THR W 16 -33.55 -18.01 -45.84
CA THR W 16 -33.17 -19.42 -45.73
C THR W 16 -34.00 -20.13 -44.68
N SER W 17 -33.86 -21.44 -44.60
CA SER W 17 -34.55 -22.21 -43.57
C SER W 17 -33.82 -22.04 -42.23
N PRO W 18 -34.55 -22.23 -41.12
CA PRO W 18 -33.90 -22.23 -39.80
C PRO W 18 -32.66 -23.14 -39.76
N GLY W 19 -32.76 -24.31 -40.39
CA GLY W 19 -31.66 -25.25 -40.46
C GLY W 19 -30.42 -24.71 -41.16
N GLU W 20 -30.61 -24.07 -42.31
CA GLU W 20 -29.50 -23.48 -43.04
C GLU W 20 -28.82 -22.38 -42.24
N LEU W 21 -29.61 -21.58 -41.53
CA LEU W 21 -29.06 -20.51 -40.70
C LEU W 21 -28.19 -21.11 -39.59
N LEU W 22 -28.69 -22.17 -38.96
CA LEU W 22 -27.94 -22.83 -37.90
C LEU W 22 -26.62 -23.41 -38.44
N GLU W 23 -26.66 -24.01 -39.63
CA GLU W 23 -25.45 -24.54 -40.25
C GLU W 23 -24.45 -23.43 -40.54
N GLN W 24 -24.93 -22.33 -41.11
CA GLN W 24 -24.07 -21.19 -41.39
C GLN W 24 -23.47 -20.60 -40.11
N ALA W 25 -24.30 -20.51 -39.06
CA ALA W 25 -23.82 -19.99 -37.78
C ALA W 25 -22.73 -20.88 -37.21
N ASN W 26 -22.93 -22.19 -37.27
CA ASN W 26 -21.92 -23.13 -36.78
C ASN W 26 -20.61 -23.02 -37.56
N LYS W 27 -20.72 -22.82 -38.88
CA LYS W 27 -19.54 -22.62 -39.71
C LYS W 27 -18.82 -21.32 -39.31
N ALA W 28 -19.58 -20.26 -39.08
CA ALA W 28 -19.00 -18.99 -38.67
C ALA W 28 -18.26 -19.14 -37.35
N LEU W 29 -18.84 -19.92 -36.44
CA LEU W 29 -18.21 -20.17 -35.15
C LEU W 29 -16.95 -21.02 -35.29
N PHE W 30 -17.02 -22.08 -36.09
CA PHE W 30 -15.85 -22.93 -36.28
C PHE W 30 -14.71 -22.19 -36.95
N ALA W 31 -15.05 -21.34 -37.92
CA ALA W 31 -14.04 -20.59 -38.66
C ALA W 31 -13.23 -19.66 -37.75
N SER W 32 -13.71 -19.45 -36.53
CA SER W 32 -12.99 -18.60 -35.58
C SER W 32 -11.72 -19.29 -35.09
N GLY W 33 -11.67 -20.61 -35.22
CA GLY W 33 -10.57 -21.39 -34.69
C GLY W 33 -10.66 -21.63 -33.18
N GLN W 34 -11.77 -21.20 -32.59
CA GLN W 34 -11.94 -21.30 -31.14
C GLN W 34 -12.61 -22.61 -30.70
N PHE W 35 -13.21 -23.33 -31.65
CA PHE W 35 -14.10 -24.44 -31.31
C PHE W 35 -13.82 -25.70 -32.10
N GLY W 36 -14.04 -26.86 -31.47
CA GLY W 36 -14.05 -28.12 -32.18
C GLY W 36 -15.37 -28.22 -32.92
N GLU W 37 -15.32 -28.76 -34.13
CA GLU W 37 -16.49 -28.86 -34.99
C GLU W 37 -17.68 -29.55 -34.32
N ALA W 38 -17.43 -30.72 -33.73
CA ALA W 38 -18.50 -31.51 -33.12
C ALA W 38 -19.06 -30.90 -31.82
N ASP W 39 -18.38 -29.90 -31.27
CA ASP W 39 -18.75 -29.36 -29.96
C ASP W 39 -19.78 -28.23 -30.06
N ILE W 40 -20.04 -27.77 -31.27
CA ILE W 40 -20.92 -26.62 -31.47
C ILE W 40 -22.38 -27.05 -31.55
N LYS W 41 -23.17 -26.64 -30.56
CA LYS W 41 -24.59 -27.02 -30.50
C LYS W 41 -25.47 -25.80 -30.62
N SER W 42 -26.27 -25.75 -31.67
CA SER W 42 -27.18 -24.63 -31.89
C SER W 42 -28.61 -25.10 -32.10
N ARG W 43 -29.56 -24.25 -31.71
CA ARG W 43 -30.98 -24.51 -31.92
C ARG W 43 -31.68 -23.21 -32.27
N PHE W 44 -32.80 -23.33 -32.98
CA PHE W 44 -33.56 -22.19 -33.46
C PHE W 44 -34.99 -22.27 -32.94
N VAL W 45 -35.51 -21.16 -32.43
CA VAL W 45 -36.86 -21.12 -31.89
C VAL W 45 -37.69 -20.04 -32.56
N THR W 46 -38.91 -20.39 -32.95
CA THR W 46 -39.85 -19.41 -33.51
C THR W 46 -40.74 -18.88 -32.38
N LEU W 47 -40.84 -17.56 -32.27
CA LEU W 47 -41.62 -16.95 -31.20
C LEU W 47 -43.05 -16.66 -31.66
N GLU W 48 -44.02 -17.30 -31.03
CA GLU W 48 -45.43 -17.10 -31.41
C GLU W 48 -46.13 -16.08 -30.50
N ALA W 49 -45.68 -15.95 -29.26
CA ALA W 49 -46.25 -14.98 -28.33
C ALA W 49 -45.22 -13.93 -27.96
N TYR W 50 -45.32 -12.74 -28.56
CA TYR W 50 -44.29 -11.72 -28.45
C TYR W 50 -44.86 -10.32 -28.63
N ARG W 51 -44.15 -9.33 -28.09
CA ARG W 51 -44.47 -7.91 -28.30
C ARG W 51 -43.18 -7.11 -28.31
N GLN W 52 -43.07 -6.18 -29.24
CA GLN W 52 -41.94 -5.28 -29.26
C GLN W 52 -42.41 -3.84 -29.09
N GLY W 53 -42.00 -3.23 -27.98
CA GLY W 53 -42.45 -1.90 -27.61
C GLY W 53 -43.89 -1.85 -27.16
N THR W 54 -44.48 -0.65 -27.23
CA THR W 54 -45.84 -0.43 -26.77
C THR W 54 -46.74 0.12 -27.88
N ALA W 55 -46.14 0.51 -29.01
CA ALA W 55 -46.89 1.05 -30.12
C ALA W 55 -47.64 -0.04 -30.90
N ALA W 56 -48.64 0.37 -31.67
CA ALA W 56 -49.46 -0.56 -32.43
C ALA W 56 -48.77 -1.07 -33.70
N VAL W 57 -47.65 -0.47 -34.06
CA VAL W 57 -46.89 -0.88 -35.22
C VAL W 57 -46.39 -2.32 -35.07
N GLU W 58 -46.52 -3.12 -36.13
CA GLU W 58 -46.06 -4.51 -36.11
C GLU W 58 -44.56 -4.57 -36.35
N ARG W 59 -43.84 -5.29 -35.49
CA ARG W 59 -42.39 -5.38 -35.60
C ARG W 59 -41.89 -6.82 -35.55
N ALA W 60 -40.75 -7.04 -36.20
CA ALA W 60 -40.10 -8.34 -36.18
C ALA W 60 -38.70 -8.19 -35.60
N TYR W 61 -38.21 -9.23 -34.93
CA TYR W 61 -36.84 -9.17 -34.45
C TYR W 61 -36.18 -10.55 -34.43
N LEU W 62 -34.86 -10.53 -34.40
CA LEU W 62 -34.03 -11.72 -34.40
C LEU W 62 -32.95 -11.57 -33.34
N HIS W 63 -32.88 -12.53 -32.43
CA HIS W 63 -31.91 -12.43 -31.34
C HIS W 63 -31.21 -13.76 -31.11
N ALA W 64 -29.91 -13.68 -30.83
CA ALA W 64 -29.16 -14.88 -30.47
C ALA W 64 -28.27 -14.64 -29.27
N CYS W 65 -28.00 -15.71 -28.55
CA CYS W 65 -27.06 -15.69 -27.44
C CYS W 65 -26.09 -16.85 -27.58
N LEU W 66 -24.80 -16.54 -27.62
CA LEU W 66 -23.78 -17.56 -27.71
C LEU W 66 -23.20 -17.83 -26.33
N SER W 67 -23.29 -19.09 -25.88
CA SER W 67 -22.76 -19.47 -24.58
C SER W 67 -21.43 -20.22 -24.76
N ILE W 68 -20.37 -19.70 -24.17
CA ILE W 68 -19.06 -20.34 -24.25
C ILE W 68 -18.47 -20.54 -22.87
N LEU W 69 -17.50 -21.46 -22.75
CA LEU W 69 -16.71 -21.56 -21.55
C LEU W 69 -15.78 -20.36 -21.44
N ASP W 70 -15.59 -19.85 -20.24
CA ASP W 70 -14.78 -18.66 -20.04
C ASP W 70 -13.35 -18.90 -20.50
N GLY W 71 -12.64 -17.82 -20.81
CA GLY W 71 -11.24 -17.90 -21.15
C GLY W 71 -10.85 -17.10 -22.39
N ARG W 72 -11.85 -16.75 -23.20
CA ARG W 72 -11.60 -15.92 -24.38
C ARG W 72 -11.61 -14.44 -24.02
N ASP W 73 -10.85 -13.63 -24.75
CA ASP W 73 -10.74 -12.21 -24.45
C ASP W 73 -11.89 -11.40 -25.05
N ILE W 74 -11.85 -10.08 -24.87
CA ILE W 74 -12.90 -9.19 -25.37
C ILE W 74 -12.94 -9.17 -26.90
N ALA W 75 -11.78 -9.11 -27.56
CA ALA W 75 -11.75 -9.07 -29.02
C ALA W 75 -12.40 -10.31 -29.63
N THR W 76 -12.15 -11.46 -29.02
CA THR W 76 -12.73 -12.71 -29.50
C THR W 76 -14.26 -12.70 -29.33
N ARG W 77 -14.72 -12.38 -28.13
CA ARG W 77 -16.16 -12.33 -27.88
C ARG W 77 -16.84 -11.28 -28.77
N THR W 78 -16.21 -10.13 -28.90
CA THR W 78 -16.72 -9.07 -29.76
C THR W 78 -16.77 -9.52 -31.24
N LEU W 79 -15.71 -10.15 -31.72
CA LEU W 79 -15.69 -10.63 -33.09
C LEU W 79 -16.72 -11.73 -33.34
N LEU W 80 -16.89 -12.63 -32.37
CA LEU W 80 -17.88 -13.70 -32.51
C LEU W 80 -19.27 -13.11 -32.65
N GLY W 81 -19.58 -12.11 -31.84
CA GLY W 81 -20.85 -11.42 -31.95
C GLY W 81 -21.06 -10.81 -33.33
N ALA W 82 -20.08 -10.04 -33.79
CA ALA W 82 -20.14 -9.39 -35.10
C ALA W 82 -20.29 -10.42 -36.22
N SER W 83 -19.55 -11.52 -36.08
CA SER W 83 -19.57 -12.59 -37.07
C SER W 83 -20.96 -13.20 -37.20
N LEU W 84 -21.56 -13.55 -36.07
CA LEU W 84 -22.90 -14.12 -36.07
C LEU W 84 -23.91 -13.12 -36.60
N CYS W 85 -23.74 -11.85 -36.25
CA CYS W 85 -24.64 -10.81 -36.72
C CYS W 85 -24.66 -10.72 -38.24
N ALA W 86 -23.49 -10.88 -38.86
CA ALA W 86 -23.38 -10.89 -40.31
C ALA W 86 -24.20 -12.04 -40.90
N VAL W 87 -24.02 -13.22 -40.32
CA VAL W 87 -24.73 -14.41 -40.76
C VAL W 87 -26.23 -14.27 -40.56
N LEU W 88 -26.65 -13.81 -39.38
CA LEU W 88 -28.06 -13.65 -39.08
C LEU W 88 -28.69 -12.55 -39.93
N ALA W 89 -28.02 -11.40 -40.02
CA ALA W 89 -28.57 -10.24 -40.71
C ALA W 89 -28.83 -10.54 -42.18
N GLU W 90 -27.88 -11.22 -42.82
CA GLU W 90 -28.02 -11.56 -44.23
C GLU W 90 -29.19 -12.52 -44.48
N ALA W 91 -29.58 -13.26 -43.45
CA ALA W 91 -30.64 -14.25 -43.59
C ALA W 91 -32.05 -13.63 -43.46
N VAL W 92 -32.10 -12.36 -43.11
CA VAL W 92 -33.37 -11.67 -42.88
C VAL W 92 -33.94 -11.09 -44.18
N ALA W 93 -35.16 -11.49 -44.54
CA ALA W 93 -35.79 -10.95 -45.74
C ALA W 93 -36.71 -9.78 -45.38
N GLY W 94 -37.32 -9.84 -44.20
CA GLY W 94 -38.25 -8.82 -43.77
C GLY W 94 -39.11 -9.29 -42.61
N GLY W 95 -40.26 -8.63 -42.44
CA GLY W 95 -41.18 -8.95 -41.36
C GLY W 95 -41.55 -7.71 -40.59
N GLY W 96 -42.83 -7.56 -40.29
CA GLY W 96 -43.31 -6.36 -39.61
C GLY W 96 -43.43 -5.19 -40.58
N GLU W 97 -43.59 -3.99 -40.04
CA GLU W 97 -43.81 -2.81 -40.87
C GLU W 97 -42.56 -1.96 -41.02
N GLU W 98 -41.46 -2.41 -40.41
CA GLU W 98 -40.23 -1.62 -40.41
C GLU W 98 -38.99 -2.50 -40.36
N GLY W 99 -37.83 -1.88 -40.20
CA GLY W 99 -36.57 -2.59 -40.19
C GLY W 99 -36.51 -3.62 -39.07
N VAL W 100 -35.75 -4.68 -39.30
CA VAL W 100 -35.67 -5.77 -38.34
C VAL W 100 -34.41 -5.64 -37.49
N GLN W 101 -34.59 -5.66 -36.17
CA GLN W 101 -33.46 -5.59 -35.25
C GLN W 101 -32.81 -6.96 -35.11
N VAL W 102 -31.50 -7.01 -35.33
CA VAL W 102 -30.73 -8.23 -35.15
C VAL W 102 -29.68 -8.00 -34.08
N SER W 103 -29.64 -8.86 -33.07
CA SER W 103 -28.70 -8.70 -31.97
C SER W 103 -28.12 -10.04 -31.51
N VAL W 104 -26.89 -10.01 -31.03
CA VAL W 104 -26.20 -11.19 -30.52
C VAL W 104 -25.50 -10.88 -29.21
N GLU W 105 -25.69 -11.74 -28.23
CA GLU W 105 -24.93 -11.69 -26.99
C GLU W 105 -23.90 -12.82 -26.98
N VAL W 106 -22.75 -12.56 -26.36
CA VAL W 106 -21.80 -13.62 -26.04
C VAL W 106 -21.58 -13.62 -24.53
N ARG W 107 -21.81 -14.76 -23.90
CA ARG W 107 -21.64 -14.86 -22.45
C ARG W 107 -20.72 -16.01 -22.12
N GLU W 108 -20.15 -15.99 -20.92
CA GLU W 108 -19.24 -17.01 -20.47
C GLU W 108 -19.83 -17.90 -19.38
N MET W 109 -19.63 -19.21 -19.53
CA MET W 109 -20.01 -20.15 -18.49
C MET W 109 -18.86 -20.30 -17.52
N GLU W 110 -19.16 -20.58 -16.26
CA GLU W 110 -18.11 -20.89 -15.30
C GLU W 110 -17.49 -22.25 -15.65
N ARG W 111 -16.21 -22.24 -16.00
CA ARG W 111 -15.53 -23.47 -16.40
C ARG W 111 -15.43 -24.46 -15.24
N LEU W 112 -15.10 -23.96 -14.04
CA LEU W 112 -14.81 -24.82 -12.89
C LEU W 112 -15.98 -25.72 -12.48
N SER W 113 -17.20 -25.18 -12.58
CA SER W 113 -18.38 -25.94 -12.19
C SER W 113 -19.00 -26.71 -13.36
N TYR W 114 -18.43 -26.57 -14.54
CA TYR W 114 -18.99 -27.18 -15.75
C TYR W 114 -18.87 -28.70 -15.73
N ALA W 115 -19.96 -29.38 -16.02
CA ALA W 115 -19.97 -30.83 -16.04
C ALA W 115 -20.31 -31.33 -17.43
N LYS W 116 -19.62 -32.38 -17.87
CA LYS W 116 -19.92 -32.98 -19.17
C LYS W 116 -19.65 -34.49 -19.15
N ARG W 117 -20.56 -35.23 -19.79
CA ARG W 117 -20.40 -36.67 -20.00
C ARG W 117 -20.77 -37.03 -21.43
N VAL W 118 -20.21 -38.13 -21.93
CA VAL W 118 -20.60 -38.66 -23.22
C VAL W 118 -21.25 -40.02 -23.03
N VAL W 119 -22.46 -40.17 -23.57
CA VAL W 119 -23.23 -41.39 -23.39
C VAL W 119 -23.22 -42.23 -24.66
N PRO X 2 23.37 -34.16 -4.56
CA PRO X 2 24.10 -33.35 -3.58
C PRO X 2 25.60 -33.63 -3.59
N HIS X 3 26.39 -32.64 -3.18
CA HIS X 3 27.84 -32.76 -3.12
C HIS X 3 28.34 -32.42 -1.73
N LEU X 4 28.99 -33.39 -1.10
CA LEU X 4 29.49 -33.23 0.26
C LEU X 4 31.01 -33.28 0.29
N VAL X 5 31.63 -32.30 0.94
CA VAL X 5 33.08 -32.28 1.13
C VAL X 5 33.41 -32.36 2.61
N ILE X 6 34.32 -33.26 2.97
CA ILE X 6 34.78 -33.39 4.35
C ILE X 6 36.28 -33.08 4.43
N GLU X 7 36.64 -32.08 5.23
CA GLU X 7 38.04 -31.70 5.40
C GLU X 7 38.46 -31.89 6.85
N ALA X 8 39.58 -32.58 7.05
CA ALA X 8 40.11 -32.84 8.39
C ALA X 8 41.58 -32.44 8.46
N THR X 9 41.99 -31.89 9.61
CA THR X 9 43.40 -31.61 9.84
C THR X 9 44.19 -32.92 9.86
N ALA X 10 45.43 -32.88 9.38
CA ALA X 10 46.28 -34.06 9.38
C ALA X 10 46.51 -34.64 10.78
N ASN X 11 46.51 -33.79 11.80
CA ASN X 11 46.73 -34.25 13.17
C ASN X 11 45.46 -34.81 13.81
N LEU X 12 44.37 -34.86 13.05
CA LEU X 12 43.11 -35.39 13.58
C LEU X 12 43.05 -36.91 13.43
N ARG X 13 42.76 -37.60 14.52
CA ARG X 13 42.72 -39.06 14.53
C ARG X 13 41.29 -39.55 14.35
N LEU X 14 41.07 -40.45 13.39
CA LEU X 14 39.76 -41.01 13.12
C LEU X 14 39.62 -42.40 13.74
N GLU X 15 38.40 -42.78 14.10
CA GLU X 15 38.09 -44.15 14.54
C GLU X 15 38.16 -45.13 13.37
N THR X 16 37.75 -44.65 12.20
CA THR X 16 37.69 -45.47 11.00
C THR X 16 38.37 -44.73 9.85
N SER X 17 38.49 -45.40 8.71
CA SER X 17 39.14 -44.80 7.54
C SER X 17 38.23 -43.74 6.91
N PRO X 18 38.82 -42.76 6.20
CA PRO X 18 38.01 -41.78 5.47
C PRO X 18 36.94 -42.43 4.59
N GLY X 19 37.26 -43.58 4.00
CA GLY X 19 36.31 -44.32 3.19
C GLY X 19 35.04 -44.68 3.94
N GLU X 20 35.20 -45.21 5.15
CA GLU X 20 34.06 -45.54 5.99
C GLU X 20 33.22 -44.30 6.30
N LEU X 21 33.89 -43.18 6.57
CA LEU X 21 33.20 -41.93 6.85
C LEU X 21 32.30 -41.52 5.70
N LEU X 22 32.84 -41.58 4.48
CA LEU X 22 32.10 -41.17 3.29
C LEU X 22 30.87 -42.06 3.06
N GLU X 23 31.02 -43.36 3.26
CA GLU X 23 29.90 -44.28 3.10
C GLU X 23 28.82 -44.02 4.14
N GLN X 24 29.22 -43.81 5.38
CA GLN X 24 28.28 -43.50 6.45
C GLN X 24 27.60 -42.15 6.19
N ALA X 25 28.36 -41.18 5.71
CA ALA X 25 27.81 -39.87 5.40
C ALA X 25 26.74 -39.98 4.32
N ASN X 26 27.03 -40.74 3.27
CA ASN X 26 26.07 -40.94 2.19
C ASN X 26 24.80 -41.65 2.67
N LYS X 27 24.97 -42.62 3.57
CA LYS X 27 23.82 -43.29 4.18
C LYS X 27 22.99 -42.32 5.02
N ALA X 28 23.66 -41.48 5.81
CA ALA X 28 22.99 -40.48 6.63
C ALA X 28 22.19 -39.51 5.75
N LEU X 29 22.77 -39.14 4.61
CA LEU X 29 22.09 -38.26 3.68
C LEU X 29 20.90 -38.96 3.03
N PHE X 30 21.11 -40.19 2.57
CA PHE X 30 20.05 -40.93 1.91
C PHE X 30 18.90 -41.19 2.88
N ALA X 31 19.25 -41.47 4.14
CA ALA X 31 18.22 -41.78 5.13
C ALA X 31 17.28 -40.60 5.37
N SER X 32 17.64 -39.43 4.84
CA SER X 32 16.79 -38.25 4.99
C SER X 32 15.57 -38.37 4.11
N GLY X 33 15.66 -39.24 3.10
CA GLY X 33 14.60 -39.38 2.10
C GLY X 33 14.57 -38.24 1.10
N GLN X 34 15.59 -37.39 1.14
CA GLN X 34 15.65 -36.22 0.28
C GLN X 34 16.40 -36.46 -1.03
N PHE X 35 17.14 -37.57 -1.09
CA PHE X 35 18.10 -37.78 -2.17
C PHE X 35 17.97 -39.15 -2.83
N GLY X 36 18.28 -39.18 -4.12
CA GLY X 36 18.44 -40.44 -4.83
C GLY X 36 19.78 -41.05 -4.43
N GLU X 37 19.81 -42.36 -4.28
CA GLU X 37 21.02 -43.08 -3.88
C GLU X 37 22.21 -42.80 -4.80
N ALA X 38 21.99 -42.87 -6.10
CA ALA X 38 23.06 -42.68 -7.07
C ALA X 38 23.47 -41.20 -7.21
N ASP X 39 22.72 -40.29 -6.60
CA ASP X 39 22.94 -38.86 -6.80
C ASP X 39 23.98 -38.27 -5.85
N ILE X 40 24.28 -39.01 -4.78
CA ILE X 40 25.07 -38.46 -3.68
C ILE X 40 26.56 -38.61 -3.94
N LYS X 41 27.25 -37.48 -4.07
CA LYS X 41 28.70 -37.50 -4.29
C LYS X 41 29.47 -36.87 -3.13
N SER X 42 30.33 -37.65 -2.49
CA SER X 42 31.13 -37.16 -1.39
C SER X 42 32.62 -37.41 -1.60
N ARG X 43 33.45 -36.53 -1.02
CA ARG X 43 34.89 -36.73 -1.02
C ARG X 43 35.50 -36.25 0.29
N PHE X 44 36.64 -36.80 0.63
CA PHE X 44 37.32 -36.50 1.89
C PHE X 44 38.70 -35.95 1.62
N VAL X 45 39.09 -34.90 2.34
CA VAL X 45 40.41 -34.32 2.13
C VAL X 45 41.16 -34.16 3.45
N THR X 46 42.44 -34.52 3.42
CA THR X 46 43.30 -34.32 4.56
C THR X 46 44.07 -33.02 4.39
N LEU X 47 43.99 -32.16 5.39
CA LEU X 47 44.67 -30.87 5.34
C LEU X 47 46.06 -30.96 5.94
N GLU X 48 47.08 -30.71 5.12
CA GLU X 48 48.47 -30.81 5.56
C GLU X 48 49.03 -29.45 6.01
N ALA X 49 48.51 -28.38 5.42
CA ALA X 49 48.95 -27.03 5.76
C ALA X 49 47.81 -26.24 6.38
N TYR X 50 47.84 -26.07 7.70
CA TYR X 50 46.72 -25.51 8.43
C TYR X 50 47.16 -24.84 9.74
N ARG X 51 46.37 -23.89 10.20
CA ARG X 51 46.57 -23.28 11.52
C ARG X 51 45.22 -23.01 12.13
N GLN X 52 45.09 -23.27 13.42
CA GLN X 52 43.90 -22.91 14.14
C GLN X 52 44.28 -21.91 15.23
N GLY X 53 43.74 -20.70 15.14
CA GLY X 53 44.10 -19.64 16.06
C GLY X 53 45.51 -19.13 15.81
N THR X 54 46.07 -18.46 16.81
CA THR X 54 47.37 -17.84 16.66
C THR X 54 48.34 -18.21 17.78
N ALA X 55 47.80 -18.66 18.92
CA ALA X 55 48.63 -18.95 20.08
C ALA X 55 49.43 -20.25 19.93
N VAL X 57 49.84 -23.92 19.61
CA VAL X 57 48.98 -24.90 20.29
C VAL X 57 48.56 -26.00 19.33
N GLU X 58 48.63 -27.24 19.79
CA GLU X 58 48.26 -28.40 18.99
C GLU X 58 46.75 -28.55 18.89
N ARG X 59 46.19 -28.31 17.72
CA ARG X 59 44.74 -28.29 17.54
C ARG X 59 44.31 -29.02 16.27
N ALA X 60 43.23 -29.79 16.38
CA ALA X 60 42.67 -30.51 15.25
C ALA X 60 41.24 -30.04 14.98
N TYR X 61 40.80 -30.12 13.73
CA TYR X 61 39.41 -29.80 13.43
C TYR X 61 38.86 -30.61 12.25
N LEU X 62 37.53 -30.66 12.18
CA LEU X 62 36.82 -31.45 11.18
C LEU X 62 35.63 -30.63 10.72
N HIS X 63 35.57 -30.33 9.43
CA HIS X 63 34.49 -29.54 8.87
C HIS X 63 33.99 -30.14 7.56
N ALA X 64 32.67 -30.12 7.37
CA ALA X 64 32.08 -30.55 6.12
C ALA X 64 31.15 -29.48 5.58
N CYS X 65 31.05 -29.42 4.26
CA CYS X 65 30.12 -28.52 3.61
C CYS X 65 29.24 -29.31 2.68
N LEU X 66 27.93 -29.27 2.92
CA LEU X 66 26.98 -29.97 2.07
C LEU X 66 26.34 -28.99 1.11
N SER X 67 26.49 -29.27 -0.19
CA SER X 67 25.89 -28.44 -1.23
C SER X 67 24.70 -29.15 -1.86
N ILE X 68 23.53 -28.52 -1.78
CA ILE X 68 22.31 -29.09 -2.34
C ILE X 68 21.64 -28.10 -3.28
N LEU X 69 20.85 -28.60 -4.23
CA LEU X 69 19.99 -27.73 -5.03
C LEU X 69 18.92 -27.12 -4.15
N ASP X 70 18.59 -25.85 -4.39
CA ASP X 70 17.60 -25.15 -3.57
C ASP X 70 16.24 -25.81 -3.61
N GLY X 71 15.41 -25.53 -2.60
CA GLY X 71 14.06 -26.09 -2.56
C GLY X 71 13.74 -26.75 -1.24
N ARG X 72 14.75 -27.01 -0.43
CA ARG X 72 14.55 -27.59 0.89
C ARG X 72 14.32 -26.51 1.94
N ASP X 73 13.55 -26.84 2.97
CA ASP X 73 13.26 -25.88 4.03
C ASP X 73 14.35 -25.82 5.11
N ILE X 74 14.11 -25.02 6.15
CA ILE X 74 15.10 -24.82 7.20
C ILE X 74 15.28 -26.08 8.04
N ALA X 75 14.19 -26.77 8.36
CA ALA X 75 14.26 -27.98 9.18
C ALA X 75 15.10 -29.04 8.50
N THR X 76 14.93 -29.17 7.18
CA THR X 76 15.65 -30.18 6.42
C THR X 76 17.15 -29.89 6.44
N ARG X 77 17.52 -28.66 6.10
CA ARG X 77 18.93 -28.25 6.09
C ARG X 77 19.54 -28.35 7.50
N THR X 78 18.79 -27.90 8.49
CA THR X 78 19.25 -27.97 9.87
C THR X 78 19.43 -29.43 10.31
N LEU X 79 18.46 -30.29 9.98
CA LEU X 79 18.53 -31.69 10.35
C LEU X 79 19.70 -32.38 9.65
N LEU X 80 19.90 -32.09 8.37
CA LEU X 80 21.00 -32.66 7.61
C LEU X 80 22.35 -32.34 8.25
N GLY X 81 22.52 -31.10 8.65
CA GLY X 81 23.73 -30.67 9.34
C GLY X 81 23.94 -31.42 10.64
N ALA X 82 22.91 -31.47 11.47
CA ALA X 82 23.01 -32.16 12.76
C ALA X 82 23.27 -33.65 12.55
N SER X 83 22.64 -34.22 11.54
CA SER X 83 22.81 -35.64 11.25
C SER X 83 24.26 -35.95 10.90
N LEU X 84 24.82 -35.14 10.00
CA LEU X 84 26.21 -35.31 9.59
C LEU X 84 27.18 -35.07 10.74
N CYS X 85 26.86 -34.11 11.59
CA CYS X 85 27.72 -33.82 12.74
C CYS X 85 27.78 -35.02 13.67
N ALA X 86 26.66 -35.71 13.83
CA ALA X 86 26.60 -36.92 14.65
C ALA X 86 27.52 -38.00 14.09
N VAL X 87 27.42 -38.23 12.79
CA VAL X 87 28.26 -39.22 12.12
C VAL X 87 29.74 -38.82 12.20
N LEU X 88 30.01 -37.55 11.91
CA LEU X 88 31.37 -37.03 11.93
C LEU X 88 31.97 -37.02 13.33
N ALA X 89 31.19 -36.60 14.31
CA ALA X 89 31.69 -36.48 15.67
C ALA X 89 32.10 -37.85 16.20
N GLU X 90 31.25 -38.84 15.96
CA GLU X 90 31.53 -40.21 16.39
C GLU X 90 32.73 -40.78 15.65
N ALA X 91 33.09 -40.20 14.52
CA ALA X 91 34.23 -40.69 13.74
C ALA X 91 35.57 -40.18 14.26
N VAL X 92 35.53 -39.23 15.20
CA VAL X 92 36.75 -38.62 15.73
C VAL X 92 37.29 -39.34 16.95
N ALA X 93 38.52 -39.81 16.88
CA ALA X 93 39.15 -40.52 17.99
C ALA X 93 39.99 -39.57 18.85
N GLY X 94 40.40 -38.45 18.26
CA GLY X 94 41.22 -37.48 18.96
C GLY X 94 42.05 -36.64 18.01
N GLY X 95 43.13 -36.05 18.52
CA GLY X 95 43.98 -35.18 17.73
C GLY X 95 44.19 -33.83 18.41
N GLY X 96 45.45 -33.41 18.49
CA GLY X 96 45.79 -32.18 19.18
C GLY X 96 45.85 -32.37 20.68
N GLU X 97 45.95 -31.27 21.41
CA GLU X 97 46.04 -31.33 22.87
C GLU X 97 44.76 -30.81 23.53
N GLU X 98 43.69 -30.71 22.74
CA GLU X 98 42.42 -30.23 23.23
C GLU X 98 41.25 -30.83 22.46
N GLY X 99 40.04 -30.45 22.84
CA GLY X 99 38.85 -30.94 22.16
C GLY X 99 38.84 -30.60 20.69
N VAL X 100 38.20 -31.45 19.89
CA VAL X 100 38.17 -31.29 18.44
C VAL X 100 36.84 -30.69 17.99
N GLN X 101 36.90 -29.58 17.28
CA GLN X 101 35.69 -28.94 16.76
C GLN X 101 35.20 -29.66 15.50
N VAL X 102 33.94 -30.07 15.53
CA VAL X 102 33.30 -30.72 14.40
C VAL X 102 32.11 -29.88 13.96
N SER X 103 32.10 -29.47 12.70
CA SER X 103 31.04 -28.60 12.22
C SER X 103 30.63 -28.95 10.79
N VAL X 104 29.38 -28.64 10.46
CA VAL X 104 28.83 -28.86 9.13
C VAL X 104 28.02 -27.66 8.72
N GLU X 105 28.24 -27.19 7.48
CA GLU X 105 27.39 -26.17 6.89
C GLU X 105 26.59 -26.78 5.74
N VAL X 106 25.39 -26.26 5.52
CA VAL X 106 24.59 -26.69 4.38
C VAL X 106 24.32 -25.45 3.52
N ARG X 107 24.62 -25.54 2.23
CA ARG X 107 24.40 -24.41 1.33
C ARG X 107 23.52 -24.83 0.16
N GLU X 108 22.90 -23.86 -0.49
CA GLU X 108 22.04 -24.14 -1.62
C GLU X 108 22.61 -23.66 -2.93
N MET X 109 22.50 -24.50 -3.96
CA MET X 109 22.95 -24.16 -5.29
C MET X 109 21.77 -23.63 -6.08
N GLU X 110 22.00 -22.63 -6.93
CA GLU X 110 20.95 -22.15 -7.82
C GLU X 110 20.54 -23.24 -8.80
N ARG X 111 19.27 -23.63 -8.73
CA ARG X 111 18.75 -24.68 -9.60
C ARG X 111 18.72 -24.28 -11.08
N LEU X 112 18.27 -23.06 -11.36
CA LEU X 112 18.02 -22.64 -12.74
C LEU X 112 19.28 -22.67 -13.60
N SER X 113 20.42 -22.29 -13.01
CA SER X 113 21.67 -22.25 -13.77
C SER X 113 22.45 -23.56 -13.72
N TYR X 114 21.92 -24.53 -12.98
CA TYR X 114 22.60 -25.81 -12.77
C TYR X 114 22.64 -26.65 -14.04
N ALA X 115 23.81 -27.19 -14.37
CA ALA X 115 23.94 -28.02 -15.56
C ALA X 115 24.35 -29.43 -15.18
N LYS X 116 23.79 -30.42 -15.87
CA LYS X 116 24.23 -31.79 -15.65
C LYS X 116 23.99 -32.67 -16.85
N ARG X 117 24.94 -33.58 -17.07
CA ARG X 117 24.80 -34.62 -18.09
C ARG X 117 25.41 -35.92 -17.55
N VAL X 118 25.02 -37.04 -18.15
CA VAL X 118 25.64 -38.31 -17.86
C VAL X 118 26.35 -38.85 -19.10
N VAL X 119 27.64 -39.13 -18.99
CA VAL X 119 28.40 -39.59 -20.15
C VAL X 119 28.43 -41.11 -20.22
#